data_6H4M
#
_entry.id   6H4M
#
_cell.length_a   95.170
_cell.length_b   210.750
_cell.length_c   123.200
_cell.angle_alpha   90.00
_cell.angle_beta   91.92
_cell.angle_gamma   90.00
#
_symmetry.space_group_name_H-M   'P 1 21 1'
#
loop_
_entity.id
_entity.type
_entity.pdbx_description
1 polymer 'Probable ss-1,3-N-acetylglucosaminyltransferase'
2 non-polymer '[(2~{R},3~{S},4~{S})-2,3,4,5-tetrakis(oxidanyl)pentyl] [(2~{R},3~{R},4~{S})-2,3,4-tris(oxidanyl)-5-[oxidanyl-[(2~{R},3~{S},4~{S})-2,3,4-tris(oxidanyl)-5-phosphonooxy-pentoxy]phosphoryl]oxy-pentyl] hydrogen phosphate'
3 non-polymer URIDINE-DIPHOSPHATE-N-ACETYLGLUCOSAMINE
4 non-polymer 'MAGNESIUM ION'
5 non-polymer 'CHLORIDE ION'
6 non-polymer "URIDINE-5'-DIPHOSPHATE"
7 water water
#
_entity_poly.entity_id   1
_entity_poly.type   'polypeptide(L)'
_entity_poly.pdbx_seq_one_letter_code
;MRGSHHHHHHGSLVPRGSMKKVSVIMPTFNNGEKLHRTISSVLNQTMKSTDYELIIIDDHSNDNGETLNVIKKYKGLVRF
KQLKKNSGNASVPRNTGLKMSKAEYVFFLDSDDLLHERALEDLYNYGKENNSDLIIGKYGVEGKGRSVPKAIFEKGNVAK
ADIIDNSIFYALSVLKMFKKSVIDKNKIKFKTFSKTAEDQLFTIEFLMNSKNYSIKTDYEYYIVVNDFESSNHLSVNKST
GNQYFATINEIYKAIYKSPIYKNQEKRHQLAGKYTTRLLRHGQKKNFANSKMKYEDKIEWLNNFSKTINKVPRDSDKYVT
QIFNLKLEAIRQNDLLAVMIADKLL
;
_entity_poly.pdbx_strand_id   B,C,F,O,P,E,G,Q,A,D,H,I
#
loop_
_chem_comp.id
_chem_comp.type
_chem_comp.name
_chem_comp.formula
CL non-polymer 'CHLORIDE ION' 'Cl -1'
FQ8 non-polymer '[(2~{R},3~{S},4~{S})-2,3,4,5-tetrakis(oxidanyl)pentyl] [(2~{R},3~{R},4~{S})-2,3,4-tris(oxidanyl)-5-[oxidanyl-[(2~{R},3~{S},4~{S})-2,3,4-tris(oxidanyl)-5-phosphonooxy-pentoxy]phosphoryl]oxy-pentyl] hydrogen phosphate' 'C15 H35 O22 P3'
MG non-polymer 'MAGNESIUM ION' 'Mg 2'
UD1 non-polymer URIDINE-DIPHOSPHATE-N-ACETYLGLUCOSAMINE 'C17 H27 N3 O17 P2'
UDP RNA linking URIDINE-5'-DIPHOSPHATE 'C9 H14 N2 O12 P2'
#
# COMPACT_ATOMS: atom_id res chain seq x y z
N MET A 19 23.20 35.53 -41.96
CA MET A 19 22.45 35.42 -40.69
C MET A 19 23.08 36.36 -39.64
N LYS A 20 22.28 37.31 -39.14
CA LYS A 20 22.72 38.28 -38.18
C LYS A 20 22.85 37.64 -36.78
N LYS A 21 23.67 38.27 -35.93
CA LYS A 21 23.92 37.84 -34.57
C LYS A 21 22.69 38.11 -33.71
N VAL A 22 22.16 39.35 -33.78
CA VAL A 22 21.08 39.79 -32.91
C VAL A 22 20.04 40.56 -33.73
N SER A 23 18.77 40.27 -33.46
CA SER A 23 17.66 41.13 -33.85
C SER A 23 17.12 41.82 -32.60
N VAL A 24 17.26 43.15 -32.53
CA VAL A 24 16.58 43.93 -31.51
C VAL A 24 15.15 44.15 -31.99
N ILE A 25 14.18 43.70 -31.20
CA ILE A 25 12.77 43.82 -31.50
C ILE A 25 12.16 44.86 -30.56
N MET A 26 11.59 45.92 -31.13
CA MET A 26 11.09 47.06 -30.37
C MET A 26 9.70 47.44 -30.86
N PRO A 27 8.63 47.15 -30.10
CA PRO A 27 7.31 47.65 -30.43
C PRO A 27 7.20 49.13 -30.02
N THR A 28 6.48 49.93 -30.83
CA THR A 28 6.26 51.35 -30.56
C THR A 28 4.75 51.65 -30.56
N PHE A 29 4.38 52.67 -29.79
CA PHE A 29 3.01 53.17 -29.76
C PHE A 29 2.98 54.58 -29.15
N ASN A 30 2.77 55.59 -30.00
CA ASN A 30 2.59 56.99 -29.59
C ASN A 30 3.76 57.45 -28.71
N ASN A 31 4.98 57.22 -29.19
CA ASN A 31 6.18 57.52 -28.43
C ASN A 31 6.63 58.95 -28.72
N GLY A 32 6.47 59.40 -29.98
CA GLY A 32 6.85 60.75 -30.38
C GLY A 32 8.35 60.91 -30.46
N GLU A 33 8.85 62.09 -30.06
CA GLU A 33 10.24 62.49 -30.22
C GLU A 33 11.13 61.78 -29.17
N LYS A 34 10.51 61.08 -28.22
CA LYS A 34 11.23 60.32 -27.19
C LYS A 34 11.94 59.11 -27.79
N LEU A 35 11.49 58.67 -28.97
CA LEU A 35 11.95 57.46 -29.63
C LEU A 35 13.36 57.66 -30.18
N HIS A 36 13.70 58.92 -30.52
CA HIS A 36 15.02 59.27 -31.08
C HIS A 36 16.12 58.71 -30.17
N ARG A 37 16.02 59.03 -28.88
CA ARG A 37 17.03 58.59 -27.87
C ARG A 37 17.19 57.07 -27.89
N THR A 38 16.07 56.34 -27.93
CA THR A 38 16.08 54.89 -27.91
C THR A 38 16.75 54.35 -29.18
N ILE A 39 16.24 54.77 -30.34
CA ILE A 39 16.75 54.29 -31.62
C ILE A 39 18.24 54.60 -31.71
N SER A 40 18.63 55.82 -31.35
CA SER A 40 20.03 56.24 -31.35
C SER A 40 20.89 55.27 -30.53
N SER A 41 20.37 54.83 -29.39
CA SER A 41 21.11 53.94 -28.49
C SER A 41 21.35 52.58 -29.15
N VAL A 42 20.46 52.16 -30.05
CA VAL A 42 20.57 50.88 -30.76
C VAL A 42 21.53 51.02 -31.94
N LEU A 43 21.44 52.14 -32.66
CA LEU A 43 22.28 52.37 -33.84
C LEU A 43 23.73 52.62 -33.42
N ASN A 44 23.93 53.13 -32.19
CA ASN A 44 25.26 53.47 -31.69
C ASN A 44 25.76 52.34 -30.76
N GLN A 45 25.92 51.14 -31.32
CA GLN A 45 26.44 49.97 -30.62
C GLN A 45 27.88 49.68 -31.06
N THR A 46 28.68 49.13 -30.15
CA THR A 46 30.06 48.74 -30.44
C THR A 46 30.10 47.53 -31.39
N MET A 47 29.00 46.77 -31.47
CA MET A 47 28.88 45.66 -32.39
C MET A 47 28.89 46.21 -33.83
N LYS A 48 29.49 45.43 -34.74
CA LYS A 48 29.50 45.72 -36.17
C LYS A 48 28.06 45.90 -36.64
N SER A 49 27.76 47.05 -37.25
CA SER A 49 26.39 47.45 -37.60
C SER A 49 25.72 46.41 -38.53
N THR A 50 26.53 45.70 -39.32
CA THR A 50 26.04 44.68 -40.26
C THR A 50 25.73 43.36 -39.54
N ASP A 51 26.08 43.27 -38.25
CA ASP A 51 25.92 42.04 -37.48
C ASP A 51 24.61 42.02 -36.72
N TYR A 52 23.87 43.14 -36.68
CA TYR A 52 22.55 43.17 -36.04
C TYR A 52 21.57 44.03 -36.83
N GLU A 53 20.30 43.91 -36.46
CA GLU A 53 19.20 44.67 -37.02
C GLU A 53 18.28 45.15 -35.89
N LEU A 54 17.65 46.29 -36.12
CA LEU A 54 16.58 46.81 -35.27
C LEU A 54 15.25 46.64 -36.02
N ILE A 55 14.39 45.76 -35.51
CA ILE A 55 13.06 45.58 -36.05
C ILE A 55 12.10 46.43 -35.22
N ILE A 56 11.45 47.40 -35.85
CA ILE A 56 10.50 48.28 -35.19
C ILE A 56 9.09 47.88 -35.65
N ILE A 57 8.21 47.58 -34.69
CA ILE A 57 6.83 47.21 -34.98
C ILE A 57 5.91 48.23 -34.27
N ASP A 58 5.31 49.13 -35.06
CA ASP A 58 4.43 50.14 -34.51
C ASP A 58 3.02 49.54 -34.36
N ASP A 59 2.44 49.69 -33.16
CA ASP A 59 1.15 49.12 -32.83
C ASP A 59 0.05 50.14 -33.17
N HIS A 60 0.06 50.58 -34.45
CA HIS A 60 -0.89 51.52 -35.01
C HIS A 60 -1.02 52.77 -34.13
N SER A 61 0.06 53.54 -34.02
CA SER A 61 0.07 54.83 -33.34
C SER A 61 -1.01 55.72 -33.95
N ASN A 62 -1.56 56.63 -33.13
CA ASN A 62 -2.60 57.57 -33.57
C ASN A 62 -2.25 58.98 -33.09
N ASP A 63 -0.96 59.33 -33.13
CA ASP A 63 -0.47 60.58 -32.52
C ASP A 63 -0.18 61.62 -33.62
N ASN A 64 -1.09 61.71 -34.60
CA ASN A 64 -0.99 62.64 -35.71
C ASN A 64 0.37 62.43 -36.41
N GLY A 65 0.73 61.16 -36.60
CA GLY A 65 1.90 60.75 -37.37
C GLY A 65 3.24 61.13 -36.75
N GLU A 66 3.26 61.50 -35.46
CA GLU A 66 4.48 61.99 -34.78
C GLU A 66 5.49 60.83 -34.66
N THR A 67 5.03 59.68 -34.14
CA THR A 67 5.84 58.48 -33.95
C THR A 67 6.34 57.97 -35.31
N LEU A 68 5.43 57.85 -36.27
CA LEU A 68 5.78 57.38 -37.61
C LEU A 68 6.82 58.30 -38.25
N ASN A 69 6.76 59.60 -37.96
CA ASN A 69 7.68 60.60 -38.51
C ASN A 69 9.10 60.39 -37.96
N VAL A 70 9.19 60.00 -36.68
CA VAL A 70 10.49 59.73 -36.05
C VAL A 70 11.09 58.47 -36.67
N ILE A 71 10.25 57.47 -36.94
CA ILE A 71 10.72 56.18 -37.46
C ILE A 71 11.18 56.35 -38.90
N LYS A 72 10.50 57.22 -39.67
CA LYS A 72 10.79 57.45 -41.09
C LYS A 72 12.21 58.00 -41.27
N LYS A 73 12.70 58.74 -40.25
CA LYS A 73 14.01 59.38 -40.30
C LYS A 73 15.12 58.32 -40.36
N TYR A 74 14.83 57.07 -39.96
CA TYR A 74 15.82 56.00 -39.95
C TYR A 74 15.51 54.93 -41.03
N LYS A 75 14.67 55.27 -42.01
CA LYS A 75 14.33 54.31 -43.08
C LYS A 75 15.65 53.86 -43.73
N GLY A 76 15.83 52.54 -43.87
CA GLY A 76 17.06 51.99 -44.44
C GLY A 76 18.05 51.50 -43.38
N LEU A 77 17.92 52.00 -42.15
CA LEU A 77 18.76 51.56 -41.04
C LEU A 77 17.99 50.64 -40.08
N VAL A 78 16.68 50.47 -40.31
CA VAL A 78 15.83 49.64 -39.50
C VAL A 78 14.84 48.93 -40.42
N ARG A 79 14.41 47.73 -39.99
CA ARG A 79 13.27 47.05 -40.59
C ARG A 79 12.05 47.54 -39.83
N PHE A 80 10.92 47.67 -40.53
CA PHE A 80 9.74 48.30 -39.94
C PHE A 80 8.46 47.69 -40.52
N LYS A 81 7.49 47.42 -39.62
CA LYS A 81 6.14 47.00 -40.00
C LYS A 81 5.16 47.78 -39.13
N GLN A 82 4.02 48.20 -39.70
CA GLN A 82 2.95 48.83 -38.94
C GLN A 82 1.73 47.91 -38.89
N LEU A 83 1.18 47.72 -37.69
CA LEU A 83 -0.03 46.93 -37.53
C LEU A 83 -1.23 47.79 -37.93
N LYS A 84 -2.29 47.13 -38.45
CA LYS A 84 -3.47 47.80 -38.99
C LYS A 84 -4.32 48.37 -37.86
N LYS A 85 -4.45 47.61 -36.76
CA LYS A 85 -5.20 48.02 -35.55
C LYS A 85 -4.26 47.91 -34.33
N ASN A 86 -4.44 48.79 -33.35
CA ASN A 86 -3.66 48.77 -32.09
C ASN A 86 -4.06 47.53 -31.26
N SER A 87 -3.07 46.69 -30.93
CA SER A 87 -3.29 45.43 -30.21
C SER A 87 -3.53 45.69 -28.72
N GLY A 88 -2.98 46.79 -28.19
CA GLY A 88 -3.23 47.20 -26.81
C GLY A 88 -2.06 46.95 -25.86
N ASN A 89 -1.30 45.88 -26.12
CA ASN A 89 -0.07 45.55 -25.37
C ASN A 89 1.05 45.28 -26.40
N ALA A 90 2.18 44.74 -25.91
CA ALA A 90 3.37 44.51 -26.72
C ALA A 90 3.43 43.08 -27.28
N SER A 91 2.46 42.25 -26.93
CA SER A 91 2.48 40.84 -27.30
C SER A 91 2.46 40.67 -28.84
N VAL A 92 1.41 41.16 -29.50
CA VAL A 92 1.27 40.98 -30.96
C VAL A 92 2.47 41.60 -31.67
N PRO A 93 2.84 42.87 -31.38
CA PRO A 93 4.02 43.47 -31.98
C PRO A 93 5.30 42.64 -31.83
N ARG A 94 5.56 42.12 -30.63
CA ARG A 94 6.76 41.34 -30.35
C ARG A 94 6.71 40.02 -31.13
N ASN A 95 5.52 39.42 -31.23
CA ASN A 95 5.32 38.18 -31.97
C ASN A 95 5.62 38.41 -33.45
N THR A 96 5.25 39.59 -33.95
CA THR A 96 5.48 39.97 -35.34
C THR A 96 6.98 40.10 -35.60
N GLY A 97 7.68 40.75 -34.67
CA GLY A 97 9.13 40.89 -34.71
C GLY A 97 9.84 39.55 -34.74
N LEU A 98 9.32 38.58 -33.98
CA LEU A 98 9.94 37.24 -33.90
C LEU A 98 9.81 36.51 -35.24
N LYS A 99 8.66 36.66 -35.90
CA LYS A 99 8.42 36.04 -37.21
C LYS A 99 9.36 36.68 -38.25
N MET A 100 9.76 37.94 -38.02
CA MET A 100 10.58 38.70 -38.96
C MET A 100 12.08 38.40 -38.76
N SER A 101 12.46 37.95 -37.57
CA SER A 101 13.88 37.75 -37.24
C SER A 101 14.35 36.36 -37.67
N LYS A 102 15.54 36.29 -38.28
CA LYS A 102 16.21 35.04 -38.62
C LYS A 102 17.62 35.07 -38.01
N ALA A 103 17.80 35.85 -36.94
CA ALA A 103 19.09 36.03 -36.25
C ALA A 103 19.33 34.86 -35.27
N GLU A 104 20.54 34.85 -34.69
CA GLU A 104 20.94 33.82 -33.73
C GLU A 104 20.24 34.07 -32.39
N TYR A 105 20.29 35.34 -31.95
CA TYR A 105 19.62 35.79 -30.76
C TYR A 105 18.67 36.95 -31.08
N VAL A 106 17.63 37.11 -30.26
CA VAL A 106 16.79 38.31 -30.27
C VAL A 106 16.95 39.03 -28.93
N PHE A 107 16.73 40.34 -28.96
CA PHE A 107 16.74 41.16 -27.78
C PHE A 107 15.52 42.07 -27.81
N PHE A 108 14.63 41.90 -26.83
CA PHE A 108 13.44 42.74 -26.75
C PHE A 108 13.80 44.04 -26.03
N LEU A 109 13.42 45.16 -26.66
CA LEU A 109 13.69 46.50 -26.17
C LEU A 109 12.36 47.25 -26.18
N ASP A 110 12.02 47.89 -25.05
CA ASP A 110 10.86 48.76 -24.97
C ASP A 110 11.22 50.13 -25.53
N SER A 111 10.21 50.85 -26.01
CA SER A 111 10.37 52.01 -26.88
C SER A 111 10.92 53.22 -26.12
N ASP A 112 10.75 53.28 -24.79
CA ASP A 112 11.21 54.45 -24.06
C ASP A 112 12.61 54.21 -23.44
N ASP A 113 13.09 52.96 -23.50
CA ASP A 113 14.29 52.51 -22.76
C ASP A 113 15.54 52.76 -23.63
N LEU A 114 16.73 52.50 -23.06
CA LEU A 114 18.03 52.71 -23.73
C LEU A 114 18.92 51.48 -23.59
N LEU A 115 19.73 51.22 -24.64
CA LEU A 115 20.82 50.26 -24.55
C LEU A 115 22.15 50.99 -24.35
N HIS A 116 23.02 50.41 -23.54
CA HIS A 116 24.41 50.84 -23.40
C HIS A 116 25.14 50.56 -24.72
N GLU A 117 26.16 51.38 -25.02
CA GLU A 117 26.90 51.29 -26.29
C GLU A 117 27.44 49.86 -26.50
N ARG A 118 27.85 49.19 -25.42
CA ARG A 118 28.45 47.84 -25.54
C ARG A 118 27.52 46.80 -24.92
N ALA A 119 26.26 46.79 -25.35
CA ALA A 119 25.25 45.89 -24.82
C ALA A 119 25.16 44.64 -25.68
N LEU A 120 24.90 44.82 -26.98
CA LEU A 120 24.76 43.70 -27.89
C LEU A 120 26.09 42.94 -27.97
N GLU A 121 27.21 43.66 -28.15
CA GLU A 121 28.52 43.04 -28.26
C GLU A 121 28.83 42.17 -27.02
N ASP A 122 28.79 42.79 -25.85
CA ASP A 122 29.20 42.13 -24.60
C ASP A 122 28.27 40.96 -24.28
N LEU A 123 26.96 41.14 -24.46
CA LEU A 123 25.99 40.11 -24.13
C LEU A 123 26.09 38.95 -25.13
N TYR A 124 26.24 39.26 -26.41
CA TYR A 124 26.36 38.21 -27.44
C TYR A 124 27.64 37.41 -27.23
N ASN A 125 28.75 38.10 -26.96
CA ASN A 125 30.06 37.47 -26.78
C ASN A 125 30.02 36.53 -25.56
N TYR A 126 29.48 37.02 -24.44
CA TYR A 126 29.36 36.23 -23.23
C TYR A 126 28.50 35.00 -23.51
N GLY A 127 27.41 35.21 -24.25
CA GLY A 127 26.46 34.17 -24.58
C GLY A 127 27.09 33.10 -25.44
N LYS A 128 27.85 33.52 -26.45
CA LYS A 128 28.45 32.64 -27.44
C LYS A 128 29.57 31.83 -26.76
N GLU A 129 30.29 32.46 -25.83
CA GLU A 129 31.45 31.83 -25.16
C GLU A 129 30.96 30.85 -24.10
N ASN A 130 29.69 30.92 -23.68
CA ASN A 130 29.14 30.05 -22.65
C ASN A 130 27.96 29.22 -23.19
N ASN A 131 27.76 29.23 -24.51
CA ASN A 131 26.69 28.47 -25.18
C ASN A 131 25.34 28.79 -24.52
N SER A 132 25.12 30.07 -24.20
CA SER A 132 23.98 30.55 -23.43
C SER A 132 22.72 30.61 -24.31
N ASP A 133 21.62 30.09 -23.74
CA ASP A 133 20.29 30.17 -24.32
C ASP A 133 19.67 31.54 -23.96
N LEU A 134 20.13 32.10 -22.84
CA LEU A 134 19.61 33.35 -22.31
C LEU A 134 20.77 34.14 -21.68
N ILE A 135 20.88 35.42 -22.02
CA ILE A 135 21.83 36.30 -21.36
C ILE A 135 21.08 37.50 -20.79
N ILE A 136 21.33 37.80 -19.51
CA ILE A 136 20.68 38.87 -18.79
C ILE A 136 21.72 39.94 -18.44
N GLY A 137 21.56 41.13 -19.00
CA GLY A 137 22.42 42.26 -18.72
C GLY A 137 21.85 43.07 -17.56
N LYS A 138 22.74 43.58 -16.71
CA LYS A 138 22.36 44.36 -15.53
C LYS A 138 21.50 45.55 -15.97
N TYR A 139 20.40 45.77 -15.23
CA TYR A 139 19.48 46.86 -15.52
C TYR A 139 19.90 48.11 -14.74
N GLY A 140 19.74 49.26 -15.39
CA GLY A 140 19.76 50.55 -14.74
C GLY A 140 18.43 51.25 -14.89
N VAL A 141 18.26 52.34 -14.17
CA VAL A 141 16.98 53.02 -14.13
C VAL A 141 17.21 54.53 -14.06
N GLU A 142 16.37 55.26 -14.79
CA GLU A 142 16.37 56.71 -14.87
C GLU A 142 14.97 57.19 -14.49
N GLY A 143 14.85 57.87 -13.34
CA GLY A 143 13.58 58.48 -12.90
C GLY A 143 12.88 57.67 -11.84
N LYS A 144 12.00 58.33 -11.07
CA LYS A 144 11.17 57.68 -10.06
C LYS A 144 10.06 56.89 -10.78
N GLY A 145 9.67 55.75 -10.20
CA GLY A 145 8.65 54.89 -10.79
C GLY A 145 8.95 53.43 -10.52
N ARG A 146 8.72 52.59 -11.54
CA ARG A 146 9.07 51.16 -11.52
C ARG A 146 10.54 51.02 -11.12
N SER A 147 10.83 50.12 -10.18
CA SER A 147 12.20 49.74 -9.83
C SER A 147 12.61 48.54 -10.69
N VAL A 148 13.91 48.21 -10.68
CA VAL A 148 14.45 47.11 -11.48
C VAL A 148 15.02 46.04 -10.56
N PRO A 149 15.13 44.77 -11.02
CA PRO A 149 15.77 43.72 -10.24
C PRO A 149 17.20 44.11 -9.83
N LYS A 150 17.60 43.66 -8.63
CA LYS A 150 18.92 43.95 -8.06
C LYS A 150 19.62 42.64 -7.65
N ALA A 151 18.88 41.72 -7.01
CA ALA A 151 19.46 40.50 -6.42
C ALA A 151 20.16 39.64 -7.47
N ILE A 152 19.54 39.49 -8.65
CA ILE A 152 20.08 38.68 -9.73
C ILE A 152 21.51 39.10 -10.09
N PHE A 153 21.86 40.38 -9.88
CA PHE A 153 23.15 40.93 -10.32
C PHE A 153 24.15 41.09 -9.17
N GLU A 154 23.83 40.57 -7.98
CA GLU A 154 24.61 40.84 -6.76
C GLU A 154 25.85 39.94 -6.68
N LYS A 155 25.96 38.93 -7.55
CA LYS A 155 27.08 37.99 -7.49
C LYS A 155 28.05 38.24 -8.66
N GLY A 156 27.88 39.37 -9.36
CA GLY A 156 28.64 39.66 -10.56
C GLY A 156 28.27 38.73 -11.69
N ASN A 157 29.22 38.50 -12.60
CA ASN A 157 28.97 37.71 -13.79
C ASN A 157 28.84 36.23 -13.42
N VAL A 158 27.86 35.57 -14.05
CA VAL A 158 27.58 34.15 -13.85
C VAL A 158 27.40 33.51 -15.23
N ALA A 159 28.27 32.55 -15.57
CA ALA A 159 28.31 31.91 -16.87
C ALA A 159 27.19 30.88 -17.02
N LYS A 160 26.99 30.06 -15.97
CA LYS A 160 25.93 29.06 -15.89
C LYS A 160 25.08 29.34 -14.65
N ALA A 161 24.08 30.22 -14.80
CA ALA A 161 23.23 30.64 -13.69
C ALA A 161 22.15 29.61 -13.43
N ASP A 162 21.60 29.68 -12.21
CA ASP A 162 20.55 28.79 -11.71
C ASP A 162 19.36 29.66 -11.34
N ILE A 163 18.16 29.19 -11.66
CA ILE A 163 16.94 29.95 -11.46
C ILE A 163 16.80 30.34 -10.00
N ILE A 164 16.90 29.37 -9.09
CA ILE A 164 16.63 29.61 -7.67
C ILE A 164 17.79 30.43 -7.08
N ASP A 165 19.02 29.93 -7.23
CA ASP A 165 20.19 30.50 -6.58
C ASP A 165 20.52 31.90 -7.11
N ASN A 166 20.08 32.25 -8.32
CA ASN A 166 20.43 33.55 -8.92
C ASN A 166 19.20 34.45 -9.08
N SER A 167 18.10 34.10 -8.41
CA SER A 167 16.95 34.99 -8.26
C SER A 167 16.34 35.36 -9.61
N ILE A 168 16.29 34.41 -10.55
CA ILE A 168 15.84 34.71 -11.89
C ILE A 168 14.30 34.85 -11.90
N PHE A 169 13.59 34.22 -10.97
CA PHE A 169 12.13 34.37 -10.88
C PHE A 169 11.76 35.80 -10.40
N TYR A 170 12.74 36.56 -9.92
CA TYR A 170 12.56 37.96 -9.56
C TYR A 170 13.03 38.89 -10.70
N ALA A 171 13.26 38.35 -11.90
CA ALA A 171 13.68 39.15 -13.05
C ALA A 171 13.16 38.53 -14.34
N LEU A 172 11.81 38.48 -14.49
CA LEU A 172 11.18 37.70 -15.55
C LEU A 172 10.74 38.58 -16.73
N SER A 173 11.26 39.82 -16.82
CA SER A 173 11.02 40.66 -17.99
C SER A 173 11.66 39.98 -19.21
N VAL A 174 11.21 40.37 -20.41
CA VAL A 174 11.80 39.84 -21.63
C VAL A 174 12.87 40.80 -22.15
N LEU A 175 13.34 41.72 -21.31
CA LEU A 175 14.34 42.70 -21.71
C LEU A 175 15.73 42.06 -21.57
N LYS A 176 15.94 41.01 -22.36
CA LYS A 176 17.11 40.15 -22.29
C LYS A 176 17.42 39.61 -23.69
N MET A 177 18.54 38.90 -23.82
CA MET A 177 18.96 38.28 -25.07
C MET A 177 18.58 36.79 -25.04
N PHE A 178 17.73 36.37 -25.97
CA PHE A 178 17.20 35.01 -26.07
C PHE A 178 17.68 34.33 -27.36
N LYS A 179 18.10 33.06 -27.27
CA LYS A 179 18.49 32.25 -28.43
C LYS A 179 17.23 31.92 -29.24
N LYS A 180 17.22 32.33 -30.51
CA LYS A 180 16.02 32.25 -31.35
C LYS A 180 15.64 30.78 -31.59
N SER A 181 16.65 29.89 -31.65
CA SER A 181 16.40 28.47 -31.94
C SER A 181 15.48 27.85 -30.89
N VAL A 182 15.66 28.27 -29.63
CA VAL A 182 14.87 27.75 -28.52
C VAL A 182 13.41 28.19 -28.73
N ILE A 183 13.23 29.47 -29.08
CA ILE A 183 11.93 30.06 -29.34
C ILE A 183 11.26 29.33 -30.52
N ASP A 184 12.06 29.08 -31.58
CA ASP A 184 11.57 28.48 -32.81
C ASP A 184 11.22 27.00 -32.58
N LYS A 185 12.16 26.24 -32.02
CA LYS A 185 11.98 24.78 -31.85
C LYS A 185 10.75 24.52 -30.96
N ASN A 186 10.52 25.37 -29.95
CA ASN A 186 9.47 25.14 -28.95
C ASN A 186 8.22 25.99 -29.25
N LYS A 187 8.23 26.74 -30.36
CA LYS A 187 7.07 27.53 -30.82
C LYS A 187 6.56 28.43 -29.67
N ILE A 188 7.48 29.20 -29.07
CA ILE A 188 7.17 30.10 -27.96
C ILE A 188 6.71 31.45 -28.52
N LYS A 189 5.45 31.80 -28.23
CA LYS A 189 4.84 33.07 -28.63
C LYS A 189 4.39 33.81 -27.37
N PHE A 190 4.27 35.14 -27.45
CA PHE A 190 3.63 35.89 -26.39
C PHE A 190 2.13 35.62 -26.48
N LYS A 191 1.49 35.29 -25.36
CA LYS A 191 0.04 35.08 -25.34
C LYS A 191 -0.63 36.45 -25.21
N THR A 192 -1.92 36.51 -25.57
CA THR A 192 -2.67 37.76 -25.66
C THR A 192 -4.00 37.67 -24.91
N PHE A 193 -4.18 36.67 -24.05
CA PHE A 193 -5.41 36.48 -23.28
C PHE A 193 -5.43 37.45 -22.09
N SER A 194 -4.28 38.05 -21.75
CA SER A 194 -4.17 38.93 -20.59
C SER A 194 -3.39 40.19 -20.96
N LYS A 195 -3.61 41.26 -20.20
CA LYS A 195 -2.96 42.56 -20.36
C LYS A 195 -1.63 42.56 -19.57
N THR A 196 -1.53 41.68 -18.57
CA THR A 196 -0.37 41.64 -17.68
C THR A 196 0.18 40.20 -17.57
N ALA A 197 1.45 40.14 -17.16
CA ALA A 197 2.17 38.90 -16.82
C ALA A 197 2.41 38.03 -18.06
N GLU A 198 2.28 38.59 -19.26
CA GLU A 198 2.45 37.83 -20.49
C GLU A 198 3.94 37.69 -20.79
N ASP A 199 4.73 38.67 -20.33
CA ASP A 199 6.16 38.70 -20.48
C ASP A 199 6.79 37.66 -19.52
N GLN A 200 6.22 37.55 -18.32
CA GLN A 200 6.64 36.57 -17.35
C GLN A 200 6.44 35.16 -17.92
N LEU A 201 5.26 34.91 -18.49
CA LEU A 201 4.94 33.60 -19.01
C LEU A 201 5.92 33.24 -20.13
N PHE A 202 6.30 34.25 -20.92
CA PHE A 202 7.21 34.03 -22.03
C PHE A 202 8.57 33.59 -21.49
N THR A 203 9.12 34.36 -20.54
CA THR A 203 10.41 34.08 -19.95
C THR A 203 10.38 32.71 -19.24
N ILE A 204 9.30 32.42 -18.54
CA ILE A 204 9.15 31.14 -17.84
C ILE A 204 9.14 30.01 -18.87
N GLU A 205 8.35 30.15 -19.94
CA GLU A 205 8.29 29.15 -20.99
C GLU A 205 9.70 28.91 -21.56
N PHE A 206 10.47 29.98 -21.72
CA PHE A 206 11.80 29.91 -22.28
C PHE A 206 12.74 29.19 -21.30
N LEU A 207 12.71 29.61 -20.02
CA LEU A 207 13.57 29.06 -18.97
C LEU A 207 13.32 27.56 -18.83
N MET A 208 12.05 27.14 -18.94
CA MET A 208 11.65 25.75 -18.75
C MET A 208 11.98 24.90 -19.99
N ASN A 209 12.44 25.54 -21.08
CA ASN A 209 12.78 24.82 -22.31
C ASN A 209 14.25 25.05 -22.70
N SER A 210 15.09 25.45 -21.73
CA SER A 210 16.51 25.70 -21.95
C SER A 210 17.28 25.50 -20.65
N LYS A 211 18.61 25.37 -20.73
CA LYS A 211 19.43 25.03 -19.56
C LYS A 211 20.46 26.13 -19.26
N ASN A 212 20.99 26.78 -20.29
CA ASN A 212 22.16 27.65 -20.15
C ASN A 212 21.72 29.11 -20.06
N TYR A 213 21.85 29.69 -18.86
CA TYR A 213 21.51 31.11 -18.60
C TYR A 213 22.75 31.81 -18.04
N SER A 214 23.09 32.97 -18.58
CA SER A 214 24.25 33.70 -18.14
C SER A 214 23.82 35.12 -17.73
N ILE A 215 24.56 35.69 -16.77
CA ILE A 215 24.29 37.00 -16.20
C ILE A 215 25.57 37.84 -16.34
N LYS A 216 25.44 39.02 -16.96
CA LYS A 216 26.56 39.93 -17.22
C LYS A 216 26.26 41.28 -16.55
N THR A 217 27.22 41.79 -15.77
CA THR A 217 26.97 42.92 -14.86
C THR A 217 28.04 44.02 -14.95
N ASP A 218 28.89 44.01 -15.99
CA ASP A 218 30.02 44.93 -16.08
C ASP A 218 29.52 46.38 -16.18
N TYR A 219 28.43 46.58 -16.93
CA TYR A 219 27.79 47.88 -17.10
C TYR A 219 26.28 47.75 -16.86
N GLU A 220 25.59 48.88 -16.71
CA GLU A 220 24.15 48.93 -16.79
C GLU A 220 23.77 48.86 -18.27
N TYR A 221 23.63 47.63 -18.79
CA TYR A 221 23.50 47.39 -20.22
C TYR A 221 22.14 47.86 -20.75
N TYR A 222 21.09 47.70 -19.94
CA TYR A 222 19.74 48.11 -20.28
C TYR A 222 19.27 49.13 -19.24
N ILE A 223 18.85 50.31 -19.70
CA ILE A 223 18.36 51.37 -18.83
C ILE A 223 16.84 51.48 -19.01
N VAL A 224 16.09 51.12 -17.97
CA VAL A 224 14.66 51.36 -17.91
C VAL A 224 14.45 52.86 -17.62
N VAL A 225 13.72 53.53 -18.52
CA VAL A 225 13.40 54.96 -18.38
C VAL A 225 11.94 55.09 -17.94
N ASN A 226 11.72 55.76 -16.80
CA ASN A 226 10.40 56.12 -16.29
C ASN A 226 10.04 57.52 -16.78
N ASP A 227 8.80 57.71 -17.27
CA ASP A 227 8.32 59.05 -17.72
C ASP A 227 7.20 59.60 -16.78
N PHE A 228 7.14 60.94 -16.70
CA PHE A 228 6.35 61.66 -15.70
C PHE A 228 5.32 62.55 -16.43
N SER A 239 -9.89 44.96 -12.60
CA SER A 239 -10.01 43.59 -13.10
C SER A 239 -10.53 42.66 -11.99
N THR A 240 -11.23 41.60 -12.43
CA THR A 240 -11.70 40.49 -11.59
C THR A 240 -10.66 39.36 -11.56
N GLY A 241 -9.68 39.41 -12.48
CA GLY A 241 -8.50 38.55 -12.47
C GLY A 241 -8.67 37.26 -13.24
N ASN A 242 -9.78 37.13 -13.98
CA ASN A 242 -10.06 35.94 -14.77
C ASN A 242 -8.87 35.70 -15.73
N GLN A 243 -8.46 36.74 -16.44
CA GLN A 243 -7.38 36.65 -17.46
C GLN A 243 -6.00 36.61 -16.78
N TYR A 244 -5.82 37.37 -15.71
CA TYR A 244 -4.54 37.41 -15.01
C TYR A 244 -4.17 36.02 -14.47
N PHE A 245 -5.12 35.37 -13.79
CA PHE A 245 -4.86 34.10 -13.13
C PHE A 245 -4.81 32.96 -14.17
N ALA A 246 -5.40 33.17 -15.34
CA ALA A 246 -5.24 32.24 -16.46
C ALA A 246 -3.78 32.20 -16.90
N THR A 247 -3.11 33.36 -16.83
CA THR A 247 -1.71 33.48 -17.20
C THR A 247 -0.84 32.85 -16.12
N ILE A 248 -1.18 33.08 -14.85
CA ILE A 248 -0.44 32.50 -13.72
C ILE A 248 -0.56 30.97 -13.80
N ASN A 249 -1.73 30.50 -14.20
CA ASN A 249 -1.98 29.09 -14.36
C ASN A 249 -1.03 28.54 -15.42
N GLU A 250 -0.82 29.28 -16.52
CA GLU A 250 0.06 28.85 -17.61
C GLU A 250 1.50 28.78 -17.10
N ILE A 251 1.89 29.64 -16.18
CA ILE A 251 3.24 29.66 -15.64
C ILE A 251 3.48 28.36 -14.86
N TYR A 252 2.53 27.97 -14.01
CA TYR A 252 2.67 26.75 -13.24
C TYR A 252 2.65 25.55 -14.19
N LYS A 253 1.78 25.58 -15.21
CA LYS A 253 1.72 24.50 -16.22
C LYS A 253 3.08 24.36 -16.92
N ALA A 254 3.76 25.47 -17.18
CA ALA A 254 5.04 25.47 -17.89
C ALA A 254 6.10 24.77 -17.05
N ILE A 255 6.08 25.05 -15.74
CA ILE A 255 7.02 24.47 -14.81
C ILE A 255 6.80 22.97 -14.74
N TYR A 256 5.54 22.55 -14.60
CA TYR A 256 5.22 21.16 -14.32
C TYR A 256 5.26 20.31 -15.60
N LYS A 257 5.37 20.93 -16.78
CA LYS A 257 5.51 20.20 -18.06
C LYS A 257 6.93 20.38 -18.62
N SER A 258 7.85 20.94 -17.83
CA SER A 258 9.19 21.27 -18.31
C SER A 258 9.92 20.02 -18.76
N PRO A 259 10.40 19.96 -20.02
CA PRO A 259 11.23 18.85 -20.47
C PRO A 259 12.68 18.94 -19.99
N ILE A 260 13.08 20.09 -19.44
CA ILE A 260 14.42 20.29 -18.89
C ILE A 260 14.42 19.88 -17.41
N TYR A 261 13.48 20.44 -16.64
CA TYR A 261 13.33 20.13 -15.22
C TYR A 261 12.28 19.04 -15.08
N LYS A 262 12.70 17.78 -15.27
CA LYS A 262 11.80 16.65 -15.39
C LYS A 262 11.49 16.08 -14.01
N ASN A 263 12.38 16.27 -13.03
CA ASN A 263 12.21 15.70 -11.70
C ASN A 263 11.06 16.42 -10.99
N GLN A 264 10.09 15.65 -10.52
CA GLN A 264 8.88 16.18 -9.92
C GLN A 264 9.23 17.01 -8.67
N GLU A 265 10.24 16.61 -7.90
CA GLU A 265 10.58 17.37 -6.71
C GLU A 265 11.19 18.72 -7.11
N LYS A 266 11.91 18.75 -8.22
CA LYS A 266 12.51 19.98 -8.70
C LYS A 266 11.40 20.93 -9.16
N ARG A 267 10.37 20.36 -9.79
CA ARG A 267 9.22 21.12 -10.22
C ARG A 267 8.51 21.74 -9.00
N HIS A 268 8.35 20.96 -7.94
CA HIS A 268 7.75 21.46 -6.70
C HIS A 268 8.54 22.66 -6.18
N GLN A 269 9.87 22.59 -6.28
CA GLN A 269 10.76 23.60 -5.72
C GLN A 269 10.62 24.89 -6.53
N LEU A 270 10.59 24.74 -7.86
CA LEU A 270 10.44 25.86 -8.77
C LEU A 270 9.06 26.50 -8.56
N ALA A 271 8.02 25.66 -8.51
CA ALA A 271 6.66 26.12 -8.31
C ALA A 271 6.57 26.89 -6.99
N GLY A 272 7.18 26.36 -5.94
CA GLY A 272 7.13 26.98 -4.63
C GLY A 272 7.83 28.34 -4.64
N LYS A 273 8.92 28.42 -5.39
CA LYS A 273 9.68 29.65 -5.45
C LYS A 273 8.88 30.68 -6.25
N TYR A 274 8.16 30.24 -7.29
CA TYR A 274 7.35 31.18 -8.06
C TYR A 274 6.21 31.69 -7.18
N THR A 275 5.58 30.79 -6.42
CA THR A 275 4.52 31.16 -5.48
C THR A 275 5.04 32.25 -4.52
N THR A 276 6.27 32.09 -4.04
CA THR A 276 6.87 33.08 -3.15
C THR A 276 6.95 34.43 -3.86
N ARG A 277 7.43 34.44 -5.10
CA ARG A 277 7.59 35.69 -5.89
C ARG A 277 6.21 36.32 -6.16
N LEU A 278 5.19 35.48 -6.35
CA LEU A 278 3.84 35.93 -6.63
C LEU A 278 3.26 36.61 -5.39
N LEU A 279 3.55 36.06 -4.21
CA LEU A 279 3.05 36.63 -2.95
C LEU A 279 3.84 37.88 -2.56
N ARG A 280 5.08 38.00 -3.05
CA ARG A 280 5.94 39.14 -2.75
C ARG A 280 5.71 40.32 -3.71
N HIS A 281 5.38 40.04 -4.98
CA HIS A 281 5.38 41.05 -6.02
C HIS A 281 4.21 40.92 -7.00
N GLY A 282 3.22 40.07 -6.68
CA GLY A 282 2.08 39.84 -7.56
C GLY A 282 1.24 41.10 -7.74
N GLN A 283 0.45 41.12 -8.82
CA GLN A 283 -0.56 42.12 -9.04
C GLN A 283 -1.57 42.06 -7.89
N LYS A 284 -1.91 43.24 -7.34
CA LYS A 284 -2.92 43.37 -6.30
C LYS A 284 -2.62 42.42 -5.14
N LYS A 285 -1.36 42.42 -4.69
CA LYS A 285 -0.93 41.47 -3.67
C LYS A 285 -1.69 41.76 -2.36
N ASN A 286 -2.07 43.02 -2.14
CA ASN A 286 -2.71 43.43 -0.89
C ASN A 286 -4.20 43.72 -1.12
N PHE A 287 -4.83 42.95 -2.02
CA PHE A 287 -6.22 43.17 -2.39
C PHE A 287 -7.16 43.01 -1.20
N ALA A 288 -6.79 42.14 -0.25
CA ALA A 288 -7.73 41.66 0.76
C ALA A 288 -8.15 42.80 1.70
N ASN A 289 -7.22 43.69 2.06
CA ASN A 289 -7.48 44.78 2.98
C ASN A 289 -7.69 46.11 2.21
N SER A 290 -7.91 46.04 0.90
CA SER A 290 -7.95 47.21 0.03
C SER A 290 -9.37 47.77 -0.05
N LYS A 291 -9.52 48.88 -0.78
CA LYS A 291 -10.82 49.59 -0.91
C LYS A 291 -11.63 48.96 -2.05
N MET A 292 -11.11 47.89 -2.63
CA MET A 292 -11.81 47.06 -3.61
C MET A 292 -13.20 46.67 -3.08
N LYS A 293 -14.18 46.67 -3.99
CA LYS A 293 -15.56 46.26 -3.68
C LYS A 293 -15.54 44.80 -3.22
N TYR A 294 -16.39 44.45 -2.25
CA TYR A 294 -16.39 43.12 -1.65
C TYR A 294 -16.59 42.06 -2.73
N GLU A 295 -17.56 42.27 -3.62
CA GLU A 295 -17.90 41.27 -4.65
C GLU A 295 -16.68 41.04 -5.56
N ASP A 296 -15.90 42.09 -5.79
CA ASP A 296 -14.68 42.01 -6.61
C ASP A 296 -13.60 41.21 -5.86
N LYS A 297 -13.45 41.44 -4.55
CA LYS A 297 -12.51 40.71 -3.73
C LYS A 297 -12.81 39.22 -3.78
N ILE A 298 -14.10 38.86 -3.67
CA ILE A 298 -14.51 37.49 -3.65
C ILE A 298 -14.17 36.82 -4.99
N GLU A 299 -14.44 37.50 -6.10
CA GLU A 299 -14.21 36.97 -7.43
C GLU A 299 -12.70 36.82 -7.65
N TRP A 300 -11.93 37.81 -7.20
CA TRP A 300 -10.48 37.82 -7.35
C TRP A 300 -9.88 36.64 -6.59
N LEU A 301 -10.26 36.50 -5.32
CA LEU A 301 -9.73 35.44 -4.46
C LEU A 301 -10.17 34.08 -5.00
N ASN A 302 -11.37 34.03 -5.59
CA ASN A 302 -11.90 32.77 -6.16
C ASN A 302 -11.00 32.32 -7.30
N ASN A 303 -10.57 33.25 -8.14
CA ASN A 303 -9.69 32.95 -9.27
C ASN A 303 -8.30 32.55 -8.75
N PHE A 304 -7.83 33.27 -7.73
CA PHE A 304 -6.51 33.03 -7.10
C PHE A 304 -6.50 31.66 -6.45
N SER A 305 -7.62 31.28 -5.83
CA SER A 305 -7.76 30.01 -5.13
C SER A 305 -7.83 28.85 -6.14
N LYS A 306 -8.69 29.00 -7.15
CA LYS A 306 -8.89 28.00 -8.21
C LYS A 306 -7.54 27.68 -8.86
N THR A 307 -6.71 28.71 -9.06
CA THR A 307 -5.43 28.57 -9.77
C THR A 307 -4.40 27.89 -8.89
N ILE A 308 -4.29 28.33 -7.63
CA ILE A 308 -3.25 27.81 -6.74
C ILE A 308 -3.62 26.38 -6.31
N ASN A 309 -4.90 26.00 -6.40
CA ASN A 309 -5.32 24.68 -5.96
C ASN A 309 -5.07 23.64 -7.06
N LYS A 310 -4.63 24.08 -8.24
CA LYS A 310 -4.15 23.20 -9.30
C LYS A 310 -2.63 22.96 -9.14
N VAL A 311 -2.01 23.66 -8.19
CA VAL A 311 -0.61 23.47 -7.90
C VAL A 311 -0.52 22.46 -6.77
N PRO A 312 0.29 21.39 -6.91
CA PRO A 312 0.49 20.43 -5.83
C PRO A 312 0.90 21.10 -4.50
N ARG A 313 0.37 20.57 -3.39
CA ARG A 313 0.69 21.04 -2.05
C ARG A 313 2.15 20.70 -1.73
N ASP A 314 2.74 19.74 -2.44
CA ASP A 314 4.15 19.39 -2.27
C ASP A 314 5.07 20.59 -2.53
N SER A 315 4.59 21.59 -3.27
CA SER A 315 5.37 22.81 -3.56
C SER A 315 5.38 23.74 -2.34
N ASP A 316 4.37 23.63 -1.48
CA ASP A 316 4.15 24.59 -0.39
C ASP A 316 5.37 24.62 0.54
N LYS A 317 6.00 23.46 0.76
CA LYS A 317 7.15 23.39 1.68
C LYS A 317 8.32 24.24 1.16
N TYR A 318 8.34 24.57 -0.14
CA TYR A 318 9.42 25.36 -0.75
C TYR A 318 9.09 26.86 -0.78
N VAL A 319 7.91 27.23 -0.28
CA VAL A 319 7.51 28.63 -0.14
C VAL A 319 8.14 29.17 1.13
N THR A 320 8.58 30.43 1.11
CA THR A 320 9.15 31.07 2.29
C THR A 320 8.10 31.06 3.40
N GLN A 321 8.50 30.69 4.62
CA GLN A 321 7.51 30.27 5.64
C GLN A 321 6.71 31.46 6.18
N ILE A 322 7.20 32.71 6.04
CA ILE A 322 6.39 33.87 6.46
C ILE A 322 5.02 33.85 5.77
N PHE A 323 4.98 33.30 4.55
CA PHE A 323 3.77 33.27 3.73
C PHE A 323 2.96 31.98 3.94
N ASN A 324 3.29 31.19 4.96
CA ASN A 324 2.65 29.87 5.17
C ASN A 324 1.13 30.05 5.36
N LEU A 325 0.74 31.08 6.12
CA LEU A 325 -0.66 31.31 6.48
C LEU A 325 -1.42 31.91 5.30
N LYS A 326 -0.82 32.91 4.63
CA LYS A 326 -1.43 33.55 3.49
C LYS A 326 -1.74 32.51 2.42
N LEU A 327 -0.77 31.63 2.16
CA LEU A 327 -0.91 30.62 1.14
C LEU A 327 -2.07 29.68 1.47
N GLU A 328 -2.15 29.27 2.74
CA GLU A 328 -3.19 28.33 3.15
C GLU A 328 -4.56 29.02 3.06
N ALA A 329 -4.60 30.30 3.43
CA ALA A 329 -5.81 31.10 3.36
C ALA A 329 -6.32 31.15 1.92
N ILE A 330 -5.42 31.34 0.95
CA ILE A 330 -5.79 31.42 -0.45
C ILE A 330 -6.30 30.05 -0.91
N ARG A 331 -5.60 28.99 -0.50
CA ARG A 331 -6.01 27.63 -0.85
C ARG A 331 -7.42 27.36 -0.33
N GLN A 332 -7.72 27.84 0.88
CA GLN A 332 -9.01 27.63 1.56
C GLN A 332 -10.07 28.61 1.05
N ASN A 333 -9.66 29.62 0.25
CA ASN A 333 -10.58 30.58 -0.36
C ASN A 333 -11.32 31.37 0.73
N ASP A 334 -10.59 31.72 1.81
CA ASP A 334 -11.14 32.39 3.00
C ASP A 334 -10.65 33.84 3.01
N LEU A 335 -11.54 34.78 2.66
CA LEU A 335 -11.16 36.18 2.55
C LEU A 335 -10.66 36.71 3.91
N LEU A 336 -11.40 36.41 4.98
CA LEU A 336 -11.04 36.89 6.32
C LEU A 336 -9.63 36.45 6.67
N ALA A 337 -9.28 35.20 6.34
CA ALA A 337 -7.97 34.64 6.68
C ALA A 337 -6.86 35.35 5.90
N VAL A 338 -7.15 35.72 4.64
CA VAL A 338 -6.16 36.43 3.83
C VAL A 338 -5.96 37.83 4.40
N MET A 339 -7.05 38.48 4.82
CA MET A 339 -6.99 39.79 5.43
C MET A 339 -6.09 39.73 6.67
N ILE A 340 -6.30 38.72 7.50
CA ILE A 340 -5.56 38.56 8.75
C ILE A 340 -4.09 38.28 8.42
N ALA A 341 -3.86 37.37 7.46
CA ALA A 341 -2.53 36.98 7.07
C ALA A 341 -1.71 38.22 6.70
N ASP A 342 -2.35 39.12 5.94
CA ASP A 342 -1.72 40.34 5.44
C ASP A 342 -1.41 41.27 6.63
N LYS A 343 -2.29 41.31 7.61
CA LYS A 343 -2.11 42.15 8.79
C LYS A 343 -0.92 41.66 9.62
N LEU A 344 -0.64 40.35 9.60
CA LEU A 344 0.48 39.77 10.36
C LEU A 344 1.80 39.84 9.60
N LEU A 345 1.76 40.05 8.27
CA LEU A 345 2.97 40.29 7.48
C LEU A 345 3.41 41.76 7.66
N MET B 19 3.92 -8.47 54.41
CA MET B 19 3.54 -7.34 53.50
C MET B 19 4.60 -6.23 53.57
N LYS B 20 5.22 -5.95 52.42
CA LYS B 20 6.29 -4.94 52.35
C LYS B 20 5.67 -3.54 52.36
N LYS B 21 6.49 -2.54 52.72
CA LYS B 21 6.10 -1.14 52.72
C LYS B 21 5.93 -0.64 51.28
N VAL B 22 6.93 -0.90 50.43
CA VAL B 22 6.99 -0.36 49.09
C VAL B 22 7.43 -1.45 48.11
N SER B 23 6.74 -1.51 46.96
CA SER B 23 7.25 -2.22 45.79
C SER B 23 7.69 -1.19 44.75
N VAL B 24 9.00 -1.13 44.46
CA VAL B 24 9.48 -0.36 43.34
C VAL B 24 9.28 -1.22 42.08
N ILE B 25 8.51 -0.68 41.12
CA ILE B 25 8.21 -1.35 39.88
C ILE B 25 8.96 -0.64 38.76
N MET B 26 9.82 -1.38 38.06
CA MET B 26 10.71 -0.82 37.04
C MET B 26 10.65 -1.67 35.79
N PRO B 27 9.99 -1.20 34.71
CA PRO B 27 10.08 -1.88 33.42
C PRO B 27 11.42 -1.56 32.74
N THR B 28 11.98 -2.55 32.04
CA THR B 28 13.24 -2.40 31.30
C THR B 28 13.04 -2.80 29.85
N PHE B 29 13.85 -2.20 28.97
CA PHE B 29 13.90 -2.56 27.55
C PHE B 29 15.18 -2.00 26.91
N ASN B 30 16.12 -2.90 26.62
CA ASN B 30 17.36 -2.58 25.89
C ASN B 30 18.11 -1.43 26.58
N ASN B 31 18.30 -1.56 27.90
CA ASN B 31 18.93 -0.52 28.69
C ASN B 31 20.44 -0.72 28.74
N GLY B 32 20.88 -1.98 28.75
CA GLY B 32 22.31 -2.31 28.75
C GLY B 32 22.95 -2.04 30.10
N GLU B 33 24.20 -1.57 30.07
CA GLU B 33 25.04 -1.42 31.27
C GLU B 33 24.62 -0.17 32.05
N LYS B 34 23.71 0.65 31.48
CA LYS B 34 23.20 1.86 32.14
C LYS B 34 22.31 1.49 33.33
N LEU B 35 21.80 0.25 33.35
CA LEU B 35 20.84 -0.23 34.33
C LEU B 35 21.51 -0.39 35.70
N HIS B 36 22.82 -0.68 35.70
CA HIS B 36 23.59 -0.90 36.93
C HIS B 36 23.35 0.28 37.89
N ARG B 37 23.50 1.50 37.36
CA ARG B 37 23.40 2.73 38.13
C ARG B 37 22.02 2.80 38.79
N THR B 38 20.97 2.50 38.00
CA THR B 38 19.59 2.58 38.45
C THR B 38 19.35 1.56 39.57
N ILE B 39 19.65 0.29 39.28
CA ILE B 39 19.40 -0.78 40.22
C ILE B 39 20.15 -0.50 41.52
N SER B 40 21.42 -0.10 41.40
CA SER B 40 22.25 0.24 42.55
C SER B 40 21.56 1.29 43.42
N SER B 41 20.94 2.29 42.79
CA SER B 41 20.29 3.38 43.51
C SER B 41 19.09 2.87 44.32
N VAL B 42 18.45 1.80 43.87
CA VAL B 42 17.30 1.21 44.55
C VAL B 42 17.77 0.31 45.70
N LEU B 43 18.83 -0.47 45.45
CA LEU B 43 19.35 -1.41 46.45
C LEU B 43 20.03 -0.63 47.59
N ASN B 44 20.53 0.57 47.30
CA ASN B 44 21.25 1.40 48.28
C ASN B 44 20.30 2.47 48.85
N GLN B 45 19.23 2.02 49.52
CA GLN B 45 18.24 2.89 50.16
C GLN B 45 18.43 2.83 51.68
N THR B 46 18.10 3.95 52.35
CA THR B 46 18.16 4.04 53.81
C THR B 46 17.08 3.18 54.46
N MET B 47 16.03 2.84 53.71
CA MET B 47 14.99 1.93 54.18
C MET B 47 15.58 0.54 54.40
N LYS B 48 15.08 -0.15 55.43
CA LYS B 48 15.43 -1.54 55.75
C LYS B 48 15.16 -2.37 54.48
N SER B 49 16.19 -3.09 54.03
CA SER B 49 16.14 -3.81 52.74
C SER B 49 14.99 -4.83 52.72
N THR B 50 14.60 -5.35 53.89
CA THR B 50 13.52 -6.34 53.99
C THR B 50 12.13 -5.67 53.93
N ASP B 51 12.10 -4.33 53.95
CA ASP B 51 10.86 -3.58 53.99
C ASP B 51 10.37 -3.19 52.58
N TYR B 52 11.23 -3.39 51.56
CA TYR B 52 10.82 -3.11 50.19
C TYR B 52 11.36 -4.18 49.23
N GLU B 53 10.84 -4.15 48.00
CA GLU B 53 11.25 -5.00 46.92
C GLU B 53 11.38 -4.17 45.64
N LEU B 54 12.30 -4.59 44.76
CA LEU B 54 12.42 -4.07 43.42
C LEU B 54 11.91 -5.15 42.46
N ILE B 55 10.77 -4.87 41.80
CA ILE B 55 10.24 -5.75 40.79
C ILE B 55 10.70 -5.21 39.44
N ILE B 56 11.46 -6.02 38.69
CA ILE B 56 11.93 -5.66 37.37
C ILE B 56 11.14 -6.46 36.33
N ILE B 57 10.53 -5.76 35.37
CA ILE B 57 9.77 -6.37 34.29
C ILE B 57 10.40 -5.98 32.97
N ASP B 58 11.11 -6.92 32.33
CA ASP B 58 11.75 -6.65 31.05
C ASP B 58 10.74 -6.86 29.93
N ASP B 59 10.63 -5.87 29.03
CA ASP B 59 9.66 -5.89 27.95
C ASP B 59 10.31 -6.55 26.72
N HIS B 60 10.80 -7.78 26.92
CA HIS B 60 11.41 -8.61 25.90
C HIS B 60 12.51 -7.84 25.14
N SER B 61 13.57 -7.46 25.86
CA SER B 61 14.75 -6.82 25.27
C SER B 61 15.30 -7.71 24.14
N ASN B 62 15.92 -7.09 23.13
CA ASN B 62 16.50 -7.81 22.00
C ASN B 62 17.93 -7.27 21.74
N ASP B 63 18.68 -6.97 22.80
CA ASP B 63 19.97 -6.27 22.68
C ASP B 63 21.13 -7.26 22.87
N ASN B 64 21.00 -8.44 22.26
CA ASN B 64 22.01 -9.50 22.33
C ASN B 64 22.28 -9.83 23.81
N GLY B 65 21.20 -9.90 24.60
CA GLY B 65 21.24 -10.35 25.98
C GLY B 65 21.96 -9.40 26.93
N GLU B 66 22.23 -8.15 26.51
CA GLU B 66 23.03 -7.20 27.31
C GLU B 66 22.25 -6.80 28.57
N THR B 67 20.99 -6.39 28.39
CA THR B 67 20.09 -5.96 29.47
C THR B 67 19.85 -7.14 30.42
N LEU B 68 19.51 -8.30 29.87
CA LEU B 68 19.24 -9.49 30.68
C LEU B 68 20.49 -9.86 31.50
N ASN B 69 21.68 -9.63 30.94
CA ASN B 69 22.95 -9.96 31.61
C ASN B 69 23.16 -9.06 32.84
N VAL B 70 22.74 -7.79 32.73
CA VAL B 70 22.87 -6.84 33.84
C VAL B 70 21.89 -7.24 34.95
N ILE B 71 20.69 -7.69 34.58
CA ILE B 71 19.65 -8.03 35.54
C ILE B 71 20.04 -9.31 36.27
N LYS B 72 20.69 -10.25 35.57
CA LYS B 72 21.08 -11.56 36.11
C LYS B 72 22.08 -11.38 37.29
N LYS B 73 22.85 -10.29 37.24
CA LYS B 73 23.87 -10.01 38.27
C LYS B 73 23.21 -9.74 39.63
N TYR B 74 21.91 -9.41 39.64
CA TYR B 74 21.19 -9.15 40.89
C TYR B 74 20.17 -10.25 41.21
N LYS B 75 20.32 -11.44 40.61
CA LYS B 75 19.54 -12.63 41.02
C LYS B 75 19.65 -12.77 42.55
N GLY B 76 18.50 -12.91 43.21
CA GLY B 76 18.43 -13.03 44.66
C GLY B 76 18.08 -11.72 45.35
N LEU B 77 18.35 -10.58 44.69
CA LEU B 77 18.15 -9.26 45.30
C LEU B 77 16.91 -8.57 44.71
N VAL B 78 16.31 -9.14 43.66
CA VAL B 78 15.18 -8.50 42.98
C VAL B 78 14.22 -9.59 42.51
N ARG B 79 12.94 -9.24 42.39
CA ARG B 79 11.99 -10.09 41.69
C ARG B 79 12.04 -9.69 40.22
N PHE B 80 11.85 -10.66 39.33
CA PHE B 80 12.02 -10.42 37.90
C PHE B 80 11.06 -11.30 37.08
N LYS B 81 10.44 -10.69 36.06
CA LYS B 81 9.63 -11.39 35.07
C LYS B 81 9.99 -10.82 33.69
N GLN B 82 10.04 -11.68 32.67
CA GLN B 82 10.27 -11.26 31.30
C GLN B 82 9.00 -11.51 30.47
N LEU B 83 8.58 -10.50 29.71
CA LEU B 83 7.45 -10.65 28.83
C LEU B 83 7.91 -11.39 27.56
N LYS B 84 6.97 -12.14 26.96
CA LYS B 84 7.25 -13.01 25.82
C LYS B 84 7.48 -12.15 24.56
N LYS B 85 6.67 -11.10 24.38
CA LYS B 85 6.75 -10.15 23.26
C LYS B 85 6.87 -8.73 23.83
N ASN B 86 7.60 -7.86 23.11
CA ASN B 86 7.75 -6.45 23.50
C ASN B 86 6.41 -5.71 23.31
N SER B 87 5.92 -5.09 24.38
CA SER B 87 4.61 -4.41 24.40
C SER B 87 4.71 -3.05 23.71
N GLY B 88 5.90 -2.43 23.71
CA GLY B 88 6.15 -1.18 22.98
C GLY B 88 6.26 0.04 23.89
N ASN B 89 5.50 0.05 24.99
CA ASN B 89 5.56 1.09 26.03
C ASN B 89 5.70 0.40 27.39
N ALA B 90 5.52 1.18 28.47
CA ALA B 90 5.71 0.74 29.84
C ALA B 90 4.40 0.28 30.49
N SER B 91 3.28 0.37 29.76
CA SER B 91 1.97 0.07 30.32
C SER B 91 1.89 -1.39 30.75
N VAL B 92 2.06 -2.34 29.81
CA VAL B 92 1.91 -3.77 30.13
C VAL B 92 2.91 -4.15 31.23
N PRO B 93 4.21 -3.82 31.08
CA PRO B 93 5.18 -4.10 32.13
C PRO B 93 4.78 -3.59 33.53
N ARG B 94 4.30 -2.35 33.61
CA ARG B 94 3.92 -1.73 34.89
C ARG B 94 2.68 -2.45 35.45
N ASN B 95 1.75 -2.84 34.57
CA ASN B 95 0.56 -3.56 34.97
C ASN B 95 0.94 -4.91 35.55
N THR B 96 1.98 -5.54 34.98
CA THR B 96 2.47 -6.84 35.43
C THR B 96 3.07 -6.69 36.82
N GLY B 97 3.86 -5.63 37.01
CA GLY B 97 4.45 -5.30 38.31
C GLY B 97 3.39 -5.10 39.38
N LEU B 98 2.27 -4.46 39.03
CA LEU B 98 1.19 -4.18 39.98
C LEU B 98 0.53 -5.48 40.43
N LYS B 99 0.33 -6.42 39.51
CA LYS B 99 -0.26 -7.74 39.83
C LYS B 99 0.69 -8.50 40.74
N MET B 100 2.00 -8.24 40.65
CA MET B 100 3.02 -8.95 41.42
C MET B 100 3.20 -8.36 42.82
N SER B 101 2.84 -7.09 43.02
CA SER B 101 3.07 -6.40 44.28
C SER B 101 1.92 -6.64 45.25
N LYS B 102 2.26 -6.89 46.52
CA LYS B 102 1.28 -6.99 47.61
C LYS B 102 1.66 -5.98 48.72
N ALA B 103 2.40 -4.93 48.34
CA ALA B 103 2.93 -3.92 49.29
C ALA B 103 1.87 -2.87 49.60
N GLU B 104 2.19 -2.00 50.57
CA GLU B 104 1.29 -0.93 51.03
C GLU B 104 1.26 0.18 49.96
N TYR B 105 2.46 0.57 49.50
CA TYR B 105 2.64 1.52 48.43
C TYR B 105 3.45 0.89 47.29
N VAL B 106 3.26 1.41 46.07
CA VAL B 106 4.13 1.11 44.94
C VAL B 106 4.82 2.42 44.50
N PHE B 107 5.99 2.27 43.91
CA PHE B 107 6.73 3.38 43.38
C PHE B 107 7.21 3.00 41.98
N PHE B 108 6.75 3.72 40.96
CA PHE B 108 7.16 3.45 39.59
C PHE B 108 8.47 4.18 39.31
N LEU B 109 9.45 3.43 38.80
CA LEU B 109 10.78 3.93 38.47
C LEU B 109 11.08 3.53 37.04
N ASP B 110 11.53 4.51 36.23
CA ASP B 110 11.97 4.25 34.88
C ASP B 110 13.42 3.77 34.92
N SER B 111 13.81 3.02 33.88
CA SER B 111 14.99 2.18 33.89
C SER B 111 16.28 3.01 33.82
N ASP B 112 16.22 4.23 33.29
CA ASP B 112 17.45 5.02 33.15
C ASP B 112 17.62 5.98 34.33
N ASP B 113 16.60 6.09 35.19
CA ASP B 113 16.51 7.14 36.24
C ASP B 113 17.18 6.63 37.52
N LEU B 114 17.28 7.51 38.53
CA LEU B 114 17.95 7.20 39.82
C LEU B 114 17.06 7.63 40.99
N LEU B 115 17.12 6.86 42.09
CA LEU B 115 16.52 7.26 43.36
C LEU B 115 17.62 7.78 44.31
N HIS B 116 17.29 8.81 45.08
CA HIS B 116 18.11 9.29 46.17
C HIS B 116 18.12 8.22 47.27
N GLU B 117 19.22 8.17 48.04
CA GLU B 117 19.43 7.15 49.08
C GLU B 117 18.24 7.13 50.06
N ARG B 118 17.73 8.31 50.40
CA ARG B 118 16.59 8.42 51.36
C ARG B 118 15.32 8.83 50.61
N ALA B 119 14.90 8.03 49.63
CA ALA B 119 13.70 8.33 48.85
C ALA B 119 12.53 7.51 49.39
N LEU B 120 12.70 6.18 49.43
CA LEU B 120 11.64 5.32 49.91
C LEU B 120 11.31 5.62 51.38
N GLU B 121 12.34 5.72 52.22
CA GLU B 121 12.15 5.97 53.65
C GLU B 121 11.38 7.28 53.86
N ASP B 122 11.91 8.38 53.31
CA ASP B 122 11.35 9.71 53.57
C ASP B 122 9.94 9.83 53.01
N LEU B 123 9.71 9.29 51.80
CA LEU B 123 8.40 9.40 51.15
C LEU B 123 7.37 8.51 51.87
N TYR B 124 7.78 7.30 52.25
CA TYR B 124 6.89 6.39 52.96
C TYR B 124 6.49 6.96 54.32
N ASN B 125 7.48 7.49 55.05
CA ASN B 125 7.27 8.04 56.39
C ASN B 125 6.31 9.24 56.32
N TYR B 126 6.56 10.15 55.38
CA TYR B 126 5.73 11.33 55.20
C TYR B 126 4.30 10.88 54.86
N GLY B 127 4.20 9.86 54.01
CA GLY B 127 2.92 9.34 53.54
C GLY B 127 2.13 8.73 54.68
N LYS B 128 2.81 7.93 55.49
CA LYS B 128 2.21 7.18 56.59
C LYS B 128 1.74 8.17 57.67
N GLU B 129 2.52 9.23 57.89
CA GLU B 129 2.24 10.19 58.97
C GLU B 129 1.12 11.15 58.54
N ASN B 130 0.79 11.20 57.24
CA ASN B 130 -0.26 12.09 56.74
C ASN B 130 -1.37 11.30 56.05
N ASN B 131 -1.37 9.97 56.22
CA ASN B 131 -2.39 9.07 55.65
C ASN B 131 -2.54 9.34 54.15
N SER B 132 -1.41 9.52 53.47
CA SER B 132 -1.34 9.93 52.07
C SER B 132 -1.67 8.77 51.14
N ASP B 133 -2.51 9.05 50.14
CA ASP B 133 -2.82 8.15 49.05
C ASP B 133 -1.72 8.28 47.98
N LEU B 134 -1.09 9.45 47.92
CA LEU B 134 -0.08 9.78 46.93
C LEU B 134 1.00 10.65 47.58
N ILE B 135 2.27 10.30 47.38
CA ILE B 135 3.38 11.15 47.82
C ILE B 135 4.27 11.43 46.61
N ILE B 136 4.57 12.72 46.41
CA ILE B 136 5.36 13.20 45.27
C ILE B 136 6.69 13.76 45.81
N GLY B 137 7.78 13.11 45.44
CA GLY B 137 9.12 13.58 45.77
C GLY B 137 9.66 14.52 44.71
N LYS B 138 10.37 15.56 45.14
CA LYS B 138 10.94 16.56 44.24
C LYS B 138 11.83 15.86 43.18
N TYR B 139 11.66 16.27 41.93
CA TYR B 139 12.40 15.71 40.81
C TYR B 139 13.67 16.53 40.58
N GLY B 140 14.75 15.83 40.22
CA GLY B 140 15.94 16.41 39.65
C GLY B 140 16.17 15.88 38.24
N VAL B 141 17.14 16.44 37.54
CA VAL B 141 17.36 16.12 36.16
C VAL B 141 18.86 16.17 35.85
N GLU B 142 19.31 15.23 35.03
CA GLU B 142 20.67 15.09 34.55
C GLU B 142 20.61 15.09 33.01
N GLY B 143 21.16 16.14 32.38
CA GLY B 143 21.33 16.18 30.93
C GLY B 143 20.28 17.03 30.23
N LYS B 144 20.59 17.45 29.00
CA LYS B 144 19.64 18.18 28.15
C LYS B 144 18.58 17.20 27.65
N GLY B 145 17.35 17.69 27.50
CA GLY B 145 16.22 16.89 27.03
C GLY B 145 14.93 17.32 27.71
N ARG B 146 14.11 16.34 28.10
CA ARG B 146 12.90 16.58 28.90
C ARG B 146 13.29 17.38 30.17
N SER B 147 12.52 18.44 30.47
CA SER B 147 12.62 19.13 31.76
C SER B 147 11.61 18.50 32.73
N VAL B 148 11.71 18.86 34.02
CA VAL B 148 10.89 18.25 35.06
C VAL B 148 10.02 19.33 35.71
N PRO B 149 8.89 18.96 36.34
CA PRO B 149 8.06 19.90 37.08
C PRO B 149 8.86 20.67 38.13
N LYS B 150 8.49 21.94 38.33
CA LYS B 150 9.16 22.84 39.27
C LYS B 150 8.12 23.48 40.22
N ALA B 151 7.00 23.94 39.67
CA ALA B 151 6.02 24.75 40.43
C ALA B 151 5.45 23.96 41.61
N ILE B 152 5.15 22.68 41.42
CA ILE B 152 4.59 21.81 42.45
C ILE B 152 5.48 21.83 43.71
N PHE B 153 6.78 22.06 43.57
CA PHE B 153 7.73 21.93 44.68
C PHE B 153 8.17 23.30 45.23
N GLU B 154 7.53 24.39 44.78
CA GLU B 154 8.00 25.75 45.09
C GLU B 154 7.53 26.22 46.47
N LYS B 155 6.62 25.46 47.10
CA LYS B 155 6.05 25.85 48.40
C LYS B 155 6.60 24.94 49.50
N GLY B 156 7.65 24.17 49.20
CA GLY B 156 8.22 23.21 50.14
C GLY B 156 7.26 22.05 50.38
N ASN B 157 7.37 21.44 51.55
CA ASN B 157 6.59 20.25 51.89
C ASN B 157 5.13 20.64 52.13
N VAL B 158 4.24 19.80 51.61
CA VAL B 158 2.79 19.97 51.73
C VAL B 158 2.18 18.63 52.13
N ALA B 159 1.55 18.58 53.30
CA ALA B 159 1.02 17.36 53.89
C ALA B 159 -0.31 16.96 53.21
N LYS B 160 -1.18 17.95 53.03
CA LYS B 160 -2.46 17.81 52.35
C LYS B 160 -2.50 18.80 51.17
N ALA B 161 -1.99 18.36 50.02
CA ALA B 161 -1.90 19.21 48.83
C ALA B 161 -3.25 19.26 48.11
N ASP B 162 -3.42 20.29 47.28
CA ASP B 162 -4.60 20.53 46.46
C ASP B 162 -4.16 20.55 44.99
N ILE B 163 -4.97 19.93 44.12
CA ILE B 163 -4.62 19.78 42.72
C ILE B 163 -4.33 21.15 42.09
N ILE B 164 -5.26 22.08 42.24
CA ILE B 164 -5.16 23.37 41.56
C ILE B 164 -4.06 24.22 42.22
N ASP B 165 -4.14 24.40 43.53
CA ASP B 165 -3.24 25.32 44.26
C ASP B 165 -1.78 24.82 44.26
N ASN B 166 -1.55 23.51 44.06
CA ASN B 166 -0.20 22.95 44.14
C ASN B 166 0.27 22.43 42.77
N SER B 167 -0.43 22.80 41.70
CA SER B 167 0.04 22.61 40.32
C SER B 167 0.27 21.12 40.01
N ILE B 168 -0.63 20.26 40.50
CA ILE B 168 -0.43 18.82 40.37
C ILE B 168 -0.70 18.38 38.93
N PHE B 169 -1.54 19.11 38.19
CA PHE B 169 -1.81 18.75 36.79
C PHE B 169 -0.58 19.03 35.90
N TYR B 170 0.42 19.74 36.46
CA TYR B 170 1.71 19.93 35.78
C TYR B 170 2.76 18.93 36.25
N ALA B 171 2.34 17.87 36.96
CA ALA B 171 3.24 16.80 37.40
C ALA B 171 2.51 15.46 37.44
N LEU B 172 2.08 14.99 36.26
CA LEU B 172 1.18 13.84 36.17
C LEU B 172 1.94 12.55 35.80
N SER B 173 3.28 12.54 35.91
CA SER B 173 4.05 11.31 35.74
C SER B 173 3.65 10.33 36.84
N VAL B 174 3.94 9.04 36.62
CA VAL B 174 3.67 8.04 37.66
C VAL B 174 4.93 7.80 38.48
N LEU B 175 5.92 8.69 38.40
CA LEU B 175 7.18 8.52 39.11
C LEU B 175 7.01 9.06 40.53
N LYS B 176 6.11 8.40 41.27
CA LYS B 176 5.64 8.82 42.57
C LYS B 176 5.29 7.57 43.39
N MET B 177 4.96 7.78 44.68
CA MET B 177 4.55 6.72 45.56
C MET B 177 3.02 6.71 45.67
N PHE B 178 2.40 5.59 45.26
CA PHE B 178 0.94 5.43 45.24
C PHE B 178 0.51 4.35 46.23
N LYS B 179 -0.58 4.61 46.98
CA LYS B 179 -1.17 3.64 47.89
C LYS B 179 -1.85 2.53 47.06
N LYS B 180 -1.35 1.31 47.18
CA LYS B 180 -1.82 0.15 46.38
C LYS B 180 -3.32 -0.13 46.57
N SER B 181 -3.85 0.14 47.76
CA SER B 181 -5.25 -0.15 48.05
C SER B 181 -6.18 0.66 47.13
N VAL B 182 -5.80 1.90 46.84
CA VAL B 182 -6.58 2.78 45.99
C VAL B 182 -6.60 2.20 44.57
N ILE B 183 -5.45 1.68 44.13
CA ILE B 183 -5.30 1.07 42.78
C ILE B 183 -6.13 -0.21 42.68
N ASP B 184 -6.08 -1.05 43.71
CA ASP B 184 -6.83 -2.34 43.70
C ASP B 184 -8.32 -2.09 43.85
N LYS B 185 -8.70 -1.24 44.80
CA LYS B 185 -10.14 -1.01 45.10
C LYS B 185 -10.83 -0.42 43.87
N ASN B 186 -10.12 0.41 43.12
CA ASN B 186 -10.69 1.08 41.95
C ASN B 186 -10.27 0.41 40.63
N LYS B 187 -9.50 -0.69 40.72
CA LYS B 187 -9.10 -1.48 39.54
C LYS B 187 -8.45 -0.57 38.50
N ILE B 188 -7.46 0.23 38.93
CA ILE B 188 -6.75 1.16 38.07
C ILE B 188 -5.58 0.43 37.40
N LYS B 189 -5.64 0.36 36.07
CA LYS B 189 -4.61 -0.25 35.25
C LYS B 189 -4.11 0.81 34.25
N PHE B 190 -2.88 0.64 33.77
CA PHE B 190 -2.40 1.45 32.68
C PHE B 190 -3.11 0.97 31.40
N LYS B 191 -3.68 1.90 30.62
CA LYS B 191 -4.31 1.56 29.36
C LYS B 191 -3.22 1.42 28.30
N THR B 192 -3.57 0.77 27.19
CA THR B 192 -2.62 0.44 26.11
C THR B 192 -3.18 0.84 24.74
N PHE B 193 -4.16 1.73 24.72
CA PHE B 193 -4.78 2.20 23.46
C PHE B 193 -3.85 3.21 22.76
N SER B 194 -2.88 3.76 23.51
CA SER B 194 -2.01 4.84 23.06
C SER B 194 -0.58 4.58 23.51
N LYS B 195 0.39 5.19 22.81
CA LYS B 195 1.82 5.11 23.12
C LYS B 195 2.19 6.19 24.15
N THR B 196 1.38 7.24 24.22
CA THR B 196 1.67 8.42 25.03
C THR B 196 0.45 8.80 25.89
N ALA B 197 0.74 9.54 26.98
CA ALA B 197 -0.24 10.11 27.89
C ALA B 197 -0.97 9.02 28.69
N GLU B 198 -0.44 7.80 28.74
CA GLU B 198 -1.07 6.71 29.45
C GLU B 198 -0.75 6.84 30.95
N ASP B 199 0.41 7.44 31.24
CA ASP B 199 0.85 7.69 32.60
C ASP B 199 0.01 8.82 33.22
N GLN B 200 -0.30 9.83 32.40
CA GLN B 200 -1.16 10.92 32.82
C GLN B 200 -2.53 10.39 33.20
N LEU B 201 -3.09 9.54 32.35
CA LEU B 201 -4.42 9.00 32.58
C LEU B 201 -4.44 8.22 33.90
N PHE B 202 -3.33 7.51 34.17
CA PHE B 202 -3.23 6.71 35.36
C PHE B 202 -3.27 7.61 36.59
N THR B 203 -2.41 8.62 36.61
CA THR B 203 -2.30 9.55 37.72
C THR B 203 -3.63 10.30 37.91
N ILE B 204 -4.26 10.69 36.80
CA ILE B 204 -5.54 11.39 36.86
C ILE B 204 -6.59 10.47 37.47
N GLU B 205 -6.66 9.23 37.00
CA GLU B 205 -7.62 8.24 37.53
C GLU B 205 -7.40 8.09 39.05
N PHE B 206 -6.13 8.09 39.47
CA PHE B 206 -5.79 7.92 40.87
C PHE B 206 -6.23 9.16 41.68
N LEU B 207 -5.86 10.34 41.18
CA LEU B 207 -6.16 11.62 41.84
C LEU B 207 -7.68 11.78 42.01
N MET B 208 -8.45 11.36 41.00
CA MET B 208 -9.90 11.52 40.99
C MET B 208 -10.58 10.46 41.88
N ASN B 209 -9.81 9.50 42.41
CA ASN B 209 -10.36 8.46 43.27
C ASN B 209 -9.68 8.45 44.65
N SER B 210 -9.09 9.58 45.05
CA SER B 210 -8.40 9.70 46.34
C SER B 210 -8.38 11.17 46.77
N LYS B 211 -8.08 11.43 48.04
CA LYS B 211 -8.16 12.77 48.61
C LYS B 211 -6.82 13.27 49.13
N ASN B 212 -5.99 12.37 49.67
CA ASN B 212 -4.81 12.77 50.44
C ASN B 212 -3.55 12.68 49.56
N TYR B 213 -3.02 13.85 49.18
CA TYR B 213 -1.79 13.96 48.37
C TYR B 213 -0.76 14.79 49.15
N SER B 214 0.48 14.31 49.23
CA SER B 214 1.50 15.01 49.94
C SER B 214 2.71 15.21 49.02
N ILE B 215 3.45 16.30 49.27
CA ILE B 215 4.58 16.73 48.48
C ILE B 215 5.78 16.89 49.41
N LYS B 216 6.89 16.21 49.09
CA LYS B 216 8.11 16.21 49.90
C LYS B 216 9.27 16.72 49.04
N THR B 217 10.03 17.70 49.55
CA THR B 217 10.97 18.46 48.72
C THR B 217 12.35 18.63 49.39
N ASP B 218 12.65 17.86 50.43
CA ASP B 218 13.88 18.03 51.20
C ASP B 218 15.11 17.76 50.32
N TYR B 219 14.99 16.74 49.44
CA TYR B 219 16.04 16.37 48.49
C TYR B 219 15.43 16.21 47.10
N GLU B 220 16.29 16.14 46.07
CA GLU B 220 15.87 15.68 44.76
C GLU B 220 15.79 14.16 44.83
N TYR B 221 14.61 13.65 45.23
CA TYR B 221 14.42 12.25 45.55
C TYR B 221 14.47 11.37 44.30
N TYR B 222 13.96 11.88 43.18
CA TYR B 222 13.94 11.17 41.91
C TYR B 222 14.70 12.00 40.88
N ILE B 223 15.71 11.40 40.25
CA ILE B 223 16.50 12.07 39.21
C ILE B 223 16.12 11.48 37.86
N VAL B 224 15.49 12.29 37.00
CA VAL B 224 15.26 11.92 35.61
C VAL B 224 16.59 12.07 34.86
N VAL B 225 17.06 10.98 34.24
CA VAL B 225 18.28 10.98 33.44
C VAL B 225 17.89 10.95 31.96
N ASN B 226 18.38 11.93 31.21
CA ASN B 226 18.22 12.00 29.74
C ASN B 226 19.39 11.33 29.02
N THR B 240 -1.47 10.63 13.61
CA THR B 240 -2.74 11.26 13.23
C THR B 240 -3.58 11.57 14.49
N GLY B 241 -3.24 10.95 15.63
CA GLY B 241 -3.73 11.35 16.95
C GLY B 241 -5.02 10.64 17.36
N ASN B 242 -5.45 9.64 16.58
CA ASN B 242 -6.66 8.90 16.90
C ASN B 242 -6.56 8.32 18.31
N GLN B 243 -5.41 7.68 18.60
CA GLN B 243 -5.15 6.99 19.85
C GLN B 243 -4.83 8.01 20.97
N TYR B 244 -4.06 9.05 20.63
CA TYR B 244 -3.66 10.06 21.59
C TYR B 244 -4.88 10.75 22.19
N PHE B 245 -5.79 11.19 21.32
CA PHE B 245 -6.94 11.98 21.76
C PHE B 245 -7.98 11.08 22.43
N ALA B 246 -7.95 9.78 22.14
CA ALA B 246 -8.77 8.81 22.86
C ALA B 246 -8.36 8.78 24.34
N THR B 247 -7.05 8.94 24.59
CA THR B 247 -6.51 8.95 25.93
C THR B 247 -6.87 10.27 26.63
N ILE B 248 -6.78 11.37 25.90
CA ILE B 248 -7.13 12.69 26.45
C ILE B 248 -8.61 12.68 26.81
N ASN B 249 -9.43 12.02 25.97
CA ASN B 249 -10.84 11.89 26.23
C ASN B 249 -11.06 11.16 27.56
N GLU B 250 -10.26 10.12 27.81
CA GLU B 250 -10.37 9.33 29.04
C GLU B 250 -10.04 10.19 30.27
N ILE B 251 -9.11 11.14 30.10
CA ILE B 251 -8.71 12.02 31.19
C ILE B 251 -9.89 12.90 31.59
N TYR B 252 -10.55 13.50 30.60
CA TYR B 252 -11.71 14.35 30.88
C TYR B 252 -12.83 13.50 31.48
N LYS B 253 -13.04 12.29 30.94
CA LYS B 253 -14.07 11.37 31.48
C LYS B 253 -13.79 11.08 32.96
N ALA B 254 -12.51 10.94 33.33
CA ALA B 254 -12.13 10.60 34.70
C ALA B 254 -12.50 11.73 35.66
N ILE B 255 -12.26 12.96 35.21
CA ILE B 255 -12.54 14.15 35.99
C ILE B 255 -14.06 14.26 36.20
N TYR B 256 -14.83 14.09 35.12
CA TYR B 256 -16.26 14.34 35.16
C TYR B 256 -17.03 13.17 35.80
N LYS B 257 -16.37 12.03 36.05
CA LYS B 257 -16.98 10.88 36.75
C LYS B 257 -16.39 10.73 38.16
N SER B 258 -15.60 11.71 38.61
CA SER B 258 -14.88 11.58 39.87
C SER B 258 -15.87 11.43 41.03
N PRO B 259 -15.77 10.35 41.84
CA PRO B 259 -16.58 10.23 43.05
C PRO B 259 -16.05 11.07 44.23
N ILE B 260 -14.86 11.63 44.11
CA ILE B 260 -14.28 12.52 45.12
C ILE B 260 -14.69 13.96 44.82
N TYR B 261 -14.46 14.42 43.59
CA TYR B 261 -14.82 15.75 43.15
C TYR B 261 -16.18 15.68 42.45
N LYS B 262 -17.25 15.69 43.26
CA LYS B 262 -18.61 15.40 42.78
C LYS B 262 -19.26 16.69 42.27
N ASN B 263 -18.84 17.85 42.79
CA ASN B 263 -19.44 19.14 42.45
C ASN B 263 -19.11 19.49 40.99
N GLN B 264 -20.17 19.73 40.20
CA GLN B 264 -20.03 19.92 38.76
C GLN B 264 -19.15 21.14 38.48
N GLU B 265 -19.24 22.19 39.31
CA GLU B 265 -18.43 23.38 39.06
C GLU B 265 -16.96 23.06 39.32
N LYS B 266 -16.70 22.20 40.30
CA LYS B 266 -15.33 21.82 40.62
C LYS B 266 -14.74 21.00 39.45
N ARG B 267 -15.58 20.15 38.85
CA ARG B 267 -15.19 19.38 37.69
C ARG B 267 -14.85 20.31 36.53
N HIS B 268 -15.66 21.35 36.30
CA HIS B 268 -15.39 22.33 35.27
C HIS B 268 -14.01 22.98 35.50
N GLN B 269 -13.69 23.26 36.77
CA GLN B 269 -12.46 23.96 37.12
C GLN B 269 -11.26 23.06 36.85
N LEU B 270 -11.40 21.78 37.24
CA LEU B 270 -10.35 20.79 37.03
C LEU B 270 -10.16 20.58 35.53
N ALA B 271 -11.27 20.40 34.81
CA ALA B 271 -11.23 20.18 33.37
C ALA B 271 -10.56 21.38 32.68
N GLY B 272 -10.90 22.59 33.12
CA GLY B 272 -10.34 23.80 32.53
C GLY B 272 -8.84 23.88 32.78
N LYS B 273 -8.41 23.46 33.95
CA LYS B 273 -7.02 23.51 34.32
C LYS B 273 -6.26 22.46 33.51
N TYR B 274 -6.87 21.29 33.28
CA TYR B 274 -6.21 20.28 32.46
C TYR B 274 -6.08 20.79 31.02
N THR B 275 -7.14 21.41 30.50
CA THR B 275 -7.12 22.00 29.16
C THR B 275 -5.95 22.97 29.05
N THR B 276 -5.74 23.79 30.08
CA THR B 276 -4.64 24.74 30.10
C THR B 276 -3.31 24.00 29.96
N ARG B 277 -3.14 22.94 30.77
CA ARG B 277 -1.87 22.15 30.76
C ARG B 277 -1.68 21.50 29.38
N LEU B 278 -2.77 21.05 28.76
CA LEU B 278 -2.74 20.41 27.45
C LEU B 278 -2.27 21.40 26.39
N LEU B 279 -2.74 22.66 26.49
CA LEU B 279 -2.37 23.68 25.52
C LEU B 279 -0.95 24.18 25.78
N ARG B 280 -0.47 24.05 27.02
CA ARG B 280 0.86 24.50 27.41
C ARG B 280 1.93 23.45 27.14
N HIS B 281 1.60 22.16 27.25
CA HIS B 281 2.60 21.09 27.26
C HIS B 281 2.16 19.85 26.46
N GLY B 282 1.05 19.94 25.74
CA GLY B 282 0.53 18.80 24.99
C GLY B 282 1.48 18.35 23.88
N GLN B 283 1.29 17.11 23.44
CA GLN B 283 1.96 16.56 22.28
C GLN B 283 1.60 17.42 21.05
N LYS B 284 2.61 17.77 20.26
CA LYS B 284 2.44 18.48 18.99
C LYS B 284 1.62 19.75 19.22
N LYS B 285 1.97 20.53 20.25
CA LYS B 285 1.16 21.68 20.63
C LYS B 285 1.17 22.71 19.49
N ASN B 286 2.27 22.76 18.73
CA ASN B 286 2.43 23.77 17.68
C ASN B 286 2.30 23.12 16.29
N PHE B 287 1.41 22.14 16.17
CA PHE B 287 1.22 21.39 14.95
C PHE B 287 0.77 22.29 13.80
N ALA B 288 0.01 23.35 14.12
CA ALA B 288 -0.74 24.08 13.09
C ALA B 288 0.20 24.81 12.11
N ASN B 289 1.31 25.36 12.62
CA ASN B 289 2.26 26.09 11.78
C ASN B 289 3.49 25.23 11.46
N SER B 290 3.40 23.91 11.67
CA SER B 290 4.53 23.00 11.56
C SER B 290 4.69 22.49 10.13
N LYS B 291 5.73 21.65 9.92
CA LYS B 291 6.09 21.07 8.64
C LYS B 291 5.24 19.83 8.33
N MET B 292 4.33 19.50 9.25
CA MET B 292 3.35 18.44 9.09
C MET B 292 2.61 18.60 7.77
N LYS B 293 2.31 17.48 7.10
CA LYS B 293 1.50 17.49 5.86
C LYS B 293 0.10 18.02 6.20
N TYR B 294 -0.49 18.76 5.26
CA TYR B 294 -1.79 19.40 5.47
C TYR B 294 -2.83 18.35 5.89
N GLU B 295 -2.88 17.22 5.17
CA GLU B 295 -3.92 16.21 5.42
C GLU B 295 -3.78 15.68 6.86
N ASP B 296 -2.54 15.60 7.36
CA ASP B 296 -2.26 15.14 8.71
C ASP B 296 -2.72 16.19 9.74
N LYS B 297 -2.49 17.47 9.44
CA LYS B 297 -2.93 18.57 10.29
C LYS B 297 -4.45 18.52 10.46
N ILE B 298 -5.15 18.31 9.35
CA ILE B 298 -6.61 18.30 9.34
C ILE B 298 -7.12 17.14 10.21
N GLU B 299 -6.52 15.96 10.06
CA GLU B 299 -6.95 14.76 10.78
C GLU B 299 -6.65 14.96 12.27
N TRP B 300 -5.49 15.55 12.58
CA TRP B 300 -5.07 15.78 13.95
C TRP B 300 -6.05 16.73 14.64
N LEU B 301 -6.32 17.87 13.98
CA LEU B 301 -7.19 18.88 14.53
C LEU B 301 -8.62 18.33 14.67
N ASN B 302 -9.01 17.45 13.74
CA ASN B 302 -10.32 16.88 13.76
C ASN B 302 -10.50 16.03 15.03
N ASN B 303 -9.48 15.26 15.38
CA ASN B 303 -9.48 14.43 16.59
C ASN B 303 -9.48 15.32 17.83
N PHE B 304 -8.67 16.38 17.79
CA PHE B 304 -8.53 17.34 18.91
C PHE B 304 -9.87 18.06 19.12
N SER B 305 -10.56 18.39 18.03
CA SER B 305 -11.82 19.10 18.08
C SER B 305 -12.93 18.19 18.63
N LYS B 306 -13.02 16.97 18.06
CA LYS B 306 -14.02 15.98 18.47
C LYS B 306 -13.92 15.73 19.97
N THR B 307 -12.69 15.68 20.49
CA THR B 307 -12.43 15.35 21.90
C THR B 307 -12.81 16.53 22.80
N ILE B 308 -12.35 17.74 22.43
CA ILE B 308 -12.55 18.90 23.29
C ILE B 308 -14.04 19.31 23.25
N ASN B 309 -14.78 18.91 22.21
CA ASN B 309 -16.19 19.30 22.10
C ASN B 309 -17.08 18.39 22.93
N LYS B 310 -16.50 17.34 23.53
CA LYS B 310 -17.19 16.53 24.52
C LYS B 310 -16.98 17.09 25.93
N VAL B 311 -16.13 18.12 26.05
CA VAL B 311 -15.89 18.79 27.30
C VAL B 311 -16.84 19.98 27.38
N PRO B 312 -17.62 20.12 28.48
CA PRO B 312 -18.49 21.27 28.66
C PRO B 312 -17.78 22.61 28.46
N ARG B 313 -18.47 23.56 27.82
CA ARG B 313 -17.96 24.91 27.61
C ARG B 313 -17.85 25.64 28.95
N ASP B 314 -18.58 25.16 29.97
CA ASP B 314 -18.52 25.73 31.31
C ASP B 314 -17.08 25.64 31.88
N SER B 315 -16.25 24.75 31.36
CA SER B 315 -14.86 24.62 31.82
C SER B 315 -13.99 25.72 31.21
N ASP B 316 -14.41 26.29 30.07
CA ASP B 316 -13.57 27.20 29.29
C ASP B 316 -13.21 28.42 30.13
N LYS B 317 -14.13 28.87 30.99
CA LYS B 317 -13.88 30.08 31.83
C LYS B 317 -12.72 29.85 32.81
N TYR B 318 -12.35 28.59 33.06
CA TYR B 318 -11.26 28.25 33.98
C TYR B 318 -9.92 28.04 33.25
N VAL B 319 -9.93 28.18 31.92
CA VAL B 319 -8.73 28.10 31.11
C VAL B 319 -8.04 29.46 31.16
N THR B 320 -6.71 29.49 31.20
CA THR B 320 -5.95 30.73 31.21
C THR B 320 -6.29 31.51 29.93
N GLN B 321 -6.56 32.81 30.07
CA GLN B 321 -7.25 33.55 29.00
C GLN B 321 -6.35 33.77 27.77
N ILE B 322 -5.03 33.69 27.90
CA ILE B 322 -4.15 33.80 26.71
C ILE B 322 -4.56 32.75 25.66
N PHE B 323 -5.09 31.61 26.11
CA PHE B 323 -5.46 30.51 25.24
C PHE B 323 -6.94 30.57 24.81
N ASN B 324 -7.62 31.70 25.06
CA ASN B 324 -9.06 31.82 24.80
C ASN B 324 -9.33 31.58 23.30
N LEU B 325 -8.48 32.14 22.43
CA LEU B 325 -8.68 32.10 20.98
C LEU B 325 -8.32 30.71 20.43
N LYS B 326 -7.17 30.19 20.87
CA LYS B 326 -6.73 28.89 20.42
C LYS B 326 -7.79 27.83 20.75
N LEU B 327 -8.32 27.90 21.98
CA LEU B 327 -9.30 26.94 22.44
C LEU B 327 -10.56 27.00 21.56
N GLU B 328 -11.01 28.23 21.25
CA GLU B 328 -12.22 28.40 20.46
C GLU B 328 -11.98 27.89 19.04
N ALA B 329 -10.78 28.16 18.52
CA ALA B 329 -10.39 27.71 17.20
C ALA B 329 -10.45 26.18 17.10
N ILE B 330 -9.99 25.50 18.15
CA ILE B 330 -9.98 24.04 18.18
C ILE B 330 -11.43 23.54 18.25
N ARG B 331 -12.25 24.20 19.08
CA ARG B 331 -13.66 23.83 19.21
C ARG B 331 -14.35 23.97 17.85
N GLN B 332 -14.01 25.02 17.10
CA GLN B 332 -14.61 25.32 15.80
C GLN B 332 -13.99 24.47 14.68
N ASN B 333 -12.89 23.76 14.98
CA ASN B 333 -12.23 22.86 14.03
C ASN B 333 -11.72 23.65 12.83
N ASP B 334 -11.20 24.85 13.08
CA ASP B 334 -10.75 25.79 12.04
C ASP B 334 -9.22 25.83 12.05
N LEU B 335 -8.59 25.19 11.06
CA LEU B 335 -7.12 25.11 11.03
C LEU B 335 -6.51 26.49 10.92
N LEU B 336 -7.05 27.32 10.03
CA LEU B 336 -6.53 28.68 9.81
C LEU B 336 -6.53 29.45 11.14
N ALA B 337 -7.59 29.32 11.93
CA ALA B 337 -7.74 30.06 13.19
C ALA B 337 -6.72 29.57 14.21
N VAL B 338 -6.41 28.26 14.21
CA VAL B 338 -5.41 27.71 15.12
C VAL B 338 -4.04 28.25 14.72
N MET B 339 -3.76 28.30 13.42
CA MET B 339 -2.51 28.82 12.89
C MET B 339 -2.34 30.26 13.37
N ILE B 340 -3.40 31.06 13.24
CA ILE B 340 -3.38 32.47 13.61
C ILE B 340 -3.20 32.58 15.13
N ALA B 341 -3.95 31.78 15.88
CA ALA B 341 -3.90 31.79 17.33
C ALA B 341 -2.46 31.60 17.79
N ASP B 342 -1.77 30.65 17.16
CA ASP B 342 -0.39 30.28 17.52
C ASP B 342 0.54 31.45 17.17
N LYS B 343 0.26 32.14 16.06
CA LYS B 343 1.08 33.27 15.64
C LYS B 343 0.96 34.42 16.65
N LEU B 344 -0.20 34.55 17.31
CA LEU B 344 -0.43 35.63 18.28
C LEU B 344 0.06 35.26 19.68
N LEU B 345 0.28 33.96 19.95
CA LEU B 345 0.88 33.53 21.23
C LEU B 345 2.41 33.69 21.16
N MET C 19 -42.89 84.34 23.84
CA MET C 19 -42.06 83.18 23.42
C MET C 19 -40.62 83.36 23.92
N LYS C 20 -40.17 82.42 24.78
CA LYS C 20 -38.85 82.48 25.38
C LYS C 20 -37.78 82.09 24.34
N LYS C 21 -36.54 82.49 24.62
CA LYS C 21 -35.37 82.16 23.78
C LYS C 21 -35.03 80.68 23.95
N VAL C 22 -34.92 80.21 25.20
CA VAL C 22 -34.46 78.88 25.50
C VAL C 22 -35.35 78.23 26.58
N SER C 23 -35.71 76.96 26.38
CA SER C 23 -36.21 76.12 27.45
C SER C 23 -35.13 75.10 27.82
N VAL C 24 -34.61 75.18 29.04
CA VAL C 24 -33.76 74.15 29.57
C VAL C 24 -34.66 73.03 30.10
N ILE C 25 -34.48 71.83 29.55
CA ILE C 25 -35.27 70.65 29.91
C ILE C 25 -34.37 69.69 30.70
N MET C 26 -34.75 69.39 31.94
CA MET C 26 -33.94 68.61 32.85
C MET C 26 -34.81 67.53 33.51
N PRO C 27 -34.65 66.25 33.13
CA PRO C 27 -35.32 65.16 33.85
C PRO C 27 -34.55 64.84 35.13
N THR C 28 -35.28 64.51 36.20
CA THR C 28 -34.70 64.17 37.51
C THR C 28 -35.20 62.79 37.95
N PHE C 29 -34.37 62.11 38.75
CA PHE C 29 -34.73 60.84 39.38
C PHE C 29 -33.78 60.53 40.54
N ASN C 30 -34.29 60.67 41.77
CA ASN C 30 -33.58 60.28 42.99
C ASN C 30 -32.21 60.99 43.06
N ASN C 31 -32.20 62.31 42.85
CA ASN C 31 -30.97 63.08 42.79
C ASN C 31 -30.61 63.59 44.18
N GLY C 32 -31.63 63.92 44.99
CA GLY C 32 -31.41 64.40 46.35
C GLY C 32 -30.87 65.83 46.37
N GLU C 33 -29.99 66.10 47.33
CA GLU C 33 -29.47 67.44 47.62
C GLU C 33 -28.45 67.87 46.57
N LYS C 34 -28.04 66.93 45.69
CA LYS C 34 -27.06 67.20 44.62
C LYS C 34 -27.69 68.11 43.55
N LEU C 35 -29.03 68.16 43.50
CA LEU C 35 -29.78 68.85 42.46
C LEU C 35 -29.66 70.37 42.65
N HIS C 36 -29.47 70.81 43.90
CA HIS C 36 -29.33 72.24 44.24
C HIS C 36 -28.30 72.88 43.32
N ARG C 37 -27.12 72.25 43.23
CA ARG C 37 -25.98 72.78 42.49
C ARG C 37 -26.38 72.97 41.02
N THR C 38 -27.06 71.96 40.45
CA THR C 38 -27.47 71.97 39.05
C THR C 38 -28.49 73.10 38.81
N ILE C 39 -29.57 73.09 39.59
CA ILE C 39 -30.64 74.07 39.41
C ILE C 39 -30.06 75.48 39.55
N SER C 40 -29.22 75.68 40.59
CA SER C 40 -28.59 76.97 40.84
C SER C 40 -27.81 77.43 39.59
N SER C 41 -27.13 76.50 38.91
CA SER C 41 -26.32 76.83 37.75
C SER C 41 -27.19 77.34 36.59
N VAL C 42 -28.45 76.87 36.52
CA VAL C 42 -29.37 77.28 35.46
C VAL C 42 -30.00 78.63 35.82
N LEU C 43 -30.36 78.82 37.10
CA LEU C 43 -31.01 80.06 37.54
C LEU C 43 -29.99 81.21 37.53
N ASN C 44 -28.70 80.91 37.65
CA ASN C 44 -27.64 81.92 37.70
C ASN C 44 -26.96 82.06 36.33
N GLN C 45 -27.75 82.46 35.33
CA GLN C 45 -27.25 82.66 33.94
C GLN C 45 -27.15 84.16 33.63
N THR C 46 -26.22 84.52 32.75
CA THR C 46 -26.03 85.90 32.28
C THR C 46 -27.21 86.33 31.40
N MET C 47 -27.95 85.37 30.85
CA MET C 47 -29.13 85.66 30.05
C MET C 47 -30.21 86.27 30.98
N LYS C 48 -30.98 87.20 30.42
CA LYS C 48 -32.13 87.81 31.09
C LYS C 48 -33.05 86.69 31.56
N SER C 49 -33.35 86.68 32.86
CA SER C 49 -34.05 85.54 33.51
C SER C 49 -35.43 85.32 32.89
N THR C 50 -36.04 86.37 32.35
CA THR C 50 -37.38 86.29 31.72
C THR C 50 -37.28 85.74 30.29
N ASP C 51 -36.07 85.55 29.78
CA ASP C 51 -35.85 85.12 28.40
C ASP C 51 -35.71 83.59 28.31
N TYR C 52 -35.61 82.89 29.45
CA TYR C 52 -35.55 81.43 29.44
C TYR C 52 -36.36 80.86 30.61
N GLU C 53 -36.58 79.54 30.54
CA GLU C 53 -37.27 78.78 31.56
C GLU C 53 -36.51 77.46 31.81
N LEU C 54 -36.62 76.96 33.04
CA LEU C 54 -36.14 75.65 33.39
C LEU C 54 -37.35 74.74 33.60
N ILE C 55 -37.52 73.76 32.72
CA ILE C 55 -38.57 72.76 32.88
C ILE C 55 -37.95 71.54 33.55
N ILE C 56 -38.44 71.19 34.74
CA ILE C 56 -37.99 70.02 35.47
C ILE C 56 -39.06 68.93 35.37
N ILE C 57 -38.66 67.73 34.90
CA ILE C 57 -39.57 66.59 34.80
C ILE C 57 -39.02 65.46 35.67
N ASP C 58 -39.65 65.21 36.81
CA ASP C 58 -39.21 64.15 37.71
C ASP C 58 -39.82 62.83 37.26
N ASP C 59 -38.98 61.81 37.12
CA ASP C 59 -39.39 60.51 36.61
C ASP C 59 -39.81 59.64 37.80
N HIS C 60 -40.76 60.15 38.59
CA HIS C 60 -41.35 59.49 39.75
C HIS C 60 -40.25 58.98 40.71
N SER C 61 -39.50 59.91 41.28
CA SER C 61 -38.50 59.60 42.31
C SER C 61 -39.17 58.84 43.45
N ASN C 62 -38.40 57.96 44.12
CA ASN C 62 -38.91 57.18 45.25
C ASN C 62 -37.91 57.24 46.40
N ASP C 63 -37.30 58.41 46.62
CA ASP C 63 -36.19 58.58 47.58
C ASP C 63 -36.70 59.26 48.87
N ASN C 64 -37.87 58.81 49.34
CA ASN C 64 -38.53 59.34 50.53
C ASN C 64 -38.69 60.85 50.37
N GLY C 65 -39.09 61.28 49.18
CA GLY C 65 -39.45 62.66 48.87
C GLY C 65 -38.28 63.64 48.92
N GLU C 66 -37.03 63.15 48.92
CA GLU C 66 -35.83 64.00 49.06
C GLU C 66 -35.68 64.90 47.81
N THR C 67 -35.74 64.28 46.62
CA THR C 67 -35.61 64.98 45.34
C THR C 67 -36.76 65.99 45.18
N LEU C 68 -37.99 65.54 45.43
CA LEU C 68 -39.16 66.41 45.30
C LEU C 68 -39.05 67.60 46.26
N ASN C 69 -38.44 67.39 47.43
CA ASN C 69 -38.26 68.45 48.45
C ASN C 69 -37.30 69.53 47.94
N VAL C 70 -36.26 69.11 47.20
CA VAL C 70 -35.28 70.04 46.64
C VAL C 70 -35.96 70.88 45.55
N ILE C 71 -36.82 70.24 44.75
CA ILE C 71 -37.47 70.90 43.62
C ILE C 71 -38.50 71.91 44.15
N LYS C 72 -39.18 71.57 45.26
CA LYS C 72 -40.23 72.41 45.88
C LYS C 72 -39.64 73.76 46.32
N LYS C 73 -38.36 73.79 46.65
CA LYS C 73 -37.67 75.01 47.11
C LYS C 73 -37.62 76.06 45.99
N TYR C 74 -37.82 75.65 44.73
CA TYR C 74 -37.80 76.57 43.60
C TYR C 74 -39.20 76.75 42.98
N LYS C 75 -40.25 76.38 43.71
CA LYS C 75 -41.63 76.64 43.26
C LYS C 75 -41.75 78.13 42.93
N GLY C 76 -42.29 78.42 41.74
CA GLY C 76 -42.44 79.78 41.23
C GLY C 76 -41.35 80.17 40.24
N LEU C 77 -40.16 79.53 40.35
CA LEU C 77 -39.00 79.92 39.56
C LEU C 77 -38.71 78.92 38.45
N VAL C 78 -39.43 77.80 38.42
CA VAL C 78 -39.25 76.75 37.42
C VAL C 78 -40.62 76.15 37.12
N ARG C 79 -40.78 75.60 35.91
CA ARG C 79 -41.94 74.80 35.59
C ARG C 79 -41.59 73.36 35.97
N PHE C 80 -42.60 72.60 36.41
CA PHE C 80 -42.37 71.28 36.96
C PHE C 80 -43.56 70.35 36.69
N LYS C 81 -43.27 69.12 36.27
CA LYS C 81 -44.25 68.05 36.13
C LYS C 81 -43.63 66.79 36.73
N GLN C 82 -44.45 65.97 37.42
CA GLN C 82 -44.02 64.66 37.91
C GLN C 82 -44.75 63.56 37.15
N LEU C 83 -44.00 62.56 36.67
CA LEU C 83 -44.59 61.42 36.01
C LEU C 83 -45.16 60.47 37.07
N LYS C 84 -46.21 59.74 36.71
CA LYS C 84 -46.96 58.87 37.62
C LYS C 84 -46.13 57.61 37.92
N LYS C 85 -45.47 57.06 36.90
CA LYS C 85 -44.60 55.88 37.01
C LYS C 85 -43.21 56.24 36.46
N ASN C 86 -42.16 55.64 37.04
CA ASN C 86 -40.78 55.84 36.57
C ASN C 86 -40.59 55.15 35.22
N SER C 87 -40.16 55.92 34.20
CA SER C 87 -40.02 55.45 32.83
C SER C 87 -38.75 54.61 32.67
N GLY C 88 -37.73 54.86 33.51
CA GLY C 88 -36.50 54.06 33.53
C GLY C 88 -35.31 54.74 32.90
N ASN C 89 -35.55 55.57 31.86
CA ASN C 89 -34.53 56.38 31.21
C ASN C 89 -35.06 57.83 31.13
N ALA C 90 -34.35 58.68 30.36
CA ALA C 90 -34.65 60.11 30.25
C ALA C 90 -35.53 60.40 29.03
N SER C 91 -35.88 59.39 28.24
CA SER C 91 -36.61 59.59 27.00
C SER C 91 -37.99 60.22 27.28
N VAL C 92 -38.84 59.52 28.04
CA VAL C 92 -40.22 60.01 28.28
C VAL C 92 -40.16 61.38 28.96
N PRO C 93 -39.38 61.56 30.05
CA PRO C 93 -39.24 62.88 30.67
C PRO C 93 -38.86 64.00 29.69
N ARG C 94 -37.88 63.74 28.83
CA ARG C 94 -37.40 64.75 27.87
C ARG C 94 -38.50 65.05 26.84
N ASN C 95 -39.24 64.00 26.43
CA ASN C 95 -40.34 64.15 25.49
C ASN C 95 -41.44 65.03 26.11
N THR C 96 -41.65 64.88 27.41
CA THR C 96 -42.65 65.64 28.16
C THR C 96 -42.23 67.12 28.19
N GLY C 97 -40.95 67.36 28.45
CA GLY C 97 -40.38 68.70 28.45
C GLY C 97 -40.54 69.38 27.10
N LEU C 98 -40.38 68.63 26.01
CA LEU C 98 -40.47 69.16 24.65
C LEU C 98 -41.91 69.61 24.36
N LYS C 99 -42.90 68.82 24.81
CA LYS C 99 -44.31 69.16 24.63
C LYS C 99 -44.64 70.42 25.43
N MET C 100 -43.91 70.67 26.51
CA MET C 100 -44.17 71.79 27.43
C MET C 100 -43.50 73.07 26.92
N SER C 101 -42.45 72.96 26.10
CA SER C 101 -41.68 74.12 25.66
C SER C 101 -42.30 74.73 24.40
N LYS C 102 -42.37 76.07 24.36
CA LYS C 102 -42.78 76.81 23.17
C LYS C 102 -41.66 77.81 22.79
N ALA C 103 -40.43 77.54 23.24
CA ALA C 103 -39.28 78.45 23.07
C ALA C 103 -38.66 78.26 21.68
N GLU C 104 -37.70 79.14 21.35
CA GLU C 104 -37.02 79.13 20.05
C GLU C 104 -36.04 77.96 20.00
N TYR C 105 -35.25 77.81 21.08
CA TYR C 105 -34.34 76.71 21.27
C TYR C 105 -34.66 75.97 22.57
N VAL C 106 -34.31 74.68 22.61
CA VAL C 106 -34.30 73.90 23.84
C VAL C 106 -32.85 73.49 24.15
N PHE C 107 -32.57 73.30 25.44
CA PHE C 107 -31.29 72.83 25.88
C PHE C 107 -31.51 71.70 26.89
N PHE C 108 -31.06 70.50 26.55
CA PHE C 108 -31.20 69.35 27.45
C PHE C 108 -30.04 69.36 28.44
N LEU C 109 -30.39 69.25 29.74
CA LEU C 109 -29.46 69.25 30.83
C LEU C 109 -29.76 68.04 31.70
N ASP C 110 -28.72 67.26 32.02
CA ASP C 110 -28.82 66.13 32.93
C ASP C 110 -28.76 66.66 34.37
N SER C 111 -29.35 65.91 35.29
CA SER C 111 -29.68 66.39 36.63
C SER C 111 -28.43 66.56 37.50
N ASP C 112 -27.34 65.87 37.19
CA ASP C 112 -26.15 65.97 38.04
C ASP C 112 -25.15 67.01 37.49
N ASP C 113 -25.40 67.52 36.28
CA ASP C 113 -24.42 68.31 35.52
C ASP C 113 -24.60 69.80 35.87
N LEU C 114 -23.71 70.66 35.35
CA LEU C 114 -23.71 72.12 35.62
C LEU C 114 -23.59 72.91 34.32
N LEU C 115 -24.25 74.08 34.26
CA LEU C 115 -24.05 75.05 33.18
C LEU C 115 -23.15 76.19 33.69
N HIS C 116 -22.28 76.66 32.79
CA HIS C 116 -21.50 77.87 33.01
C HIS C 116 -22.44 79.07 33.02
N GLU C 117 -22.06 80.11 33.76
CA GLU C 117 -22.89 81.32 33.95
C GLU C 117 -23.30 81.90 32.59
N ARG C 118 -22.36 81.90 31.63
CA ARG C 118 -22.63 82.46 30.28
C ARG C 118 -22.76 81.33 29.26
N ALA C 119 -23.70 80.41 29.47
CA ALA C 119 -23.89 79.30 28.56
C ALA C 119 -25.07 79.59 27.63
N LEU C 120 -26.24 79.88 28.20
CA LEU C 120 -27.42 80.16 27.41
C LEU C 120 -27.21 81.41 26.54
N GLU C 121 -26.70 82.49 27.15
CA GLU C 121 -26.50 83.75 26.42
C GLU C 121 -25.54 83.53 25.24
N ASP C 122 -24.34 83.00 25.52
CA ASP C 122 -23.29 82.87 24.50
C ASP C 122 -23.73 81.92 23.38
N LEU C 123 -24.35 80.80 23.75
CA LEU C 123 -24.76 79.78 22.78
C LEU C 123 -25.93 80.30 21.94
N TYR C 124 -26.90 80.96 22.58
CA TYR C 124 -28.06 81.51 21.86
C TYR C 124 -27.62 82.61 20.89
N ASN C 125 -26.74 83.50 21.35
CA ASN C 125 -26.26 84.63 20.55
C ASN C 125 -25.50 84.11 19.32
N TYR C 126 -24.60 83.15 19.53
CA TYR C 126 -23.83 82.56 18.45
C TYR C 126 -24.78 81.89 17.46
N GLY C 127 -25.79 81.21 17.99
CA GLY C 127 -26.75 80.49 17.19
C GLY C 127 -27.57 81.43 16.34
N LYS C 128 -28.03 82.52 16.94
CA LYS C 128 -28.91 83.49 16.31
C LYS C 128 -28.14 84.22 15.21
N GLU C 129 -26.86 84.51 15.47
CA GLU C 129 -26.02 85.29 14.56
C GLU C 129 -25.58 84.43 13.37
N ASN C 130 -25.69 83.10 13.48
CA ASN C 130 -25.27 82.19 12.42
C ASN C 130 -26.45 81.33 11.92
N ASN C 131 -27.68 81.69 12.32
CA ASN C 131 -28.90 81.00 11.91
C ASN C 131 -28.77 79.49 12.18
N SER C 132 -28.20 79.16 13.35
CA SER C 132 -27.84 77.79 13.72
C SER C 132 -29.08 76.99 14.14
N ASP C 133 -29.15 75.76 13.63
CA ASP C 133 -30.16 74.79 14.00
C ASP C 133 -29.68 74.07 15.28
N LEU C 134 -28.35 74.01 15.46
CA LEU C 134 -27.72 73.32 16.56
C LEU C 134 -26.48 74.10 17.01
N ILE C 135 -26.35 74.34 18.32
CA ILE C 135 -25.13 74.93 18.86
C ILE C 135 -24.58 74.01 19.93
N ILE C 136 -23.28 73.71 19.83
CA ILE C 136 -22.59 72.80 20.73
C ILE C 136 -21.55 73.60 21.53
N GLY C 137 -21.75 73.65 22.84
CA GLY C 137 -20.81 74.30 23.75
C GLY C 137 -19.78 73.31 24.25
N LYS C 138 -18.54 73.77 24.40
CA LYS C 138 -17.43 72.94 24.85
C LYS C 138 -17.78 72.30 26.19
N TYR C 139 -17.51 71.00 26.30
CA TYR C 139 -17.79 70.22 27.49
C TYR C 139 -16.57 70.25 28.41
N GLY C 140 -16.84 70.32 29.71
CA GLY C 140 -15.88 70.03 30.76
C GLY C 140 -16.34 68.83 31.56
N VAL C 141 -15.46 68.31 32.41
CA VAL C 141 -15.75 67.12 33.17
C VAL C 141 -15.11 67.23 34.55
N GLU C 142 -15.85 66.73 35.55
CA GLU C 142 -15.45 66.70 36.95
C GLU C 142 -15.57 65.24 37.41
N GLY C 143 -14.44 64.60 37.70
CA GLY C 143 -14.44 63.25 38.30
C GLY C 143 -14.09 62.18 37.29
N LYS C 144 -13.63 61.02 37.79
CA LYS C 144 -13.32 59.86 36.95
C LYS C 144 -14.64 59.21 36.52
N GLY C 145 -14.68 58.67 35.31
CA GLY C 145 -15.89 58.04 34.76
C GLY C 145 -15.97 58.25 33.26
N ARG C 146 -17.17 58.57 32.76
CA ARG C 146 -17.39 58.95 31.36
C ARG C 146 -16.42 60.09 31.01
N SER C 147 -15.73 59.99 29.86
CA SER C 147 -14.97 61.09 29.28
C SER C 147 -15.90 61.89 28.34
N VAL C 148 -15.45 63.09 27.94
CA VAL C 148 -16.26 63.96 27.09
C VAL C 148 -15.54 64.17 25.75
N PRO C 149 -16.26 64.50 24.67
CA PRO C 149 -15.65 64.84 23.39
C PRO C 149 -14.61 65.97 23.53
N LYS C 150 -13.55 65.89 22.74
CA LYS C 150 -12.44 66.84 22.76
C LYS C 150 -12.16 67.34 21.33
N ALA C 151 -12.14 66.43 20.35
CA ALA C 151 -11.72 66.74 18.98
C ALA C 151 -12.63 67.81 18.35
N ILE C 152 -13.95 67.73 18.60
CA ILE C 152 -14.92 68.67 18.03
C ILE C 152 -14.55 70.12 18.40
N PHE C 153 -13.86 70.33 19.53
CA PHE C 153 -13.59 71.67 20.05
C PHE C 153 -12.14 72.11 19.80
N GLU C 154 -11.37 71.35 19.02
CA GLU C 154 -9.91 71.56 18.89
C GLU C 154 -9.62 72.67 17.86
N LYS C 155 -10.63 73.11 17.10
CA LYS C 155 -10.44 74.11 16.05
C LYS C 155 -11.05 75.46 16.47
N GLY C 156 -11.38 75.58 17.76
CA GLY C 156 -12.04 76.77 18.28
C GLY C 156 -13.46 76.88 17.75
N ASN C 157 -13.95 78.12 17.67
CA ASN C 157 -15.33 78.37 17.29
C ASN C 157 -15.51 78.13 15.79
N VAL C 158 -16.63 77.49 15.45
CA VAL C 158 -17.00 77.17 14.08
C VAL C 158 -18.47 77.57 13.87
N ALA C 159 -18.70 78.52 12.95
CA ALA C 159 -20.02 79.09 12.71
C ALA C 159 -20.90 78.14 11.89
N LYS C 160 -20.32 77.57 10.83
CA LYS C 160 -20.98 76.58 9.96
C LYS C 160 -20.12 75.31 9.96
N ALA C 161 -20.36 74.43 10.94
CA ALA C 161 -19.58 73.21 11.11
C ALA C 161 -20.06 72.14 10.13
N ASP C 162 -19.18 71.17 9.90
CA ASP C 162 -19.43 70.03 9.03
C ASP C 162 -19.29 68.76 9.89
N ILE C 163 -20.20 67.80 9.66
CA ILE C 163 -20.27 66.60 10.48
C ILE C 163 -18.91 65.88 10.49
N ILE C 164 -18.36 65.64 9.31
CA ILE C 164 -17.17 64.82 9.16
C ILE C 164 -15.95 65.61 9.64
N ASP C 165 -15.75 66.82 9.09
CA ASP C 165 -14.54 67.59 9.34
C ASP C 165 -14.48 68.08 10.79
N ASN C 166 -15.61 68.18 11.50
CA ASN C 166 -15.63 68.73 12.87
C ASN C 166 -16.00 67.66 13.90
N SER C 167 -15.95 66.38 13.51
CA SER C 167 -16.02 65.26 14.44
C SER C 167 -17.35 65.25 15.23
N ILE C 168 -18.45 65.58 14.57
CA ILE C 168 -19.72 65.73 15.25
C ILE C 168 -20.30 64.36 15.61
N PHE C 169 -19.95 63.31 14.86
CA PHE C 169 -20.45 61.96 15.19
C PHE C 169 -19.75 61.43 16.45
N TYR C 170 -18.72 62.13 16.92
CA TYR C 170 -18.08 61.83 18.21
C TYR C 170 -18.61 62.72 19.34
N ALA C 171 -19.72 63.43 19.09
CA ALA C 171 -20.37 64.25 20.12
C ALA C 171 -21.89 64.23 19.90
N LEU C 172 -22.51 63.06 20.08
CA LEU C 172 -23.91 62.87 19.72
C LEU C 172 -24.83 62.91 20.95
N SER C 173 -24.32 63.40 22.09
CA SER C 173 -25.19 63.63 23.26
C SER C 173 -26.21 64.71 22.90
N VAL C 174 -27.30 64.78 23.67
CA VAL C 174 -28.30 65.82 23.44
C VAL C 174 -28.03 67.01 24.37
N LEU C 175 -26.83 67.09 24.95
CA LEU C 175 -26.49 68.14 25.89
C LEU C 175 -26.01 69.37 25.10
N LYS C 176 -26.93 69.90 24.30
CA LYS C 176 -26.67 70.95 23.32
C LYS C 176 -27.93 71.81 23.17
N MET C 177 -27.81 72.89 22.40
CA MET C 177 -28.91 73.78 22.12
C MET C 177 -29.48 73.44 20.73
N PHE C 178 -30.76 73.05 20.69
CA PHE C 178 -31.44 72.62 19.47
C PHE C 178 -32.59 73.60 19.13
N LYS C 179 -32.71 73.95 17.84
CA LYS C 179 -33.81 74.79 17.35
C LYS C 179 -35.11 73.97 17.40
N LYS C 180 -36.10 74.46 18.16
CA LYS C 180 -37.32 73.70 18.46
C LYS C 180 -38.12 73.49 17.16
N SER C 181 -38.07 74.45 16.24
CA SER C 181 -38.85 74.37 14.99
C SER C 181 -38.47 73.11 14.19
N VAL C 182 -37.18 72.76 14.21
CA VAL C 182 -36.68 71.60 13.50
C VAL C 182 -37.29 70.34 14.12
N ILE C 183 -37.28 70.29 15.46
CA ILE C 183 -37.83 69.19 16.23
C ILE C 183 -39.35 69.08 15.94
N ASP C 184 -40.02 70.23 15.92
CA ASP C 184 -41.47 70.30 15.74
C ASP C 184 -41.85 69.91 14.31
N LYS C 185 -41.23 70.56 13.32
CA LYS C 185 -41.56 70.35 11.91
C LYS C 185 -41.34 68.88 11.52
N ASN C 186 -40.31 68.24 12.08
CA ASN C 186 -39.92 66.88 11.70
C ASN C 186 -40.43 65.85 12.72
N LYS C 187 -41.16 66.30 13.75
CA LYS C 187 -41.78 65.42 14.75
C LYS C 187 -40.72 64.47 15.35
N ILE C 188 -39.61 65.03 15.82
CA ILE C 188 -38.50 64.28 16.40
C ILE C 188 -38.77 64.09 17.90
N LYS C 189 -38.91 62.83 18.31
CA LYS C 189 -39.14 62.46 19.71
C LYS C 189 -38.02 61.48 20.12
N PHE C 190 -37.74 61.40 21.41
CA PHE C 190 -36.84 60.37 21.91
C PHE C 190 -37.59 59.03 21.85
N LYS C 191 -36.96 58.01 21.28
CA LYS C 191 -37.55 56.67 21.23
C LYS C 191 -37.29 55.99 22.57
N THR C 192 -38.06 54.93 22.85
CA THR C 192 -38.01 54.24 24.15
C THR C 192 -37.85 52.72 23.99
N PHE C 193 -37.43 52.27 22.82
CA PHE C 193 -37.31 50.82 22.53
C PHE C 193 -36.03 50.27 23.15
N SER C 194 -35.10 51.15 23.55
CA SER C 194 -33.79 50.78 24.07
C SER C 194 -33.47 51.66 25.29
N LYS C 195 -32.57 51.15 26.15
CA LYS C 195 -32.09 51.81 27.36
C LYS C 195 -30.92 52.74 27.01
N THR C 196 -30.24 52.44 25.89
CA THR C 196 -29.04 53.16 25.48
C THR C 196 -29.15 53.61 24.01
N ALA C 197 -28.34 54.61 23.68
CA ALA C 197 -28.15 55.11 22.32
C ALA C 197 -29.40 55.83 21.79
N GLU C 198 -30.34 56.19 22.68
CA GLU C 198 -31.57 56.85 22.26
C GLU C 198 -31.29 58.34 22.04
N ASP C 199 -30.29 58.87 22.77
CA ASP C 199 -29.86 60.25 22.66
C ASP C 199 -29.09 60.44 21.34
N GLN C 200 -28.30 59.44 20.97
CA GLN C 200 -27.59 59.43 19.70
C GLN C 200 -28.58 59.48 18.54
N LEU C 201 -29.60 58.64 18.60
CA LEU C 201 -30.59 58.57 17.53
C LEU C 201 -31.27 59.93 17.39
N PHE C 202 -31.51 60.59 18.52
CA PHE C 202 -32.19 61.87 18.51
C PHE C 202 -31.32 62.91 17.79
N THR C 203 -30.06 63.01 18.20
CA THR C 203 -29.13 63.96 17.62
C THR C 203 -28.92 63.66 16.13
N ILE C 204 -28.82 62.38 15.78
CA ILE C 204 -28.64 61.97 14.39
C ILE C 204 -29.87 62.39 13.59
N GLU C 205 -31.06 62.11 14.10
CA GLU C 205 -32.30 62.50 13.43
C GLU C 205 -32.31 64.02 13.20
N PHE C 206 -31.84 64.77 14.19
CA PHE C 206 -31.80 66.21 14.11
C PHE C 206 -30.79 66.68 13.05
N LEU C 207 -29.58 66.13 13.11
CA LEU C 207 -28.49 66.49 12.21
C LEU C 207 -28.89 66.22 10.76
N MET C 208 -29.60 65.10 10.53
CA MET C 208 -29.99 64.68 9.19
C MET C 208 -31.21 65.49 8.68
N ASN C 209 -31.78 66.35 9.53
CA ASN C 209 -32.93 67.17 9.15
C ASN C 209 -32.63 68.66 9.32
N SER C 210 -31.34 69.03 9.33
CA SER C 210 -30.91 70.43 9.48
C SER C 210 -29.53 70.61 8.84
N LYS C 211 -29.12 71.85 8.62
CA LYS C 211 -27.88 72.15 7.86
C LYS C 211 -26.88 72.94 8.71
N ASN C 212 -27.38 73.83 9.57
CA ASN C 212 -26.55 74.82 10.23
C ASN C 212 -26.20 74.39 11.66
N TYR C 213 -24.93 74.00 11.85
CA TYR C 213 -24.41 73.57 13.16
C TYR C 213 -23.24 74.47 13.53
N SER C 214 -23.23 74.98 14.77
CA SER C 214 -22.16 75.85 15.21
C SER C 214 -21.55 75.29 16.50
N ILE C 215 -20.27 75.58 16.70
CA ILE C 215 -19.48 75.09 17.81
C ILE C 215 -18.86 76.30 18.51
N LYS C 216 -19.08 76.42 19.83
CA LYS C 216 -18.59 77.54 20.63
C LYS C 216 -17.72 76.98 21.77
N THR C 217 -16.51 77.55 21.93
CA THR C 217 -15.48 76.92 22.78
C THR C 217 -14.79 77.90 23.73
N ASP C 218 -15.37 79.11 23.92
CA ASP C 218 -14.71 80.16 24.71
C ASP C 218 -14.56 79.70 26.17
N TYR C 219 -15.56 79.00 26.69
CA TYR C 219 -15.56 78.46 28.05
C TYR C 219 -15.99 76.99 28.02
N GLU C 220 -15.78 76.27 29.12
CA GLU C 220 -16.41 74.98 29.33
C GLU C 220 -17.87 75.25 29.74
N TYR C 221 -18.75 75.34 28.74
CA TYR C 221 -20.11 75.80 28.93
C TYR C 221 -20.96 74.76 29.68
N TYR C 222 -20.72 73.47 29.40
CA TYR C 222 -21.43 72.37 30.04
C TYR C 222 -20.41 71.49 30.75
N ILE C 223 -20.60 71.27 32.07
CA ILE C 223 -19.71 70.42 32.85
C ILE C 223 -20.46 69.12 33.16
N VAL C 224 -19.97 68.01 32.61
CA VAL C 224 -20.44 66.68 32.97
C VAL C 224 -19.83 66.33 34.33
N VAL C 225 -20.69 66.02 35.31
CA VAL C 225 -20.26 65.62 36.64
C VAL C 225 -20.47 64.11 36.78
N ASN C 226 -19.38 63.38 37.08
CA ASN C 226 -19.40 61.94 37.36
C ASN C 226 -19.53 61.74 38.88
N ASP C 227 -20.41 60.82 39.31
CA ASP C 227 -20.78 60.66 40.74
C ASP C 227 -20.68 59.19 41.11
N SER C 239 -28.56 43.49 26.79
CA SER C 239 -27.70 42.38 27.28
C SER C 239 -27.40 41.41 26.14
N THR C 240 -28.43 40.98 25.39
CA THR C 240 -28.29 40.20 24.14
C THR C 240 -28.25 41.15 22.93
N GLY C 241 -28.67 42.41 23.12
CA GLY C 241 -28.47 43.49 22.15
C GLY C 241 -29.61 43.64 21.15
N ASN C 242 -30.69 42.90 21.35
CA ASN C 242 -31.83 42.98 20.45
C ASN C 242 -32.33 44.44 20.36
N GLN C 243 -32.46 45.12 21.51
CA GLN C 243 -33.00 46.49 21.56
C GLN C 243 -31.92 47.50 21.15
N TYR C 244 -30.68 47.25 21.56
CA TYR C 244 -29.58 48.15 21.26
C TYR C 244 -29.38 48.27 19.74
N PHE C 245 -29.34 47.12 19.05
CA PHE C 245 -29.03 47.12 17.63
C PHE C 245 -30.24 47.60 16.82
N ALA C 246 -31.45 47.51 17.39
CA ALA C 246 -32.63 48.09 16.79
C ALA C 246 -32.47 49.63 16.70
N THR C 247 -31.83 50.20 17.71
CA THR C 247 -31.60 51.63 17.78
C THR C 247 -30.49 52.03 16.78
N ILE C 248 -29.44 51.21 16.69
CA ILE C 248 -28.36 51.45 15.76
C ILE C 248 -28.92 51.39 14.34
N ASN C 249 -29.85 50.46 14.11
CA ASN C 249 -30.49 50.33 12.84
C ASN C 249 -31.22 51.63 12.48
N GLU C 250 -31.89 52.24 13.47
CA GLU C 250 -32.63 53.49 13.26
C GLU C 250 -31.67 54.63 12.88
N ILE C 251 -30.45 54.60 13.42
CA ILE C 251 -29.46 55.62 13.14
C ILE C 251 -29.07 55.56 11.65
N TYR C 252 -28.79 54.35 11.16
CA TYR C 252 -28.43 54.18 9.77
C TYR C 252 -29.61 54.56 8.87
N LYS C 253 -30.83 54.16 9.27
CA LYS C 253 -32.04 54.52 8.52
C LYS C 253 -32.16 56.06 8.40
N ALA C 254 -31.81 56.77 9.47
CA ALA C 254 -31.94 58.22 9.50
C ALA C 254 -30.98 58.88 8.48
N ILE C 255 -29.77 58.33 8.41
CA ILE C 255 -28.76 58.82 7.52
C ILE C 255 -29.20 58.60 6.07
N TYR C 256 -29.68 57.39 5.77
CA TYR C 256 -29.97 57.01 4.40
C TYR C 256 -31.31 57.58 3.92
N LYS C 257 -32.12 58.16 4.82
CA LYS C 257 -33.39 58.81 4.44
C LYS C 257 -33.27 60.34 4.59
N SER C 258 -32.06 60.84 4.82
CA SER C 258 -31.86 62.27 5.11
C SER C 258 -32.33 63.12 3.94
N PRO C 259 -33.27 64.07 4.16
CA PRO C 259 -33.67 65.02 3.12
C PRO C 259 -32.65 66.15 2.91
N ILE C 260 -31.70 66.29 3.83
CA ILE C 260 -30.62 67.29 3.71
C ILE C 260 -29.46 66.69 2.92
N TYR C 261 -28.98 65.52 3.36
CA TYR C 261 -27.88 64.82 2.69
C TYR C 261 -28.48 63.79 1.73
N LYS C 262 -28.84 64.26 0.55
CA LYS C 262 -29.64 63.50 -0.42
C LYS C 262 -28.71 62.66 -1.29
N ASN C 263 -27.47 63.11 -1.49
CA ASN C 263 -26.51 62.42 -2.35
C ASN C 263 -26.11 61.08 -1.71
N GLN C 264 -26.30 60.01 -2.48
CA GLN C 264 -26.10 58.66 -1.98
C GLN C 264 -24.64 58.46 -1.53
N GLU C 265 -23.69 59.07 -2.24
CA GLU C 265 -22.29 58.89 -1.85
C GLU C 265 -22.03 59.61 -0.53
N LYS C 266 -22.71 60.73 -0.29
CA LYS C 266 -22.56 61.46 0.95
C LYS C 266 -23.12 60.63 2.11
N ARG C 267 -24.23 59.94 1.85
CA ARG C 267 -24.84 59.06 2.82
C ARG C 267 -23.88 57.91 3.17
N HIS C 268 -23.22 57.34 2.15
CA HIS C 268 -22.24 56.29 2.39
C HIS C 268 -21.12 56.81 3.31
N GLN C 269 -20.71 58.07 3.12
CA GLN C 269 -19.60 58.65 3.85
C GLN C 269 -20.00 58.84 5.32
N LEU C 270 -21.23 59.34 5.52
CA LEU C 270 -21.77 59.56 6.84
C LEU C 270 -21.94 58.21 7.55
N ALA C 271 -22.53 57.25 6.85
CA ALA C 271 -22.75 55.92 7.40
C ALA C 271 -21.41 55.30 7.79
N GLY C 272 -20.39 55.45 6.94
CA GLY C 272 -19.08 54.89 7.21
C GLY C 272 -18.45 55.53 8.44
N LYS C 273 -18.67 56.83 8.60
CA LYS C 273 -18.09 57.55 9.70
C LYS C 273 -18.81 57.13 11.00
N TYR C 274 -20.12 56.89 10.92
CA TYR C 274 -20.84 56.43 12.11
C TYR C 274 -20.34 55.03 12.50
N THR C 275 -20.17 54.15 11.51
CA THR C 275 -19.64 52.82 11.73
C THR C 275 -18.30 52.90 12.47
N THR C 276 -17.44 53.85 12.06
CA THR C 276 -16.16 54.03 12.69
C THR C 276 -16.35 54.38 14.17
N ARG C 277 -17.26 55.32 14.44
CA ARG C 277 -17.53 55.78 15.84
C ARG C 277 -18.08 54.62 16.67
N LEU C 278 -18.91 53.77 16.04
CA LEU C 278 -19.53 52.62 16.70
C LEU C 278 -18.45 51.61 17.09
N LEU C 279 -17.46 51.41 16.21
CA LEU C 279 -16.39 50.46 16.47
C LEU C 279 -15.38 51.02 17.49
N ARG C 280 -15.30 52.36 17.58
CA ARG C 280 -14.37 53.03 18.47
C ARG C 280 -14.96 53.20 19.88
N HIS C 281 -16.29 53.40 19.99
CA HIS C 281 -16.89 53.81 21.26
C HIS C 281 -18.21 53.08 21.55
N GLY C 282 -18.57 52.07 20.75
CA GLY C 282 -19.84 51.38 20.91
C GLY C 282 -19.94 50.63 22.23
N GLN C 283 -21.16 50.31 22.61
CA GLN C 283 -21.45 49.45 23.75
C GLN C 283 -20.82 48.07 23.50
N LYS C 284 -20.15 47.55 24.52
CA LYS C 284 -19.56 46.21 24.52
C LYS C 284 -18.67 46.04 23.28
N LYS C 285 -17.82 47.03 23.01
CA LYS C 285 -17.02 47.00 21.79
C LYS C 285 -16.07 45.80 21.82
N ASN C 286 -15.65 45.37 23.01
CA ASN C 286 -14.68 44.29 23.14
C ASN C 286 -15.34 43.01 23.64
N PHE C 287 -16.58 42.76 23.21
CA PHE C 287 -17.35 41.63 23.67
C PHE C 287 -16.67 40.30 23.28
N ALA C 288 -15.95 40.29 22.16
CA ALA C 288 -15.55 39.02 21.53
C ALA C 288 -14.53 38.27 22.39
N ASN C 289 -13.62 38.99 23.05
CA ASN C 289 -12.59 38.36 23.89
C ASN C 289 -12.95 38.48 25.37
N SER C 290 -14.21 38.79 25.68
CA SER C 290 -14.65 39.08 27.05
C SER C 290 -15.08 37.79 27.77
N LYS C 291 -15.47 37.93 29.04
CA LYS C 291 -15.86 36.83 29.92
C LYS C 291 -17.32 36.44 29.68
N MET C 292 -17.97 37.12 28.72
CA MET C 292 -19.31 36.82 28.27
C MET C 292 -19.42 35.34 27.91
N LYS C 293 -20.57 34.73 28.22
CA LYS C 293 -20.83 33.32 27.85
C LYS C 293 -20.88 33.23 26.32
N TYR C 294 -20.40 32.12 25.77
CA TYR C 294 -20.28 31.93 24.34
C TYR C 294 -21.63 32.15 23.65
N GLU C 295 -22.70 31.57 24.20
CA GLU C 295 -24.03 31.64 23.56
C GLU C 295 -24.48 33.11 23.48
N ASP C 296 -24.10 33.91 24.47
CA ASP C 296 -24.42 35.33 24.53
C ASP C 296 -23.63 36.09 23.47
N LYS C 297 -22.35 35.75 23.30
CA LYS C 297 -21.49 36.35 22.29
C LYS C 297 -22.10 36.12 20.91
N ILE C 298 -22.54 34.89 20.64
CA ILE C 298 -23.10 34.52 19.36
C ILE C 298 -24.37 35.35 19.07
N GLU C 299 -25.25 35.48 20.08
CA GLU C 299 -26.52 36.20 19.92
C GLU C 299 -26.24 37.70 19.71
N TRP C 300 -25.25 38.23 20.44
CA TRP C 300 -24.87 39.62 20.34
C TRP C 300 -24.34 39.92 18.92
N LEU C 301 -23.40 39.08 18.47
CA LEU C 301 -22.77 39.26 17.17
C LEU C 301 -23.81 39.05 16.06
N ASN C 302 -24.78 38.18 16.30
CA ASN C 302 -25.81 37.90 15.33
C ASN C 302 -26.65 39.17 15.11
N ASN C 303 -26.98 39.87 16.19
CA ASN C 303 -27.74 41.12 16.10
C ASN C 303 -26.90 42.22 15.42
N PHE C 304 -25.62 42.26 15.78
CA PHE C 304 -24.67 43.26 15.22
C PHE C 304 -24.50 43.00 13.72
N SER C 305 -24.45 41.73 13.32
CA SER C 305 -24.26 41.35 11.94
C SER C 305 -25.51 41.68 11.11
N LYS C 306 -26.67 41.25 11.62
CA LYS C 306 -27.97 41.49 10.97
C LYS C 306 -28.15 42.99 10.69
N THR C 307 -27.72 43.83 11.65
CA THR C 307 -27.93 45.28 11.56
C THR C 307 -26.95 45.89 10.56
N ILE C 308 -25.68 45.53 10.64
CA ILE C 308 -24.65 46.13 9.79
C ILE C 308 -24.82 45.64 8.34
N ASN C 309 -25.48 44.49 8.13
CA ASN C 309 -25.64 43.94 6.79
C ASN C 309 -26.81 44.60 6.07
N LYS C 310 -27.56 45.47 6.76
CA LYS C 310 -28.56 46.34 6.14
C LYS C 310 -27.93 47.65 5.69
N VAL C 311 -26.65 47.86 6.04
CA VAL C 311 -25.92 49.04 5.62
C VAL C 311 -25.17 48.69 4.34
N PRO C 312 -25.31 49.51 3.27
CA PRO C 312 -24.56 49.29 2.05
C PRO C 312 -23.05 49.14 2.28
N ARG C 313 -22.43 48.21 1.54
CA ARG C 313 -20.99 47.97 1.59
C ARG C 313 -20.25 49.17 1.01
N ASP C 314 -20.93 50.00 0.22
CA ASP C 314 -20.35 51.22 -0.34
C ASP C 314 -19.87 52.16 0.77
N SER C 315 -20.41 52.02 1.98
CA SER C 315 -20.00 52.85 3.12
C SER C 315 -18.66 52.38 3.70
N ASP C 316 -18.32 51.10 3.48
CA ASP C 316 -17.18 50.48 4.14
C ASP C 316 -15.88 51.23 3.81
N LYS C 317 -15.77 51.72 2.57
CA LYS C 317 -14.55 52.40 2.13
C LYS C 317 -14.31 53.69 2.94
N TYR C 318 -15.35 54.22 3.60
CA TYR C 318 -15.26 55.46 4.39
C TYR C 318 -15.01 55.18 5.87
N VAL C 319 -14.89 53.89 6.23
CA VAL C 319 -14.53 53.48 7.58
C VAL C 319 -13.02 53.57 7.71
N THR C 320 -12.52 53.99 8.87
CA THR C 320 -11.09 54.07 9.12
C THR C 320 -10.49 52.67 8.94
N GLN C 321 -9.38 52.56 8.21
CA GLN C 321 -8.98 51.26 7.67
C GLN C 321 -8.46 50.31 8.77
N ILE C 322 -8.05 50.81 9.94
CA ILE C 322 -7.65 49.89 11.03
C ILE C 322 -8.79 48.92 11.35
N PHE C 323 -10.03 49.35 11.14
CA PHE C 323 -11.22 48.56 11.46
C PHE C 323 -11.72 47.75 10.27
N ASN C 324 -10.94 47.67 9.19
CA ASN C 324 -11.41 47.04 7.95
C ASN C 324 -11.76 45.56 8.22
N LEU C 325 -10.91 44.89 9.00
CA LEU C 325 -11.03 43.46 9.30
C LEU C 325 -12.17 43.20 10.29
N LYS C 326 -12.24 43.99 11.36
CA LYS C 326 -13.28 43.83 12.36
C LYS C 326 -14.66 43.99 11.69
N LEU C 327 -14.79 45.00 10.82
CA LEU C 327 -16.05 45.26 10.15
C LEU C 327 -16.43 44.07 9.27
N GLU C 328 -15.47 43.52 8.54
CA GLU C 328 -15.76 42.41 7.62
C GLU C 328 -16.14 41.17 8.44
N ALA C 329 -15.45 40.98 9.56
CA ALA C 329 -15.72 39.88 10.47
C ALA C 329 -17.17 39.94 10.97
N ILE C 330 -17.63 41.15 11.32
CA ILE C 330 -19.00 41.34 11.81
C ILE C 330 -19.99 41.07 10.68
N ARG C 331 -19.67 41.56 9.49
CA ARG C 331 -20.52 41.33 8.32
C ARG C 331 -20.67 39.84 8.05
N GLN C 332 -19.56 39.10 8.21
CA GLN C 332 -19.50 37.65 7.97
C GLN C 332 -20.06 36.86 9.16
N ASN C 333 -20.32 37.52 10.28
CA ASN C 333 -20.91 36.91 11.47
C ASN C 333 -19.99 35.81 12.00
N ASP C 334 -18.67 36.06 11.97
CA ASP C 334 -17.63 35.08 12.33
C ASP C 334 -17.02 35.51 13.67
N LEU C 335 -17.38 34.81 14.76
CA LEU C 335 -16.92 35.18 16.08
C LEU C 335 -15.39 35.10 16.17
N LEU C 336 -14.81 34.00 15.66
CA LEU C 336 -13.37 33.82 15.69
C LEU C 336 -12.65 35.01 15.06
N ALA C 337 -13.17 35.48 13.92
CA ALA C 337 -12.55 36.57 13.17
C ALA C 337 -12.62 37.89 13.97
N VAL C 338 -13.73 38.09 14.69
CA VAL C 338 -13.88 39.30 15.50
C VAL C 338 -12.88 39.24 16.66
N MET C 339 -12.74 38.05 17.26
CA MET C 339 -11.79 37.85 18.36
C MET C 339 -10.38 38.20 17.87
N ILE C 340 -10.02 37.71 16.68
CA ILE C 340 -8.70 37.92 16.11
C ILE C 340 -8.53 39.41 15.80
N ALA C 341 -9.56 40.01 15.18
CA ALA C 341 -9.52 41.41 14.80
C ALA C 341 -9.19 42.27 16.02
N ASP C 342 -9.82 41.95 17.15
CA ASP C 342 -9.68 42.68 18.40
C ASP C 342 -8.26 42.49 18.94
N LYS C 343 -7.70 41.30 18.78
CA LYS C 343 -6.35 41.01 19.22
C LYS C 343 -5.32 41.82 18.42
N LEU C 344 -5.62 42.13 17.15
CA LEU C 344 -4.71 42.90 16.28
C LEU C 344 -4.89 44.41 16.47
N LEU C 345 -6.01 44.86 17.04
CA LEU C 345 -6.22 46.28 17.35
C LEU C 345 -5.53 46.62 18.68
N MET D 19 35.78 -23.41 -63.99
CA MET D 19 35.04 -23.61 -62.70
C MET D 19 33.69 -24.27 -62.98
N LYS D 20 33.51 -25.47 -62.40
CA LYS D 20 32.28 -26.25 -62.56
C LYS D 20 31.16 -25.64 -61.71
N LYS D 21 29.92 -25.97 -62.07
CA LYS D 21 28.72 -25.53 -61.34
C LYS D 21 28.63 -26.28 -60.01
N VAL D 22 28.77 -27.61 -60.04
CA VAL D 22 28.57 -28.46 -58.87
C VAL D 22 29.68 -29.50 -58.77
N SER D 23 30.20 -29.70 -57.56
CA SER D 23 30.96 -30.90 -57.22
C SER D 23 30.11 -31.78 -56.32
N VAL D 24 29.75 -32.97 -56.81
CA VAL D 24 29.15 -33.98 -55.96
C VAL D 24 30.27 -34.70 -55.22
N ILE D 25 30.22 -34.65 -53.88
CA ILE D 25 31.22 -35.25 -53.01
C ILE D 25 30.58 -36.47 -52.34
N MET D 26 31.17 -37.65 -52.57
CA MET D 26 30.63 -38.91 -52.11
C MET D 26 31.72 -39.75 -51.44
N PRO D 27 31.72 -39.87 -50.11
CA PRO D 27 32.64 -40.79 -49.44
C PRO D 27 32.11 -42.23 -49.57
N THR D 28 33.02 -43.19 -49.72
CA THR D 28 32.68 -44.61 -49.84
C THR D 28 33.44 -45.41 -48.80
N PHE D 29 32.85 -46.54 -48.38
CA PHE D 29 33.48 -47.49 -47.48
C PHE D 29 32.75 -48.84 -47.53
N ASN D 30 33.38 -49.83 -48.17
CA ASN D 30 32.90 -51.21 -48.22
C ASN D 30 31.46 -51.26 -48.76
N ASN D 31 31.23 -50.60 -49.89
CA ASN D 31 29.91 -50.49 -50.47
C ASN D 31 29.65 -51.65 -51.43
N GLY D 32 30.69 -52.08 -52.15
CA GLY D 32 30.58 -53.21 -53.08
C GLY D 32 29.83 -52.84 -54.33
N GLU D 33 29.03 -53.77 -54.85
CA GLU D 33 28.37 -53.66 -56.15
C GLU D 33 27.14 -52.73 -56.04
N LYS D 34 26.78 -52.33 -54.81
CA LYS D 34 25.65 -51.42 -54.55
C LYS D 34 25.97 -50.01 -55.07
N LEU D 35 27.27 -49.70 -55.22
CA LEU D 35 27.76 -48.38 -55.55
C LEU D 35 27.42 -48.04 -57.01
N HIS D 36 27.33 -49.07 -57.86
CA HIS D 36 27.03 -48.91 -59.30
C HIS D 36 25.79 -48.02 -59.46
N ARG D 37 24.74 -48.37 -58.74
CA ARG D 37 23.44 -47.70 -58.82
C ARG D 37 23.61 -46.22 -58.49
N THR D 38 24.35 -45.92 -57.41
CA THR D 38 24.58 -44.57 -56.94
C THR D 38 25.35 -43.77 -57.98
N ILE D 39 26.52 -44.29 -58.38
CA ILE D 39 27.39 -43.59 -59.33
C ILE D 39 26.61 -43.33 -60.62
N SER D 40 25.91 -44.36 -61.10
CA SER D 40 25.11 -44.25 -62.32
C SER D 40 24.13 -43.07 -62.22
N SER D 41 23.52 -42.90 -61.04
CA SER D 41 22.52 -41.87 -60.83
C SER D 41 23.14 -40.46 -60.94
N VAL D 42 24.43 -40.34 -60.61
CA VAL D 42 25.14 -39.06 -60.68
C VAL D 42 25.59 -38.79 -62.12
N LEU D 43 26.08 -39.84 -62.81
CA LEU D 43 26.58 -39.69 -64.17
C LEU D 43 25.41 -39.44 -65.14
N ASN D 44 24.20 -39.89 -64.78
CA ASN D 44 23.02 -39.76 -65.63
C ASN D 44 22.15 -38.58 -65.17
N GLN D 45 22.73 -37.38 -65.25
CA GLN D 45 22.04 -36.13 -64.87
C GLN D 45 21.68 -35.32 -66.12
N THR D 46 20.59 -34.55 -66.03
CA THR D 46 20.15 -33.66 -67.11
C THR D 46 21.11 -32.49 -67.28
N MET D 47 21.90 -32.19 -66.25
CA MET D 47 22.93 -31.16 -66.35
C MET D 47 24.01 -31.58 -67.35
N LYS D 48 24.55 -30.61 -68.07
CA LYS D 48 25.68 -30.80 -69.00
C LYS D 48 26.80 -31.47 -68.22
N SER D 49 27.28 -32.62 -68.72
CA SER D 49 28.24 -33.47 -68.00
C SER D 49 29.53 -32.71 -67.68
N THR D 50 29.88 -31.72 -68.52
CA THR D 50 31.10 -30.92 -68.34
C THR D 50 30.91 -29.84 -67.27
N ASP D 51 29.68 -29.67 -66.79
CA ASP D 51 29.34 -28.60 -65.84
C ASP D 51 29.43 -29.10 -64.39
N TYR D 52 29.60 -30.41 -64.18
CA TYR D 52 29.77 -30.95 -62.82
C TYR D 52 30.81 -32.07 -62.80
N GLU D 53 31.20 -32.44 -61.57
CA GLU D 53 32.13 -33.52 -61.32
C GLU D 53 31.61 -34.34 -60.14
N LEU D 54 31.93 -35.64 -60.15
CA LEU D 54 31.72 -36.52 -59.02
C LEU D 54 33.09 -36.82 -58.38
N ILE D 55 33.29 -36.32 -57.16
CA ILE D 55 34.49 -36.63 -56.41
C ILE D 55 34.16 -37.79 -55.47
N ILE D 56 34.87 -38.91 -55.64
CA ILE D 56 34.70 -40.08 -54.79
C ILE D 56 35.91 -40.18 -53.85
N ILE D 57 35.65 -40.25 -52.54
CA ILE D 57 36.70 -40.39 -51.54
C ILE D 57 36.46 -41.68 -50.77
N ASP D 58 37.26 -42.71 -51.03
CA ASP D 58 37.12 -43.99 -50.36
C ASP D 58 37.87 -43.92 -49.03
N ASP D 59 37.18 -44.31 -47.94
CA ASP D 59 37.72 -44.24 -46.60
C ASP D 59 38.43 -45.56 -46.27
N HIS D 60 39.37 -45.94 -47.14
CA HIS D 60 40.20 -47.12 -47.03
C HIS D 60 39.35 -48.37 -46.79
N SER D 61 38.53 -48.72 -47.80
CA SER D 61 37.73 -49.94 -47.80
C SER D 61 38.65 -51.15 -47.59
N ASN D 62 38.13 -52.20 -46.96
CA ASN D 62 38.89 -53.43 -46.71
C ASN D 62 38.05 -54.64 -47.11
N ASP D 63 37.31 -54.54 -48.22
CA ASP D 63 36.33 -55.55 -48.62
C ASP D 63 36.89 -56.40 -49.78
N ASN D 64 38.17 -56.77 -49.66
CA ASN D 64 38.87 -57.56 -50.66
C ASN D 64 38.75 -56.89 -52.02
N GLY D 65 38.94 -55.56 -52.02
CA GLY D 65 39.02 -54.75 -53.24
C GLY D 65 37.73 -54.65 -54.02
N GLU D 66 36.59 -55.03 -53.43
CA GLU D 66 35.29 -55.07 -54.13
C GLU D 66 34.84 -53.65 -54.49
N THR D 67 34.86 -52.75 -53.49
CA THR D 67 34.46 -51.35 -53.64
C THR D 67 35.41 -50.65 -54.63
N LEU D 68 36.72 -50.82 -54.43
CA LEU D 68 37.72 -50.21 -55.31
C LEU D 68 37.52 -50.69 -56.75
N ASN D 69 37.10 -51.95 -56.93
CA ASN D 69 36.88 -52.54 -58.26
C ASN D 69 35.71 -51.86 -58.97
N VAL D 70 34.67 -51.50 -58.21
CA VAL D 70 33.50 -50.82 -58.76
C VAL D 70 33.89 -49.40 -59.19
N ILE D 71 34.74 -48.75 -58.39
CA ILE D 71 35.14 -47.37 -58.64
C ILE D 71 36.05 -47.32 -59.87
N LYS D 72 36.89 -48.34 -60.05
CA LYS D 72 37.88 -48.43 -61.15
C LYS D 72 37.15 -48.45 -62.51
N LYS D 73 35.92 -48.98 -62.53
CA LYS D 73 35.12 -49.09 -63.76
C LYS D 73 34.74 -47.71 -64.29
N TYR D 74 34.84 -46.66 -63.46
CA TYR D 74 34.53 -45.29 -63.89
C TYR D 74 35.78 -44.41 -63.96
N LYS D 75 36.98 -45.02 -64.02
CA LYS D 75 38.23 -44.27 -64.26
C LYS D 75 38.04 -43.39 -65.49
N GLY D 76 38.37 -42.10 -65.35
CA GLY D 76 38.22 -41.13 -66.41
C GLY D 76 36.95 -40.28 -66.28
N LEU D 77 35.93 -40.81 -65.60
CA LEU D 77 34.62 -40.18 -65.54
C LEU D 77 34.37 -39.55 -64.16
N VAL D 78 35.27 -39.79 -63.20
CA VAL D 78 35.14 -39.28 -61.85
C VAL D 78 36.54 -38.95 -61.32
N ARG D 79 36.61 -38.00 -60.38
CA ARG D 79 37.82 -37.77 -59.62
C ARG D 79 37.77 -38.70 -58.41
N PHE D 80 38.93 -39.20 -57.98
CA PHE D 80 38.98 -40.21 -56.94
C PHE D 80 40.26 -40.06 -56.11
N LYS D 81 40.11 -40.18 -54.79
CA LYS D 81 41.23 -40.24 -53.84
C LYS D 81 40.91 -41.35 -52.83
N GLN D 82 41.94 -42.10 -52.42
CA GLN D 82 41.78 -43.11 -51.37
C GLN D 82 42.57 -42.66 -50.12
N LEU D 83 41.92 -42.72 -48.96
CA LEU D 83 42.58 -42.41 -47.71
C LEU D 83 43.42 -43.61 -47.29
N LYS D 84 44.53 -43.34 -46.58
CA LYS D 84 45.52 -44.35 -46.20
C LYS D 84 44.94 -45.24 -45.08
N LYS D 85 44.24 -44.61 -44.12
CA LYS D 85 43.59 -45.28 -42.99
C LYS D 85 42.10 -44.91 -42.98
N ASN D 86 41.25 -45.84 -42.53
CA ASN D 86 39.81 -45.62 -42.41
C ASN D 86 39.55 -44.63 -41.25
N SER D 87 38.87 -43.51 -41.54
CA SER D 87 38.62 -42.45 -40.57
C SER D 87 37.48 -42.84 -39.61
N GLY D 88 36.56 -43.70 -40.07
CA GLY D 88 35.49 -44.24 -39.22
C GLY D 88 34.12 -43.64 -39.50
N ASN D 89 34.09 -42.36 -39.90
CA ASN D 89 32.85 -41.67 -40.30
C ASN D 89 33.13 -40.97 -41.65
N ALA D 90 32.21 -40.09 -42.07
CA ALA D 90 32.26 -39.42 -43.37
C ALA D 90 32.93 -38.04 -43.27
N SER D 91 33.31 -37.62 -42.07
CA SER D 91 33.84 -36.28 -41.85
C SER D 91 35.13 -36.07 -42.66
N VAL D 92 36.17 -36.87 -42.39
CA VAL D 92 37.49 -36.68 -43.05
C VAL D 92 37.31 -36.80 -44.56
N PRO D 93 36.66 -37.87 -45.07
CA PRO D 93 36.41 -37.98 -46.51
C PRO D 93 35.72 -36.76 -47.14
N ARG D 94 34.69 -36.24 -46.48
CA ARG D 94 33.95 -35.08 -47.00
C ARG D 94 34.84 -33.85 -46.98
N ASN D 95 35.65 -33.71 -45.94
CA ASN D 95 36.58 -32.59 -45.82
C ASN D 95 37.61 -32.65 -46.97
N THR D 96 38.01 -33.86 -47.34
CA THR D 96 38.99 -34.08 -48.41
C THR D 96 38.36 -33.65 -49.74
N GLY D 97 37.10 -34.06 -49.95
CA GLY D 97 36.32 -33.67 -51.12
C GLY D 97 36.21 -32.17 -51.26
N LEU D 98 36.01 -31.47 -50.13
CA LEU D 98 35.84 -30.01 -50.14
C LEU D 98 37.15 -29.32 -50.58
N LYS D 99 38.30 -29.84 -50.11
CA LYS D 99 39.60 -29.30 -50.49
C LYS D 99 39.84 -29.52 -51.99
N MET D 100 39.23 -30.57 -52.55
CA MET D 100 39.43 -30.95 -53.95
C MET D 100 38.51 -30.16 -54.89
N SER D 101 37.38 -29.64 -54.38
CA SER D 101 36.39 -28.98 -55.20
C SER D 101 36.71 -27.49 -55.37
N LYS D 102 36.57 -27.00 -56.60
CA LYS D 102 36.72 -25.58 -56.94
C LYS D 102 35.43 -25.08 -57.59
N ALA D 103 34.31 -25.79 -57.37
CA ALA D 103 33.02 -25.52 -58.02
C ALA D 103 32.27 -24.40 -57.27
N GLU D 104 31.15 -23.97 -57.86
CA GLU D 104 30.31 -22.89 -57.31
C GLU D 104 29.53 -23.45 -56.11
N TYR D 105 28.93 -24.62 -56.30
CA TYR D 105 28.23 -25.35 -55.26
C TYR D 105 28.83 -26.75 -55.10
N VAL D 106 28.69 -27.31 -53.90
CA VAL D 106 28.95 -28.72 -53.64
C VAL D 106 27.65 -29.40 -53.23
N PHE D 107 27.58 -30.69 -53.51
CA PHE D 107 26.46 -31.49 -53.11
C PHE D 107 26.99 -32.78 -52.49
N PHE D 108 26.69 -32.99 -51.20
CA PHE D 108 27.11 -34.19 -50.50
C PHE D 108 26.11 -35.31 -50.78
N LEU D 109 26.63 -36.46 -51.19
CA LEU D 109 25.87 -37.64 -51.53
C LEU D 109 26.46 -38.82 -50.75
N ASP D 110 25.60 -39.57 -50.06
CA ASP D 110 26.01 -40.79 -49.39
C ASP D 110 26.03 -41.93 -50.40
N SER D 111 26.86 -42.94 -50.10
CA SER D 111 27.29 -43.94 -51.08
C SER D 111 26.16 -44.90 -51.45
N ASP D 112 25.16 -45.07 -50.61
CA ASP D 112 24.09 -46.03 -50.91
C ASP D 112 22.88 -45.33 -51.57
N ASP D 113 22.89 -44.00 -51.60
CA ASP D 113 21.71 -43.18 -51.95
C ASP D 113 21.69 -42.94 -53.48
N LEU D 114 20.63 -42.30 -53.98
CA LEU D 114 20.44 -42.04 -55.43
C LEU D 114 20.03 -40.57 -55.67
N LEU D 115 20.48 -40.00 -56.79
CA LEU D 115 20.00 -38.70 -57.27
C LEU D 115 19.00 -38.93 -58.41
N HIS D 116 17.95 -38.09 -58.44
CA HIS D 116 17.02 -38.02 -59.56
C HIS D 116 17.76 -37.42 -60.77
N GLU D 117 17.32 -37.80 -61.96
CA GLU D 117 17.96 -37.40 -63.23
C GLU D 117 18.10 -35.87 -63.29
N ARG D 118 17.06 -35.16 -62.84
CA ARG D 118 17.05 -33.67 -62.86
C ARG D 118 17.21 -33.12 -61.44
N ALA D 119 18.32 -33.46 -60.77
CA ALA D 119 18.57 -33.00 -59.42
C ALA D 119 19.54 -31.82 -59.45
N LEU D 120 20.72 -32.03 -60.05
CA LEU D 120 21.73 -30.99 -60.11
C LEU D 120 21.22 -29.80 -60.91
N GLU D 121 20.64 -30.06 -62.09
CA GLU D 121 20.15 -28.98 -62.97
C GLU D 121 19.09 -28.14 -62.22
N ASP D 122 18.04 -28.79 -61.72
CA ASP D 122 16.90 -28.09 -61.13
C ASP D 122 17.32 -27.35 -59.86
N LEU D 123 18.16 -27.97 -59.03
CA LEU D 123 18.57 -27.36 -57.77
C LEU D 123 19.54 -26.20 -58.03
N TYR D 124 20.47 -26.38 -58.97
CA TYR D 124 21.44 -25.33 -59.31
C TYR D 124 20.72 -24.13 -59.91
N ASN D 125 19.78 -24.38 -60.84
CA ASN D 125 19.03 -23.32 -61.53
C ASN D 125 18.22 -22.52 -60.51
N TYR D 126 17.49 -23.22 -59.64
CA TYR D 126 16.68 -22.57 -58.62
C TYR D 126 17.58 -21.72 -57.71
N GLY D 127 18.75 -22.29 -57.36
CA GLY D 127 19.70 -21.64 -56.50
C GLY D 127 20.26 -20.36 -57.12
N LYS D 128 20.62 -20.46 -58.40
CA LYS D 128 21.26 -19.38 -59.12
C LYS D 128 20.24 -18.24 -59.32
N GLU D 129 18.98 -18.61 -59.58
CA GLU D 129 17.93 -17.64 -59.88
C GLU D 129 17.45 -16.95 -58.60
N ASN D 130 17.76 -17.49 -57.43
CA ASN D 130 17.35 -16.92 -56.15
C ASN D 130 18.57 -16.56 -55.28
N ASN D 131 19.77 -16.57 -55.88
CA ASN D 131 21.02 -16.22 -55.19
C ASN D 131 21.15 -17.03 -53.89
N SER D 132 20.81 -18.32 -53.96
CA SER D 132 20.72 -19.20 -52.82
C SER D 132 22.11 -19.64 -52.35
N ASP D 133 22.32 -19.59 -51.03
CA ASP D 133 23.49 -20.12 -50.36
C ASP D 133 23.29 -21.63 -50.14
N LEU D 134 22.03 -22.04 -50.02
CA LEU D 134 21.66 -23.41 -49.74
C LEU D 134 20.38 -23.77 -50.52
N ILE D 135 20.39 -24.91 -51.21
CA ILE D 135 19.19 -25.42 -51.84
C ILE D 135 18.93 -26.84 -51.33
N ILE D 136 17.68 -27.08 -50.90
CA ILE D 136 17.25 -28.35 -50.35
C ILE D 136 16.23 -28.97 -51.30
N GLY D 137 16.58 -30.11 -51.87
CA GLY D 137 15.69 -30.88 -52.72
C GLY D 137 14.91 -31.88 -51.90
N LYS D 138 13.64 -32.09 -52.28
CA LYS D 138 12.75 -33.00 -51.59
C LYS D 138 13.38 -34.39 -51.52
N TYR D 139 13.32 -35.01 -50.34
CA TYR D 139 13.87 -36.33 -50.11
C TYR D 139 12.79 -37.38 -50.37
N GLY D 140 13.22 -38.50 -50.95
CA GLY D 140 12.48 -39.74 -50.98
C GLY D 140 13.23 -40.81 -50.18
N VAL D 141 12.54 -41.93 -49.93
CA VAL D 141 13.11 -42.97 -49.14
C VAL D 141 12.64 -44.33 -49.68
N GLU D 142 13.57 -45.29 -49.68
CA GLU D 142 13.37 -46.66 -50.13
C GLU D 142 13.78 -47.57 -48.98
N GLY D 143 12.81 -48.28 -48.39
CA GLY D 143 13.08 -49.30 -47.36
C GLY D 143 12.76 -48.80 -45.97
N LYS D 144 12.53 -49.75 -45.05
CA LYS D 144 12.29 -49.45 -43.64
C LYS D 144 13.61 -49.05 -43.00
N GLY D 145 13.57 -48.13 -42.04
CA GLY D 145 14.78 -47.64 -41.36
C GLY D 145 14.63 -46.17 -41.00
N ARG D 146 15.69 -45.40 -41.21
CA ARG D 146 15.65 -43.92 -41.07
C ARG D 146 14.50 -43.37 -41.93
N SER D 147 13.69 -42.47 -41.35
CA SER D 147 12.70 -41.71 -42.11
C SER D 147 13.36 -40.40 -42.58
N VAL D 148 12.69 -39.70 -43.51
CA VAL D 148 13.22 -38.46 -44.05
C VAL D 148 12.28 -37.30 -43.67
N PRO D 149 12.80 -36.06 -43.62
CA PRO D 149 11.95 -34.88 -43.36
C PRO D 149 10.81 -34.79 -44.38
N LYS D 150 9.66 -34.30 -43.91
CA LYS D 150 8.45 -34.17 -44.74
C LYS D 150 7.90 -32.73 -44.64
N ALA D 151 7.86 -32.16 -43.44
CA ALA D 151 7.23 -30.85 -43.18
C ALA D 151 7.88 -29.73 -44.00
N ILE D 152 9.21 -29.73 -44.10
CA ILE D 152 9.97 -28.70 -44.85
C ILE D 152 9.45 -28.61 -46.30
N PHE D 153 8.90 -29.70 -46.86
CA PHE D 153 8.52 -29.75 -48.26
C PHE D 153 6.99 -29.61 -48.47
N GLU D 154 6.24 -29.31 -47.40
CA GLU D 154 4.77 -29.38 -47.44
C GLU D 154 4.17 -28.10 -48.03
N LYS D 155 5.00 -27.05 -48.24
CA LYS D 155 4.50 -25.77 -48.75
C LYS D 155 4.96 -25.57 -50.19
N GLY D 156 5.47 -26.63 -50.82
CA GLY D 156 6.00 -26.55 -52.16
C GLY D 156 7.30 -25.78 -52.18
N ASN D 157 7.60 -25.17 -53.33
CA ASN D 157 8.85 -24.49 -53.55
C ASN D 157 8.87 -23.18 -52.77
N VAL D 158 10.03 -22.88 -52.16
CA VAL D 158 10.25 -21.67 -51.38
C VAL D 158 11.60 -21.07 -51.80
N ALA D 159 11.57 -19.86 -52.34
CA ALA D 159 12.74 -19.19 -52.92
C ALA D 159 13.64 -18.63 -51.80
N LYS D 160 13.01 -17.97 -50.82
CA LYS D 160 13.69 -17.42 -49.64
C LYS D 160 13.04 -18.02 -48.39
N ALA D 161 13.55 -19.19 -47.98
CA ALA D 161 13.00 -19.93 -46.85
C ALA D 161 13.53 -19.34 -45.54
N ASP D 162 12.77 -19.62 -44.47
CA ASP D 162 13.06 -19.18 -43.11
C ASP D 162 13.23 -20.45 -42.26
N ILE D 163 14.23 -20.43 -41.37
CA ILE D 163 14.59 -21.60 -40.58
C ILE D 163 13.37 -22.10 -39.81
N ILE D 164 12.72 -21.20 -39.07
CA ILE D 164 11.65 -21.57 -38.17
C ILE D 164 10.40 -21.93 -38.98
N ASP D 165 9.94 -21.02 -39.85
CA ASP D 165 8.68 -21.18 -40.56
C ASP D 165 8.73 -22.37 -41.55
N ASN D 166 9.92 -22.78 -42.00
CA ASN D 166 10.04 -23.83 -43.02
C ASN D 166 10.69 -25.10 -42.45
N SER D 167 10.77 -25.21 -41.12
CA SER D 167 11.14 -26.46 -40.45
C SER D 167 12.53 -26.95 -40.87
N ILE D 168 13.48 -26.03 -41.04
CA ILE D 168 14.80 -26.38 -41.55
C ILE D 168 15.62 -27.09 -40.47
N PHE D 169 15.34 -26.83 -39.18
CA PHE D 169 16.05 -27.51 -38.10
C PHE D 169 15.62 -28.99 -38.02
N TYR D 170 14.57 -29.35 -38.75
CA TYR D 170 14.17 -30.76 -38.89
C TYR D 170 14.71 -31.40 -40.17
N ALA D 171 15.65 -30.72 -40.84
CA ALA D 171 16.30 -31.27 -42.04
C ALA D 171 17.76 -30.81 -42.10
N LEU D 172 18.57 -31.24 -41.15
CA LEU D 172 19.93 -30.72 -40.96
C LEU D 172 20.99 -31.68 -41.54
N SER D 173 20.58 -32.64 -42.38
CA SER D 173 21.54 -33.46 -43.10
C SER D 173 22.33 -32.57 -44.05
N VAL D 174 23.49 -33.04 -44.51
CA VAL D 174 24.26 -32.28 -45.47
C VAL D 174 23.95 -32.77 -46.89
N LEU D 175 22.85 -33.49 -47.07
CA LEU D 175 22.48 -34.04 -48.37
C LEU D 175 21.72 -32.97 -49.15
N LYS D 176 22.43 -31.87 -49.43
CA LYS D 176 21.88 -30.65 -50.00
C LYS D 176 22.96 -29.98 -50.85
N MET D 177 22.57 -28.91 -51.55
CA MET D 177 23.48 -28.13 -52.36
C MET D 177 23.91 -26.88 -51.59
N PHE D 178 25.22 -26.75 -51.34
CA PHE D 178 25.80 -25.66 -50.56
C PHE D 178 26.72 -24.80 -51.43
N LYS D 179 26.63 -23.48 -51.29
CA LYS D 179 27.51 -22.53 -51.98
C LYS D 179 28.91 -22.62 -51.37
N LYS D 180 29.90 -22.96 -52.19
CA LYS D 180 31.25 -23.29 -51.73
C LYS D 180 31.90 -22.05 -51.11
N SER D 181 31.57 -20.86 -51.64
CA SER D 181 32.19 -19.61 -51.17
C SER D 181 31.91 -19.39 -49.68
N VAL D 182 30.70 -19.76 -49.23
CA VAL D 182 30.30 -19.61 -47.85
C VAL D 182 31.16 -20.53 -46.98
N ILE D 183 31.34 -21.78 -47.45
CA ILE D 183 32.15 -22.77 -46.78
C ILE D 183 33.61 -22.29 -46.70
N ASP D 184 34.10 -21.73 -47.81
CA ASP D 184 35.48 -21.30 -47.94
C ASP D 184 35.73 -20.05 -47.09
N LYS D 185 34.89 -19.02 -47.25
CA LYS D 185 35.07 -17.73 -46.56
C LYS D 185 35.01 -17.95 -45.04
N ASN D 186 34.17 -18.87 -44.58
CA ASN D 186 33.96 -19.06 -43.13
C ASN D 186 34.74 -20.28 -42.61
N LYS D 187 35.53 -20.93 -43.48
CA LYS D 187 36.41 -22.05 -43.10
C LYS D 187 35.60 -23.13 -42.35
N ILE D 188 34.48 -23.55 -42.95
CA ILE D 188 33.59 -24.56 -42.37
C ILE D 188 34.08 -25.95 -42.78
N LYS D 189 34.46 -26.74 -41.78
CA LYS D 189 34.90 -28.12 -41.96
C LYS D 189 34.00 -29.04 -41.13
N PHE D 190 33.91 -30.31 -41.51
CA PHE D 190 33.27 -31.30 -40.66
C PHE D 190 34.20 -31.58 -39.48
N LYS D 191 33.67 -31.53 -38.26
CA LYS D 191 34.44 -31.86 -37.07
C LYS D 191 34.47 -33.38 -36.92
N THR D 192 35.42 -33.88 -36.12
CA THR D 192 35.67 -35.32 -35.98
C THR D 192 35.74 -35.74 -34.51
N PHE D 193 35.23 -34.90 -33.59
CA PHE D 193 35.29 -35.18 -32.16
C PHE D 193 34.19 -36.19 -31.76
N SER D 194 33.20 -36.39 -32.65
CA SER D 194 32.03 -37.22 -32.40
C SER D 194 31.75 -38.09 -33.63
N LYS D 195 31.06 -39.21 -33.40
CA LYS D 195 30.64 -40.15 -34.45
C LYS D 195 29.30 -39.70 -35.05
N THR D 196 28.54 -38.91 -34.28
CA THR D 196 27.19 -38.49 -34.65
C THR D 196 27.03 -36.97 -34.50
N ALA D 197 26.03 -36.46 -35.23
CA ALA D 197 25.59 -35.06 -35.18
C ALA D 197 26.65 -34.11 -35.76
N GLU D 198 27.62 -34.63 -36.51
CA GLU D 198 28.68 -33.80 -37.08
C GLU D 198 28.14 -33.11 -38.34
N ASP D 199 27.19 -33.76 -39.00
CA ASP D 199 26.54 -33.27 -40.20
C ASP D 199 25.58 -32.12 -39.80
N GLN D 200 24.91 -32.28 -38.67
CA GLN D 200 24.05 -31.26 -38.12
C GLN D 200 24.85 -29.99 -37.83
N LEU D 201 26.00 -30.16 -37.16
CA LEU D 201 26.83 -29.03 -36.79
C LEU D 201 27.28 -28.29 -38.04
N PHE D 202 27.56 -29.05 -39.10
CA PHE D 202 28.03 -28.47 -40.35
C PHE D 202 26.92 -27.58 -40.94
N THR D 203 25.72 -28.15 -41.08
CA THR D 203 24.59 -27.45 -41.65
C THR D 203 24.23 -26.24 -40.80
N ILE D 204 24.28 -26.38 -39.48
CA ILE D 204 23.98 -25.29 -38.56
C ILE D 204 25.02 -24.17 -38.75
N GLU D 205 26.30 -24.54 -38.80
CA GLU D 205 27.38 -23.55 -39.01
C GLU D 205 27.13 -22.81 -40.33
N PHE D 206 26.68 -23.53 -41.35
CA PHE D 206 26.43 -22.96 -42.66
C PHE D 206 25.23 -22.01 -42.60
N LEU D 207 24.12 -22.48 -42.00
CA LEU D 207 22.88 -21.71 -41.90
C LEU D 207 23.13 -20.40 -41.14
N MET D 208 23.96 -20.46 -40.09
CA MET D 208 24.23 -19.31 -39.23
C MET D 208 25.22 -18.34 -39.89
N ASN D 209 25.78 -18.71 -41.06
CA ASN D 209 26.73 -17.86 -41.78
C ASN D 209 26.22 -17.54 -43.20
N SER D 210 24.91 -17.65 -43.41
CA SER D 210 24.30 -17.37 -44.72
C SER D 210 22.83 -16.98 -44.51
N LYS D 211 22.21 -16.40 -45.55
CA LYS D 211 20.85 -15.83 -45.42
C LYS D 211 19.86 -16.50 -46.37
N ASN D 212 20.34 -16.87 -47.56
CA ASN D 212 19.45 -17.27 -48.66
C ASN D 212 19.37 -18.80 -48.75
N TYR D 213 18.21 -19.33 -48.35
CA TYR D 213 17.93 -20.79 -48.40
C TYR D 213 16.69 -21.02 -49.28
N SER D 214 16.77 -21.99 -50.18
CA SER D 214 15.65 -22.27 -51.06
C SER D 214 15.32 -23.76 -50.96
N ILE D 215 14.03 -24.07 -51.18
CA ILE D 215 13.48 -25.40 -51.08
C ILE D 215 12.78 -25.73 -52.40
N LYS D 216 13.16 -26.86 -53.02
CA LYS D 216 12.62 -27.29 -54.31
C LYS D 216 12.00 -28.67 -54.15
N THR D 217 10.76 -28.85 -54.62
CA THR D 217 9.94 -30.03 -54.27
C THR D 217 9.26 -30.68 -55.48
N ASP D 218 9.67 -30.32 -56.70
CA ASP D 218 8.98 -30.78 -57.91
C ASP D 218 9.07 -32.30 -58.04
N TYR D 219 10.24 -32.86 -57.68
CA TYR D 219 10.50 -34.30 -57.69
C TYR D 219 11.13 -34.73 -56.36
N GLU D 220 11.18 -36.04 -56.10
CA GLU D 220 12.02 -36.56 -55.04
C GLU D 220 13.46 -36.60 -55.57
N TYR D 221 14.18 -35.49 -55.38
CA TYR D 221 15.47 -35.26 -56.00
C TYR D 221 16.56 -36.15 -55.39
N TYR D 222 16.49 -36.40 -54.08
CA TYR D 222 17.44 -37.25 -53.37
C TYR D 222 16.68 -38.40 -52.73
N ILE D 223 17.08 -39.64 -53.02
CA ILE D 223 16.44 -40.83 -52.46
C ILE D 223 17.41 -41.45 -51.45
N VAL D 224 17.03 -41.40 -50.16
CA VAL D 224 17.74 -42.13 -49.12
C VAL D 224 17.37 -43.61 -49.24
N VAL D 225 18.38 -44.47 -49.40
CA VAL D 225 18.21 -45.92 -49.46
C VAL D 225 18.66 -46.52 -48.12
N ASN D 226 17.73 -47.23 -47.46
CA ASN D 226 18.00 -48.01 -46.26
C ASN D 226 18.34 -49.46 -46.65
N ASP D 227 19.40 -50.03 -46.06
CA ASP D 227 19.68 -51.51 -46.19
C ASP D 227 19.63 -52.23 -44.83
N SER D 239 27.30 -45.37 -25.67
CA SER D 239 28.09 -44.20 -25.34
C SER D 239 27.61 -43.56 -24.02
N THR D 240 28.52 -42.84 -23.37
CA THR D 240 28.26 -42.02 -22.18
C THR D 240 27.92 -40.58 -22.59
N GLY D 241 28.18 -40.22 -23.86
CA GLY D 241 27.69 -38.99 -24.48
C GLY D 241 28.64 -37.81 -24.33
N ASN D 242 29.84 -38.05 -23.83
CA ASN D 242 30.83 -36.99 -23.67
C ASN D 242 31.07 -36.30 -25.02
N GLN D 243 31.25 -37.09 -26.09
CA GLN D 243 31.58 -36.55 -27.41
C GLN D 243 30.31 -36.01 -28.11
N TYR D 244 29.18 -36.71 -27.92
CA TYR D 244 27.93 -36.31 -28.53
C TYR D 244 27.52 -34.91 -28.04
N PHE D 245 27.55 -34.69 -26.73
CA PHE D 245 27.07 -33.45 -26.16
C PHE D 245 28.07 -32.31 -26.41
N ALA D 246 29.34 -32.65 -26.65
CA ALA D 246 30.33 -31.67 -27.07
C ALA D 246 29.93 -31.08 -28.43
N THR D 247 29.34 -31.92 -29.28
CA THR D 247 28.91 -31.51 -30.61
C THR D 247 27.64 -30.66 -30.50
N ILE D 248 26.73 -31.07 -29.61
CA ILE D 248 25.49 -30.32 -29.38
C ILE D 248 25.86 -28.93 -28.84
N ASN D 249 26.88 -28.89 -27.98
CA ASN D 249 27.36 -27.65 -27.43
C ASN D 249 27.82 -26.72 -28.57
N GLU D 250 28.52 -27.30 -29.56
CA GLU D 250 29.02 -26.52 -30.70
C GLU D 250 27.85 -25.93 -31.52
N ILE D 251 26.74 -26.66 -31.58
CA ILE D 251 25.57 -26.22 -32.34
C ILE D 251 24.99 -24.97 -31.67
N TYR D 252 24.84 -24.99 -30.35
CA TYR D 252 24.32 -23.84 -29.63
C TYR D 252 25.30 -22.68 -29.74
N LYS D 253 26.60 -22.96 -29.64
CA LYS D 253 27.64 -21.91 -29.78
C LYS D 253 27.50 -21.24 -31.16
N ALA D 254 27.20 -22.02 -32.20
CA ALA D 254 27.12 -21.51 -33.56
C ALA D 254 25.95 -20.52 -33.70
N ILE D 255 24.83 -20.87 -33.06
CA ILE D 255 23.64 -20.06 -33.08
C ILE D 255 23.92 -18.72 -32.38
N TYR D 256 24.52 -18.79 -31.19
CA TYR D 256 24.68 -17.62 -30.35
C TYR D 256 25.85 -16.73 -30.82
N LYS D 257 26.68 -17.22 -31.75
CA LYS D 257 27.77 -16.42 -32.34
C LYS D 257 27.45 -16.03 -33.79
N SER D 258 26.21 -16.28 -34.23
CA SER D 258 25.84 -16.08 -35.63
C SER D 258 26.02 -14.61 -36.03
N PRO D 259 26.83 -14.30 -37.07
CA PRO D 259 26.92 -12.94 -37.58
C PRO D 259 25.74 -12.54 -38.47
N ILE D 260 24.90 -13.50 -38.86
CA ILE D 260 23.69 -13.24 -39.64
C ILE D 260 22.53 -12.94 -38.69
N TYR D 261 22.28 -13.84 -37.73
CA TYR D 261 21.24 -13.68 -36.75
C TYR D 261 21.84 -13.05 -35.48
N LYS D 262 21.97 -11.72 -35.51
CA LYS D 262 22.72 -10.97 -34.51
C LYS D 262 21.81 -10.64 -33.33
N ASN D 263 20.49 -10.55 -33.56
CA ASN D 263 19.54 -10.16 -32.51
C ASN D 263 19.45 -11.29 -31.48
N GLN D 264 19.69 -10.93 -30.21
CA GLN D 264 19.78 -11.90 -29.13
C GLN D 264 18.45 -12.65 -28.98
N GLU D 265 17.32 -11.96 -29.20
CA GLU D 265 16.03 -12.63 -29.05
C GLU D 265 15.84 -13.65 -30.17
N LYS D 266 16.37 -13.35 -31.36
CA LYS D 266 16.27 -14.26 -32.49
C LYS D 266 17.12 -15.50 -32.21
N ARG D 267 18.27 -15.30 -31.58
CA ARG D 267 19.14 -16.39 -31.17
C ARG D 267 18.42 -17.30 -30.16
N HIS D 268 17.73 -16.69 -29.19
CA HIS D 268 16.96 -17.45 -28.22
C HIS D 268 15.92 -18.32 -28.94
N GLN D 269 15.29 -17.77 -29.99
CA GLN D 269 14.22 -18.44 -30.71
C GLN D 269 14.79 -19.64 -31.47
N LEU D 270 15.93 -19.43 -32.11
CA LEU D 270 16.60 -20.47 -32.87
C LEU D 270 17.07 -21.57 -31.92
N ALA D 271 17.69 -21.16 -30.81
CA ALA D 271 18.19 -22.09 -29.81
C ALA D 271 17.03 -22.92 -29.27
N GLY D 272 15.90 -22.27 -29.00
CA GLY D 272 14.73 -22.95 -28.47
C GLY D 272 14.18 -23.97 -29.46
N LYS D 273 14.22 -23.61 -30.73
CA LYS D 273 13.71 -24.47 -31.76
C LYS D 273 14.64 -25.67 -31.92
N TYR D 274 15.96 -25.45 -31.80
CA TYR D 274 16.87 -26.57 -31.89
C TYR D 274 16.66 -27.53 -30.70
N THR D 275 16.48 -26.96 -29.50
CA THR D 275 16.20 -27.73 -28.31
C THR D 275 14.96 -28.61 -28.54
N THR D 276 13.93 -28.06 -29.18
CA THR D 276 12.73 -28.80 -29.47
C THR D 276 13.07 -30.00 -30.37
N ARG D 277 13.86 -29.75 -31.42
CA ARG D 277 14.25 -30.81 -32.39
C ARG D 277 15.09 -31.89 -31.69
N LEU D 278 15.91 -31.47 -30.73
CA LEU D 278 16.78 -32.36 -29.97
C LEU D 278 15.93 -33.27 -29.09
N LEU D 279 14.87 -32.73 -28.49
CA LEU D 279 13.99 -33.49 -27.61
C LEU D 279 13.07 -34.39 -28.43
N ARG D 280 12.81 -34.02 -29.69
CA ARG D 280 11.92 -34.78 -30.57
C ARG D 280 12.66 -35.91 -31.30
N HIS D 281 13.93 -35.70 -31.63
CA HIS D 281 14.65 -36.61 -32.54
C HIS D 281 16.10 -36.88 -32.10
N GLY D 282 16.48 -36.47 -30.89
CA GLY D 282 17.85 -36.61 -30.43
C GLY D 282 18.24 -38.08 -30.26
N GLN D 283 19.54 -38.31 -30.23
CA GLN D 283 20.11 -39.61 -29.90
C GLN D 283 19.67 -39.99 -28.48
N LYS D 284 19.22 -41.25 -28.32
CA LYS D 284 18.86 -41.81 -27.03
C LYS D 284 17.86 -40.90 -26.32
N LYS D 285 16.82 -40.46 -27.05
CA LYS D 285 15.89 -39.49 -26.50
C LYS D 285 15.15 -40.11 -25.31
N ASN D 286 14.95 -41.43 -25.33
CA ASN D 286 14.18 -42.11 -24.29
C ASN D 286 15.10 -42.91 -23.36
N PHE D 287 16.29 -42.38 -23.10
CA PHE D 287 17.28 -43.05 -22.29
C PHE D 287 16.77 -43.29 -20.86
N ALA D 288 15.93 -42.40 -20.36
CA ALA D 288 15.64 -42.35 -18.92
C ALA D 288 14.87 -43.59 -18.46
N ASN D 289 13.94 -44.10 -19.29
CA ASN D 289 13.15 -45.29 -18.92
C ASN D 289 13.68 -46.53 -19.65
N SER D 290 14.92 -46.47 -20.15
CA SER D 290 15.49 -47.55 -20.98
C SER D 290 16.20 -48.58 -20.09
N LYS D 291 16.72 -49.63 -20.73
CA LYS D 291 17.38 -50.77 -20.07
C LYS D 291 18.86 -50.43 -19.80
N MET D 292 19.26 -49.21 -20.13
CA MET D 292 20.55 -48.64 -19.81
C MET D 292 20.85 -48.81 -18.31
N LYS D 293 22.10 -49.11 -17.97
CA LYS D 293 22.53 -49.21 -16.55
C LYS D 293 22.37 -47.82 -15.90
N TYR D 294 21.98 -47.80 -14.62
CA TYR D 294 21.72 -46.58 -13.89
C TYR D 294 22.93 -45.64 -13.98
N GLU D 295 24.14 -46.16 -13.76
CA GLU D 295 25.34 -45.30 -13.70
C GLU D 295 25.55 -44.62 -15.05
N ASP D 296 25.19 -45.32 -16.12
CA ASP D 296 25.31 -44.80 -17.50
C ASP D 296 24.26 -43.70 -17.72
N LYS D 297 23.03 -43.92 -17.22
CA LYS D 297 21.98 -42.92 -17.32
C LYS D 297 22.42 -41.62 -16.65
N ILE D 298 23.00 -41.74 -15.45
CA ILE D 298 23.43 -40.59 -14.67
C ILE D 298 24.51 -39.82 -15.44
N GLU D 299 25.48 -40.52 -16.02
CA GLU D 299 26.60 -39.90 -16.74
C GLU D 299 26.06 -39.21 -18.01
N TRP D 300 25.11 -39.88 -18.68
CA TRP D 300 24.51 -39.34 -19.90
C TRP D 300 23.76 -38.04 -19.58
N LEU D 301 22.90 -38.10 -18.56
CA LEU D 301 22.08 -36.96 -18.16
C LEU D 301 22.98 -35.83 -17.66
N ASN D 302 24.09 -36.19 -17.02
CA ASN D 302 25.01 -35.21 -16.50
C ASN D 302 25.61 -34.40 -17.65
N ASN D 303 25.98 -35.08 -18.74
CA ASN D 303 26.53 -34.42 -19.93
C ASN D 303 25.44 -33.56 -20.60
N PHE D 304 24.23 -34.10 -20.66
CA PHE D 304 23.08 -33.40 -21.29
C PHE D 304 22.75 -32.14 -20.46
N SER D 305 22.84 -32.25 -19.14
CA SER D 305 22.52 -31.16 -18.24
C SER D 305 23.59 -30.06 -18.35
N LYS D 306 24.86 -30.46 -18.26
CA LYS D 306 26.01 -29.56 -18.35
C LYS D 306 25.92 -28.72 -19.64
N THR D 307 25.49 -29.38 -20.74
CA THR D 307 25.46 -28.74 -22.06
C THR D 307 24.28 -27.77 -22.16
N ILE D 308 23.10 -28.22 -21.73
CA ILE D 308 21.89 -27.42 -21.88
C ILE D 308 21.94 -26.24 -20.90
N ASN D 309 22.73 -26.33 -19.82
CA ASN D 309 22.78 -25.27 -18.82
C ASN D 309 23.74 -24.15 -19.28
N LYS D 310 24.42 -24.35 -20.40
CA LYS D 310 25.18 -23.29 -21.06
C LYS D 310 24.30 -22.53 -22.05
N VAL D 311 23.07 -23.00 -22.26
CA VAL D 311 22.12 -22.33 -23.11
C VAL D 311 21.26 -21.42 -22.24
N PRO D 312 21.13 -20.12 -22.59
CA PRO D 312 20.25 -19.22 -21.84
C PRO D 312 18.83 -19.77 -21.67
N ARG D 313 18.27 -19.55 -20.47
CA ARG D 313 16.91 -19.94 -20.14
C ARG D 313 15.91 -19.11 -20.96
N ASP D 314 16.35 -17.97 -21.48
CA ASP D 314 15.52 -17.12 -22.34
C ASP D 314 15.06 -17.89 -23.59
N SER D 315 15.77 -18.95 -23.97
CA SER D 315 15.40 -19.77 -25.12
C SER D 315 14.23 -20.71 -24.78
N ASP D 316 14.07 -21.03 -23.50
CA ASP D 316 13.14 -22.08 -23.07
C ASP D 316 11.70 -21.72 -23.50
N LYS D 317 11.36 -20.43 -23.47
CA LYS D 317 10.01 -20.00 -23.82
C LYS D 317 9.69 -20.33 -25.30
N TYR D 318 10.70 -20.55 -26.13
CA TYR D 318 10.53 -20.84 -27.57
C TYR D 318 10.52 -22.36 -27.83
N VAL D 319 10.64 -23.16 -26.79
CA VAL D 319 10.54 -24.62 -26.89
C VAL D 319 9.05 -24.97 -26.89
N THR D 320 8.65 -25.97 -27.67
CA THR D 320 7.27 -26.42 -27.68
C THR D 320 6.89 -26.87 -26.27
N GLN D 321 5.71 -26.45 -25.78
CA GLN D 321 5.44 -26.49 -24.34
C GLN D 321 5.23 -27.92 -23.82
N ILE D 322 4.91 -28.88 -24.69
CA ILE D 322 4.81 -30.30 -24.21
C ILE D 322 6.12 -30.73 -23.54
N PHE D 323 7.23 -30.15 -23.99
CA PHE D 323 8.57 -30.52 -23.49
C PHE D 323 9.02 -29.62 -22.33
N ASN D 324 8.11 -28.80 -21.78
CA ASN D 324 8.50 -27.81 -20.77
C ASN D 324 9.11 -28.52 -19.54
N LEU D 325 8.49 -29.64 -19.14
CA LEU D 325 8.87 -30.40 -17.95
C LEU D 325 10.16 -31.18 -18.19
N LYS D 326 10.25 -31.87 -19.34
CA LYS D 326 11.43 -32.64 -19.67
C LYS D 326 12.66 -31.73 -19.68
N LEU D 327 12.51 -30.55 -20.29
CA LEU D 327 13.61 -29.61 -20.41
C LEU D 327 14.07 -29.17 -19.01
N GLU D 328 13.11 -28.86 -18.14
CA GLU D 328 13.45 -28.36 -16.79
C GLU D 328 14.11 -29.50 -16.01
N ALA D 329 13.62 -30.73 -16.19
CA ALA D 329 14.17 -31.90 -15.55
C ALA D 329 15.66 -32.07 -15.94
N ILE D 330 15.98 -31.88 -17.22
CA ILE D 330 17.34 -32.01 -17.72
C ILE D 330 18.20 -30.89 -17.12
N ARG D 331 17.66 -29.67 -17.09
CA ARG D 331 18.38 -28.54 -16.53
C ARG D 331 18.71 -28.80 -15.06
N GLN D 332 17.76 -29.42 -14.32
CA GLN D 332 17.89 -29.72 -12.90
C GLN D 332 18.73 -30.99 -12.68
N ASN D 333 19.03 -31.74 -13.75
CA ASN D 333 19.85 -32.93 -13.67
C ASN D 333 19.19 -33.99 -12.78
N ASP D 334 17.86 -34.11 -12.88
CA ASP D 334 17.03 -34.97 -12.03
C ASP D 334 16.54 -36.16 -12.89
N LEU D 335 17.14 -37.33 -12.68
CA LEU D 335 16.81 -38.50 -13.48
C LEU D 335 15.34 -38.88 -13.27
N LEU D 336 14.89 -38.91 -12.01
CA LEU D 336 13.51 -39.28 -11.72
C LEU D 336 12.53 -38.39 -12.51
N ALA D 337 12.82 -37.08 -12.57
CA ALA D 337 11.93 -36.13 -13.22
C ALA D 337 11.91 -36.37 -14.74
N VAL D 338 13.05 -36.77 -15.31
CA VAL D 338 13.12 -37.05 -16.73
C VAL D 338 12.30 -38.31 -17.03
N MET D 339 12.43 -39.32 -16.15
CA MET D 339 11.68 -40.56 -16.28
C MET D 339 10.18 -40.24 -16.30
N ILE D 340 9.75 -39.39 -15.36
CA ILE D 340 8.35 -39.03 -15.22
C ILE D 340 7.91 -38.24 -16.46
N ALA D 341 8.74 -37.29 -16.87
CA ALA D 341 8.44 -36.44 -18.01
C ALA D 341 8.14 -37.31 -19.23
N ASP D 342 8.96 -38.34 -19.43
CA ASP D 342 8.87 -39.26 -20.57
C ASP D 342 7.58 -40.07 -20.46
N LYS D 343 7.20 -40.45 -19.24
CA LYS D 343 5.97 -41.22 -19.02
C LYS D 343 4.74 -40.37 -19.35
N LEU D 344 4.82 -39.04 -19.19
CA LEU D 344 3.70 -38.14 -19.47
C LEU D 344 3.65 -37.72 -20.94
N LEU D 345 4.75 -37.88 -21.68
CA LEU D 345 4.76 -37.61 -23.14
C LEU D 345 4.17 -38.82 -23.88
N MET E 19 -81.74 81.73 30.73
CA MET E 19 -80.97 80.58 30.16
C MET E 19 -79.52 80.65 30.64
N LYS E 20 -79.08 79.62 31.34
CA LYS E 20 -77.73 79.55 31.93
C LYS E 20 -76.74 79.20 30.82
N LYS E 21 -75.46 79.52 31.06
CA LYS E 21 -74.37 79.18 30.14
C LYS E 21 -74.10 77.67 30.16
N VAL E 22 -73.98 77.10 31.36
CA VAL E 22 -73.59 75.69 31.53
C VAL E 22 -74.46 75.03 32.59
N SER E 23 -74.91 73.81 32.30
CA SER E 23 -75.42 72.91 33.32
C SER E 23 -74.41 71.79 33.55
N VAL E 24 -73.82 71.75 34.76
CA VAL E 24 -73.02 70.61 35.16
C VAL E 24 -73.98 69.52 35.63
N ILE E 25 -73.91 68.35 34.98
CA ILE E 25 -74.75 67.21 35.30
C ILE E 25 -73.89 66.14 35.98
N MET E 26 -74.24 65.77 37.21
CA MET E 26 -73.45 64.85 38.00
C MET E 26 -74.36 63.80 38.62
N PRO E 27 -74.34 62.53 38.13
CA PRO E 27 -75.04 61.45 38.79
C PRO E 27 -74.24 60.98 40.02
N THR E 28 -74.95 60.59 41.07
CA THR E 28 -74.29 60.15 42.33
C THR E 28 -75.00 58.91 42.88
N PHE E 29 -74.27 57.81 43.04
CA PHE E 29 -74.84 56.55 43.60
C PHE E 29 -73.92 56.03 44.71
N ASN E 30 -74.38 56.13 45.96
CA ASN E 30 -73.58 55.66 47.14
C ASN E 30 -72.19 56.29 47.08
N GLU E 33 -69.75 60.85 51.37
CA GLU E 33 -68.97 61.86 52.13
C GLU E 33 -67.77 62.33 51.28
N LYS E 34 -67.41 61.57 50.24
CA LYS E 34 -66.39 61.98 49.25
C LYS E 34 -66.93 63.13 48.38
N LEU E 35 -68.25 63.29 48.35
CA LEU E 35 -68.98 64.12 47.40
C LEU E 35 -68.73 65.60 47.70
N HIS E 36 -68.47 65.94 48.97
CA HIS E 36 -68.19 67.32 49.40
C HIS E 36 -67.13 67.94 48.50
N ARG E 37 -66.02 67.24 48.31
CA ARG E 37 -64.87 67.71 47.54
C ARG E 37 -65.32 68.04 46.11
N THR E 38 -66.09 67.13 45.51
CA THR E 38 -66.56 67.29 44.13
C THR E 38 -67.47 68.51 44.02
N ILE E 39 -68.52 68.53 44.85
CA ILE E 39 -69.52 69.60 44.81
C ILE E 39 -68.81 70.94 45.04
N SER E 40 -67.93 70.99 46.03
CA SER E 40 -67.17 72.20 46.34
C SER E 40 -66.42 72.70 45.11
N SER E 41 -65.85 71.78 44.32
CA SER E 41 -65.07 72.14 43.14
C SER E 41 -65.97 72.80 42.07
N VAL E 42 -67.25 72.44 42.04
CA VAL E 42 -68.21 73.00 41.07
C VAL E 42 -68.71 74.37 41.57
N LEU E 43 -68.98 74.47 42.87
CA LEU E 43 -69.51 75.71 43.44
C LEU E 43 -68.41 76.79 43.47
N ASN E 44 -67.15 76.38 43.49
CA ASN E 44 -66.01 77.30 43.57
C ASN E 44 -65.40 77.49 42.18
N GLN E 45 -66.19 78.02 41.24
CA GLN E 45 -65.76 78.29 39.86
C GLN E 45 -65.57 79.80 39.65
N THR E 46 -64.66 80.16 38.74
CA THR E 46 -64.40 81.55 38.37
C THR E 46 -65.59 82.14 37.61
N MET E 47 -66.43 81.29 37.02
CA MET E 47 -67.63 81.74 36.34
C MET E 47 -68.61 82.33 37.37
N LYS E 48 -69.35 83.37 36.96
CA LYS E 48 -70.42 83.98 37.74
C LYS E 48 -71.39 82.87 38.17
N SER E 49 -71.56 82.73 39.49
CA SER E 49 -72.42 81.69 40.11
C SER E 49 -73.85 81.75 39.56
N THR E 50 -74.22 82.89 38.95
CA THR E 50 -75.58 83.06 38.38
C THR E 50 -75.54 82.80 36.87
N ASP E 51 -74.53 82.08 36.40
CA ASP E 51 -74.38 81.77 34.96
C ASP E 51 -74.42 80.24 34.76
N TYR E 52 -74.29 79.47 35.85
CA TYR E 52 -74.33 78.00 35.70
C TYR E 52 -75.11 77.37 36.86
N GLU E 53 -75.42 76.08 36.68
CA GLU E 53 -76.10 75.27 37.67
C GLU E 53 -75.42 73.91 37.78
N LEU E 54 -75.49 73.33 38.97
CA LEU E 54 -75.09 71.94 39.20
C LEU E 54 -76.36 71.11 39.40
N ILE E 55 -76.65 70.22 38.45
CA ILE E 55 -77.76 69.31 38.57
C ILE E 55 -77.22 67.98 39.11
N ILE E 56 -77.69 67.58 40.29
CA ILE E 56 -77.27 66.33 40.91
C ILE E 56 -78.42 65.32 40.80
N ILE E 57 -78.13 64.15 40.22
CA ILE E 57 -79.12 63.10 40.06
C ILE E 57 -78.62 61.85 40.80
N ASP E 58 -79.23 61.55 41.95
CA ASP E 58 -78.83 60.40 42.74
C ASP E 58 -79.55 59.16 42.23
N ASP E 59 -78.79 58.09 41.96
CA ASP E 59 -79.34 56.87 41.38
C ASP E 59 -79.78 55.93 42.51
N HIS E 60 -80.65 56.46 43.38
CA HIS E 60 -81.25 55.72 44.50
C HIS E 60 -80.18 55.03 45.35
N SER E 61 -79.32 55.86 45.98
CA SER E 61 -78.30 55.42 46.92
C SER E 61 -78.94 54.55 48.01
N GLY E 65 -78.45 55.07 54.28
CA GLY E 65 -78.87 56.41 53.85
C GLY E 65 -77.79 57.48 54.08
N GLU E 66 -76.51 57.05 54.03
CA GLU E 66 -75.34 57.93 54.28
C GLU E 66 -75.27 59.02 53.19
N THR E 67 -75.30 58.58 51.91
CA THR E 67 -74.93 59.39 50.76
C THR E 67 -75.88 60.59 50.63
N LEU E 68 -77.19 60.34 50.68
CA LEU E 68 -78.18 61.42 50.50
C LEU E 68 -78.00 62.47 51.60
N LYS E 73 -78.20 68.25 52.55
CA LYS E 73 -77.18 69.10 53.16
C LYS E 73 -76.71 70.18 52.18
N TYR E 74 -76.98 70.01 50.88
CA TYR E 74 -76.57 70.98 49.86
C TYR E 74 -77.79 71.69 49.23
N LYS E 75 -78.95 71.65 49.93
CA LYS E 75 -80.12 72.43 49.51
C LYS E 75 -79.68 73.89 49.34
N GLY E 76 -80.03 74.48 48.18
CA GLY E 76 -79.65 75.84 47.85
C GLY E 76 -78.51 75.87 46.85
N LEU E 77 -78.81 76.40 45.65
CA LEU E 77 -77.80 76.66 44.60
C LEU E 77 -77.37 75.38 43.86
N VAL E 78 -78.14 74.32 44.08
CA VAL E 78 -77.98 73.01 43.43
C VAL E 78 -79.37 72.44 43.14
N ARG E 79 -79.63 72.05 41.88
CA ARG E 79 -80.85 71.36 41.53
C ARG E 79 -80.63 69.86 41.80
N PHE E 80 -81.68 69.15 42.22
CA PHE E 80 -81.52 67.78 42.65
C PHE E 80 -82.78 66.96 42.36
N LYS E 81 -82.57 65.73 41.87
CA LYS E 81 -83.63 64.74 41.70
C LYS E 81 -83.08 63.40 42.19
N GLN E 82 -83.93 62.58 42.82
CA GLN E 82 -83.58 61.21 43.19
C GLN E 82 -84.43 60.24 42.37
N LEU E 83 -83.77 59.23 41.79
CA LEU E 83 -84.46 58.20 41.03
C LEU E 83 -85.06 57.20 42.03
N LYS E 84 -86.19 56.60 41.65
CA LYS E 84 -86.97 55.71 42.51
C LYS E 84 -86.23 54.38 42.69
N LYS E 85 -85.64 53.86 41.60
CA LYS E 85 -84.86 52.62 41.57
C LYS E 85 -83.46 52.92 41.00
N ASN E 86 -82.44 52.18 41.49
CA ASN E 86 -81.07 52.32 41.00
C ASN E 86 -80.98 51.75 39.58
N SER E 87 -80.52 52.56 38.62
CA SER E 87 -80.45 52.21 37.21
C SER E 87 -79.25 51.29 36.94
N GLY E 88 -78.20 51.40 37.75
CA GLY E 88 -77.03 50.50 37.68
C GLY E 88 -75.80 51.18 37.09
N ASN E 89 -76.01 52.09 36.12
CA ASN E 89 -74.95 52.89 35.50
C ASN E 89 -75.37 54.36 35.53
N ALA E 90 -74.65 55.22 34.80
CA ALA E 90 -74.85 56.66 34.80
C ALA E 90 -75.77 57.11 33.66
N SER E 91 -76.22 56.17 32.82
CA SER E 91 -76.99 56.51 31.63
C SER E 91 -78.31 57.21 32.02
N VAL E 92 -79.18 56.51 32.77
CA VAL E 92 -80.50 57.07 33.12
C VAL E 92 -80.33 58.38 33.88
N PRO E 93 -79.50 58.44 34.94
CA PRO E 93 -79.24 59.69 35.65
C PRO E 93 -78.82 60.86 34.74
N ARG E 94 -77.89 60.60 33.81
CA ARG E 94 -77.39 61.64 32.91
C ARG E 94 -78.51 62.08 31.96
N ASN E 95 -79.32 61.13 31.50
CA ASN E 95 -80.44 61.42 30.63
C ASN E 95 -81.45 62.32 31.35
N THR E 96 -81.62 62.09 32.66
CA THR E 96 -82.54 62.86 33.49
C THR E 96 -82.03 64.30 33.62
N GLY E 97 -80.72 64.42 33.85
CA GLY E 97 -80.05 65.72 33.92
C GLY E 97 -80.22 66.52 32.64
N LEU E 98 -80.16 65.84 31.49
CA LEU E 98 -80.28 66.49 30.18
C LEU E 98 -81.69 67.05 29.99
N LYS E 99 -82.71 66.31 30.42
CA LYS E 99 -84.10 66.75 30.33
C LYS E 99 -84.31 67.98 31.24
N MET E 100 -83.51 68.07 32.32
CA MET E 100 -83.67 69.13 33.31
C MET E 100 -82.93 70.41 32.90
N SER E 101 -81.91 70.29 32.02
CA SER E 101 -81.09 71.43 31.63
C SER E 101 -81.73 72.18 30.46
N LYS E 102 -81.71 73.51 30.52
CA LYS E 102 -82.12 74.39 29.42
C LYS E 102 -80.97 75.36 29.11
N ALA E 103 -79.73 74.95 29.46
CA ALA E 103 -78.53 75.79 29.30
C ALA E 103 -77.99 75.71 27.86
N GLU E 104 -76.99 76.53 27.56
CA GLU E 104 -76.35 76.60 26.24
C GLU E 104 -75.47 75.35 26.05
N TYR E 105 -74.66 75.06 27.07
CA TYR E 105 -73.82 73.88 27.12
C TYR E 105 -74.14 73.05 28.37
N VAL E 106 -73.87 71.74 28.29
CA VAL E 106 -73.86 70.88 29.46
C VAL E 106 -72.43 70.34 29.65
N PHE E 107 -72.10 70.02 30.90
CA PHE E 107 -70.83 69.43 31.24
C PHE E 107 -71.09 68.24 32.17
N PHE E 108 -70.73 67.04 31.73
CA PHE E 108 -70.91 65.86 32.54
C PHE E 108 -69.71 65.71 33.49
N LEU E 109 -70.01 65.53 34.78
CA LEU E 109 -69.02 65.37 35.82
C LEU E 109 -69.37 64.11 36.62
N ASP E 110 -68.39 63.23 36.80
CA ASP E 110 -68.56 62.04 37.63
C ASP E 110 -68.36 62.43 39.11
N SER E 111 -68.97 61.65 40.00
CA SER E 111 -69.21 62.06 41.38
C SER E 111 -67.92 62.08 42.20
N ASP E 112 -66.89 61.34 41.80
CA ASP E 112 -65.67 61.28 42.61
C ASP E 112 -64.62 62.29 42.08
N ASP E 113 -64.88 62.91 40.92
CA ASP E 113 -63.90 63.71 40.18
C ASP E 113 -63.95 65.17 40.66
N LEU E 114 -63.04 66.02 40.15
CA LEU E 114 -62.96 67.46 40.52
C LEU E 114 -62.84 68.32 39.26
N LEU E 115 -63.42 69.53 39.33
CA LEU E 115 -63.18 70.58 38.32
C LEU E 115 -62.19 71.60 38.86
N HIS E 116 -61.31 72.08 37.98
CA HIS E 116 -60.43 73.21 38.26
C HIS E 116 -61.27 74.47 38.40
N GLU E 117 -60.79 75.42 39.21
CA GLU E 117 -61.52 76.65 39.55
C GLU E 117 -61.94 77.37 38.26
N ARG E 118 -61.09 77.34 37.21
CA ARG E 118 -61.35 78.09 35.97
C ARG E 118 -61.65 77.11 34.84
N ALA E 119 -62.59 76.18 35.05
CA ALA E 119 -62.91 75.16 34.07
C ALA E 119 -64.10 75.62 33.22
N LEU E 120 -65.21 75.94 33.88
CA LEU E 120 -66.41 76.37 33.18
C LEU E 120 -66.15 77.66 32.40
N GLU E 121 -65.53 78.66 33.05
CA GLU E 121 -65.26 79.95 32.42
C GLU E 121 -64.40 79.76 31.16
N ASP E 122 -63.24 79.13 31.32
CA ASP E 122 -62.26 79.01 30.25
C ASP E 122 -62.81 78.18 29.09
N LEU E 123 -63.49 77.07 29.41
CA LEU E 123 -64.02 76.17 28.39
C LEU E 123 -65.19 76.82 27.66
N TYR E 124 -66.09 77.50 28.39
CA TYR E 124 -67.23 78.16 27.78
C TYR E 124 -66.77 79.30 26.87
N ASN E 125 -65.80 80.10 27.35
CA ASN E 125 -65.29 81.25 26.60
C ASN E 125 -64.64 80.78 25.30
N TYR E 126 -63.79 79.75 25.39
CA TYR E 126 -63.10 79.19 24.23
C TYR E 126 -64.15 78.68 23.24
N GLY E 127 -65.18 78.00 23.77
CA GLY E 127 -66.23 77.42 22.97
C GLY E 127 -67.02 78.47 22.22
N LYS E 128 -67.41 79.53 22.94
CA LYS E 128 -68.22 80.61 22.35
C LYS E 128 -67.40 81.35 21.28
N GLU E 129 -66.13 81.62 21.57
CA GLU E 129 -65.25 82.37 20.65
C GLU E 129 -64.96 81.56 19.38
N ASN E 130 -65.15 80.24 19.41
CA ASN E 130 -64.84 79.39 18.27
C ASN E 130 -66.09 78.65 17.77
N ASN E 131 -67.28 79.06 18.25
CA ASN E 131 -68.55 78.48 17.84
C ASN E 131 -68.51 76.94 17.98
N SER E 132 -67.93 76.48 19.09
CA SER E 132 -67.65 75.07 19.33
C SER E 132 -68.93 74.32 19.73
N ASP E 133 -69.11 73.14 19.14
CA ASP E 133 -70.15 72.20 19.50
C ASP E 133 -69.67 71.37 20.69
N LEU E 134 -68.35 71.21 20.80
CA LEU E 134 -67.71 70.39 21.82
C LEU E 134 -66.40 71.06 22.26
N ILE E 135 -66.18 71.18 23.57
CA ILE E 135 -64.90 71.67 24.09
C ILE E 135 -64.37 70.62 25.07
N ILE E 136 -63.10 70.23 24.90
CA ILE E 136 -62.45 69.22 25.71
C ILE E 136 -61.33 69.87 26.50
N GLY E 137 -61.47 69.87 27.83
CA GLY E 137 -60.44 70.37 28.73
C GLY E 137 -59.47 69.27 29.12
N LYS E 138 -58.19 69.62 29.23
CA LYS E 138 -57.13 68.68 29.54
C LYS E 138 -57.45 67.96 30.85
N TYR E 139 -57.27 66.63 30.85
CA TYR E 139 -57.57 65.79 32.00
C TYR E 139 -56.30 65.65 32.85
N GLY E 140 -56.50 65.63 34.17
CA GLY E 140 -55.51 65.20 35.13
C GLY E 140 -56.02 63.97 35.89
N VAL E 141 -55.13 63.33 36.64
CA VAL E 141 -55.49 62.09 37.29
C VAL E 141 -54.77 62.00 38.65
N GLU E 142 -55.50 61.49 39.65
CA GLU E 142 -55.04 61.34 41.02
C GLU E 142 -55.24 59.87 41.39
N GLY E 143 -54.14 59.14 41.60
CA GLY E 143 -54.20 57.75 42.13
C GLY E 143 -54.00 56.71 41.04
N LYS E 144 -53.72 55.48 41.47
CA LYS E 144 -53.43 54.37 40.56
C LYS E 144 -54.74 53.90 39.92
N SER E 147 -55.54 55.36 33.61
CA SER E 147 -54.89 56.54 33.04
C SER E 147 -55.92 57.37 32.27
N VAL E 148 -55.55 58.60 31.91
CA VAL E 148 -56.40 59.53 31.16
C VAL E 148 -55.74 59.82 29.82
N PRO E 149 -56.51 60.28 28.79
CA PRO E 149 -55.94 60.64 27.50
C PRO E 149 -54.84 61.69 27.62
N LYS E 150 -53.83 61.59 26.75
CA LYS E 150 -52.68 62.48 26.75
C LYS E 150 -52.46 63.05 25.33
N ALA E 151 -52.55 62.19 24.30
CA ALA E 151 -52.24 62.55 22.92
C ALA E 151 -53.12 63.71 22.43
N ILE E 152 -54.41 63.69 22.75
CA ILE E 152 -55.36 64.73 22.32
C ILE E 152 -54.87 66.13 22.72
N PHE E 153 -54.09 66.23 23.81
CA PHE E 153 -53.70 67.52 24.39
C PHE E 153 -52.24 67.89 24.06
N GLU E 154 -51.58 67.12 23.17
CA GLU E 154 -50.12 67.24 22.97
C GLU E 154 -49.78 68.40 22.03
N LYS E 155 -50.79 69.00 21.37
CA LYS E 155 -50.54 70.09 20.42
C LYS E 155 -50.98 71.43 21.02
N GLY E 156 -51.25 71.46 22.32
CA GLY E 156 -51.80 72.64 22.98
C GLY E 156 -53.22 72.89 22.54
N ASN E 157 -53.64 74.16 22.59
CA ASN E 157 -55.01 74.54 22.31
C ASN E 157 -55.27 74.41 20.80
N VAL E 158 -56.46 73.88 20.46
CA VAL E 158 -56.90 73.70 19.09
C VAL E 158 -58.33 74.20 18.98
N ALA E 159 -58.55 75.21 18.12
CA ALA E 159 -59.88 75.82 17.89
C ALA E 159 -60.78 74.86 17.11
N LYS E 160 -60.39 74.51 15.88
CA LYS E 160 -61.19 73.59 15.02
C LYS E 160 -60.46 72.25 14.91
N ALA E 161 -60.57 71.41 15.94
CA ALA E 161 -59.87 70.13 15.99
C ALA E 161 -60.47 69.17 14.96
N ASP E 162 -59.66 68.15 14.62
CA ASP E 162 -60.01 67.11 13.67
C ASP E 162 -59.95 65.77 14.43
N ILE E 163 -60.92 64.88 14.17
CA ILE E 163 -61.05 63.63 14.89
C ILE E 163 -59.74 62.83 14.77
N ILE E 164 -59.27 62.63 13.54
CA ILE E 164 -58.13 61.76 13.29
C ILE E 164 -56.85 62.44 13.78
N ASP E 165 -56.60 63.66 13.30
CA ASP E 165 -55.33 64.36 13.53
C ASP E 165 -55.16 64.73 15.01
N ASN E 166 -56.25 64.83 15.79
CA ASN E 166 -56.15 65.28 17.19
C ASN E 166 -56.55 64.16 18.16
N SER E 167 -56.60 62.91 17.67
CA SER E 167 -56.70 61.72 18.51
C SER E 167 -57.96 61.74 19.37
N ILE E 168 -59.09 62.19 18.80
CA ILE E 168 -60.31 62.37 19.57
C ILE E 168 -60.95 61.00 19.86
N PHE E 169 -60.70 59.99 19.02
CA PHE E 169 -61.23 58.65 19.26
C PHE E 169 -60.53 57.99 20.45
N TYR E 170 -59.43 58.59 20.91
CA TYR E 170 -58.74 58.14 22.13
C TYR E 170 -59.16 58.99 23.35
N ALA E 171 -60.24 59.77 23.23
CA ALA E 171 -60.77 60.55 24.36
C ALA E 171 -62.28 60.68 24.23
N LEU E 172 -62.99 59.55 24.32
CA LEU E 172 -64.42 59.49 24.02
C LEU E 172 -65.27 59.51 25.30
N SER E 173 -64.69 59.88 26.44
CA SER E 173 -65.48 60.09 27.67
C SER E 173 -66.45 61.26 27.43
N VAL E 174 -67.49 61.34 28.25
CA VAL E 174 -68.42 62.46 28.13
C VAL E 174 -68.04 63.55 29.15
N LEU E 175 -66.81 63.50 29.67
CA LEU E 175 -66.36 64.47 30.67
C LEU E 175 -65.83 65.70 29.93
N LYS E 176 -66.73 66.36 29.19
CA LYS E 176 -66.46 67.46 28.32
C LYS E 176 -67.68 68.41 28.30
N MET E 177 -67.53 69.54 27.61
CA MET E 177 -68.59 70.52 27.46
C MET E 177 -69.24 70.33 26.08
N PHE E 178 -70.54 70.03 26.08
CA PHE E 178 -71.32 69.75 24.86
C PHE E 178 -72.40 70.83 24.66
N LYS E 179 -72.56 71.28 23.40
CA LYS E 179 -73.61 72.25 23.04
C LYS E 179 -74.96 71.53 23.07
N LYS E 180 -75.87 72.04 23.91
CA LYS E 180 -77.13 71.34 24.19
C LYS E 180 -77.99 71.26 22.93
N SER E 181 -77.90 72.26 22.06
CA SER E 181 -78.73 72.32 20.85
C SER E 181 -78.48 71.10 19.96
N VAL E 182 -77.21 70.67 19.89
CA VAL E 182 -76.83 69.53 19.07
C VAL E 182 -77.48 68.26 19.65
N ILE E 183 -77.43 68.13 20.98
CA ILE E 183 -78.03 67.02 21.70
C ILE E 183 -79.54 67.03 21.49
N ASP E 184 -80.15 68.23 21.56
CA ASP E 184 -81.59 68.40 21.46
C ASP E 184 -82.05 68.14 20.02
N LYS E 185 -81.43 68.80 19.05
CA LYS E 185 -81.85 68.71 17.63
C LYS E 185 -81.76 67.25 17.17
N ASN E 186 -80.74 66.51 17.63
CA ASN E 186 -80.49 65.15 17.15
C ASN E 186 -81.02 64.10 18.13
N LYS E 187 -81.65 64.53 19.23
CA LYS E 187 -82.27 63.62 20.22
C LYS E 187 -81.25 62.56 20.67
N ILE E 188 -80.08 63.03 21.11
CA ILE E 188 -78.99 62.17 21.57
C ILE E 188 -79.18 61.85 23.05
N LYS E 189 -79.37 60.56 23.35
CA LYS E 189 -79.57 60.07 24.70
C LYS E 189 -78.50 59.01 24.99
N PHE E 190 -78.18 58.81 26.26
CA PHE E 190 -77.34 57.69 26.65
C PHE E 190 -78.17 56.41 26.53
N LYS E 191 -77.62 55.40 25.85
CA LYS E 191 -78.30 54.12 25.69
C LYS E 191 -78.04 53.29 26.95
N THR E 192 -78.87 52.27 27.16
CA THR E 192 -78.85 51.49 28.41
C THR E 192 -78.81 49.98 28.14
N PHE E 193 -78.44 49.57 26.92
CA PHE E 193 -78.45 48.14 26.55
C PHE E 193 -77.19 47.45 27.10
N SER E 194 -76.19 48.24 27.52
CA SER E 194 -74.88 47.75 27.95
C SER E 194 -74.46 48.50 29.21
N LYS E 195 -73.57 47.85 29.99
CA LYS E 195 -73.00 48.40 31.22
C LYS E 195 -71.78 49.26 30.90
N THR E 196 -71.16 49.02 29.73
CA THR E 196 -69.94 49.68 29.32
C THR E 196 -70.07 50.26 27.89
N ALA E 197 -69.20 51.22 27.60
CA ALA E 197 -69.02 51.83 26.28
C ALA E 197 -70.23 52.67 25.86
N GLU E 198 -71.10 53.03 26.82
CA GLU E 198 -72.30 53.79 26.51
C GLU E 198 -71.94 55.27 26.37
N ASP E 199 -70.88 55.68 27.08
CA ASP E 199 -70.36 57.04 27.06
C ASP E 199 -69.65 57.28 25.72
N GLN E 200 -68.95 56.25 25.23
CA GLN E 200 -68.29 56.30 23.95
C GLN E 200 -69.33 56.51 22.84
N LEU E 201 -70.41 55.72 22.88
CA LEU E 201 -71.43 55.79 21.86
C LEU E 201 -72.05 57.19 21.84
N PHE E 202 -72.19 57.79 23.04
CA PHE E 202 -72.78 59.10 23.16
C PHE E 202 -71.88 60.13 22.46
N THR E 203 -70.60 60.13 22.81
CA THR E 203 -69.64 61.07 22.25
C THR E 203 -69.52 60.87 20.74
N ILE E 204 -69.52 59.61 20.29
CA ILE E 204 -69.43 59.30 18.87
C ILE E 204 -70.66 59.85 18.16
N GLU E 205 -71.86 59.61 18.72
CA GLU E 205 -73.10 60.11 18.13
C GLU E 205 -73.03 61.65 18.02
N PHE E 206 -72.46 62.30 19.03
CA PHE E 206 -72.33 63.74 19.06
C PHE E 206 -71.36 64.22 17.98
N LEU E 207 -70.18 63.58 17.94
CA LEU E 207 -69.11 63.94 17.00
C LEU E 207 -69.59 63.80 15.56
N MET E 208 -70.38 62.75 15.30
CA MET E 208 -70.85 62.44 13.95
C MET E 208 -72.04 63.35 13.56
N ASN E 209 -72.52 64.19 14.49
CA ASN E 209 -73.63 65.11 14.22
C ASN E 209 -73.21 66.56 14.46
N SER E 210 -71.91 66.85 14.45
CA SER E 210 -71.40 68.21 14.69
C SER E 210 -70.03 68.35 14.00
N LYS E 211 -69.56 69.60 13.84
CA LYS E 211 -68.34 69.87 13.07
C LYS E 211 -67.26 70.54 13.93
N ASN E 212 -67.66 71.39 14.88
CA ASN E 212 -66.74 72.28 15.56
C ASN E 212 -66.36 71.70 16.93
N TYR E 213 -65.11 71.26 17.05
CA TYR E 213 -64.57 70.71 18.30
C TYR E 213 -63.31 71.48 18.67
N SER E 214 -63.20 71.86 19.94
CA SER E 214 -62.07 72.61 20.39
C SER E 214 -61.42 71.88 21.58
N ILE E 215 -60.10 72.09 21.74
CA ILE E 215 -59.31 71.47 22.78
C ILE E 215 -58.59 72.58 23.54
N LYS E 216 -58.75 72.61 24.87
CA LYS E 216 -58.16 73.65 25.74
C LYS E 216 -57.28 72.96 26.78
N THR E 217 -56.03 73.42 26.94
CA THR E 217 -55.00 72.67 27.67
C THR E 217 -54.19 73.55 28.63
N ASP E 218 -54.68 74.75 28.96
CA ASP E 218 -53.92 75.69 29.79
C ASP E 218 -53.72 75.13 31.19
N TYR E 219 -54.74 74.43 31.71
CA TYR E 219 -54.72 73.81 33.04
C TYR E 219 -55.23 72.36 32.92
N GLU E 220 -55.01 71.56 33.97
CA GLU E 220 -55.71 70.30 34.10
C GLU E 220 -57.12 70.62 34.61
N TYR E 221 -58.05 70.85 33.67
CA TYR E 221 -59.36 71.39 33.97
C TYR E 221 -60.25 70.35 34.68
N TYR E 222 -60.11 69.08 34.30
CA TYR E 222 -60.86 67.99 34.90
C TYR E 222 -59.88 66.98 35.50
N ILE E 223 -60.05 66.69 36.79
CA ILE E 223 -59.18 65.71 37.48
C ILE E 223 -60.00 64.44 37.74
N VAL E 224 -59.64 63.35 37.08
CA VAL E 224 -60.21 62.03 37.35
C VAL E 224 -59.56 61.51 38.63
N VAL E 225 -60.38 61.20 39.64
CA VAL E 225 -59.90 60.64 40.91
C VAL E 225 -60.22 59.14 40.95
N ASN E 226 -59.17 58.32 41.07
CA ASN E 226 -59.26 56.86 41.08
C ASN E 226 -59.30 56.38 42.53
N ASP E 227 -60.20 55.43 42.86
CA ASP E 227 -60.42 54.96 44.24
C ASP E 227 -60.36 53.43 44.25
N SER E 239 -68.32 38.57 31.34
CA SER E 239 -69.32 38.76 30.30
C SER E 239 -68.98 37.89 29.07
N THR E 240 -70.03 37.55 28.30
CA THR E 240 -69.94 36.88 27.00
C THR E 240 -69.88 37.91 25.86
N GLY E 241 -70.21 39.18 26.17
CA GLY E 241 -69.98 40.32 25.28
C GLY E 241 -71.15 40.61 24.35
N ASN E 242 -72.28 39.92 24.55
CA ASN E 242 -73.45 40.13 23.70
C ASN E 242 -73.86 41.62 23.72
N GLN E 243 -73.90 42.22 24.92
CA GLN E 243 -74.37 43.60 25.08
C GLN E 243 -73.23 44.59 24.70
N TYR E 244 -72.00 44.24 25.05
CA TYR E 244 -70.86 45.10 24.77
C TYR E 244 -70.71 45.31 23.26
N PHE E 245 -70.76 44.22 22.49
CA PHE E 245 -70.50 44.30 21.05
C PHE E 245 -71.72 44.91 20.33
N ALA E 246 -72.90 44.83 20.95
CA ALA E 246 -74.08 45.53 20.44
C ALA E 246 -73.84 47.04 20.45
N THR E 247 -73.13 47.52 21.49
CA THR E 247 -72.81 48.93 21.64
C THR E 247 -71.73 49.33 20.63
N ILE E 248 -70.73 48.47 20.43
CA ILE E 248 -69.66 48.72 19.47
C ILE E 248 -70.29 48.79 18.07
N ASN E 249 -71.28 47.93 17.82
CA ASN E 249 -71.97 47.92 16.57
C ASN E 249 -72.65 49.29 16.35
N GLU E 250 -73.24 49.85 17.41
CA GLU E 250 -73.92 51.16 17.33
C GLU E 250 -72.91 52.27 16.98
N ILE E 251 -71.68 52.14 17.46
CA ILE E 251 -70.65 53.13 17.19
C ILE E 251 -70.32 53.13 15.69
N TYR E 252 -70.13 51.95 15.10
CA TYR E 252 -69.85 51.85 13.68
C TYR E 252 -71.05 52.36 12.88
N LYS E 253 -72.28 52.01 13.30
CA LYS E 253 -73.49 52.48 12.64
C LYS E 253 -73.52 54.02 12.63
N ALA E 254 -73.08 54.64 13.74
CA ALA E 254 -73.14 56.10 13.87
C ALA E 254 -72.19 56.77 12.86
N ILE E 255 -71.01 56.17 12.69
CA ILE E 255 -70.01 56.66 11.78
C ILE E 255 -70.53 56.57 10.34
N TYR E 256 -71.10 55.41 9.99
CA TYR E 256 -71.46 55.14 8.60
C TYR E 256 -72.79 55.82 8.24
N LYS E 257 -73.53 56.37 9.22
CA LYS E 257 -74.77 57.13 8.94
C LYS E 257 -74.56 58.63 9.21
N SER E 258 -73.30 59.05 9.41
CA SER E 258 -73.01 60.43 9.79
C SER E 258 -73.47 61.39 8.70
N PRO E 259 -74.34 62.38 9.03
CA PRO E 259 -74.71 63.41 8.07
C PRO E 259 -73.64 64.51 7.91
N ILE E 260 -72.64 64.52 8.78
CA ILE E 260 -71.52 65.46 8.68
C ILE E 260 -70.42 64.85 7.81
N TYR E 261 -69.99 63.62 8.14
CA TYR E 261 -68.98 62.92 7.38
C TYR E 261 -69.67 61.99 6.37
N LYS E 262 -70.07 62.57 5.23
CA LYS E 262 -70.93 61.93 4.26
C LYS E 262 -70.09 61.09 3.29
N ASN E 263 -68.83 61.47 3.07
CA ASN E 263 -67.97 60.79 2.11
C ASN E 263 -67.63 59.37 2.61
N GLN E 264 -67.93 58.37 1.78
CA GLN E 264 -67.80 56.98 2.17
C GLN E 264 -66.35 56.66 2.51
N GLU E 265 -65.38 57.25 1.80
CA GLU E 265 -63.98 56.95 2.10
C GLU E 265 -63.61 57.54 3.47
N LYS E 266 -64.19 58.68 3.82
CA LYS E 266 -63.93 59.30 5.11
C LYS E 266 -64.51 58.43 6.22
N ARG E 267 -65.68 57.84 5.97
CA ARG E 267 -66.30 56.92 6.90
C ARG E 267 -65.40 55.69 7.12
N HIS E 268 -64.84 55.15 6.03
CA HIS E 268 -63.91 54.04 6.13
C HIS E 268 -62.72 54.41 7.04
N GLN E 269 -62.24 55.64 6.91
CA GLN E 269 -61.07 56.10 7.63
C GLN E 269 -61.39 56.22 9.13
N LEU E 270 -62.56 56.77 9.43
CA LEU E 270 -63.03 56.94 10.79
C LEU E 270 -63.25 55.55 11.40
N ALA E 271 -63.94 54.67 10.66
CA ALA E 271 -64.22 53.32 11.13
C ALA E 271 -62.91 52.58 11.42
N GLY E 272 -61.93 52.73 10.52
CA GLY E 272 -60.63 52.09 10.68
C GLY E 272 -59.91 52.59 11.92
N LYS E 273 -60.04 53.90 12.18
CA LYS E 273 -59.37 54.49 13.30
C LYS E 273 -60.04 54.03 14.59
N TYR E 274 -61.37 53.88 14.58
CA TYR E 274 -62.04 53.38 15.76
C TYR E 274 -61.63 51.93 16.03
N THR E 275 -61.56 51.12 14.97
CA THR E 275 -61.11 49.74 15.07
C THR E 275 -59.73 49.69 15.74
N THR E 276 -58.84 50.61 15.35
CA THR E 276 -57.51 50.68 15.94
C THR E 276 -57.62 50.94 17.44
N ARG E 277 -58.46 51.91 17.82
CA ARG E 277 -58.64 52.27 19.25
C ARG E 277 -59.21 51.09 20.03
N LEU E 278 -60.10 50.34 19.40
CA LEU E 278 -60.76 49.18 20.00
C LEU E 278 -59.72 48.08 20.27
N LEU E 279 -58.79 47.90 19.32
CA LEU E 279 -57.76 46.87 19.47
C LEU E 279 -56.68 47.32 20.45
N ARG E 280 -56.55 48.64 20.67
CA ARG E 280 -55.48 49.17 21.56
C ARG E 280 -55.99 49.48 22.96
N HIS E 281 -57.32 49.56 23.16
CA HIS E 281 -57.84 49.91 24.49
C HIS E 281 -59.18 49.22 24.79
N GLY E 282 -59.62 48.29 23.95
CA GLY E 282 -60.94 47.68 24.12
C GLY E 282 -61.01 46.84 25.39
N GLN E 283 -62.24 46.57 25.83
CA GLN E 283 -62.52 45.67 26.91
C GLN E 283 -62.00 44.27 26.53
N LYS E 284 -61.30 43.63 27.49
CA LYS E 284 -60.80 42.27 27.34
C LYS E 284 -60.00 42.13 26.04
N LYS E 285 -59.09 43.08 25.79
CA LYS E 285 -58.38 43.09 24.52
C LYS E 285 -57.51 41.82 24.41
N ASN E 286 -57.05 41.29 25.54
CA ASN E 286 -56.14 40.16 25.55
C ASN E 286 -56.86 38.88 26.01
N PHE E 287 -58.13 38.75 25.64
CA PHE E 287 -58.96 37.64 26.07
C PHE E 287 -58.40 36.30 25.55
N ALA E 288 -57.74 36.31 24.39
CA ALA E 288 -57.46 35.08 23.66
C ALA E 288 -56.45 34.19 24.42
N ASN E 289 -55.45 34.81 25.07
CA ASN E 289 -54.44 34.06 25.81
C ASN E 289 -54.70 34.10 27.31
N SER E 290 -55.93 34.47 27.71
CA SER E 290 -56.28 34.70 29.11
C SER E 290 -56.75 33.39 29.77
N LYS E 291 -57.06 33.47 31.06
CA LYS E 291 -57.49 32.31 31.89
C LYS E 291 -59.00 32.07 31.71
N MET E 292 -59.63 32.87 30.85
CA MET E 292 -61.02 32.71 30.45
C MET E 292 -61.27 31.25 30.01
N LYS E 293 -62.45 30.71 30.36
CA LYS E 293 -62.87 29.37 29.91
C LYS E 293 -62.97 29.38 28.38
N TYR E 294 -62.61 28.25 27.75
CA TYR E 294 -62.56 28.14 26.30
C TYR E 294 -63.93 28.51 25.70
N GLU E 295 -65.01 27.97 26.27
CA GLU E 295 -66.36 28.18 25.70
C GLU E 295 -66.69 29.68 25.71
N ASP E 296 -66.21 30.39 26.75
CA ASP E 296 -66.43 31.82 26.89
C ASP E 296 -65.62 32.59 25.84
N LYS E 297 -64.38 32.16 25.59
CA LYS E 297 -63.54 32.77 24.57
C LYS E 297 -64.22 32.67 23.21
N ILE E 298 -64.77 31.49 22.90
CA ILE E 298 -65.40 31.24 21.62
C ILE E 298 -66.62 32.17 21.45
N GLU E 299 -67.43 32.31 22.51
CA GLU E 299 -68.65 33.11 22.46
C GLU E 299 -68.28 34.59 22.32
N TRP E 300 -67.22 35.00 23.04
CA TRP E 300 -66.74 36.38 23.00
C TRP E 300 -66.26 36.73 21.60
N LEU E 301 -65.40 35.87 21.04
CA LEU E 301 -64.82 36.09 19.73
C LEU E 301 -65.92 36.03 18.66
N ASN E 302 -66.94 35.20 18.89
CA ASN E 302 -68.03 35.08 17.95
C ASN E 302 -68.80 36.40 17.86
N ASN E 303 -69.03 37.06 19.01
CA ASN E 303 -69.70 38.35 19.04
C ASN E 303 -68.81 39.43 18.40
N PHE E 304 -67.51 39.35 18.69
CA PHE E 304 -66.52 40.32 18.15
C PHE E 304 -66.43 40.17 16.63
N SER E 305 -66.50 38.92 16.15
CA SER E 305 -66.41 38.62 14.73
C SER E 305 -67.67 39.10 14.00
N LYS E 306 -68.84 38.72 14.54
CA LYS E 306 -70.14 39.08 13.97
C LYS E 306 -70.22 40.61 13.81
N THR E 307 -69.70 41.35 14.79
CA THR E 307 -69.80 42.81 14.82
C THR E 307 -68.83 43.43 13.79
N ILE E 308 -67.59 42.97 13.80
CA ILE E 308 -66.56 43.56 12.94
C ILE E 308 -66.83 43.19 11.48
N ASN E 309 -67.58 42.10 11.23
CA ASN E 309 -67.84 41.67 9.86
C ASN E 309 -69.00 42.45 9.24
N LYS E 310 -69.66 43.31 10.03
CA LYS E 310 -70.64 44.27 9.53
C LYS E 310 -69.94 45.58 9.14
N VAL E 311 -68.64 45.68 9.43
CA VAL E 311 -67.85 46.84 9.06
C VAL E 311 -67.19 46.54 7.72
N PRO E 312 -67.32 47.42 6.72
CA PRO E 312 -66.65 47.22 5.43
C PRO E 312 -65.16 46.96 5.57
N ARG E 313 -64.64 46.04 4.74
CA ARG E 313 -63.22 45.71 4.69
C ARG E 313 -62.42 46.92 4.16
N ASP E 314 -63.09 47.84 3.46
CA ASP E 314 -62.48 49.06 2.96
C ASP E 314 -61.88 49.89 4.10
N SER E 315 -62.37 49.70 5.33
CA SER E 315 -61.86 50.41 6.50
C SER E 315 -60.53 49.82 6.98
N ASP E 316 -60.28 48.55 6.66
CA ASP E 316 -59.15 47.81 7.22
C ASP E 316 -57.82 48.49 6.86
N LYS E 317 -57.74 49.07 5.66
CA LYS E 317 -56.50 49.71 5.22
C LYS E 317 -56.14 50.91 6.11
N TYR E 318 -57.11 51.46 6.84
CA TYR E 318 -56.91 52.63 7.72
C TYR E 318 -56.61 52.22 9.17
N VAL E 319 -56.56 50.90 9.43
CA VAL E 319 -56.17 50.37 10.72
C VAL E 319 -54.64 50.35 10.77
N THR E 320 -54.05 50.66 11.93
CA THR E 320 -52.61 50.64 12.10
C THR E 320 -52.12 49.21 11.79
N GLN E 321 -51.05 49.10 11.00
CA GLN E 321 -50.75 47.82 10.33
C GLN E 321 -50.26 46.75 11.31
N ILE E 322 -49.75 47.13 12.50
CA ILE E 322 -49.34 46.10 13.48
C ILE E 322 -50.52 45.17 13.79
N PHE E 323 -51.75 45.71 13.70
CA PHE E 323 -52.96 44.97 14.03
C PHE E 323 -53.57 44.28 12.81
N ASN E 324 -52.85 44.23 11.68
CA ASN E 324 -53.40 43.68 10.43
C ASN E 324 -53.83 42.22 10.64
N LEU E 325 -52.99 41.44 11.35
CA LEU E 325 -53.20 40.01 11.55
C LEU E 325 -54.31 39.76 12.56
N LYS E 326 -54.26 40.48 13.69
CA LYS E 326 -55.27 40.32 14.72
C LYS E 326 -56.66 40.61 14.14
N LEU E 327 -56.76 41.68 13.35
CA LEU E 327 -58.03 42.08 12.76
C LEU E 327 -58.54 40.98 11.83
N GLU E 328 -57.66 40.41 11.01
CA GLU E 328 -58.07 39.38 10.05
C GLU E 328 -58.49 38.13 10.82
N ALA E 329 -57.76 37.81 11.89
CA ALA E 329 -58.07 36.68 12.73
C ALA E 329 -59.50 36.82 13.31
N ILE E 330 -59.86 38.02 13.76
CA ILE E 330 -61.16 38.28 14.34
C ILE E 330 -62.23 38.14 13.24
N ARG E 331 -61.94 38.69 12.06
CA ARG E 331 -62.86 38.61 10.93
C ARG E 331 -63.12 37.15 10.58
N GLN E 332 -62.07 36.32 10.63
CA GLN E 332 -62.13 34.89 10.29
C GLN E 332 -62.71 34.06 11.46
N ASN E 333 -62.84 34.67 12.64
CA ASN E 333 -63.43 34.00 13.81
C ASN E 333 -62.56 32.80 14.22
N ASP E 334 -61.23 32.97 14.14
CA ASP E 334 -60.25 31.90 14.38
C ASP E 334 -59.53 32.20 15.71
N LEU E 335 -59.90 31.45 16.76
CA LEU E 335 -59.34 31.70 18.08
C LEU E 335 -57.81 31.51 18.08
N LEU E 336 -57.35 30.42 17.47
CA LEU E 336 -55.91 30.14 17.42
C LEU E 336 -55.14 31.32 16.82
N ALA E 337 -55.69 31.90 15.74
CA ALA E 337 -55.03 32.99 15.03
C ALA E 337 -54.98 34.25 15.90
N VAL E 338 -56.03 34.48 16.70
CA VAL E 338 -56.05 35.63 17.60
C VAL E 338 -55.00 35.44 18.68
N MET E 339 -54.92 34.22 19.21
CA MET E 339 -53.93 33.87 20.24
C MET E 339 -52.52 34.17 19.70
N ILE E 340 -52.26 33.73 18.46
CA ILE E 340 -50.96 33.89 17.83
C ILE E 340 -50.70 35.38 17.60
N ALA E 341 -51.71 36.08 17.08
CA ALA E 341 -51.59 37.50 16.78
C ALA E 341 -51.14 38.25 18.03
N ASP E 342 -51.75 37.90 19.17
CA ASP E 342 -51.49 38.56 20.45
C ASP E 342 -50.05 38.25 20.90
N LYS E 343 -49.59 37.01 20.64
CA LYS E 343 -48.24 36.60 21.01
C LYS E 343 -47.21 37.39 20.19
N LEU E 344 -47.55 37.79 18.96
CA LEU E 344 -46.62 38.52 18.09
C LEU E 344 -46.67 40.04 18.34
N LEU E 345 -47.73 40.53 19.01
CA LEU E 345 -47.79 41.94 19.42
C LEU E 345 -47.00 42.12 20.72
N SER F 18 14.02 15.68 13.73
CA SER F 18 15.38 16.19 13.39
C SER F 18 16.15 15.12 12.59
N MET F 19 16.89 14.27 13.31
CA MET F 19 17.64 13.11 12.79
C MET F 19 16.84 12.43 11.66
N LYS F 20 17.43 12.38 10.46
CA LYS F 20 16.78 11.80 9.29
C LYS F 20 16.82 10.27 9.38
N LYS F 21 15.93 9.63 8.63
CA LYS F 21 15.85 8.17 8.54
C LYS F 21 17.04 7.64 7.74
N VAL F 22 17.28 8.22 6.56
CA VAL F 22 18.29 7.71 5.63
C VAL F 22 19.11 8.87 5.06
N SER F 23 20.42 8.69 4.99
CA SER F 23 21.30 9.49 4.17
C SER F 23 21.75 8.66 2.97
N VAL F 24 21.34 9.05 1.76
CA VAL F 24 21.89 8.49 0.56
C VAL F 24 23.22 9.21 0.29
N ILE F 25 24.31 8.45 0.22
CA ILE F 25 25.64 8.96 -0.02
C ILE F 25 26.07 8.55 -1.43
N MET F 26 26.35 9.54 -2.27
CA MET F 26 26.66 9.33 -3.68
C MET F 26 27.90 10.13 -4.07
N PRO F 27 29.06 9.47 -4.27
CA PRO F 27 30.23 10.16 -4.82
C PRO F 27 30.06 10.34 -6.34
N THR F 28 30.55 11.47 -6.86
CA THR F 28 30.50 11.77 -8.29
C THR F 28 31.91 12.11 -8.79
N PHE F 29 32.12 11.85 -10.09
CA PHE F 29 33.37 12.22 -10.77
C PHE F 29 33.16 12.18 -12.30
N ASN F 30 33.10 13.36 -12.91
CA ASN F 30 33.03 13.55 -14.36
C ASN F 30 31.85 12.75 -14.93
N ASN F 31 30.67 12.91 -14.34
CA ASN F 31 29.49 12.16 -14.73
C ASN F 31 28.74 12.92 -15.83
N GLY F 32 28.73 14.25 -15.76
CA GLY F 32 28.05 15.08 -16.75
C GLY F 32 26.53 14.99 -16.62
N GLU F 33 25.83 15.00 -17.75
CA GLU F 33 24.37 15.07 -17.80
C GLU F 33 23.74 13.72 -17.48
N LYS F 34 24.55 12.68 -17.33
CA LYS F 34 24.11 11.32 -16.94
C LYS F 34 23.61 11.31 -15.49
N LEU F 35 24.03 12.31 -14.70
CA LEU F 35 23.78 12.39 -13.27
C LEU F 35 22.31 12.71 -13.02
N HIS F 36 21.69 13.44 -13.96
CA HIS F 36 20.29 13.88 -13.86
C HIS F 36 19.40 12.68 -13.49
N ARG F 37 19.54 11.60 -14.26
CA ARG F 37 18.71 10.41 -14.13
C ARG F 37 18.84 9.85 -12.70
N THR F 38 20.08 9.77 -12.21
CA THR F 38 20.38 9.21 -10.90
C THR F 38 19.77 10.09 -9.80
N ILE F 39 20.10 11.39 -9.82
CA ILE F 39 19.64 12.32 -8.81
C ILE F 39 18.11 12.31 -8.79
N SER F 40 17.50 12.37 -9.98
CA SER F 40 16.04 12.35 -10.12
C SER F 40 15.45 11.13 -9.40
N SER F 41 16.12 9.98 -9.53
CA SER F 41 15.62 8.73 -8.94
C SER F 41 15.62 8.81 -7.41
N VAL F 42 16.54 9.60 -6.84
CA VAL F 42 16.64 9.76 -5.38
C VAL F 42 15.61 10.79 -4.89
N LEU F 43 15.44 11.88 -5.64
CA LEU F 43 14.52 12.94 -5.26
C LEU F 43 13.06 12.47 -5.41
N ASN F 44 12.82 11.49 -6.29
CA ASN F 44 11.49 10.98 -6.57
C ASN F 44 11.26 9.67 -5.81
N GLN F 45 11.31 9.74 -4.48
CA GLN F 45 11.10 8.60 -3.59
C GLN F 45 9.73 8.73 -2.91
N THR F 46 9.10 7.59 -2.60
CA THR F 46 7.82 7.52 -1.89
C THR F 46 7.98 7.97 -0.44
N MET F 47 9.22 7.90 0.09
CA MET F 47 9.50 8.39 1.43
C MET F 47 9.30 9.91 1.48
N LYS F 48 8.81 10.40 2.62
CA LYS F 48 8.65 11.82 2.91
C LYS F 48 10.02 12.50 2.68
N SER F 49 10.04 13.52 1.82
CA SER F 49 11.26 14.16 1.37
C SER F 49 12.08 14.73 2.56
N THR F 50 11.40 15.09 3.64
CA THR F 50 12.05 15.65 4.83
C THR F 50 12.66 14.55 5.71
N ASP F 51 12.39 13.28 5.36
CA ASP F 51 12.83 12.15 6.18
C ASP F 51 14.18 11.59 5.68
N TYR F 52 14.66 12.05 4.52
CA TYR F 52 15.96 11.62 4.02
C TYR F 52 16.70 12.79 3.37
N GLU F 53 18.00 12.56 3.11
CA GLU F 53 18.86 13.49 2.43
C GLU F 53 19.70 12.72 1.40
N LEU F 54 20.05 13.42 0.33
CA LEU F 54 21.04 12.98 -0.64
C LEU F 54 22.31 13.80 -0.42
N ILE F 55 23.38 13.15 0.04
CA ILE F 55 24.67 13.77 0.18
C ILE F 55 25.47 13.43 -1.08
N ILE F 56 25.85 14.48 -1.83
CA ILE F 56 26.66 14.32 -3.02
C ILE F 56 28.08 14.78 -2.70
N ILE F 57 29.07 13.90 -2.95
CA ILE F 57 30.47 14.23 -2.73
C ILE F 57 31.19 14.10 -4.08
N ASP F 58 31.55 15.24 -4.69
CA ASP F 58 32.24 15.23 -5.95
C ASP F 58 33.74 15.08 -5.68
N ASP F 59 34.37 14.11 -6.38
CA ASP F 59 35.77 13.80 -6.18
C ASP F 59 36.62 14.65 -7.14
N HIS F 60 36.42 15.98 -7.04
CA HIS F 60 37.13 16.98 -7.80
C HIS F 60 37.09 16.66 -9.31
N SER F 61 35.87 16.70 -9.88
CA SER F 61 35.66 16.54 -11.32
C SER F 61 36.50 17.58 -12.06
N ASN F 62 36.94 17.24 -13.29
CA ASN F 62 37.73 18.14 -14.12
C ASN F 62 37.13 18.19 -15.53
N ASP F 63 35.80 18.16 -15.63
CA ASP F 63 35.10 18.04 -16.92
C ASP F 63 34.54 19.40 -17.35
N ASN F 64 35.35 20.46 -17.17
CA ASN F 64 35.02 21.82 -17.52
C ASN F 64 33.69 22.20 -16.83
N GLY F 65 33.56 21.80 -15.56
CA GLY F 65 32.46 22.20 -14.69
C GLY F 65 31.11 21.59 -15.08
N GLU F 66 31.09 20.55 -15.95
CA GLU F 66 29.85 19.96 -16.46
C GLU F 66 29.10 19.25 -15.32
N THR F 67 29.81 18.39 -14.58
CA THR F 67 29.26 17.63 -13.45
C THR F 67 28.79 18.58 -12.36
N LEU F 68 29.64 19.54 -11.99
CA LEU F 68 29.30 20.52 -10.96
C LEU F 68 28.06 21.32 -11.36
N ASN F 69 27.90 21.58 -12.67
CA ASN F 69 26.76 22.35 -13.19
C ASN F 69 25.45 21.56 -13.02
N VAL F 70 25.51 20.23 -13.18
CA VAL F 70 24.34 19.38 -13.02
C VAL F 70 23.95 19.35 -11.54
N ILE F 71 24.94 19.32 -10.65
CA ILE F 71 24.70 19.22 -9.21
C ILE F 71 24.10 20.54 -8.71
N LYS F 72 24.57 21.66 -9.27
CA LYS F 72 24.14 23.02 -8.86
C LYS F 72 22.63 23.21 -9.13
N LYS F 73 22.09 22.50 -10.12
CA LYS F 73 20.68 22.60 -10.50
C LYS F 73 19.78 22.08 -9.37
N TYR F 74 20.34 21.30 -8.42
CA TYR F 74 19.57 20.75 -7.31
C TYR F 74 20.01 21.39 -5.97
N LYS F 75 20.67 22.55 -6.01
CA LYS F 75 20.96 23.32 -4.79
C LYS F 75 19.65 23.52 -4.02
N GLY F 76 19.66 23.20 -2.73
CA GLY F 76 18.47 23.27 -1.90
C GLY F 76 17.80 21.93 -1.68
N LEU F 77 18.03 20.99 -2.60
CA LEU F 77 17.42 19.65 -2.53
C LEU F 77 18.45 18.60 -2.10
N VAL F 78 19.74 18.97 -2.01
CA VAL F 78 20.80 18.03 -1.69
C VAL F 78 21.86 18.73 -0.85
N ARG F 79 22.57 17.97 0.00
CA ARG F 79 23.79 18.44 0.61
C ARG F 79 24.93 18.10 -0.35
N PHE F 80 25.95 18.97 -0.37
CA PHE F 80 27.03 18.79 -1.33
C PHE F 80 28.37 19.28 -0.74
N LYS F 81 29.43 18.50 -0.98
CA LYS F 81 30.81 18.88 -0.67
C LYS F 81 31.67 18.49 -1.87
N GLN F 82 32.66 19.34 -2.19
CA GLN F 82 33.63 19.03 -3.23
C GLN F 82 35.01 18.81 -2.60
N LEU F 83 35.66 17.72 -2.99
CA LEU F 83 37.02 17.44 -2.53
C LEU F 83 37.99 18.33 -3.32
N LYS F 84 39.11 18.70 -2.67
CA LYS F 84 40.10 19.61 -3.25
C LYS F 84 40.89 18.89 -4.34
N LYS F 85 41.24 17.61 -4.10
CA LYS F 85 41.98 16.77 -5.07
C LYS F 85 41.18 15.48 -5.31
N ASN F 86 41.27 14.94 -6.54
CA ASN F 86 40.60 13.68 -6.90
C ASN F 86 41.29 12.51 -6.18
N SER F 87 40.52 11.73 -5.42
CA SER F 87 41.04 10.62 -4.61
C SER F 87 41.32 9.39 -5.48
N GLY F 88 40.60 9.25 -6.60
CA GLY F 88 40.87 8.19 -7.58
C GLY F 88 39.82 7.07 -7.55
N ASN F 89 39.26 6.78 -6.37
CA ASN F 89 38.17 5.81 -6.20
C ASN F 89 37.07 6.48 -5.36
N ALA F 90 36.10 5.67 -4.87
CA ALA F 90 34.93 6.15 -4.15
C ALA F 90 35.14 6.13 -2.63
N SER F 91 36.29 5.63 -2.18
CA SER F 91 36.53 5.42 -0.75
C SER F 91 36.50 6.75 0.00
N VAL F 92 37.38 7.69 -0.35
CA VAL F 92 37.48 8.96 0.39
C VAL F 92 36.14 9.69 0.31
N PRO F 93 35.53 9.87 -0.88
CA PRO F 93 34.22 10.49 -0.99
C PRO F 93 33.14 9.86 -0.08
N ARG F 94 33.08 8.53 -0.05
CA ARG F 94 32.08 7.83 0.76
C ARG F 94 32.36 8.05 2.26
N ASN F 95 33.66 8.06 2.62
CA ASN F 95 34.08 8.32 3.99
C ASN F 95 33.63 9.73 4.42
N THR F 96 33.72 10.68 3.48
CA THR F 96 33.35 12.06 3.73
C THR F 96 31.84 12.16 3.96
N GLY F 97 31.08 11.45 3.13
CA GLY F 97 29.63 11.34 3.26
C GLY F 97 29.21 10.80 4.61
N LEU F 98 29.96 9.79 5.10
CA LEU F 98 29.65 9.15 6.39
C LEU F 98 29.85 10.14 7.54
N LYS F 99 30.90 10.95 7.48
CA LYS F 99 31.18 11.96 8.50
C LYS F 99 30.07 13.02 8.49
N MET F 100 29.44 13.23 7.33
CA MET F 100 28.43 14.28 7.15
C MET F 100 27.04 13.79 7.56
N SER F 101 26.81 12.48 7.58
CA SER F 101 25.49 11.92 7.88
C SER F 101 25.32 11.75 9.39
N LYS F 102 24.15 12.13 9.90
CA LYS F 102 23.72 11.91 11.27
C LYS F 102 22.38 11.16 11.26
N ALA F 103 22.10 10.44 10.16
CA ALA F 103 20.85 9.69 9.97
C ALA F 103 20.93 8.32 10.68
N GLU F 104 19.79 7.63 10.70
CA GLU F 104 19.66 6.30 11.33
C GLU F 104 20.37 5.26 10.46
N TYR F 105 20.07 5.31 9.16
CA TYR F 105 20.70 4.46 8.17
C TYR F 105 21.36 5.32 7.08
N VAL F 106 22.38 4.75 6.43
CA VAL F 106 22.94 5.30 5.20
C VAL F 106 22.71 4.31 4.07
N PHE F 107 22.64 4.83 2.85
CA PHE F 107 22.52 4.04 1.66
C PHE F 107 23.54 4.56 0.64
N PHE F 108 24.49 3.71 0.26
CA PHE F 108 25.48 4.08 -0.75
C PHE F 108 24.91 3.86 -2.14
N LEU F 109 25.00 4.90 -2.98
CA LEU F 109 24.53 4.89 -4.34
C LEU F 109 25.66 5.36 -5.25
N ASP F 110 25.92 4.59 -6.32
CA ASP F 110 26.90 4.98 -7.32
C ASP F 110 26.25 5.97 -8.30
N SER F 111 27.07 6.81 -8.94
CA SER F 111 26.61 8.00 -9.64
C SER F 111 25.86 7.64 -10.93
N ASP F 112 26.10 6.47 -11.51
CA ASP F 112 25.46 6.14 -12.77
C ASP F 112 24.18 5.30 -12.55
N ASP F 113 23.96 4.84 -11.31
CA ASP F 113 22.91 3.85 -10.98
C ASP F 113 21.58 4.56 -10.67
N LEU F 114 20.52 3.80 -10.44
CA LEU F 114 19.14 4.33 -10.20
C LEU F 114 18.49 3.63 -9.00
N LEU F 115 17.68 4.36 -8.23
CA LEU F 115 16.84 3.81 -7.17
C LEU F 115 15.39 3.73 -7.67
N HIS F 116 14.71 2.66 -7.28
CA HIS F 116 13.28 2.51 -7.46
C HIS F 116 12.55 3.53 -6.56
N GLU F 117 11.36 3.96 -7.00
CA GLU F 117 10.59 5.01 -6.32
C GLU F 117 10.37 4.63 -4.85
N ARG F 118 10.10 3.35 -4.60
CA ARG F 118 9.86 2.88 -3.20
C ARG F 118 11.03 2.04 -2.71
N ALA F 119 12.23 2.63 -2.68
CA ALA F 119 13.44 1.94 -2.25
C ALA F 119 13.74 2.30 -0.80
N LEU F 120 13.88 3.60 -0.52
CA LEU F 120 14.17 4.06 0.82
C LEU F 120 13.04 3.68 1.79
N GLU F 121 11.78 3.94 1.39
CA GLU F 121 10.63 3.67 2.24
C GLU F 121 10.60 2.18 2.60
N ASP F 122 10.59 1.31 1.59
CA ASP F 122 10.38 -0.12 1.77
C ASP F 122 11.54 -0.73 2.56
N LEU F 123 12.77 -0.32 2.24
CA LEU F 123 13.96 -0.89 2.88
C LEU F 123 14.05 -0.39 4.33
N TYR F 124 13.77 0.90 4.57
CA TYR F 124 13.82 1.45 5.92
C TYR F 124 12.74 0.79 6.80
N ASN F 125 11.52 0.66 6.27
CA ASN F 125 10.41 0.09 7.01
C ASN F 125 10.71 -1.36 7.40
N TYR F 126 11.18 -2.15 6.44
CA TYR F 126 11.51 -3.54 6.67
C TYR F 126 12.62 -3.61 7.74
N GLY F 127 13.60 -2.72 7.63
CA GLY F 127 14.73 -2.69 8.53
C GLY F 127 14.29 -2.36 9.95
N LYS F 128 13.46 -1.34 10.09
CA LYS F 128 12.99 -0.86 11.42
C LYS F 128 12.05 -1.88 12.07
N GLU F 129 11.29 -2.62 11.26
CA GLU F 129 10.34 -3.60 11.78
C GLU F 129 11.07 -4.90 12.18
N ASN F 130 12.32 -5.09 11.73
CA ASN F 130 13.08 -6.29 12.02
C ASN F 130 14.40 -5.95 12.74
N ASN F 131 14.53 -4.70 13.22
CA ASN F 131 15.71 -4.22 13.96
C ASN F 131 16.99 -4.55 13.17
N SER F 132 16.94 -4.35 11.85
CA SER F 132 17.99 -4.74 10.92
C SER F 132 19.17 -3.76 10.99
N ASP F 133 20.38 -4.33 11.02
CA ASP F 133 21.62 -3.60 10.94
C ASP F 133 21.96 -3.36 9.46
N LEU F 134 21.45 -4.25 8.60
CA LEU F 134 21.71 -4.21 7.17
C LEU F 134 20.45 -4.66 6.43
N ILE F 135 20.04 -3.90 5.40
CA ILE F 135 18.95 -4.31 4.52
C ILE F 135 19.46 -4.30 3.09
N ILE F 136 19.22 -5.40 2.37
CA ILE F 136 19.69 -5.59 1.00
C ILE F 136 18.46 -5.65 0.08
N GLY F 137 18.36 -4.65 -0.81
CA GLY F 137 17.29 -4.61 -1.80
C GLY F 137 17.71 -5.33 -3.07
N LYS F 138 16.77 -6.04 -3.69
CA LYS F 138 17.03 -6.79 -4.92
C LYS F 138 17.61 -5.86 -5.98
N TYR F 139 18.66 -6.33 -6.66
CA TYR F 139 19.34 -5.57 -7.70
C TYR F 139 18.70 -5.89 -9.06
N GLY F 140 18.62 -4.86 -9.90
CA GLY F 140 18.37 -5.01 -11.31
C GLY F 140 19.53 -4.46 -12.10
N VAL F 141 19.49 -4.64 -13.41
CA VAL F 141 20.60 -4.27 -14.25
C VAL F 141 20.07 -3.78 -15.61
N GLU F 142 20.74 -2.74 -16.12
CA GLU F 142 20.41 -2.09 -17.38
C GLU F 142 21.70 -2.10 -18.22
N GLY F 143 21.70 -2.88 -19.32
CA GLY F 143 22.81 -2.90 -20.28
C GLY F 143 23.67 -4.13 -20.10
N LYS F 144 24.41 -4.49 -21.17
CA LYS F 144 25.37 -5.59 -21.14
C LYS F 144 26.59 -5.15 -20.34
N GLY F 145 27.20 -6.11 -19.63
CA GLY F 145 28.37 -5.83 -18.81
C GLY F 145 28.37 -6.69 -17.55
N ARG F 146 28.75 -6.08 -16.43
CA ARG F 146 28.70 -6.72 -15.10
C ARG F 146 27.26 -7.24 -14.86
N SER F 147 27.16 -8.48 -14.39
CA SER F 147 25.89 -9.03 -13.87
C SER F 147 25.80 -8.73 -12.37
N VAL F 148 24.62 -8.96 -11.79
CA VAL F 148 24.34 -8.68 -10.38
C VAL F 148 24.00 -9.98 -9.66
N PRO F 149 24.14 -10.03 -8.31
CA PRO F 149 23.77 -11.22 -7.54
C PRO F 149 22.31 -11.62 -7.78
N LYS F 150 22.05 -12.93 -7.75
CA LYS F 150 20.72 -13.49 -8.00
C LYS F 150 20.30 -14.41 -6.84
N ALA F 151 21.21 -15.28 -6.38
CA ALA F 151 20.90 -16.33 -5.41
C ALA F 151 20.38 -15.73 -4.09
N ILE F 152 20.99 -14.64 -3.62
CA ILE F 152 20.61 -13.98 -2.36
C ILE F 152 19.11 -13.64 -2.36
N PHE F 153 18.52 -13.40 -3.54
CA PHE F 153 17.13 -12.93 -3.63
C PHE F 153 16.15 -14.03 -4.04
N GLU F 154 16.59 -15.29 -4.08
CA GLU F 154 15.80 -16.38 -4.68
C GLU F 154 14.76 -16.93 -3.70
N LYS F 155 14.83 -16.53 -2.42
CA LYS F 155 13.94 -17.04 -1.38
C LYS F 155 12.91 -15.98 -0.99
N GLY F 156 12.83 -14.89 -1.77
CA GLY F 156 11.99 -13.76 -1.43
C GLY F 156 12.55 -13.03 -0.21
N ASN F 157 11.65 -12.38 0.53
CA ASN F 157 12.01 -11.56 1.65
C ASN F 157 12.48 -12.44 2.81
N VAL F 158 13.54 -12.00 3.49
CA VAL F 158 14.14 -12.67 4.62
C VAL F 158 14.40 -11.63 5.72
N ALA F 159 13.74 -11.81 6.87
CA ALA F 159 13.79 -10.83 7.97
C ALA F 159 15.11 -10.94 8.74
N LYS F 160 15.51 -12.19 9.06
CA LYS F 160 16.76 -12.49 9.73
C LYS F 160 17.58 -13.44 8.83
N ALA F 161 18.37 -12.85 7.93
CA ALA F 161 19.17 -13.60 6.98
C ALA F 161 20.46 -14.09 7.65
N ASP F 162 21.05 -15.11 7.03
CA ASP F 162 22.29 -15.76 7.47
C ASP F 162 23.27 -15.65 6.32
N ILE F 163 24.54 -15.38 6.64
CA ILE F 163 25.57 -15.12 5.64
C ILE F 163 25.67 -16.34 4.69
N ILE F 164 25.83 -17.54 5.26
CA ILE F 164 26.10 -18.71 4.46
C ILE F 164 24.81 -19.12 3.71
N ASP F 165 23.71 -19.32 4.44
CA ASP F 165 22.48 -19.87 3.88
C ASP F 165 21.82 -18.89 2.87
N ASN F 166 22.12 -17.59 2.95
CA ASN F 166 21.48 -16.60 2.06
C ASN F 166 22.47 -15.98 1.08
N SER F 167 23.65 -16.59 0.93
CA SER F 167 24.58 -16.28 -0.15
C SER F 167 25.04 -14.83 -0.08
N ILE F 168 25.25 -14.30 1.12
CA ILE F 168 25.57 -12.89 1.29
C ILE F 168 27.03 -12.64 0.87
N PHE F 169 27.91 -13.65 0.96
CA PHE F 169 29.30 -13.48 0.53
C PHE F 169 29.38 -13.36 -1.01
N TYR F 170 28.28 -13.66 -1.71
CA TYR F 170 28.19 -13.47 -3.14
C TYR F 170 27.49 -12.13 -3.48
N ALA F 171 27.31 -11.24 -2.49
CA ALA F 171 26.66 -9.94 -2.70
C ALA F 171 27.24 -8.89 -1.75
N LEU F 172 28.53 -8.60 -1.87
CA LEU F 172 29.25 -7.81 -0.88
C LEU F 172 29.45 -6.35 -1.31
N SER F 173 28.69 -5.88 -2.30
CA SER F 173 28.71 -4.44 -2.66
C SER F 173 28.19 -3.62 -1.47
N VAL F 174 28.50 -2.32 -1.45
CA VAL F 174 27.97 -1.47 -0.38
C VAL F 174 26.68 -0.77 -0.84
N LEU F 175 26.07 -1.29 -1.93
CA LEU F 175 24.88 -0.68 -2.48
C LEU F 175 23.66 -1.23 -1.72
N LYS F 176 23.63 -0.91 -0.42
CA LYS F 176 22.68 -1.46 0.54
C LYS F 176 22.42 -0.38 1.62
N MET F 177 21.48 -0.67 2.51
CA MET F 177 21.13 0.21 3.62
C MET F 177 21.83 -0.31 4.89
N PHE F 178 22.70 0.51 5.48
CA PHE F 178 23.49 0.18 6.66
C PHE F 178 23.10 1.06 7.86
N LYS F 179 22.97 0.46 9.04
CA LYS F 179 22.71 1.17 10.29
C LYS F 179 23.95 1.97 10.68
N LYS F 180 23.80 3.29 10.78
CA LYS F 180 24.93 4.20 10.96
C LYS F 180 25.62 3.93 12.31
N SER F 181 24.84 3.54 13.33
CA SER F 181 25.38 3.35 14.68
C SER F 181 26.46 2.26 14.68
N VAL F 182 26.26 1.22 13.86
CA VAL F 182 27.21 0.12 13.75
C VAL F 182 28.53 0.65 13.17
N ILE F 183 28.40 1.46 12.11
CA ILE F 183 29.53 2.09 11.44
C ILE F 183 30.26 3.01 12.43
N ASP F 184 29.48 3.79 13.20
CA ASP F 184 30.03 4.77 14.12
C ASP F 184 30.70 4.08 15.31
N LYS F 185 29.98 3.16 15.96
CA LYS F 185 30.48 2.51 17.18
C LYS F 185 31.77 1.74 16.86
N ASN F 186 31.87 1.14 15.67
CA ASN F 186 32.99 0.28 15.31
C ASN F 186 34.00 1.03 14.43
N LYS F 187 33.78 2.31 14.17
CA LYS F 187 34.72 3.17 13.42
C LYS F 187 35.10 2.51 12.08
N ILE F 188 34.07 2.12 11.32
CA ILE F 188 34.23 1.46 10.03
C ILE F 188 34.37 2.52 8.93
N LYS F 189 35.52 2.54 8.27
CA LYS F 189 35.84 3.43 7.18
C LYS F 189 36.20 2.60 5.96
N PHE F 190 36.02 3.16 4.76
CA PHE F 190 36.52 2.56 3.55
C PHE F 190 38.04 2.74 3.55
N LYS F 191 38.78 1.66 3.29
CA LYS F 191 40.24 1.74 3.14
C LYS F 191 40.53 2.20 1.70
N THR F 192 41.75 2.71 1.48
CA THR F 192 42.12 3.33 0.21
C THR F 192 43.42 2.74 -0.38
N PHE F 193 43.86 1.57 0.13
CA PHE F 193 45.16 1.01 -0.25
C PHE F 193 45.04 0.30 -1.62
N SER F 194 43.81 0.05 -2.07
CA SER F 194 43.52 -0.73 -3.28
C SER F 194 42.44 -0.01 -4.10
N LYS F 195 42.44 -0.29 -5.41
CA LYS F 195 41.47 0.23 -6.37
C LYS F 195 40.23 -0.67 -6.40
N THR F 196 40.37 -1.93 -5.97
CA THR F 196 39.31 -2.91 -6.00
C THR F 196 39.14 -3.58 -4.63
N ALA F 197 37.95 -4.15 -4.42
CA ALA F 197 37.60 -4.99 -3.28
C ALA F 197 37.53 -4.18 -1.99
N GLU F 198 37.50 -2.85 -2.04
CA GLU F 198 37.46 -2.02 -0.85
C GLU F 198 36.03 -1.99 -0.30
N ASP F 199 35.05 -2.15 -1.20
CA ASP F 199 33.65 -2.20 -0.88
C ASP F 199 33.34 -3.55 -0.21
N GLN F 200 33.95 -4.61 -0.68
CA GLN F 200 33.84 -5.93 -0.08
C GLN F 200 34.32 -5.89 1.37
N LEU F 201 35.50 -5.30 1.58
CA LEU F 201 36.08 -5.24 2.90
C LEU F 201 35.16 -4.48 3.85
N PHE F 202 34.52 -3.43 3.33
CA PHE F 202 33.64 -2.60 4.13
C PHE F 202 32.44 -3.44 4.59
N THR F 203 31.78 -4.10 3.64
CA THR F 203 30.61 -4.92 3.92
C THR F 203 30.98 -6.05 4.87
N ILE F 204 32.15 -6.67 4.66
CA ILE F 204 32.61 -7.76 5.51
C ILE F 204 32.82 -7.24 6.93
N GLU F 205 33.50 -6.09 7.06
CA GLU F 205 33.73 -5.48 8.37
C GLU F 205 32.39 -5.21 9.06
N PHE F 206 31.39 -4.77 8.29
CA PHE F 206 30.08 -4.47 8.83
C PHE F 206 29.36 -5.75 9.27
N LEU F 207 29.37 -6.76 8.40
CA LEU F 207 28.71 -8.05 8.66
C LEU F 207 29.30 -8.69 9.92
N MET F 208 30.61 -8.58 10.10
CA MET F 208 31.32 -9.20 11.21
C MET F 208 31.13 -8.39 12.51
N ASN F 209 30.48 -7.23 12.43
CA ASN F 209 30.23 -6.39 13.61
C ASN F 209 28.74 -6.15 13.82
N SER F 210 27.89 -7.02 13.26
CA SER F 210 26.42 -6.90 13.38
C SER F 210 25.78 -8.28 13.22
N LYS F 211 24.51 -8.42 13.59
CA LYS F 211 23.84 -9.73 13.63
C LYS F 211 22.61 -9.76 12.71
N ASN F 212 21.91 -8.63 12.60
CA ASN F 212 20.57 -8.60 11.98
C ASN F 212 20.68 -8.10 10.54
N TYR F 213 20.46 -9.01 9.58
CA TYR F 213 20.49 -8.67 8.16
C TYR F 213 19.18 -9.10 7.53
N SER F 214 18.60 -8.24 6.71
CA SER F 214 17.33 -8.53 6.08
C SER F 214 17.46 -8.32 4.57
N ILE F 215 16.64 -9.08 3.82
CA ILE F 215 16.64 -9.08 2.37
C ILE F 215 15.22 -8.77 1.89
N LYS F 216 15.07 -7.75 1.03
CA LYS F 216 13.78 -7.30 0.52
C LYS F 216 13.79 -7.39 -1.02
N THR F 217 12.77 -8.02 -1.62
CA THR F 217 12.83 -8.43 -3.02
C THR F 217 11.55 -8.10 -3.81
N ASP F 218 10.68 -7.24 -3.26
CA ASP F 218 9.37 -6.98 -3.87
C ASP F 218 9.55 -6.31 -5.25
N TYR F 219 10.55 -5.41 -5.36
CA TYR F 219 10.91 -4.72 -6.59
C TYR F 219 12.42 -4.82 -6.81
N GLU F 220 12.87 -4.48 -8.03
CA GLU F 220 14.28 -4.24 -8.27
C GLU F 220 14.61 -2.84 -7.74
N TYR F 221 14.96 -2.78 -6.46
CA TYR F 221 15.09 -1.53 -5.72
C TYR F 221 16.29 -0.71 -6.18
N TYR F 222 17.39 -1.38 -6.52
CA TYR F 222 18.60 -0.73 -7.02
C TYR F 222 18.91 -1.27 -8.41
N ILE F 223 19.05 -0.38 -9.39
CA ILE F 223 19.37 -0.76 -10.76
C ILE F 223 20.82 -0.35 -11.03
N VAL F 224 21.69 -1.36 -11.23
CA VAL F 224 23.06 -1.13 -11.68
C VAL F 224 23.00 -0.84 -13.18
N VAL F 225 23.54 0.31 -13.58
CA VAL F 225 23.61 0.73 -14.97
C VAL F 225 25.03 0.52 -15.50
N ASN F 226 25.15 -0.26 -16.58
CA ASN F 226 26.39 -0.48 -17.31
C ASN F 226 26.51 0.55 -18.45
N ASP F 227 27.68 1.18 -18.59
CA ASP F 227 27.91 2.26 -19.58
C ASP F 227 29.30 2.01 -20.14
N PHE F 228 29.43 1.18 -21.18
CA PHE F 228 30.71 1.04 -21.95
C PHE F 228 31.87 0.60 -21.04
N THR F 240 50.05 -6.27 -10.26
CA THR F 240 50.75 -7.42 -9.72
C THR F 240 49.84 -8.17 -8.73
N GLY F 241 48.80 -7.46 -8.23
CA GLY F 241 47.92 -7.92 -7.17
C GLY F 241 48.41 -7.60 -5.76
N ASN F 242 49.48 -6.81 -5.65
CA ASN F 242 50.05 -6.47 -4.35
C ASN F 242 48.97 -5.85 -3.45
N GLN F 243 48.25 -4.88 -4.02
CA GLN F 243 47.24 -4.10 -3.30
C GLN F 243 45.95 -4.91 -3.17
N TYR F 244 45.59 -5.64 -4.22
CA TYR F 244 44.36 -6.43 -4.22
C TYR F 244 44.39 -7.47 -3.09
N PHE F 245 45.49 -8.21 -2.98
CA PHE F 245 45.59 -9.30 -2.02
C PHE F 245 45.77 -8.75 -0.61
N ALA F 246 46.29 -7.53 -0.48
CA ALA F 246 46.35 -6.84 0.81
C ALA F 246 44.92 -6.62 1.35
N THR F 247 43.99 -6.35 0.43
CA THR F 247 42.60 -6.13 0.78
C THR F 247 41.92 -7.46 1.14
N ILE F 248 42.22 -8.51 0.38
CA ILE F 248 41.69 -9.85 0.65
C ILE F 248 42.19 -10.29 2.04
N ASN F 249 43.44 -9.96 2.36
CA ASN F 249 44.00 -10.27 3.63
C ASN F 249 43.19 -9.61 4.75
N GLU F 250 42.78 -8.35 4.52
CA GLU F 250 41.99 -7.60 5.51
C GLU F 250 40.62 -8.27 5.72
N ILE F 251 40.06 -8.88 4.66
CA ILE F 251 38.78 -9.53 4.75
C ILE F 251 38.88 -10.74 5.69
N TYR F 252 39.93 -11.55 5.51
CA TYR F 252 40.12 -12.72 6.37
C TYR F 252 40.38 -12.25 7.81
N LYS F 253 41.19 -11.19 7.98
CA LYS F 253 41.46 -10.62 9.31
C LYS F 253 40.14 -10.21 9.99
N ALA F 254 39.21 -9.66 9.21
CA ALA F 254 37.93 -9.16 9.75
C ALA F 254 37.08 -10.31 10.28
N ILE F 255 37.10 -11.42 9.55
CA ILE F 255 36.36 -12.61 9.92
C ILE F 255 36.94 -13.18 11.22
N TYR F 256 38.26 -13.30 11.28
CA TYR F 256 38.91 -13.98 12.41
C TYR F 256 38.99 -13.08 13.65
N LYS F 257 38.66 -11.78 13.53
CA LYS F 257 38.61 -10.86 14.68
C LYS F 257 37.16 -10.51 15.04
N SER F 258 36.18 -11.18 14.41
CA SER F 258 34.78 -10.81 14.56
C SER F 258 34.33 -10.96 16.01
N PRO F 259 33.81 -9.90 16.65
CA PRO F 259 33.21 -9.99 17.99
C PRO F 259 31.81 -10.60 18.00
N ILE F 260 31.19 -10.76 16.83
CA ILE F 260 29.88 -11.39 16.69
C ILE F 260 30.07 -12.90 16.50
N TYR F 261 30.89 -13.29 15.52
CA TYR F 261 31.19 -14.69 15.25
C TYR F 261 32.49 -15.05 15.99
N LYS F 262 32.35 -15.37 17.28
CA LYS F 262 33.48 -15.50 18.19
C LYS F 262 34.01 -16.92 18.14
N ASN F 263 33.16 -17.90 17.80
CA ASN F 263 33.55 -19.31 17.80
C ASN F 263 34.53 -19.54 16.64
N GLN F 264 35.69 -20.10 16.98
CA GLN F 264 36.78 -20.29 16.03
C GLN F 264 36.31 -21.20 14.87
N GLU F 265 35.47 -22.19 15.17
CA GLU F 265 35.02 -23.08 14.11
C GLU F 265 34.10 -22.32 13.14
N LYS F 266 33.31 -21.39 13.68
CA LYS F 266 32.42 -20.60 12.86
C LYS F 266 33.24 -19.69 11.94
N ARG F 267 34.34 -19.15 12.48
CA ARG F 267 35.26 -18.34 11.70
C ARG F 267 35.87 -19.16 10.56
N HIS F 268 36.27 -20.40 10.84
CA HIS F 268 36.81 -21.26 9.82
C HIS F 268 35.78 -21.46 8.70
N GLN F 269 34.50 -21.59 9.06
CA GLN F 269 33.44 -21.87 8.11
C GLN F 269 33.22 -20.65 7.22
N LEU F 270 33.22 -19.46 7.83
CA LEU F 270 33.04 -18.21 7.12
C LEU F 270 34.24 -18.00 6.18
N ALA F 271 35.44 -18.19 6.72
CA ALA F 271 36.66 -18.03 5.94
C ALA F 271 36.65 -18.99 4.74
N GLY F 272 36.23 -20.23 4.98
CA GLY F 272 36.18 -21.23 3.92
C GLY F 272 35.19 -20.86 2.84
N LYS F 273 34.08 -20.27 3.26
CA LYS F 273 33.05 -19.90 2.32
C LYS F 273 33.52 -18.69 1.52
N TYR F 274 34.25 -17.78 2.14
CA TYR F 274 34.79 -16.64 1.40
C TYR F 274 35.81 -17.12 0.38
N THR F 275 36.68 -18.06 0.79
CA THR F 275 37.66 -18.67 -0.11
C THR F 275 36.95 -19.26 -1.33
N THR F 276 35.82 -19.92 -1.10
CA THR F 276 35.03 -20.49 -2.19
C THR F 276 34.59 -19.39 -3.15
N ARG F 277 34.05 -18.30 -2.60
CA ARG F 277 33.56 -17.17 -3.43
C ARG F 277 34.74 -16.57 -4.22
N LEU F 278 35.91 -16.48 -3.58
CA LEU F 278 37.11 -15.91 -4.18
C LEU F 278 37.55 -16.76 -5.36
N LEU F 279 37.46 -18.09 -5.24
CA LEU F 279 37.85 -19.01 -6.29
C LEU F 279 36.79 -19.04 -7.41
N ARG F 280 35.55 -18.71 -7.07
CA ARG F 280 34.44 -18.73 -8.02
C ARG F 280 34.30 -17.42 -8.79
N HIS F 281 34.63 -16.29 -8.16
CA HIS F 281 34.31 -14.96 -8.69
C HIS F 281 35.43 -13.95 -8.50
N GLY F 282 36.60 -14.39 -8.03
CA GLY F 282 37.69 -13.46 -7.74
C GLY F 282 38.23 -12.85 -9.01
N GLN F 283 38.97 -11.76 -8.82
CA GLN F 283 39.70 -11.11 -9.90
C GLN F 283 40.70 -12.11 -10.51
N LYS F 284 40.74 -12.16 -11.84
CA LYS F 284 41.71 -12.96 -12.59
C LYS F 284 41.69 -14.41 -12.12
N LYS F 285 40.50 -14.99 -12.00
CA LYS F 285 40.37 -16.31 -11.38
C LYS F 285 41.11 -17.36 -12.24
N ASN F 286 41.16 -17.15 -13.56
CA ASN F 286 41.76 -18.14 -14.45
C ASN F 286 43.10 -17.63 -15.00
N PHE F 287 43.85 -16.93 -14.16
CA PHE F 287 45.10 -16.31 -14.56
C PHE F 287 46.13 -17.35 -15.02
N ALA F 288 46.07 -18.55 -14.48
CA ALA F 288 47.18 -19.50 -14.61
C ALA F 288 47.35 -19.98 -16.06
N ASN F 289 46.24 -20.19 -16.79
CA ASN F 289 46.32 -20.65 -18.18
C ASN F 289 46.07 -19.50 -19.16
N SER F 290 46.18 -18.26 -18.67
CA SER F 290 45.82 -17.07 -19.46
C SER F 290 47.04 -16.59 -20.28
N LYS F 291 46.82 -15.53 -21.07
CA LYS F 291 47.82 -14.94 -21.96
C LYS F 291 48.73 -13.98 -21.18
N MET F 292 48.50 -13.86 -19.88
CA MET F 292 49.33 -13.11 -18.96
C MET F 292 50.80 -13.52 -19.12
N LYS F 293 51.71 -12.54 -19.02
CA LYS F 293 53.16 -12.79 -19.03
C LYS F 293 53.52 -13.69 -17.83
N TYR F 294 54.48 -14.59 -18.04
CA TYR F 294 54.86 -15.56 -17.03
C TYR F 294 55.26 -14.85 -15.74
N GLU F 295 56.09 -13.79 -15.85
CA GLU F 295 56.62 -13.12 -14.66
C GLU F 295 55.46 -12.51 -13.85
N ASP F 296 54.41 -12.08 -14.55
CA ASP F 296 53.22 -11.50 -13.91
C ASP F 296 52.42 -12.60 -13.19
N LYS F 297 52.30 -13.77 -13.83
CA LYS F 297 51.63 -14.91 -13.22
C LYS F 297 52.30 -15.29 -11.91
N ILE F 298 53.65 -15.34 -11.92
CA ILE F 298 54.42 -15.73 -10.76
C ILE F 298 54.18 -14.73 -9.62
N GLU F 299 54.21 -13.44 -9.93
CA GLU F 299 54.08 -12.38 -8.92
C GLU F 299 52.66 -12.42 -8.36
N TRP F 300 51.67 -12.65 -9.24
CA TRP F 300 50.27 -12.70 -8.84
C TRP F 300 50.04 -13.86 -7.89
N LEU F 301 50.52 -15.04 -8.29
CA LEU F 301 50.33 -16.26 -7.50
C LEU F 301 51.09 -16.13 -6.18
N ASN F 302 52.22 -15.42 -6.19
CA ASN F 302 53.02 -15.25 -5.00
C ASN F 302 52.22 -14.46 -3.96
N ASN F 303 51.53 -13.41 -4.42
CA ASN F 303 50.70 -12.57 -3.53
C ASN F 303 49.50 -13.37 -3.03
N PHE F 304 48.91 -14.16 -3.94
CA PHE F 304 47.71 -14.99 -3.61
C PHE F 304 48.11 -16.06 -2.59
N SER F 305 49.32 -16.62 -2.74
CA SER F 305 49.80 -17.67 -1.87
C SER F 305 50.11 -17.11 -0.47
N LYS F 306 50.87 -16.00 -0.45
CA LYS F 306 51.26 -15.34 0.79
C LYS F 306 50.01 -15.02 1.63
N THR F 307 48.94 -14.59 0.95
CA THR F 307 47.72 -14.15 1.61
C THR F 307 46.93 -15.35 2.15
N ILE F 308 46.75 -16.38 1.30
CA ILE F 308 45.93 -17.52 1.68
C ILE F 308 46.65 -18.35 2.75
N ASN F 309 47.98 -18.23 2.85
CA ASN F 309 48.73 -19.02 3.81
C ASN F 309 48.68 -18.41 5.21
N LYS F 310 48.09 -17.21 5.33
CA LYS F 310 47.79 -16.60 6.61
C LYS F 310 46.40 -17.03 7.10
N VAL F 311 45.67 -17.76 6.26
CA VAL F 311 44.38 -18.29 6.63
C VAL F 311 44.58 -19.70 7.16
N PRO F 312 44.05 -20.03 8.35
CA PRO F 312 44.13 -21.39 8.87
C PRO F 312 43.64 -22.45 7.89
N ARG F 313 44.35 -23.58 7.85
CA ARG F 313 44.00 -24.72 7.00
C ARG F 313 42.69 -25.35 7.50
N ASP F 314 42.33 -25.09 8.75
CA ASP F 314 41.07 -25.58 9.33
C ASP F 314 39.87 -25.06 8.53
N SER F 315 40.04 -23.96 7.78
CA SER F 315 38.96 -23.41 6.95
C SER F 315 38.79 -24.21 5.67
N ASP F 316 39.85 -24.90 5.23
CA ASP F 316 39.89 -25.55 3.92
C ASP F 316 38.76 -26.59 3.81
N LYS F 317 38.44 -27.27 4.91
CA LYS F 317 37.41 -28.32 4.89
C LYS F 317 36.03 -27.71 4.54
N TYR F 318 35.86 -26.39 4.71
CA TYR F 318 34.57 -25.71 4.43
C TYR F 318 34.53 -25.13 3.01
N VAL F 319 35.62 -25.31 2.25
CA VAL F 319 35.68 -24.90 0.85
C VAL F 319 35.02 -26.00 0.02
N THR F 320 34.30 -25.63 -1.03
CA THR F 320 33.67 -26.58 -1.93
C THR F 320 34.76 -27.49 -2.51
N GLN F 321 34.52 -28.81 -2.51
CA GLN F 321 35.60 -29.77 -2.70
C GLN F 321 36.15 -29.77 -4.14
N ILE F 322 35.36 -29.30 -5.13
CA ILE F 322 35.88 -29.22 -6.51
C ILE F 322 37.17 -28.40 -6.53
N PHE F 323 37.30 -27.43 -5.62
CA PHE F 323 38.44 -26.53 -5.58
C PHE F 323 39.56 -27.04 -4.65
N ASN F 324 39.48 -28.29 -4.19
CA ASN F 324 40.43 -28.83 -3.21
C ASN F 324 41.87 -28.74 -3.74
N LEU F 325 42.06 -29.06 -5.02
CA LEU F 325 43.39 -29.14 -5.64
C LEU F 325 43.91 -27.73 -5.95
N LYS F 326 43.04 -26.89 -6.52
CA LYS F 326 43.41 -25.53 -6.85
C LYS F 326 43.87 -24.80 -5.59
N LEU F 327 43.12 -24.98 -4.50
CA LEU F 327 43.42 -24.30 -3.25
C LEU F 327 44.80 -24.75 -2.74
N GLU F 328 45.06 -26.06 -2.80
CA GLU F 328 46.33 -26.59 -2.30
C GLU F 328 47.48 -26.08 -3.19
N ALA F 329 47.23 -26.02 -4.49
CA ALA F 329 48.20 -25.53 -5.45
C ALA F 329 48.59 -24.08 -5.11
N ILE F 330 47.61 -23.25 -4.76
CA ILE F 330 47.85 -21.85 -4.43
C ILE F 330 48.64 -21.79 -3.12
N ARG F 331 48.26 -22.62 -2.14
CA ARG F 331 48.95 -22.67 -0.87
C ARG F 331 50.42 -23.05 -1.08
N GLN F 332 50.68 -23.97 -2.01
CA GLN F 332 52.02 -24.47 -2.32
C GLN F 332 52.78 -23.51 -3.25
N ASN F 333 52.09 -22.52 -3.81
CA ASN F 333 52.69 -21.50 -4.65
C ASN F 333 53.29 -22.13 -5.92
N ASP F 334 52.58 -23.12 -6.47
CA ASP F 334 53.04 -23.94 -7.61
C ASP F 334 52.22 -23.56 -8.83
N LEU F 335 52.83 -22.79 -9.75
CA LEU F 335 52.11 -22.31 -10.93
C LEU F 335 51.62 -23.49 -11.77
N LEU F 336 52.51 -24.46 -12.02
CA LEU F 336 52.16 -25.63 -12.84
C LEU F 336 50.91 -26.33 -12.26
N ALA F 337 50.85 -26.47 -10.93
CA ALA F 337 49.76 -27.17 -10.27
C ALA F 337 48.45 -26.40 -10.43
N VAL F 338 48.52 -25.06 -10.40
CA VAL F 338 47.33 -24.23 -10.58
C VAL F 338 46.84 -24.39 -12.01
N MET F 339 47.78 -24.39 -12.97
CA MET F 339 47.46 -24.57 -14.38
C MET F 339 46.72 -25.90 -14.57
N ILE F 340 47.23 -26.96 -13.95
CA ILE F 340 46.67 -28.30 -14.05
C ILE F 340 45.29 -28.31 -13.39
N ALA F 341 45.21 -27.72 -12.19
CA ALA F 341 43.97 -27.69 -11.44
C ALA F 341 42.86 -27.08 -12.30
N ASP F 342 43.19 -25.99 -13.00
CA ASP F 342 42.25 -25.25 -13.84
C ASP F 342 41.83 -26.11 -15.03
N LYS F 343 42.77 -26.89 -15.57
CA LYS F 343 42.50 -27.77 -16.70
C LYS F 343 41.52 -28.88 -16.28
N LEU F 344 41.55 -29.31 -15.01
CA LEU F 344 40.67 -30.37 -14.51
C LEU F 344 39.31 -29.83 -14.05
N LEU F 345 39.20 -28.52 -13.82
CA LEU F 345 37.91 -27.88 -13.52
C LEU F 345 37.16 -27.64 -14.84
N MET G 19 52.81 -87.10 16.19
CA MET G 19 52.82 -85.83 15.38
C MET G 19 51.61 -85.80 14.45
N LYS G 20 50.75 -84.79 14.65
CA LYS G 20 49.53 -84.63 13.86
C LYS G 20 49.87 -84.08 12.48
N LYS G 21 48.96 -84.29 11.52
CA LYS G 21 49.08 -83.78 10.16
C LYS G 21 48.91 -82.25 10.15
N VAL G 22 47.85 -81.77 10.79
CA VAL G 22 47.48 -80.35 10.76
C VAL G 22 47.10 -79.87 12.16
N SER G 23 47.58 -78.68 12.52
CA SER G 23 47.03 -77.93 13.63
C SER G 23 46.26 -76.73 13.07
N VAL G 24 44.94 -76.72 13.27
CA VAL G 24 44.17 -75.54 12.98
C VAL G 24 44.31 -74.58 14.18
N ILE G 25 44.80 -73.38 13.91
CA ILE G 25 45.02 -72.35 14.93
C ILE G 25 43.97 -71.26 14.72
N MET G 26 43.16 -71.02 15.75
CA MET G 26 42.03 -70.09 15.67
C MET G 26 42.03 -69.17 16.88
N PRO G 27 42.39 -67.89 16.73
CA PRO G 27 42.24 -66.93 17.81
C PRO G 27 40.77 -66.49 17.90
N THR G 28 40.28 -66.27 19.13
CA THR G 28 38.91 -65.83 19.39
C THR G 28 38.93 -64.56 20.24
N PHE G 29 37.88 -63.75 20.07
CA PHE G 29 37.67 -62.55 20.89
C PHE G 29 36.22 -62.08 20.74
N ASN G 30 35.42 -62.28 21.79
CA ASN G 30 34.05 -61.75 21.88
C ASN G 30 33.22 -62.21 20.67
N ASN G 31 33.26 -63.50 20.37
CA ASN G 31 32.60 -64.07 19.20
C ASN G 31 31.17 -64.48 19.55
N GLY G 32 30.96 -64.98 20.77
CA GLY G 32 29.64 -65.38 21.23
C GLY G 32 29.19 -66.67 20.58
N GLU G 33 27.88 -66.77 20.28
CA GLU G 33 27.23 -68.00 19.82
C GLU G 33 27.56 -68.26 18.35
N LYS G 34 28.20 -67.29 17.68
CA LYS G 34 28.59 -67.40 16.27
C LYS G 34 29.71 -68.45 16.10
N LEU G 35 30.43 -68.74 17.21
CA LEU G 35 31.62 -69.58 17.21
C LEU G 35 31.21 -71.05 16.99
N HIS G 36 30.00 -71.41 17.41
CA HIS G 36 29.49 -72.79 17.29
C HIS G 36 29.68 -73.28 15.84
N ARG G 37 29.23 -72.45 14.89
CA ARG G 37 29.24 -72.77 13.48
C ARG G 37 30.68 -73.05 13.03
N THR G 38 31.61 -72.18 13.45
CA THR G 38 33.01 -72.29 13.08
C THR G 38 33.62 -73.59 13.63
N ILE G 39 33.50 -73.77 14.95
CA ILE G 39 34.09 -74.90 15.63
C ILE G 39 33.53 -76.20 15.01
N SER G 40 32.21 -76.22 14.83
CA SER G 40 31.54 -77.38 14.23
C SER G 40 32.16 -77.72 12.88
N SER G 41 32.49 -76.69 12.08
CA SER G 41 33.03 -76.89 10.73
C SER G 41 34.41 -77.56 10.80
N VAL G 42 35.16 -77.32 11.88
CA VAL G 42 36.50 -77.88 12.06
C VAL G 42 36.40 -79.31 12.58
N LEU G 43 35.47 -79.54 13.52
CA LEU G 43 35.31 -80.86 14.12
C LEU G 43 34.68 -81.84 13.11
N ASN G 44 33.94 -81.32 12.13
CA ASN G 44 33.24 -82.15 11.14
C ASN G 44 34.04 -82.15 9.83
N GLN G 45 35.26 -82.69 9.90
CA GLN G 45 36.15 -82.81 8.73
C GLN G 45 36.23 -84.27 8.28
N THR G 46 36.45 -84.48 6.98
CA THR G 46 36.61 -85.80 6.39
C THR G 46 37.93 -86.45 6.85
N MET G 47 38.88 -85.63 7.31
CA MET G 47 40.13 -86.13 7.85
C MET G 47 39.86 -86.89 9.15
N LYS G 48 40.65 -87.95 9.37
CA LYS G 48 40.64 -88.73 10.61
C LYS G 48 40.83 -87.76 11.78
N SER G 49 39.89 -87.78 12.74
CA SER G 49 39.84 -86.79 13.82
C SER G 49 41.13 -86.81 14.65
N THR G 50 41.81 -87.97 14.72
CA THR G 50 43.04 -88.12 15.49
C THR G 50 44.25 -87.56 14.72
N ASP G 51 44.05 -87.17 13.46
CA ASP G 51 45.14 -86.72 12.59
C ASP G 51 45.29 -85.19 12.63
N TYR G 52 44.35 -84.48 13.26
CA TYR G 52 44.46 -83.03 13.42
C TYR G 52 43.97 -82.58 14.79
N GLU G 53 44.27 -81.32 15.11
CA GLU G 53 43.85 -80.68 16.34
C GLU G 53 43.37 -79.26 16.01
N LEU G 54 42.42 -78.77 16.81
CA LEU G 54 41.99 -77.39 16.78
C LEU G 54 42.54 -76.70 18.04
N ILE G 55 43.48 -75.77 17.86
CA ILE G 55 43.99 -74.98 18.95
C ILE G 55 43.23 -73.66 18.96
N ILE G 56 42.52 -73.39 20.05
CA ILE G 56 41.77 -72.14 20.23
C ILE G 56 42.53 -71.27 21.23
N ILE G 57 42.83 -70.03 20.82
CA ILE G 57 43.52 -69.07 21.67
C ILE G 57 42.61 -67.83 21.82
N ASP G 58 41.99 -67.69 23.00
CA ASP G 58 41.10 -66.58 23.26
C ASP G 58 41.95 -65.38 23.72
N ASP G 59 41.71 -64.22 23.07
CA ASP G 59 42.48 -63.02 23.34
C ASP G 59 41.78 -62.22 24.45
N HIS G 60 41.56 -62.89 25.59
CA HIS G 60 40.95 -62.34 26.79
C HIS G 60 39.62 -61.63 26.45
N SER G 61 38.63 -62.41 26.00
CA SER G 61 37.28 -61.93 25.74
C SER G 61 36.72 -61.28 27.01
N ASN G 62 35.84 -60.29 26.85
CA ASN G 62 35.22 -59.59 27.98
C ASN G 62 33.71 -59.48 27.74
N ASP G 63 33.09 -60.53 27.18
CA ASP G 63 31.69 -60.46 26.73
C ASP G 63 30.77 -61.18 27.71
N ASN G 64 31.01 -60.96 29.01
CA ASN G 64 30.22 -61.55 30.09
C ASN G 64 30.23 -63.08 29.92
N GLY G 65 31.42 -63.61 29.60
CA GLY G 65 31.67 -65.05 29.56
C GLY G 65 30.96 -65.78 28.44
N GLU G 66 30.41 -65.06 27.44
CA GLU G 66 29.60 -65.67 26.36
C GLU G 66 30.49 -66.56 25.48
N THR G 67 31.61 -66.00 25.02
CA THR G 67 32.58 -66.69 24.16
C THR G 67 33.19 -67.88 24.91
N LEU G 68 33.62 -67.64 26.15
CA LEU G 68 34.21 -68.70 26.98
C LEU G 68 33.20 -69.84 27.18
N ASN G 69 31.92 -69.50 27.28
CA ASN G 69 30.84 -70.50 27.49
C ASN G 69 30.69 -71.39 26.27
N VAL G 70 30.86 -70.83 25.06
CA VAL G 70 30.77 -71.59 23.83
C VAL G 70 31.97 -72.53 23.72
N ILE G 71 33.14 -72.07 24.14
CA ILE G 71 34.39 -72.83 24.03
C ILE G 71 34.34 -74.00 25.02
N LYS G 72 33.75 -73.77 26.21
CA LYS G 72 33.67 -74.77 27.29
C LYS G 72 32.88 -76.01 26.84
N LYS G 73 31.93 -75.80 25.91
CA LYS G 73 31.08 -76.88 25.40
C LYS G 73 31.90 -77.92 24.62
N TYR G 74 33.11 -77.55 24.18
CA TYR G 74 33.98 -78.46 23.43
C TYR G 74 35.22 -78.87 24.24
N LYS G 75 35.18 -78.70 25.57
CA LYS G 75 36.26 -79.20 26.45
C LYS G 75 36.48 -80.68 26.12
N GLY G 76 37.74 -81.05 25.89
CA GLY G 76 38.12 -82.43 25.53
C GLY G 76 38.31 -82.64 24.04
N LEU G 77 37.70 -81.78 23.22
CA LEU G 77 37.73 -81.93 21.76
C LEU G 77 38.65 -80.90 21.11
N VAL G 78 39.17 -79.95 21.90
CA VAL G 78 40.05 -78.90 21.39
C VAL G 78 41.11 -78.60 22.45
N ARG G 79 42.27 -78.12 22.02
CA ARG G 79 43.26 -77.53 22.92
C ARG G 79 42.91 -76.05 23.04
N PHE G 80 43.13 -75.48 24.22
CA PHE G 80 42.68 -74.12 24.51
C PHE G 80 43.62 -73.42 25.48
N LYS G 81 43.94 -72.16 25.20
CA LYS G 81 44.70 -71.29 26.08
C LYS G 81 44.02 -69.92 26.06
N GLN G 82 43.96 -69.25 27.22
CA GLN G 82 43.43 -67.88 27.30
C GLN G 82 44.58 -66.93 27.66
N LEU G 83 44.68 -65.83 26.92
CA LEU G 83 45.67 -64.81 27.21
C LEU G 83 45.15 -63.97 28.39
N LYS G 84 46.09 -63.43 29.17
CA LYS G 84 45.80 -62.70 30.40
C LYS G 84 45.21 -61.32 30.07
N LYS G 85 45.76 -60.66 29.04
CA LYS G 85 45.32 -59.34 28.54
C LYS G 85 45.02 -59.46 27.04
N ASN G 86 44.03 -58.69 26.56
CA ASN G 86 43.68 -58.65 25.13
C ASN G 86 44.81 -57.96 24.35
N SER G 87 45.36 -58.66 23.34
CA SER G 87 46.49 -58.18 22.55
C SER G 87 46.04 -57.13 21.52
N GLY G 88 44.77 -57.21 21.08
CA GLY G 88 44.18 -56.20 20.18
C GLY G 88 44.00 -56.71 18.76
N ASN G 89 44.94 -57.55 18.29
CA ASN G 89 44.88 -58.19 16.97
C ASN G 89 45.11 -59.69 17.15
N ALA G 90 45.31 -60.41 16.04
CA ALA G 90 45.43 -61.86 16.01
C ALA G 90 46.90 -62.31 16.07
N SER G 91 47.85 -61.36 16.07
CA SER G 91 49.27 -61.68 16.01
C SER G 91 49.67 -62.53 17.23
N VAL G 92 49.52 -61.99 18.45
CA VAL G 92 49.99 -62.69 19.66
C VAL G 92 49.27 -64.03 19.78
N PRO G 93 47.92 -64.09 19.68
CA PRO G 93 47.20 -65.36 19.70
C PRO G 93 47.73 -66.40 18.71
N ARG G 94 47.97 -65.99 17.46
CA ARG G 94 48.44 -66.91 16.42
C ARG G 94 49.85 -67.39 16.75
N ASN G 95 50.69 -66.49 17.30
CA ASN G 95 52.04 -66.83 17.69
C ASN G 95 52.01 -67.87 18.81
N THR G 96 51.03 -67.75 19.71
CA THR G 96 50.86 -68.67 20.84
C THR G 96 50.47 -70.05 20.30
N GLY G 97 49.55 -70.07 19.34
CA GLY G 97 49.13 -71.29 18.66
C GLY G 97 50.29 -72.00 17.99
N LEU G 98 51.20 -71.24 17.37
CA LEU G 98 52.35 -71.80 16.66
C LEU G 98 53.31 -72.50 17.64
N LYS G 99 53.52 -71.89 18.82
CA LYS G 99 54.38 -72.46 19.85
C LYS G 99 53.74 -73.76 20.37
N MET G 100 52.42 -73.86 20.31
CA MET G 100 51.67 -75.01 20.85
C MET G 100 51.61 -76.16 19.85
N SER G 101 51.76 -75.87 18.55
CA SER G 101 51.61 -76.88 17.51
C SER G 101 52.93 -77.61 17.27
N LYS G 102 52.85 -78.95 17.13
CA LYS G 102 54.00 -79.78 16.74
C LYS G 102 53.62 -80.60 15.50
N ALA G 103 52.64 -80.08 14.73
CA ALA G 103 52.09 -80.77 13.54
C ALA G 103 52.99 -80.52 12.31
N GLU G 104 52.68 -81.23 11.22
CA GLU G 104 53.41 -81.11 9.95
C GLU G 104 53.06 -79.79 9.28
N TYR G 105 51.76 -79.50 9.23
CA TYR G 105 51.24 -78.25 8.71
C TYR G 105 50.38 -77.55 9.78
N VAL G 106 50.30 -76.22 9.67
CA VAL G 106 49.32 -75.44 10.43
C VAL G 106 48.36 -74.78 9.44
N PHE G 107 47.15 -74.52 9.92
CA PHE G 107 46.15 -73.83 9.15
C PHE G 107 45.53 -72.74 10.04
N PHE G 108 45.70 -71.48 9.65
CA PHE G 108 45.13 -70.38 10.42
C PHE G 108 43.67 -70.19 9.97
N LEU G 109 42.77 -70.14 10.96
CA LEU G 109 41.35 -69.98 10.75
C LEU G 109 40.87 -68.83 11.64
N ASP G 110 40.14 -67.88 11.06
CA ASP G 110 39.53 -66.80 11.81
C ASP G 110 38.21 -67.30 12.41
N SER G 111 37.81 -66.66 13.51
CA SER G 111 36.81 -67.19 14.44
C SER G 111 35.40 -67.15 13.85
N ASP G 112 35.14 -66.27 12.87
CA ASP G 112 33.79 -66.17 12.34
C ASP G 112 33.63 -67.01 11.05
N ASP G 113 34.75 -67.54 10.53
CA ASP G 113 34.82 -68.16 9.21
C ASP G 113 34.47 -69.66 9.33
N LEU G 114 34.35 -70.35 8.19
CA LEU G 114 33.98 -71.80 8.14
C LEU G 114 34.94 -72.57 7.23
N LEU G 115 35.21 -73.82 7.58
CA LEU G 115 35.93 -74.77 6.72
C LEU G 115 34.92 -75.73 6.07
N HIS G 116 35.17 -76.06 4.80
CA HIS G 116 34.47 -77.10 4.09
C HIS G 116 34.83 -78.45 4.72
N GLU G 117 33.88 -79.42 4.65
CA GLU G 117 34.04 -80.73 5.28
C GLU G 117 35.34 -81.39 4.81
N ARG G 118 35.67 -81.23 3.53
CA ARG G 118 36.90 -81.86 2.96
C ARG G 118 37.96 -80.79 2.69
N ALA G 119 38.35 -80.03 3.71
CA ALA G 119 39.33 -78.96 3.55
C ALA G 119 40.70 -79.46 3.98
N LEU G 120 40.81 -79.94 5.23
CA LEU G 120 42.06 -80.41 5.76
C LEU G 120 42.56 -81.61 4.95
N GLU G 121 41.68 -82.59 4.70
CA GLU G 121 42.06 -83.79 3.97
C GLU G 121 42.59 -83.43 2.58
N ASP G 122 41.78 -82.72 1.80
CA ASP G 122 42.11 -82.41 0.40
C ASP G 122 43.37 -81.55 0.30
N LEU G 123 43.50 -80.56 1.17
CA LEU G 123 44.63 -79.63 1.13
C LEU G 123 45.91 -80.34 1.59
N TYR G 124 45.81 -81.15 2.66
CA TYR G 124 46.97 -81.89 3.17
C TYR G 124 47.45 -82.91 2.13
N ASN G 125 46.51 -83.64 1.52
CA ASN G 125 46.83 -84.67 0.54
C ASN G 125 47.52 -84.05 -0.68
N TYR G 126 46.96 -82.96 -1.19
CA TYR G 126 47.53 -82.25 -2.34
C TYR G 126 48.93 -81.77 -1.98
N GLY G 127 49.09 -81.25 -0.76
CA GLY G 127 50.34 -80.72 -0.27
C GLY G 127 51.41 -81.80 -0.17
N LYS G 128 51.01 -82.94 0.38
CA LYS G 128 51.92 -84.06 0.64
C LYS G 128 52.35 -84.67 -0.70
N GLU G 129 51.38 -84.82 -1.60
CA GLU G 129 51.60 -85.43 -2.94
C GLU G 129 52.51 -84.54 -3.79
N ASN G 130 52.52 -83.24 -3.53
CA ASN G 130 53.35 -82.33 -4.34
C ASN G 130 54.47 -81.73 -3.48
N ASN G 131 54.63 -82.23 -2.25
CA ASN G 131 55.71 -81.75 -1.34
C ASN G 131 55.61 -80.22 -1.27
N SER G 132 54.43 -79.72 -0.94
CA SER G 132 54.17 -78.25 -0.91
C SER G 132 54.51 -77.66 0.46
N ASP G 133 55.08 -76.45 0.45
CA ASP G 133 55.39 -75.72 1.70
C ASP G 133 54.15 -74.89 2.03
N LEU G 134 53.31 -74.64 1.01
CA LEU G 134 52.13 -73.83 1.17
C LEU G 134 51.02 -74.38 0.27
N ILE G 135 49.82 -74.57 0.83
CA ILE G 135 48.66 -74.93 0.03
C ILE G 135 47.55 -73.92 0.28
N ILE G 136 46.98 -73.39 -0.80
CA ILE G 136 45.96 -72.36 -0.77
C ILE G 136 44.65 -72.95 -1.32
N GLY G 137 43.65 -73.05 -0.45
CA GLY G 137 42.32 -73.51 -0.85
C GLY G 137 41.47 -72.35 -1.29
N LYS G 138 40.64 -72.57 -2.31
CA LYS G 138 39.78 -71.55 -2.88
C LYS G 138 38.88 -70.97 -1.79
N TYR G 139 38.77 -69.65 -1.76
CA TYR G 139 37.97 -68.94 -0.79
C TYR G 139 36.55 -68.75 -1.34
N GLY G 140 35.56 -68.88 -0.44
CA GLY G 140 34.22 -68.44 -0.67
C GLY G 140 33.86 -67.36 0.32
N VAL G 141 32.69 -66.76 0.12
CA VAL G 141 32.30 -65.62 0.91
C VAL G 141 30.79 -65.66 1.13
N GLU G 142 30.39 -65.30 2.36
CA GLU G 142 29.00 -65.27 2.80
C GLU G 142 28.75 -63.85 3.33
N GLY G 143 27.91 -63.09 2.62
CA GLY G 143 27.48 -61.75 3.05
C GLY G 143 28.20 -60.63 2.34
N LYS G 144 27.58 -59.45 2.35
CA LYS G 144 28.17 -58.24 1.77
C LYS G 144 29.29 -57.75 2.70
N GLY G 145 30.34 -57.18 2.12
CA GLY G 145 31.48 -56.70 2.89
C GLY G 145 32.77 -56.90 2.11
N ARG G 146 33.82 -57.31 2.84
CA ARG G 146 35.11 -57.66 2.24
C ARG G 146 34.88 -58.70 1.13
N SER G 147 35.52 -58.50 -0.03
CA SER G 147 35.63 -59.51 -1.07
C SER G 147 36.88 -60.36 -0.82
N VAL G 148 36.97 -61.49 -1.54
CA VAL G 148 38.07 -62.45 -1.38
C VAL G 148 38.84 -62.54 -2.69
N PRO G 149 40.11 -62.99 -2.69
CA PRO G 149 40.85 -63.22 -3.93
C PRO G 149 40.10 -64.15 -4.89
N LYS G 150 40.23 -63.89 -6.19
CA LYS G 150 39.55 -64.64 -7.25
C LYS G 150 40.58 -65.08 -8.30
N ALA G 151 41.49 -64.17 -8.69
CA ALA G 151 42.43 -64.39 -9.79
C ALA G 151 43.32 -65.61 -9.53
N ILE G 152 43.80 -65.77 -8.29
CA ILE G 152 44.68 -66.87 -7.92
C ILE G 152 44.05 -68.23 -8.26
N PHE G 153 42.71 -68.31 -8.26
CA PHE G 153 42.00 -69.59 -8.43
C PHE G 153 41.41 -69.75 -9.83
N GLU G 154 41.75 -68.87 -10.77
CA GLU G 154 41.08 -68.82 -12.09
C GLU G 154 41.67 -69.86 -13.04
N LYS G 155 42.80 -70.49 -12.67
CA LYS G 155 43.48 -71.45 -13.53
C LYS G 155 43.28 -72.88 -13.00
N GLY G 156 42.36 -73.05 -12.04
CA GLY G 156 42.13 -74.33 -11.40
C GLY G 156 43.31 -74.73 -10.53
N ASN G 157 43.50 -76.05 -10.36
CA ASN G 157 44.52 -76.57 -9.47
C ASN G 157 45.89 -76.36 -10.09
N VAL G 158 46.84 -75.96 -9.24
CA VAL G 158 48.23 -75.73 -9.61
C VAL G 158 49.12 -76.40 -8.55
N ALA G 159 49.92 -77.39 -8.98
CA ALA G 159 50.76 -78.18 -8.09
C ALA G 159 52.01 -77.39 -7.67
N LYS G 160 52.65 -76.75 -8.65
CA LYS G 160 53.83 -75.89 -8.42
C LYS G 160 53.51 -74.50 -8.95
N ALA G 161 52.91 -73.66 -8.11
CA ALA G 161 52.45 -72.32 -8.50
C ALA G 161 53.62 -71.35 -8.48
N ASP G 162 53.46 -70.24 -9.21
CA ASP G 162 54.43 -69.17 -9.33
C ASP G 162 53.78 -67.88 -8.81
N ILE G 163 54.55 -67.09 -8.06
CA ILE G 163 54.04 -65.91 -7.38
C ILE G 163 53.39 -64.96 -8.41
N ILE G 164 54.14 -64.65 -9.47
CA ILE G 164 53.71 -63.65 -10.43
C ILE G 164 52.55 -64.21 -11.28
N ASP G 165 52.78 -65.38 -11.91
CA ASP G 165 51.84 -65.92 -12.89
C ASP G 165 50.54 -66.37 -12.21
N ASN G 166 50.55 -66.65 -10.90
CA ASN G 166 49.35 -67.17 -10.21
C ASN G 166 48.79 -66.16 -9.19
N SER G 167 49.24 -64.89 -9.29
CA SER G 167 48.60 -63.77 -8.59
C SER G 167 48.63 -63.97 -7.07
N ILE G 168 49.74 -64.49 -6.54
CA ILE G 168 49.82 -64.84 -5.13
C ILE G 168 49.96 -63.58 -4.28
N PHE G 169 50.53 -62.50 -4.84
CA PHE G 169 50.66 -61.24 -4.08
C PHE G 169 49.29 -60.58 -3.89
N TYR G 170 48.26 -61.09 -4.60
CA TYR G 170 46.89 -60.64 -4.39
C TYR G 170 46.11 -61.61 -3.47
N ALA G 171 46.82 -62.49 -2.77
CA ALA G 171 46.18 -63.40 -1.80
C ALA G 171 47.15 -63.70 -0.65
N LEU G 172 47.50 -62.66 0.13
CA LEU G 172 48.55 -62.72 1.13
C LEU G 172 47.98 -62.94 2.55
N SER G 173 46.70 -63.33 2.67
CA SER G 173 46.16 -63.70 3.98
C SER G 173 46.89 -64.96 4.46
N VAL G 174 46.80 -65.22 5.77
CA VAL G 174 47.41 -66.43 6.32
C VAL G 174 46.34 -67.52 6.44
N LEU G 175 45.21 -67.38 5.74
CA LEU G 175 44.14 -68.36 5.83
C LEU G 175 44.41 -69.49 4.84
N LYS G 176 45.52 -70.20 5.11
CA LYS G 176 46.10 -71.19 4.21
C LYS G 176 46.80 -72.25 5.06
N MET G 177 47.28 -73.32 4.41
CA MET G 177 48.00 -74.40 5.06
C MET G 177 49.50 -74.19 4.84
N PHE G 178 50.25 -74.02 5.94
CA PHE G 178 51.68 -73.74 5.91
C PHE G 178 52.46 -74.90 6.55
N LYS G 179 53.58 -75.29 5.92
CA LYS G 179 54.49 -76.30 6.46
C LYS G 179 55.21 -75.73 7.68
N LYS G 180 55.04 -76.38 8.84
CA LYS G 180 55.50 -75.85 10.13
C LYS G 180 57.04 -75.75 10.14
N SER G 181 57.70 -76.70 9.46
CA SER G 181 59.17 -76.76 9.46
C SER G 181 59.78 -75.47 8.89
N VAL G 182 59.12 -74.90 7.88
CA VAL G 182 59.58 -73.68 7.23
C VAL G 182 59.47 -72.53 8.23
N ILE G 183 58.35 -72.48 8.96
CA ILE G 183 58.09 -71.48 9.98
C ILE G 183 59.13 -71.63 11.10
N ASP G 184 59.40 -72.88 11.50
CA ASP G 184 60.30 -73.18 12.61
C ASP G 184 61.75 -72.88 12.20
N LYS G 185 62.20 -73.41 11.06
CA LYS G 185 63.59 -73.27 10.60
C LYS G 185 63.93 -71.79 10.43
N ASN G 186 62.98 -70.98 9.95
CA ASN G 186 63.23 -69.58 9.62
C ASN G 186 62.74 -68.65 10.74
N LYS G 187 62.22 -69.21 11.84
CA LYS G 187 61.78 -68.44 13.02
C LYS G 187 60.82 -67.32 12.60
N ILE G 188 59.78 -67.69 11.85
CA ILE G 188 58.77 -66.76 11.34
C ILE G 188 57.67 -66.63 12.40
N LYS G 189 57.51 -65.42 12.91
CA LYS G 189 56.49 -65.04 13.88
C LYS G 189 55.67 -63.90 13.28
N PHE G 190 54.43 -63.73 13.76
CA PHE G 190 53.66 -62.54 13.42
C PHE G 190 54.27 -61.37 14.20
N LYS G 191 54.54 -60.25 13.53
CA LYS G 191 55.06 -59.07 14.21
C LYS G 191 53.85 -58.33 14.81
N THR G 192 54.13 -57.46 15.78
CA THR G 192 53.12 -56.70 16.50
C THR G 192 53.48 -55.21 16.55
N PHE G 193 54.36 -54.75 15.65
CA PHE G 193 54.75 -53.34 15.61
C PHE G 193 53.67 -52.51 14.89
N SER G 194 52.75 -53.18 14.19
CA SER G 194 51.70 -52.54 13.40
C SER G 194 50.37 -53.27 13.65
N LYS G 195 49.27 -52.55 13.42
CA LYS G 195 47.91 -53.08 13.56
C LYS G 195 47.48 -53.78 12.26
N THR G 196 48.12 -53.40 11.15
CA THR G 196 47.75 -53.85 9.82
C THR G 196 48.98 -54.36 9.05
N ALA G 197 48.68 -55.19 8.04
CA ALA G 197 49.63 -55.73 7.09
C ALA G 197 50.62 -56.72 7.75
N GLU G 198 50.29 -57.22 8.94
CA GLU G 198 51.18 -58.11 9.66
C GLU G 198 51.05 -59.53 9.09
N ASP G 199 49.85 -59.83 8.57
CA ASP G 199 49.54 -61.12 7.98
C ASP G 199 50.24 -61.21 6.61
N GLN G 200 50.26 -60.08 5.88
CA GLN G 200 50.94 -60.00 4.61
C GLN G 200 52.44 -60.27 4.80
N LEU G 201 53.04 -59.62 5.80
CA LEU G 201 54.46 -59.76 6.04
C LEU G 201 54.78 -61.22 6.36
N PHE G 202 53.88 -61.88 7.08
CA PHE G 202 54.07 -63.26 7.48
C PHE G 202 54.11 -64.15 6.22
N THR G 203 53.09 -64.00 5.37
CA THR G 203 52.97 -64.79 4.15
C THR G 203 54.16 -64.49 3.22
N ILE G 204 54.56 -63.21 3.12
CA ILE G 204 55.67 -62.82 2.28
C ILE G 204 56.96 -63.46 2.81
N GLU G 205 57.18 -63.39 4.13
CA GLU G 205 58.37 -63.99 4.74
C GLU G 205 58.40 -65.49 4.41
N PHE G 206 57.22 -66.13 4.45
CA PHE G 206 57.12 -67.56 4.19
C PHE G 206 57.42 -67.85 2.72
N LEU G 207 56.79 -67.09 1.81
CA LEU G 207 56.93 -67.26 0.37
C LEU G 207 58.39 -67.10 -0.05
N MET G 208 59.09 -66.14 0.56
CA MET G 208 60.48 -65.81 0.20
C MET G 208 61.46 -66.82 0.81
N ASN G 209 60.95 -67.76 1.66
CA ASN G 209 61.80 -68.77 2.27
C ASN G 209 61.33 -70.18 1.93
N SER G 210 60.59 -70.32 0.82
CA SER G 210 60.08 -71.62 0.36
C SER G 210 59.85 -71.55 -1.15
N LYS G 211 59.71 -72.71 -1.78
CA LYS G 211 59.64 -72.78 -3.26
C LYS G 211 58.30 -73.39 -3.73
N ASN G 212 57.77 -74.35 -2.97
CA ASN G 212 56.67 -75.17 -3.44
C ASN G 212 55.34 -74.65 -2.87
N TYR G 213 54.53 -74.08 -3.77
CA TYR G 213 53.21 -73.56 -3.41
C TYR G 213 52.18 -74.21 -4.34
N SER G 214 51.09 -74.69 -3.75
CA SER G 214 50.08 -75.36 -4.51
C SER G 214 48.73 -74.68 -4.25
N ILE G 215 47.88 -74.71 -5.27
CA ILE G 215 46.57 -74.07 -5.26
C ILE G 215 45.53 -75.14 -5.59
N LYS G 216 44.53 -75.28 -4.70
CA LYS G 216 43.48 -76.31 -4.82
C LYS G 216 42.13 -75.60 -4.86
N THR G 217 41.30 -75.93 -5.87
CA THR G 217 40.10 -75.14 -6.18
C THR G 217 38.86 -76.01 -6.41
N ASP G 218 38.88 -77.28 -5.99
CA ASP G 218 37.78 -78.20 -6.27
C ASP G 218 36.50 -77.74 -5.56
N TYR G 219 36.64 -77.22 -4.34
CA TYR G 219 35.55 -76.68 -3.53
C TYR G 219 35.94 -75.30 -2.99
N GLU G 220 34.95 -74.56 -2.49
CA GLU G 220 35.23 -73.38 -1.68
C GLU G 220 35.61 -73.89 -0.28
N TYR G 221 36.91 -74.15 -0.09
CA TYR G 221 37.41 -74.84 1.08
C TYR G 221 37.32 -73.97 2.34
N TYR G 222 37.55 -72.66 2.18
CA TYR G 222 37.49 -71.69 3.27
C TYR G 222 36.43 -70.64 2.92
N ILE G 223 35.45 -70.45 3.79
CA ILE G 223 34.40 -69.45 3.60
C ILE G 223 34.64 -68.30 4.57
N VAL G 224 34.96 -67.12 4.01
CA VAL G 224 35.02 -65.89 4.78
C VAL G 224 33.58 -65.42 5.03
N VAL G 225 33.22 -65.26 6.31
CA VAL G 225 31.90 -64.80 6.72
C VAL G 225 31.99 -63.32 7.14
N ASN G 226 31.21 -62.47 6.49
CA ASN G 226 31.07 -61.04 6.82
C ASN G 226 29.89 -60.87 7.80
N THR G 240 49.11 -40.72 10.28
CA THR G 240 50.54 -41.04 10.22
C THR G 240 50.73 -42.57 10.20
N GLY G 241 51.51 -43.05 9.25
CA GLY G 241 51.65 -44.49 8.98
C GLY G 241 53.05 -44.92 9.34
N ASN G 242 53.57 -44.41 10.46
CA ASN G 242 54.94 -44.76 10.90
C ASN G 242 55.07 -46.28 11.01
N GLN G 243 54.08 -46.92 11.65
CA GLN G 243 54.10 -48.37 11.92
C GLN G 243 53.73 -49.15 10.66
N TYR G 244 52.75 -48.64 9.91
CA TYR G 244 52.29 -49.30 8.70
C TYR G 244 53.44 -49.45 7.69
N PHE G 245 54.15 -48.35 7.44
CA PHE G 245 55.19 -48.34 6.40
C PHE G 245 56.44 -49.05 6.89
N ALA G 246 56.60 -49.18 8.21
CA ALA G 246 57.66 -50.03 8.77
C ALA G 246 57.43 -51.49 8.36
N THR G 247 56.16 -51.89 8.30
CA THR G 247 55.78 -53.25 7.93
C THR G 247 55.98 -53.43 6.42
N ILE G 248 55.61 -52.43 5.62
CA ILE G 248 55.78 -52.46 4.17
C ILE G 248 57.26 -52.55 3.86
N ASN G 249 58.08 -51.84 4.65
CA ASN G 249 59.51 -51.86 4.50
C ASN G 249 60.01 -53.29 4.71
N GLU G 250 59.48 -53.98 5.71
CA GLU G 250 59.88 -55.36 6.02
C GLU G 250 59.54 -56.29 4.84
N ILE G 251 58.44 -56.01 4.14
CA ILE G 251 58.01 -56.83 3.01
C ILE G 251 59.05 -56.71 1.89
N TYR G 252 59.47 -55.48 1.57
CA TYR G 252 60.45 -55.27 0.53
C TYR G 252 61.80 -55.88 0.96
N LYS G 253 62.17 -55.72 2.24
CA LYS G 253 63.41 -56.30 2.78
C LYS G 253 63.38 -57.83 2.58
N ALA G 254 62.21 -58.45 2.77
CA ALA G 254 62.10 -59.90 2.69
C ALA G 254 62.35 -60.37 1.26
N ILE G 255 61.83 -59.61 0.30
CA ILE G 255 61.96 -59.93 -1.11
C ILE G 255 63.44 -59.82 -1.50
N TYR G 256 64.09 -58.73 -1.09
CA TYR G 256 65.43 -58.43 -1.58
C TYR G 256 66.49 -59.24 -0.82
N LYS G 257 66.10 -59.92 0.28
CA LYS G 257 67.03 -60.79 1.04
C LYS G 257 66.64 -62.27 0.84
N SER G 258 65.75 -62.55 -0.11
CA SER G 258 65.22 -63.90 -0.29
C SER G 258 66.34 -64.86 -0.64
N PRO G 259 66.55 -65.95 0.13
CA PRO G 259 67.51 -66.98 -0.25
C PRO G 259 67.00 -67.93 -1.34
N ILE G 260 65.69 -67.86 -1.64
CA ILE G 260 65.07 -68.66 -2.70
C ILE G 260 65.17 -67.88 -4.03
N TYR G 261 64.70 -66.64 -4.03
CA TYR G 261 64.74 -65.78 -5.20
C TYR G 261 66.00 -64.91 -5.13
N LYS G 262 67.13 -65.48 -5.55
CA LYS G 262 68.45 -64.90 -5.35
C LYS G 262 68.77 -63.93 -6.50
N ASN G 263 68.18 -64.15 -7.68
CA ASN G 263 68.48 -63.34 -8.86
C ASN G 263 67.92 -61.92 -8.67
N GLN G 264 68.79 -60.92 -8.79
CA GLN G 264 68.45 -59.53 -8.51
C GLN G 264 67.33 -59.06 -9.44
N GLU G 265 67.32 -59.52 -10.70
CA GLU G 265 66.26 -59.07 -11.61
C GLU G 265 64.93 -59.67 -11.18
N LYS G 266 64.95 -60.89 -10.64
CA LYS G 266 63.74 -61.54 -10.18
C LYS G 266 63.19 -60.78 -8.96
N ARG G 267 64.09 -60.32 -8.10
CA ARG G 267 63.73 -59.53 -6.95
C ARG G 267 63.06 -58.22 -7.39
N HIS G 268 63.63 -57.57 -8.42
CA HIS G 268 63.03 -56.35 -8.96
C HIS G 268 61.60 -56.62 -9.43
N GLN G 269 61.38 -57.78 -10.04
CA GLN G 269 60.09 -58.13 -10.63
C GLN G 269 59.07 -58.36 -9.51
N LEU G 270 59.50 -59.06 -8.46
CA LEU G 270 58.66 -59.34 -7.31
C LEU G 270 58.33 -58.02 -6.62
N ALA G 271 59.35 -57.20 -6.38
CA ALA G 271 59.19 -55.92 -5.72
C ALA G 271 58.20 -55.05 -6.51
N GLY G 272 58.35 -55.04 -7.83
CA GLY G 272 57.50 -54.24 -8.68
C GLY G 272 56.05 -54.70 -8.63
N LYS G 273 55.87 -56.02 -8.54
CA LYS G 273 54.54 -56.58 -8.51
C LYS G 273 53.91 -56.26 -7.15
N TYR G 274 54.70 -56.29 -6.07
CA TYR G 274 54.16 -55.95 -4.76
C TYR G 274 53.75 -54.48 -4.75
N THR G 275 54.60 -53.60 -5.32
CA THR G 275 54.30 -52.18 -5.42
C THR G 275 52.95 -51.99 -6.13
N THR G 276 52.72 -52.76 -7.19
CA THR G 276 51.46 -52.68 -7.92
C THR G 276 50.30 -53.03 -6.99
N ARG G 277 50.43 -54.12 -6.24
CA ARG G 277 49.37 -54.58 -5.32
C ARG G 277 49.12 -53.53 -4.23
N LEU G 278 50.20 -52.87 -3.78
CA LEU G 278 50.13 -51.85 -2.74
C LEU G 278 49.35 -50.64 -3.25
N LEU G 279 49.58 -50.27 -4.53
CA LEU G 279 48.90 -49.13 -5.12
C LEU G 279 47.45 -49.47 -5.48
N ARG G 280 47.16 -50.75 -5.67
CA ARG G 280 45.83 -51.21 -6.05
C ARG G 280 44.95 -51.46 -4.82
N HIS G 281 45.53 -51.91 -3.70
CA HIS G 281 44.75 -52.39 -2.55
C HIS G 281 45.31 -51.92 -1.21
N GLY G 282 46.30 -51.04 -1.21
CA GLY G 282 46.95 -50.62 0.03
C GLY G 282 46.00 -49.85 0.94
N GLN G 283 46.37 -49.79 2.22
CA GLN G 283 45.68 -48.98 3.20
C GLN G 283 45.76 -47.51 2.78
N LYS G 284 44.62 -46.81 2.85
CA LYS G 284 44.52 -45.38 2.57
C LYS G 284 45.13 -45.08 1.21
N LYS G 285 44.77 -45.86 0.19
CA LYS G 285 45.36 -45.71 -1.11
C LYS G 285 44.99 -44.34 -1.69
N ASN G 286 43.82 -43.80 -1.32
CA ASN G 286 43.34 -42.53 -1.86
C ASN G 286 43.45 -41.42 -0.82
N PHE G 287 44.50 -41.45 -0.01
CA PHE G 287 44.68 -40.50 1.07
C PHE G 287 44.82 -39.07 0.54
N ALA G 288 45.37 -38.92 -0.67
CA ALA G 288 45.83 -37.61 -1.13
C ALA G 288 44.66 -36.65 -1.35
N ASN G 289 43.53 -37.15 -1.86
CA ASN G 289 42.36 -36.32 -2.11
C ASN G 289 41.31 -36.48 -1.01
N SER G 290 41.69 -37.04 0.14
CA SER G 290 40.75 -37.40 1.20
C SER G 290 40.56 -36.22 2.16
N LYS G 291 39.69 -36.43 3.17
CA LYS G 291 39.31 -35.44 4.17
C LYS G 291 40.37 -35.38 5.29
N MET G 292 41.42 -36.19 5.16
CA MET G 292 42.56 -36.20 6.05
C MET G 292 43.12 -34.78 6.21
N LYS G 293 43.55 -34.44 7.43
CA LYS G 293 44.21 -33.14 7.72
C LYS G 293 45.50 -33.06 6.90
N TYR G 294 45.82 -31.86 6.43
CA TYR G 294 46.99 -31.65 5.57
C TYR G 294 48.26 -32.18 6.23
N GLU G 295 48.46 -31.86 7.52
CA GLU G 295 49.70 -32.22 8.22
C GLU G 295 49.83 -33.75 8.26
N ASP G 296 48.68 -34.45 8.37
CA ASP G 296 48.64 -35.90 8.40
C ASP G 296 48.99 -36.47 7.03
N LYS G 297 48.48 -35.85 5.96
CA LYS G 297 48.77 -36.25 4.59
C LYS G 297 50.28 -36.18 4.36
N ILE G 298 50.90 -35.08 4.79
CA ILE G 298 52.31 -34.85 4.58
C ILE G 298 53.12 -35.92 5.30
N GLU G 299 52.76 -36.24 6.54
CA GLU G 299 53.49 -37.20 7.35
C GLU G 299 53.32 -38.60 6.74
N TRP G 300 52.11 -38.89 6.27
CA TRP G 300 51.80 -40.19 5.66
C TRP G 300 52.63 -40.38 4.40
N LEU G 301 52.60 -39.37 3.52
CA LEU G 301 53.30 -39.43 2.25
C LEU G 301 54.81 -39.48 2.50
N ASN G 302 55.26 -38.81 3.56
CA ASN G 302 56.68 -38.79 3.90
C ASN G 302 57.15 -40.20 4.24
N ASN G 303 56.34 -40.94 5.01
CA ASN G 303 56.65 -42.32 5.38
C ASN G 303 56.60 -43.22 4.15
N PHE G 304 55.59 -43.00 3.30
CA PHE G 304 55.41 -43.77 2.07
C PHE G 304 56.62 -43.54 1.15
N SER G 305 57.06 -42.28 1.05
CA SER G 305 58.15 -41.90 0.18
C SER G 305 59.47 -42.50 0.69
N LYS G 306 59.74 -42.32 1.99
CA LYS G 306 60.95 -42.83 2.64
C LYS G 306 61.07 -44.34 2.40
N THR G 307 59.94 -45.05 2.45
CA THR G 307 59.93 -46.51 2.34
C THR G 307 60.15 -46.94 0.89
N ILE G 308 59.44 -46.31 -0.05
CA ILE G 308 59.51 -46.72 -1.44
C ILE G 308 60.86 -46.30 -2.04
N ASN G 309 61.54 -45.32 -1.44
CA ASN G 309 62.80 -44.84 -1.98
C ASN G 309 63.97 -45.74 -1.54
N LYS G 310 63.69 -46.71 -0.67
CA LYS G 310 64.64 -47.77 -0.33
C LYS G 310 64.49 -48.96 -1.29
N VAL G 311 63.48 -48.90 -2.16
CA VAL G 311 63.28 -49.91 -3.17
C VAL G 311 63.97 -49.44 -4.44
N PRO G 312 64.84 -50.26 -5.06
CA PRO G 312 65.48 -49.92 -6.32
C PRO G 312 64.48 -49.49 -7.40
N ARG G 313 64.87 -48.47 -8.18
CA ARG G 313 64.07 -47.97 -9.30
C ARG G 313 63.99 -49.02 -10.40
N ASP G 314 64.92 -49.99 -10.39
CA ASP G 314 64.91 -51.10 -11.35
C ASP G 314 63.61 -51.90 -11.25
N SER G 315 62.91 -51.83 -10.10
CA SER G 315 61.64 -52.53 -9.92
C SER G 315 60.49 -51.80 -10.63
N ASP G 316 60.66 -50.49 -10.84
CA ASP G 316 59.57 -49.63 -11.33
C ASP G 316 59.07 -50.13 -12.69
N LYS G 317 59.97 -50.64 -13.52
CA LYS G 317 59.61 -51.12 -14.88
C LYS G 317 58.65 -52.32 -14.81
N TYR G 318 58.54 -52.97 -13.65
CA TYR G 318 57.66 -54.14 -13.45
C TYR G 318 56.32 -53.74 -12.82
N VAL G 319 56.13 -52.45 -12.53
CA VAL G 319 54.89 -51.92 -12.01
C VAL G 319 53.95 -51.67 -13.20
N THR G 320 52.66 -51.95 -13.01
CA THR G 320 51.67 -51.71 -14.05
C THR G 320 51.68 -50.22 -14.41
N GLN G 321 51.70 -49.91 -15.71
CA GLN G 321 52.10 -48.57 -16.15
C GLN G 321 51.02 -47.52 -15.83
N ILE G 322 49.76 -47.91 -15.59
CA ILE G 322 48.74 -46.90 -15.18
C ILE G 322 49.22 -46.15 -13.93
N PHE G 323 50.01 -46.81 -13.09
CA PHE G 323 50.49 -46.25 -11.83
C PHE G 323 51.85 -45.57 -11.99
N ASN G 324 52.33 -45.36 -13.22
CA ASN G 324 53.67 -44.81 -13.46
C ASN G 324 53.82 -43.44 -12.79
N LEU G 325 52.78 -42.60 -12.90
CA LEU G 325 52.84 -41.21 -12.42
C LEU G 325 52.70 -41.18 -10.90
N LYS G 326 51.73 -41.95 -10.37
CA LYS G 326 51.51 -41.98 -8.95
C LYS G 326 52.78 -42.45 -8.23
N LEU G 327 53.43 -43.48 -8.78
CA LEU G 327 54.63 -44.04 -8.18
C LEU G 327 55.74 -42.98 -8.15
N GLU G 328 55.89 -42.24 -9.26
CA GLU G 328 56.96 -41.24 -9.34
C GLU G 328 56.66 -40.10 -8.36
N ALA G 329 55.38 -39.74 -8.26
CA ALA G 329 54.93 -38.70 -7.35
C ALA G 329 55.29 -39.07 -5.91
N ILE G 330 55.09 -40.34 -5.53
CA ILE G 330 55.38 -40.81 -4.19
C ILE G 330 56.91 -40.77 -3.97
N ARG G 331 57.66 -41.21 -4.97
CA ARG G 331 59.11 -41.20 -4.89
C ARG G 331 59.61 -39.77 -4.68
N GLN G 332 58.98 -38.80 -5.36
CA GLN G 332 59.35 -37.39 -5.31
C GLN G 332 58.79 -36.70 -4.05
N ASN G 333 57.89 -37.38 -3.33
CA ASN G 333 57.32 -36.88 -2.07
C ASN G 333 56.54 -35.59 -2.34
N ASP G 334 55.81 -35.56 -3.46
CA ASP G 334 55.06 -34.38 -3.93
C ASP G 334 53.56 -34.65 -3.75
N LEU G 335 52.97 -34.03 -2.72
CA LEU G 335 51.56 -34.28 -2.41
C LEU G 335 50.67 -33.85 -3.59
N LEU G 336 50.93 -32.67 -4.14
CA LEU G 336 50.13 -32.16 -5.26
C LEU G 336 50.12 -33.17 -6.41
N ALA G 337 51.28 -33.76 -6.71
CA ALA G 337 51.42 -34.69 -7.83
C ALA G 337 50.63 -35.98 -7.55
N VAL G 338 50.60 -36.41 -6.29
CA VAL G 338 49.85 -37.62 -5.92
C VAL G 338 48.36 -37.33 -6.09
N MET G 339 47.93 -36.13 -5.66
CA MET G 339 46.54 -35.70 -5.78
C MET G 339 46.13 -35.75 -7.26
N ILE G 340 46.99 -35.19 -8.12
CA ILE G 340 46.71 -35.13 -9.55
C ILE G 340 46.69 -36.54 -10.13
N ALA G 341 47.68 -37.36 -9.74
CA ALA G 341 47.80 -38.72 -10.23
C ALA G 341 46.48 -39.46 -9.98
N ASP G 342 45.94 -39.28 -8.77
CA ASP G 342 44.72 -39.96 -8.34
C ASP G 342 43.53 -39.46 -9.16
N LYS G 343 43.52 -38.17 -9.49
CA LYS G 343 42.44 -37.58 -10.27
C LYS G 343 42.46 -38.16 -11.70
N LEU G 344 43.64 -38.53 -12.22
CA LEU G 344 43.78 -39.06 -13.58
C LEU G 344 43.52 -40.58 -13.61
N LEU G 345 43.61 -41.26 -12.47
CA LEU G 345 43.27 -42.69 -12.38
C LEU G 345 41.74 -42.86 -12.30
N MET H 19 75.97 -24.46 -67.94
CA MET H 19 75.31 -24.55 -66.59
C MET H 19 73.95 -25.25 -66.75
N LYS H 20 73.80 -26.39 -66.06
CA LYS H 20 72.58 -27.19 -66.11
C LYS H 20 71.50 -26.52 -65.25
N LYS H 21 70.23 -26.88 -65.53
CA LYS H 21 69.07 -26.36 -64.82
C LYS H 21 69.03 -26.95 -63.40
N VAL H 22 69.15 -28.28 -63.29
CA VAL H 22 68.98 -28.99 -62.03
C VAL H 22 70.08 -30.03 -61.86
N SER H 23 70.64 -30.10 -60.65
CA SER H 23 71.42 -31.26 -60.23
C SER H 23 70.62 -32.07 -59.21
N VAL H 24 70.24 -33.29 -59.56
CA VAL H 24 69.65 -34.19 -58.59
C VAL H 24 70.80 -34.84 -57.81
N ILE H 25 70.80 -34.66 -56.49
CA ILE H 25 71.82 -35.19 -55.61
C ILE H 25 71.22 -36.32 -54.78
N MET H 26 71.79 -37.52 -54.90
CA MET H 26 71.26 -38.72 -54.27
C MET H 26 72.38 -39.49 -53.58
N PRO H 27 72.44 -39.47 -52.23
CA PRO H 27 73.39 -40.31 -51.50
C PRO H 27 72.85 -41.75 -51.44
N THR H 28 73.77 -42.72 -51.51
CA THR H 28 73.44 -44.15 -51.40
C THR H 28 74.26 -44.80 -50.29
N PHE H 29 73.71 -45.86 -49.69
CA PHE H 29 74.40 -46.72 -48.75
C PHE H 29 73.67 -48.05 -48.59
N ASN H 30 74.25 -49.12 -49.17
CA ASN H 30 73.73 -50.50 -49.01
C ASN H 30 72.27 -50.57 -49.46
N ASN H 31 72.00 -50.01 -50.65
CA ASN H 31 70.67 -49.98 -51.21
C ASN H 31 70.42 -51.22 -52.05
N GLY H 32 71.46 -51.72 -52.73
CA GLY H 32 71.39 -52.94 -53.53
C GLY H 32 70.65 -52.68 -54.83
N GLU H 33 69.85 -53.66 -55.26
CA GLU H 33 69.18 -53.66 -56.56
C GLU H 33 67.96 -52.71 -56.54
N LYS H 34 67.61 -52.19 -55.36
CA LYS H 34 66.46 -51.30 -55.17
C LYS H 34 66.71 -49.93 -55.83
N LEU H 35 67.99 -49.60 -56.08
CA LEU H 35 68.40 -48.30 -56.58
C LEU H 35 68.01 -48.16 -58.05
N HIS H 36 67.93 -49.28 -58.78
CA HIS H 36 67.55 -49.28 -60.21
C HIS H 36 66.28 -48.47 -60.42
N ARG H 37 65.25 -48.75 -59.62
CA ARG H 37 63.95 -48.13 -59.72
C ARG H 37 64.08 -46.61 -59.58
N THR H 38 64.85 -46.19 -58.57
CA THR H 38 65.05 -44.79 -58.26
C THR H 38 65.78 -44.08 -59.41
N ILE H 39 66.94 -44.62 -59.79
CA ILE H 39 67.77 -44.03 -60.84
C ILE H 39 66.95 -43.93 -62.12
N SER H 40 66.24 -45.01 -62.47
CA SER H 40 65.39 -45.05 -63.65
C SER H 40 64.39 -43.89 -63.64
N SER H 41 63.83 -43.59 -62.46
CA SER H 41 62.82 -42.53 -62.33
C SER H 41 63.43 -41.15 -62.62
N VAL H 42 64.73 -41.03 -62.40
CA VAL H 42 65.46 -39.74 -62.65
C VAL H 42 65.84 -39.67 -64.12
N LEU H 43 66.28 -40.79 -64.70
CA LEU H 43 66.72 -40.82 -66.12
C LEU H 43 65.52 -40.61 -67.05
N ASN H 44 64.33 -41.06 -66.64
CA ASN H 44 63.11 -40.93 -67.50
C ASN H 44 62.33 -39.69 -67.11
N GLN H 45 62.92 -38.50 -67.26
CA GLN H 45 62.22 -37.24 -66.92
C GLN H 45 61.83 -36.50 -68.20
N THR H 46 60.70 -35.80 -68.19
CA THR H 46 60.21 -35.03 -69.33
C THR H 46 61.18 -33.88 -69.67
N MET H 47 62.01 -33.49 -68.72
CA MET H 47 63.02 -32.46 -68.95
C MET H 47 64.06 -33.01 -69.93
N LYS H 48 64.59 -32.11 -70.78
CA LYS H 48 65.67 -32.41 -71.72
C LYS H 48 66.83 -33.02 -70.92
N SER H 49 67.28 -34.22 -71.31
CA SER H 49 68.27 -34.98 -70.55
C SER H 49 69.59 -34.20 -70.38
N THR H 50 69.89 -33.31 -71.33
CA THR H 50 71.11 -32.50 -71.31
C THR H 50 70.97 -31.31 -70.35
N ASP H 51 69.76 -31.08 -69.82
CA ASP H 51 69.47 -29.91 -69.00
C ASP H 51 69.63 -30.24 -67.50
N TYR H 52 69.79 -31.52 -67.15
CA TYR H 52 70.01 -31.91 -65.75
C TYR H 52 71.04 -33.03 -65.64
N GLU H 53 71.48 -33.27 -64.40
CA GLU H 53 72.41 -34.33 -64.07
C GLU H 53 71.96 -35.03 -62.79
N LEU H 54 72.28 -36.32 -62.67
CA LEU H 54 72.09 -37.07 -61.45
C LEU H 54 73.47 -37.33 -60.82
N ILE H 55 73.74 -36.71 -59.68
CA ILE H 55 74.96 -36.95 -58.94
C ILE H 55 74.66 -38.00 -57.88
N ILE H 56 75.35 -39.14 -57.95
CA ILE H 56 75.22 -40.22 -56.97
C ILE H 56 76.47 -40.22 -56.08
N ILE H 57 76.26 -40.12 -54.75
CA ILE H 57 77.36 -40.17 -53.79
C ILE H 57 77.14 -41.37 -52.86
N ASP H 58 77.94 -42.42 -53.04
CA ASP H 58 77.85 -43.60 -52.18
C ASP H 58 78.66 -43.37 -50.91
N ASP H 59 78.03 -43.63 -49.76
CA ASP H 59 78.65 -43.41 -48.45
C ASP H 59 79.39 -44.67 -48.01
N HIS H 60 80.29 -45.15 -48.88
CA HIS H 60 81.15 -46.33 -48.64
C HIS H 60 80.32 -47.53 -48.21
N SER H 61 79.45 -48.00 -49.13
CA SER H 61 78.63 -49.20 -48.93
C SER H 61 79.55 -50.38 -48.55
N ASN H 62 79.02 -51.31 -47.76
CA ASN H 62 79.74 -52.36 -47.07
C ASN H 62 79.02 -53.71 -47.32
N ASP H 63 78.59 -53.92 -48.57
CA ASP H 63 77.97 -55.13 -49.04
C ASP H 63 78.90 -55.75 -50.08
N GLU H 66 78.08 -54.76 -53.97
CA GLU H 66 76.82 -55.02 -54.65
C GLU H 66 76.20 -53.70 -55.13
N THR H 67 76.09 -52.71 -54.21
CA THR H 67 75.55 -51.38 -54.53
C THR H 67 76.40 -50.68 -55.59
N LEU H 68 77.72 -50.70 -55.42
CA LEU H 68 78.62 -50.07 -56.42
C LEU H 68 78.42 -50.71 -57.80
N ASN H 69 78.13 -52.01 -57.84
CA ASN H 69 77.94 -52.74 -59.10
C ASN H 69 76.66 -52.27 -59.80
N VAL H 70 75.62 -51.96 -59.02
CA VAL H 70 74.35 -51.47 -59.56
C VAL H 70 74.56 -50.06 -60.15
N ILE H 71 75.36 -49.24 -59.46
CA ILE H 71 75.59 -47.86 -59.86
C ILE H 71 76.44 -47.83 -61.14
N LYS H 72 77.39 -48.78 -61.25
CA LYS H 72 78.33 -48.86 -62.40
C LYS H 72 77.57 -49.11 -63.70
N LYS H 73 76.39 -49.75 -63.61
CA LYS H 73 75.57 -50.07 -64.78
C LYS H 73 75.05 -48.80 -65.46
N TYR H 74 75.07 -47.65 -64.75
CA TYR H 74 74.62 -46.38 -65.33
C TYR H 74 75.78 -45.41 -65.56
N LYS H 75 77.02 -45.90 -65.59
CA LYS H 75 78.19 -45.08 -65.99
C LYS H 75 77.87 -44.45 -67.34
N GLY H 76 78.08 -43.13 -67.44
CA GLY H 76 77.79 -42.37 -68.64
C GLY H 76 76.46 -41.63 -68.58
N LEU H 77 75.55 -42.08 -67.71
CA LEU H 77 74.27 -41.41 -67.51
C LEU H 77 74.26 -40.62 -66.19
N VAL H 78 75.29 -40.77 -65.35
CA VAL H 78 75.30 -40.20 -64.02
C VAL H 78 76.73 -39.81 -63.65
N ARG H 79 76.88 -38.78 -62.82
CA ARG H 79 78.14 -38.52 -62.15
C ARG H 79 78.13 -39.31 -60.85
N PHE H 80 79.29 -39.82 -60.43
CA PHE H 80 79.36 -40.71 -59.28
C PHE H 80 80.69 -40.53 -58.54
N LYS H 81 80.62 -40.46 -57.21
CA LYS H 81 81.78 -40.38 -56.33
C LYS H 81 81.51 -41.31 -55.14
N GLN H 82 82.55 -42.00 -54.66
CA GLN H 82 82.43 -42.86 -53.48
C GLN H 82 83.28 -42.27 -52.35
N LEU H 83 82.69 -42.19 -51.15
CA LEU H 83 83.40 -41.71 -49.99
C LEU H 83 84.29 -42.84 -49.46
N LYS H 84 85.42 -42.46 -48.85
CA LYS H 84 86.44 -43.39 -48.37
C LYS H 84 85.93 -44.15 -47.13
N LYS H 85 85.26 -43.42 -46.23
CA LYS H 85 84.67 -43.97 -44.99
C LYS H 85 83.18 -43.62 -44.95
N ASN H 86 82.36 -44.50 -44.37
CA ASN H 86 80.92 -44.25 -44.21
C ASN H 86 80.70 -43.16 -43.17
N SER H 87 79.98 -42.09 -43.55
CA SER H 87 79.73 -40.93 -42.70
C SER H 87 78.65 -41.24 -41.67
N GLY H 88 77.73 -42.14 -41.98
CA GLY H 88 76.69 -42.60 -41.04
C GLY H 88 75.30 -42.07 -41.35
N ASN H 89 75.23 -40.85 -41.89
CA ASN H 89 73.98 -40.21 -42.33
C ASN H 89 74.20 -39.67 -43.76
N ALA H 90 73.26 -38.85 -44.24
CA ALA H 90 73.25 -38.32 -45.59
C ALA H 90 73.92 -36.94 -45.68
N SER H 91 74.36 -36.40 -44.55
CA SER H 91 74.89 -35.04 -44.50
C SER H 91 76.13 -34.92 -45.38
N VAL H 92 77.20 -35.68 -45.07
CA VAL H 92 78.47 -35.56 -45.81
C VAL H 92 78.24 -35.85 -47.28
N PRO H 93 77.58 -36.97 -47.65
CA PRO H 93 77.27 -37.25 -49.05
C PRO H 93 76.56 -36.09 -49.79
N ARG H 94 75.55 -35.51 -49.15
CA ARG H 94 74.78 -34.42 -49.76
C ARG H 94 75.67 -33.17 -49.92
N ASN H 95 76.53 -32.93 -48.92
CA ASN H 95 77.46 -31.81 -48.96
C ASN H 95 78.44 -31.99 -50.14
N THR H 96 78.84 -33.24 -50.39
CA THR H 96 79.76 -33.58 -51.47
C THR H 96 79.09 -33.30 -52.82
N GLY H 97 77.82 -33.71 -52.93
CA GLY H 97 77.00 -33.45 -54.11
C GLY H 97 76.88 -31.96 -54.40
N LEU H 98 76.74 -31.15 -53.35
CA LEU H 98 76.58 -29.69 -53.50
C LEU H 98 77.87 -29.07 -54.06
N LYS H 99 79.03 -29.55 -53.59
CA LYS H 99 80.34 -29.06 -54.06
C LYS H 99 80.50 -29.44 -55.54
N MET H 100 79.86 -30.53 -55.97
CA MET H 100 80.01 -31.08 -57.33
C MET H 100 79.05 -30.38 -58.31
N SER H 101 77.96 -29.80 -57.81
CA SER H 101 76.94 -29.19 -58.67
C SER H 101 77.29 -27.74 -58.99
N LYS H 102 77.11 -27.35 -60.25
CA LYS H 102 77.22 -25.96 -60.70
C LYS H 102 75.90 -25.53 -61.37
N ALA H 103 74.81 -26.21 -61.02
CA ALA H 103 73.48 -26.00 -61.66
C ALA H 103 72.76 -24.80 -61.01
N GLU H 104 71.63 -24.43 -61.60
CA GLU H 104 70.80 -23.31 -61.14
C GLU H 104 70.07 -23.70 -59.85
N TYR H 105 69.46 -24.90 -59.90
CA TYR H 105 68.80 -25.49 -58.76
C TYR H 105 69.40 -26.88 -58.48
N VAL H 106 69.29 -27.32 -57.21
CA VAL H 106 69.57 -28.71 -56.84
C VAL H 106 68.27 -29.33 -56.32
N PHE H 107 68.17 -30.65 -56.44
CA PHE H 107 67.07 -31.40 -55.92
C PHE H 107 67.62 -32.62 -55.18
N PHE H 108 67.37 -32.69 -53.87
CA PHE H 108 67.82 -33.81 -53.07
C PHE H 108 66.81 -34.96 -53.20
N LEU H 109 67.32 -36.14 -53.51
CA LEU H 109 66.54 -37.35 -53.69
C LEU H 109 67.16 -38.45 -52.82
N ASP H 110 66.34 -39.10 -52.01
CA ASP H 110 66.76 -40.23 -51.18
C ASP H 110 66.76 -41.49 -52.08
N SER H 111 67.59 -42.47 -51.71
CA SER H 111 67.97 -43.56 -52.58
C SER H 111 66.82 -44.55 -52.83
N ASP H 112 65.84 -44.61 -51.92
CA ASP H 112 64.78 -45.59 -52.09
C ASP H 112 63.54 -44.95 -52.74
N ASP H 113 63.54 -43.63 -52.92
CA ASP H 113 62.35 -42.85 -53.33
C ASP H 113 62.28 -42.79 -54.86
N LEU H 114 61.19 -42.23 -55.40
CA LEU H 114 60.94 -42.12 -56.86
C LEU H 114 60.52 -40.68 -57.22
N LEU H 115 60.94 -40.24 -58.41
CA LEU H 115 60.44 -38.98 -58.99
C LEU H 115 59.41 -39.29 -60.08
N HIS H 116 58.36 -38.46 -60.13
CA HIS H 116 57.40 -38.48 -61.22
C HIS H 116 58.09 -38.04 -62.51
N GLU H 117 57.59 -38.53 -63.64
CA GLU H 117 58.20 -38.28 -64.96
C GLU H 117 58.33 -36.77 -65.19
N ARG H 118 57.35 -35.97 -64.73
CA ARG H 118 57.35 -34.53 -64.98
C ARG H 118 57.59 -33.77 -63.67
N ALA H 119 58.66 -34.11 -62.96
CA ALA H 119 58.97 -33.51 -61.68
C ALA H 119 59.95 -32.36 -61.87
N LEU H 120 61.09 -32.65 -62.50
CA LEU H 120 62.15 -31.64 -62.73
C LEU H 120 61.57 -30.46 -63.52
N GLU H 121 61.12 -30.72 -64.75
CA GLU H 121 60.58 -29.67 -65.65
C GLU H 121 59.48 -28.86 -64.96
N ASP H 122 58.44 -29.55 -64.47
CA ASP H 122 57.28 -28.86 -63.83
C ASP H 122 57.75 -27.95 -62.69
N LEU H 123 58.61 -28.46 -61.81
CA LEU H 123 59.09 -27.73 -60.64
C LEU H 123 60.04 -26.61 -61.06
N TYR H 124 60.94 -26.90 -62.02
CA TYR H 124 61.89 -25.89 -62.50
C TYR H 124 61.14 -24.74 -63.19
N ASN H 125 60.17 -25.10 -64.04
CA ASN H 125 59.40 -24.11 -64.81
C ASN H 125 58.62 -23.19 -63.85
N TYR H 126 57.92 -23.80 -62.89
CA TYR H 126 57.13 -23.04 -61.90
C TYR H 126 58.06 -22.09 -61.14
N GLY H 127 59.21 -22.60 -60.70
CA GLY H 127 60.19 -21.82 -59.94
C GLY H 127 60.77 -20.68 -60.75
N LYS H 128 61.13 -20.95 -61.99
CA LYS H 128 61.72 -19.90 -62.87
C LYS H 128 60.68 -18.79 -63.11
N GLU H 129 59.44 -19.18 -63.40
CA GLU H 129 58.35 -18.22 -63.70
C GLU H 129 57.99 -17.39 -62.46
N ASN H 130 58.31 -17.87 -61.26
CA ASN H 130 57.95 -17.16 -60.04
C ASN H 130 59.19 -16.71 -59.26
N ASN H 131 60.37 -16.80 -59.90
CA ASN H 131 61.64 -16.38 -59.30
C ASN H 131 61.83 -17.04 -57.93
N SER H 132 61.47 -18.33 -57.85
CA SER H 132 61.43 -19.09 -56.61
C SER H 132 62.84 -19.48 -56.16
N ASP H 133 63.09 -19.30 -54.85
CA ASP H 133 64.30 -19.75 -54.18
C ASP H 133 64.11 -21.23 -53.80
N LEU H 134 62.85 -21.63 -53.59
CA LEU H 134 62.48 -22.96 -53.16
C LEU H 134 61.18 -23.38 -53.84
N ILE H 135 61.14 -24.59 -54.40
CA ILE H 135 59.91 -25.14 -54.95
C ILE H 135 59.67 -26.50 -54.30
N ILE H 136 58.46 -26.70 -53.78
CA ILE H 136 58.05 -27.90 -53.06
C ILE H 136 56.97 -28.62 -53.89
N GLY H 137 57.32 -29.82 -54.36
CA GLY H 137 56.38 -30.67 -55.07
C GLY H 137 55.62 -31.56 -54.12
N LYS H 138 54.34 -31.79 -54.41
CA LYS H 138 53.46 -32.61 -53.58
C LYS H 138 54.08 -34.00 -53.41
N TYR H 139 54.08 -34.50 -52.17
CA TYR H 139 54.64 -35.80 -51.84
C TYR H 139 53.56 -36.87 -51.94
N GLY H 140 53.96 -38.04 -52.42
CA GLY H 140 53.17 -39.26 -52.29
C GLY H 140 53.93 -40.32 -51.53
N VAL H 141 53.34 -40.84 -50.44
CA VAL H 141 53.99 -41.91 -49.63
C VAL H 141 53.50 -43.27 -50.12
N GLU H 142 54.22 -43.90 -51.04
CA GLU H 142 53.83 -45.22 -51.60
C GLU H 142 54.48 -46.33 -50.77
N GLY H 143 54.20 -46.38 -49.47
CA GLY H 143 54.76 -47.40 -48.57
C GLY H 143 53.80 -47.75 -47.44
N LYS H 144 54.30 -47.82 -46.22
CA LYS H 144 53.46 -48.15 -45.03
C LYS H 144 54.12 -47.58 -43.77
N GLY H 145 53.33 -46.93 -42.92
CA GLY H 145 53.84 -46.36 -41.66
C GLY H 145 54.26 -44.90 -41.83
N ARG H 146 55.41 -44.67 -42.47
CA ARG H 146 55.94 -43.31 -42.70
C ARG H 146 54.85 -42.42 -43.31
N SER H 147 54.63 -41.24 -42.72
CA SER H 147 53.60 -40.29 -43.21
C SER H 147 54.28 -39.07 -43.85
N VAL H 148 53.68 -38.51 -44.90
CA VAL H 148 54.25 -37.35 -45.59
C VAL H 148 53.37 -36.14 -45.27
N PRO H 149 53.91 -34.90 -45.39
CA PRO H 149 53.10 -33.69 -45.21
C PRO H 149 51.88 -33.67 -46.14
N LYS H 150 50.78 -33.10 -45.63
CA LYS H 150 49.52 -33.02 -46.37
C LYS H 150 49.01 -31.57 -46.39
N ALA H 151 49.07 -30.88 -45.25
CA ALA H 151 48.48 -29.54 -45.09
C ALA H 151 49.09 -28.53 -46.07
N ILE H 152 50.42 -28.59 -46.26
CA ILE H 152 51.13 -27.65 -47.15
C ILE H 152 50.53 -27.69 -48.57
N PHE H 153 49.93 -28.82 -48.97
CA PHE H 153 49.45 -28.99 -50.35
C PHE H 153 47.92 -28.85 -50.47
N GLU H 154 47.25 -28.42 -49.40
CA GLU H 154 45.77 -28.46 -49.33
C GLU H 154 45.15 -27.24 -50.03
N LYS H 155 45.97 -26.24 -50.39
CA LYS H 155 45.47 -25.01 -51.00
C LYS H 155 45.85 -24.97 -52.49
N GLY H 156 46.29 -26.10 -53.03
CA GLY H 156 46.75 -26.17 -54.42
C GLY H 156 48.06 -25.42 -54.60
N ASN H 157 48.29 -24.95 -55.82
CA ASN H 157 49.54 -24.31 -56.20
C ASN H 157 49.61 -22.92 -55.56
N VAL H 158 50.79 -22.57 -55.05
CA VAL H 158 51.07 -21.29 -54.41
C VAL H 158 52.40 -20.75 -54.94
N ALA H 159 52.34 -19.60 -55.61
CA ALA H 159 53.50 -19.01 -56.30
C ALA H 159 54.45 -18.33 -55.31
N LYS H 160 53.89 -17.55 -54.38
CA LYS H 160 54.61 -16.93 -53.27
C LYS H 160 53.99 -17.40 -51.96
N ALA H 161 54.49 -18.53 -51.44
CA ALA H 161 53.97 -19.14 -50.21
C ALA H 161 54.54 -18.42 -48.98
N ASP H 162 53.83 -18.59 -47.86
CA ASP H 162 54.18 -18.02 -46.56
C ASP H 162 54.40 -19.17 -45.58
N ILE H 163 55.42 -19.06 -44.75
CA ILE H 163 55.84 -20.15 -43.85
C ILE H 163 54.65 -20.55 -42.97
N ILE H 164 54.05 -19.57 -42.30
CA ILE H 164 53.02 -19.84 -41.32
C ILE H 164 51.72 -20.30 -42.01
N ASP H 165 51.23 -19.49 -42.95
CA ASP H 165 49.92 -19.72 -43.57
C ASP H 165 49.94 -20.98 -44.46
N ASN H 166 51.12 -21.44 -44.92
CA ASN H 166 51.18 -22.60 -45.83
C ASN H 166 51.85 -23.81 -45.16
N SER H 167 52.00 -23.78 -43.83
CA SER H 167 52.39 -24.94 -43.04
C SER H 167 53.76 -25.49 -43.47
N ILE H 168 54.70 -24.60 -43.76
CA ILE H 168 55.98 -25.02 -44.30
C ILE H 168 56.85 -25.65 -43.20
N PHE H 169 56.63 -25.25 -41.93
CA PHE H 169 57.39 -25.83 -40.82
C PHE H 169 56.96 -27.28 -40.57
N TYR H 170 55.87 -27.72 -41.21
CA TYR H 170 55.45 -29.13 -41.18
C TYR H 170 55.92 -29.89 -42.43
N ALA H 171 56.84 -29.30 -43.21
CA ALA H 171 57.41 -29.96 -44.38
C ALA H 171 58.85 -29.51 -44.58
N LEU H 172 59.72 -29.86 -43.62
CA LEU H 172 61.09 -29.33 -43.59
C LEU H 172 62.11 -30.33 -44.14
N SER H 173 61.66 -31.37 -44.85
CA SER H 173 62.56 -32.27 -45.56
C SER H 173 63.31 -31.46 -46.63
N VAL H 174 64.45 -32.01 -47.08
CA VAL H 174 65.20 -31.36 -48.15
C VAL H 174 64.82 -32.00 -49.49
N LEU H 175 63.72 -32.74 -49.54
CA LEU H 175 63.30 -33.41 -50.77
C LEU H 175 62.50 -32.40 -51.62
N LYS H 176 63.21 -31.35 -52.05
CA LYS H 176 62.64 -30.20 -52.71
C LYS H 176 63.70 -29.62 -53.66
N MET H 177 63.28 -28.62 -54.46
CA MET H 177 64.16 -27.94 -55.38
C MET H 177 64.63 -26.62 -54.76
N PHE H 178 65.95 -26.48 -54.58
CA PHE H 178 66.57 -25.31 -53.93
C PHE H 178 67.45 -24.56 -54.93
N LYS H 179 67.36 -23.22 -54.92
CA LYS H 179 68.22 -22.36 -55.74
C LYS H 179 69.65 -22.39 -55.19
N LYS H 180 70.59 -22.81 -56.02
CA LYS H 180 71.97 -23.09 -55.58
C LYS H 180 72.64 -21.80 -55.10
N SER H 181 72.30 -20.66 -55.71
CA SER H 181 72.93 -19.38 -55.40
C SER H 181 72.71 -19.02 -53.93
N VAL H 182 71.52 -19.33 -53.41
CA VAL H 182 71.17 -19.04 -52.03
C VAL H 182 72.06 -19.88 -51.10
N ILE H 183 72.22 -21.16 -51.45
CA ILE H 183 73.06 -22.09 -50.72
C ILE H 183 74.51 -21.61 -50.75
N ASP H 184 74.96 -21.16 -51.93
CA ASP H 184 76.35 -20.76 -52.15
C ASP H 184 76.62 -19.43 -51.43
N LYS H 185 75.77 -18.42 -51.66
CA LYS H 185 75.98 -17.08 -51.09
C LYS H 185 76.00 -17.14 -49.57
N ASN H 186 75.17 -18.01 -48.97
CA ASN H 186 75.02 -18.07 -47.51
C ASN H 186 75.82 -19.23 -46.91
N LYS H 187 76.55 -19.98 -47.75
CA LYS H 187 77.46 -21.05 -47.30
C LYS H 187 76.69 -22.03 -46.41
N ILE H 188 75.54 -22.52 -46.92
CA ILE H 188 74.67 -23.46 -46.21
C ILE H 188 75.15 -24.89 -46.49
N LYS H 189 75.56 -25.57 -45.43
CA LYS H 189 75.97 -26.97 -45.49
C LYS H 189 75.10 -27.79 -44.52
N PHE H 190 74.97 -29.09 -44.79
CA PHE H 190 74.36 -29.98 -43.83
C PHE H 190 75.32 -30.19 -42.66
N LYS H 191 74.84 -30.00 -41.43
CA LYS H 191 75.66 -30.21 -40.24
C LYS H 191 75.70 -31.69 -39.92
N THR H 192 76.67 -32.10 -39.10
CA THR H 192 76.92 -33.53 -38.79
C THR H 192 77.02 -33.75 -37.28
N PHE H 193 76.55 -32.81 -36.46
CA PHE H 193 76.66 -32.95 -34.98
C PHE H 193 75.50 -33.79 -34.42
N SER H 194 74.56 -34.18 -35.28
CA SER H 194 73.41 -35.02 -34.89
C SER H 194 73.10 -36.00 -36.01
N LYS H 195 72.42 -37.11 -35.64
CA LYS H 195 71.98 -38.17 -36.53
C LYS H 195 70.63 -37.81 -37.17
N THR H 196 69.89 -36.92 -36.49
CA THR H 196 68.53 -36.54 -36.88
C THR H 196 68.40 -35.01 -36.91
N ALA H 197 67.37 -34.55 -37.64
CA ALA H 197 66.94 -33.15 -37.69
C ALA H 197 67.97 -32.26 -38.40
N GLU H 198 68.91 -32.85 -39.14
CA GLU H 198 69.94 -32.10 -39.83
C GLU H 198 69.36 -31.53 -41.13
N ASP H 199 68.37 -32.23 -41.68
CA ASP H 199 67.68 -31.84 -42.89
C ASP H 199 66.75 -30.65 -42.57
N GLN H 200 66.13 -30.69 -41.38
CA GLN H 200 65.30 -29.61 -40.91
C GLN H 200 66.13 -28.33 -40.79
N LEU H 201 67.30 -28.44 -40.16
CA LEU H 201 68.16 -27.29 -39.94
C LEU H 201 68.55 -26.67 -41.28
N PHE H 202 68.79 -27.54 -42.27
CA PHE H 202 69.20 -27.09 -43.58
C PHE H 202 68.08 -26.27 -44.22
N THR H 203 66.87 -26.83 -44.24
CA THR H 203 65.71 -26.18 -44.84
C THR H 203 65.40 -24.88 -44.09
N ILE H 204 65.51 -24.90 -42.76
CA ILE H 204 65.26 -23.71 -41.95
C ILE H 204 66.29 -22.63 -42.29
N GLU H 205 67.57 -23.01 -42.37
CA GLU H 205 68.62 -22.06 -42.72
C GLU H 205 68.33 -21.45 -44.08
N PHE H 206 67.82 -22.26 -45.02
CA PHE H 206 67.51 -21.81 -46.36
C PHE H 206 66.33 -20.84 -46.34
N LEU H 207 65.25 -21.24 -45.64
CA LEU H 207 64.01 -20.45 -45.55
C LEU H 207 64.31 -19.08 -44.94
N MET H 208 65.18 -19.06 -43.93
CA MET H 208 65.50 -17.83 -43.19
C MET H 208 66.45 -16.94 -43.99
N ASN H 209 66.96 -17.41 -45.14
CA ASN H 209 67.87 -16.64 -45.97
C ASN H 209 67.31 -16.45 -47.39
N SER H 210 65.98 -16.56 -47.55
CA SER H 210 65.33 -16.42 -48.85
C SER H 210 63.88 -15.99 -48.63
N LYS H 211 63.22 -15.52 -49.70
CA LYS H 211 61.87 -14.95 -49.58
C LYS H 211 60.85 -15.71 -50.43
N ASN H 212 61.28 -16.22 -51.59
CA ASN H 212 60.35 -16.73 -52.60
C ASN H 212 60.26 -18.26 -52.52
N TYR H 213 59.11 -18.75 -52.05
CA TYR H 213 58.86 -20.19 -51.95
C TYR H 213 57.56 -20.51 -52.68
N SER H 214 57.60 -21.56 -53.51
CA SER H 214 56.45 -21.92 -54.29
C SER H 214 56.10 -23.39 -54.04
N ILE H 215 54.82 -23.70 -54.18
CA ILE H 215 54.26 -25.01 -53.92
C ILE H 215 53.51 -25.46 -55.18
N LYS H 216 53.85 -26.65 -55.69
CA LYS H 216 53.24 -27.21 -56.90
C LYS H 216 52.62 -28.57 -56.55
N THR H 217 51.35 -28.78 -56.92
CA THR H 217 50.58 -29.93 -56.45
C THR H 217 49.83 -30.67 -57.58
N ASP H 218 50.22 -30.43 -58.84
CA ASP H 218 49.49 -30.99 -59.99
C ASP H 218 49.59 -32.52 -59.98
N TYR H 219 50.76 -33.05 -59.59
CA TYR H 219 51.00 -34.49 -59.46
C TYR H 219 51.66 -34.78 -58.11
N GLU H 220 51.70 -36.06 -57.72
CA GLU H 220 52.58 -36.49 -56.64
C GLU H 220 53.98 -36.60 -57.22
N TYR H 221 54.73 -35.48 -57.18
CA TYR H 221 55.99 -35.35 -57.89
C TYR H 221 57.09 -36.20 -57.24
N TYR H 222 57.08 -36.32 -55.91
CA TYR H 222 58.06 -37.10 -55.17
C TYR H 222 57.31 -38.17 -54.37
N ILE H 223 57.69 -39.44 -54.56
CA ILE H 223 57.06 -40.56 -53.87
C ILE H 223 58.05 -41.10 -52.84
N VAL H 224 57.75 -40.94 -51.55
CA VAL H 224 58.46 -41.53 -50.47
C VAL H 224 58.11 -43.02 -50.42
N VAL H 225 59.13 -43.89 -50.51
CA VAL H 225 59.00 -45.33 -50.31
C VAL H 225 59.49 -45.71 -48.89
N ASN H 226 58.60 -46.32 -48.11
CA ASN H 226 58.84 -46.70 -46.73
C ASN H 226 59.32 -48.16 -46.67
N ASP H 227 60.36 -48.43 -45.86
CA ASP H 227 60.87 -49.77 -45.57
C ASP H 227 60.84 -49.98 -44.04
N SER H 239 69.25 -42.47 -27.23
CA SER H 239 70.01 -41.24 -27.08
C SER H 239 69.59 -40.50 -25.79
N THR H 240 70.53 -39.71 -25.25
CA THR H 240 70.32 -38.79 -24.13
C THR H 240 69.94 -37.39 -24.65
N GLY H 241 70.12 -37.15 -25.95
CA GLY H 241 69.60 -35.99 -26.66
C GLY H 241 70.56 -34.81 -26.69
N ASN H 242 71.79 -35.00 -26.22
CA ASN H 242 72.78 -33.94 -26.22
C ASN H 242 72.94 -33.38 -27.65
N GLN H 243 73.07 -34.28 -28.63
CA GLN H 243 73.31 -33.93 -30.03
C GLN H 243 72.01 -33.44 -30.70
N TYR H 244 70.90 -34.09 -30.38
CA TYR H 244 69.62 -33.75 -30.95
C TYR H 244 69.24 -32.31 -30.61
N PHE H 245 69.34 -31.95 -29.34
CA PHE H 245 68.88 -30.65 -28.87
C PHE H 245 69.88 -29.55 -29.28
N ALA H 246 71.14 -29.94 -29.56
CA ALA H 246 72.11 -29.01 -30.13
C ALA H 246 71.64 -28.57 -31.53
N THR H 247 71.01 -29.49 -32.26
CA THR H 247 70.50 -29.21 -33.59
C THR H 247 69.25 -28.33 -33.50
N ILE H 248 68.38 -28.63 -32.52
CA ILE H 248 67.17 -27.86 -32.31
C ILE H 248 67.57 -26.43 -31.94
N ASN H 249 68.63 -26.31 -31.14
CA ASN H 249 69.15 -25.02 -30.76
C ASN H 249 69.56 -24.23 -32.01
N GLU H 250 70.20 -24.91 -32.96
CA GLU H 250 70.64 -24.27 -34.21
C GLU H 250 69.45 -23.75 -35.02
N ILE H 251 68.32 -24.47 -34.96
CA ILE H 251 67.12 -24.09 -35.69
C ILE H 251 66.59 -22.76 -35.13
N TYR H 252 66.51 -22.66 -33.80
CA TYR H 252 66.03 -21.43 -33.17
C TYR H 252 67.02 -20.29 -33.46
N LYS H 253 68.32 -20.58 -33.39
CA LYS H 253 69.36 -19.58 -33.70
C LYS H 253 69.17 -19.04 -35.13
N ALA H 254 68.80 -19.92 -36.06
CA ALA H 254 68.65 -19.54 -37.47
C ALA H 254 67.49 -18.55 -37.65
N ILE H 255 66.40 -18.82 -36.91
CA ILE H 255 65.22 -18.00 -36.96
C ILE H 255 65.54 -16.61 -36.40
N TYR H 256 66.20 -16.58 -35.25
CA TYR H 256 66.41 -15.33 -34.53
C TYR H 256 67.56 -14.50 -35.14
N LYS H 257 68.34 -15.08 -36.06
CA LYS H 257 69.41 -14.35 -36.77
C LYS H 257 69.01 -14.10 -38.23
N SER H 258 67.75 -14.37 -38.60
CA SER H 258 67.32 -14.31 -39.98
C SER H 258 67.49 -12.89 -40.52
N PRO H 259 68.24 -12.68 -41.62
CA PRO H 259 68.31 -11.37 -42.27
C PRO H 259 67.09 -11.04 -43.15
N ILE H 260 66.23 -12.02 -43.39
CA ILE H 260 64.98 -11.83 -44.13
C ILE H 260 63.86 -11.44 -43.16
N TYR H 261 63.68 -12.24 -42.10
CA TYR H 261 62.67 -11.98 -41.08
C TYR H 261 63.36 -11.24 -39.92
N LYS H 262 63.49 -9.91 -40.08
CA LYS H 262 64.29 -9.09 -39.19
C LYS H 262 63.45 -8.63 -37.99
N ASN H 263 62.12 -8.54 -38.18
CA ASN H 263 61.22 -8.03 -37.13
C ASN H 263 61.17 -9.05 -35.99
N GLN H 264 61.47 -8.57 -34.77
CA GLN H 264 61.63 -9.44 -33.61
C GLN H 264 60.30 -10.15 -33.32
N GLU H 265 59.17 -9.49 -33.53
CA GLU H 265 57.89 -10.13 -33.24
C GLU H 265 57.63 -11.25 -34.25
N LYS H 266 58.10 -11.07 -35.49
CA LYS H 266 57.94 -12.09 -36.52
C LYS H 266 58.78 -13.31 -36.16
N ARG H 267 59.97 -13.06 -35.62
CA ARG H 267 60.85 -14.12 -35.16
C ARG H 267 60.18 -14.91 -34.03
N HIS H 268 59.55 -14.20 -33.08
CA HIS H 268 58.82 -14.84 -32.00
C HIS H 268 57.74 -15.77 -32.57
N GLN H 269 57.07 -15.33 -33.64
CA GLN H 269 55.95 -16.05 -34.23
C GLN H 269 56.47 -17.32 -34.90
N LEU H 270 57.58 -17.19 -35.62
CA LEU H 270 58.21 -18.31 -36.30
C LEU H 270 58.71 -19.31 -35.26
N ALA H 271 59.40 -18.80 -34.24
CA ALA H 271 59.94 -19.63 -33.18
C ALA H 271 58.80 -20.39 -32.48
N GLY H 272 57.69 -19.70 -32.22
CA GLY H 272 56.54 -20.31 -31.57
C GLY H 272 55.94 -21.42 -32.42
N LYS H 273 55.90 -21.15 -33.73
CA LYS H 273 55.35 -22.13 -34.71
C LYS H 273 56.26 -23.35 -34.76
N TYR H 274 57.57 -23.15 -34.68
CA TYR H 274 58.49 -24.28 -34.71
C TYR H 274 58.33 -25.10 -33.42
N THR H 275 58.22 -24.42 -32.28
CA THR H 275 58.00 -25.07 -30.99
C THR H 275 56.75 -25.96 -31.08
N THR H 276 55.69 -25.45 -31.72
CA THR H 276 54.47 -26.21 -31.87
C THR H 276 54.75 -27.49 -32.67
N ARG H 277 55.49 -27.37 -33.78
CA ARG H 277 55.81 -28.52 -34.65
C ARG H 277 56.67 -29.53 -33.87
N LEU H 278 57.57 -29.03 -33.02
CA LEU H 278 58.46 -29.86 -32.22
C LEU H 278 57.65 -30.66 -31.21
N LEU H 279 56.62 -30.05 -30.63
CA LEU H 279 55.79 -30.71 -29.63
C LEU H 279 54.81 -31.68 -30.31
N ARG H 280 54.50 -31.44 -31.59
CA ARG H 280 53.57 -32.25 -32.35
C ARG H 280 54.27 -33.46 -33.01
N HIS H 281 55.53 -33.30 -33.42
CA HIS H 281 56.20 -34.29 -34.28
C HIS H 281 57.66 -34.53 -33.89
N GLY H 282 58.10 -33.99 -32.75
CA GLY H 282 59.48 -34.13 -32.32
C GLY H 282 59.87 -35.56 -32.03
N GLN H 283 61.18 -35.83 -32.05
CA GLN H 283 61.75 -37.08 -31.64
C GLN H 283 61.41 -37.31 -30.15
N LYS H 284 60.95 -38.53 -29.84
CA LYS H 284 60.65 -38.96 -28.48
C LYS H 284 59.70 -37.95 -27.82
N LYS H 285 58.63 -37.57 -28.53
CA LYS H 285 57.74 -36.53 -28.03
C LYS H 285 57.04 -37.04 -26.75
N ASN H 286 56.84 -38.35 -26.62
CA ASN H 286 56.12 -38.92 -25.48
C ASN H 286 57.08 -39.64 -24.54
N PHE H 287 58.29 -39.10 -24.39
CA PHE H 287 59.33 -39.73 -23.58
C PHE H 287 58.90 -39.83 -22.10
N ALA H 288 58.08 -38.88 -21.64
CA ALA H 288 57.87 -38.70 -20.21
C ALA H 288 57.12 -39.89 -19.60
N ASN H 289 56.16 -40.46 -20.32
CA ASN H 289 55.37 -41.60 -19.82
C ASN H 289 55.87 -42.92 -20.42
N SER H 290 57.08 -42.92 -21.00
CA SER H 290 57.60 -44.07 -21.75
C SER H 290 58.34 -45.02 -20.83
N LYS H 291 58.83 -46.13 -21.41
CA LYS H 291 59.53 -47.20 -20.69
C LYS H 291 61.01 -46.84 -20.51
N MET H 292 61.40 -45.66 -20.98
CA MET H 292 62.72 -45.07 -20.78
C MET H 292 63.09 -45.11 -19.29
N LYS H 293 64.37 -45.38 -19.01
CA LYS H 293 64.89 -45.36 -17.62
C LYS H 293 64.77 -43.92 -17.08
N TYR H 294 64.47 -43.80 -15.79
CA TYR H 294 64.27 -42.52 -15.13
C TYR H 294 65.46 -41.59 -15.39
N GLU H 295 66.69 -42.10 -15.20
CA GLU H 295 67.88 -41.24 -15.29
C GLU H 295 67.99 -40.69 -16.72
N ASP H 296 67.56 -41.47 -17.71
CA ASP H 296 67.58 -41.08 -19.12
C ASP H 296 66.53 -39.99 -19.37
N LYS H 297 65.35 -40.14 -18.77
CA LYS H 297 64.28 -39.16 -18.87
C LYS H 297 64.77 -37.81 -18.36
N ILE H 298 65.43 -37.83 -17.19
CA ILE H 298 65.91 -36.62 -16.55
C ILE H 298 66.94 -35.92 -17.45
N GLU H 299 67.86 -36.69 -18.04
CA GLU H 299 68.93 -36.13 -18.87
C GLU H 299 68.32 -35.56 -20.16
N TRP H 300 67.33 -36.28 -20.71
CA TRP H 300 66.68 -35.86 -21.93
C TRP H 300 65.94 -34.54 -21.70
N LEU H 301 65.15 -34.49 -20.63
CA LEU H 301 64.35 -33.31 -20.31
C LEU H 301 65.28 -32.15 -19.97
N ASN H 302 66.43 -32.44 -19.37
CA ASN H 302 67.38 -31.43 -18.99
C ASN H 302 67.90 -30.73 -20.25
N ASN H 303 68.20 -31.51 -21.29
CA ASN H 303 68.68 -30.97 -22.56
C ASN H 303 67.57 -30.18 -23.25
N PHE H 304 66.34 -30.72 -23.21
CA PHE H 304 65.18 -30.09 -23.81
C PHE H 304 64.92 -28.75 -23.12
N SER H 305 65.03 -28.73 -21.79
CA SER H 305 64.77 -27.55 -20.99
C SER H 305 65.82 -26.47 -21.27
N LYS H 306 67.09 -26.87 -21.21
CA LYS H 306 68.24 -25.97 -21.45
C LYS H 306 68.08 -25.29 -22.81
N THR H 307 67.61 -26.04 -23.80
CA THR H 307 67.50 -25.55 -25.18
C THR H 307 66.32 -24.59 -25.32
N ILE H 308 65.15 -24.98 -24.78
CA ILE H 308 63.95 -24.17 -24.94
C ILE H 308 64.04 -22.90 -24.08
N ASN H 309 64.90 -22.90 -23.05
CA ASN H 309 65.01 -21.75 -22.17
C ASN H 309 65.94 -20.69 -22.78
N LYS H 310 66.58 -21.00 -23.91
CA LYS H 310 67.32 -20.02 -24.70
C LYS H 310 66.38 -19.34 -25.72
N VAL H 311 65.14 -19.83 -25.82
CA VAL H 311 64.16 -19.24 -26.69
C VAL H 311 63.35 -18.24 -25.86
N PRO H 312 63.20 -16.98 -26.34
CA PRO H 312 62.39 -16.00 -25.63
C PRO H 312 60.98 -16.50 -25.31
N ARG H 313 60.49 -16.13 -24.12
CA ARG H 313 59.13 -16.48 -23.69
C ARG H 313 58.10 -15.74 -24.55
N ASP H 314 58.56 -14.69 -25.23
CA ASP H 314 57.69 -13.88 -26.14
C ASP H 314 57.16 -14.77 -27.27
N SER H 315 57.83 -15.89 -27.55
CA SER H 315 57.40 -16.81 -28.61
C SER H 315 56.25 -17.69 -28.11
N ASP H 316 56.14 -17.88 -26.79
CA ASP H 316 55.22 -18.86 -26.20
C ASP H 316 53.78 -18.54 -26.61
N LYS H 317 53.44 -17.25 -26.70
CA LYS H 317 52.07 -16.86 -27.03
C LYS H 317 51.67 -17.33 -28.43
N TYR H 318 52.66 -17.65 -29.29
CA TYR H 318 52.40 -18.09 -30.67
C TYR H 318 52.38 -19.62 -30.79
N VAL H 319 52.59 -20.30 -29.66
CA VAL H 319 52.54 -21.78 -29.62
C VAL H 319 51.08 -22.16 -29.44
N THR H 320 50.64 -23.30 -30.01
CA THR H 320 49.22 -23.73 -29.85
C THR H 320 48.89 -23.81 -28.37
N GLN H 321 47.71 -23.29 -27.99
CA GLN H 321 47.25 -23.22 -26.57
C GLN H 321 47.14 -24.59 -25.90
N ILE H 322 46.90 -25.67 -26.64
CA ILE H 322 46.79 -27.04 -26.04
C ILE H 322 48.14 -27.46 -25.42
N PHE H 323 49.26 -27.03 -26.01
CA PHE H 323 50.62 -27.38 -25.48
C PHE H 323 51.16 -26.27 -24.58
N ASN H 324 50.26 -25.53 -23.91
CA ASN H 324 50.71 -24.41 -23.03
C ASN H 324 51.30 -24.97 -21.73
N LEU H 325 50.73 -26.07 -21.23
CA LEU H 325 51.18 -26.69 -19.99
C LEU H 325 52.46 -27.49 -20.22
N LYS H 326 52.48 -28.28 -21.29
CA LYS H 326 53.63 -29.09 -21.62
C LYS H 326 54.85 -28.19 -21.80
N LEU H 327 54.67 -27.06 -22.51
CA LEU H 327 55.76 -26.14 -22.78
C LEU H 327 56.30 -25.58 -21.47
N GLU H 328 55.39 -25.19 -20.57
CA GLU H 328 55.81 -24.57 -19.31
C GLU H 328 56.53 -25.62 -18.44
N ALA H 329 56.03 -26.85 -18.48
CA ALA H 329 56.62 -27.96 -17.76
C ALA H 329 58.06 -28.18 -18.21
N ILE H 330 58.31 -28.11 -19.53
CA ILE H 330 59.64 -28.31 -20.08
C ILE H 330 60.54 -27.14 -19.65
N ARG H 331 60.00 -25.92 -19.71
CA ARG H 331 60.74 -24.74 -19.31
C ARG H 331 61.15 -24.87 -17.83
N GLN H 332 60.26 -25.40 -17.00
CA GLN H 332 60.48 -25.57 -15.56
C GLN H 332 61.33 -26.81 -15.26
N ASN H 333 61.56 -27.66 -16.27
CA ASN H 333 62.40 -28.85 -16.13
C ASN H 333 61.79 -29.82 -15.10
N ASP H 334 60.45 -29.94 -15.11
CA ASP H 334 59.68 -30.73 -14.13
C ASP H 334 59.15 -31.99 -14.83
N LEU H 335 59.77 -33.14 -14.54
CA LEU H 335 59.39 -34.38 -15.22
C LEU H 335 57.92 -34.73 -14.91
N LEU H 336 57.54 -34.64 -13.63
CA LEU H 336 56.18 -34.96 -13.22
C LEU H 336 55.16 -34.15 -14.04
N ALA H 337 55.45 -32.85 -14.23
CA ALA H 337 54.53 -31.94 -14.92
C ALA H 337 54.42 -32.32 -16.41
N VAL H 338 55.52 -32.78 -17.00
CA VAL H 338 55.50 -33.19 -18.40
C VAL H 338 54.66 -34.47 -18.53
N MET H 339 54.83 -35.39 -17.58
CA MET H 339 54.08 -36.63 -17.55
C MET H 339 52.58 -36.30 -17.51
N ILE H 340 52.20 -35.37 -16.61
CA ILE H 340 50.83 -34.99 -16.42
C ILE H 340 50.31 -34.32 -17.70
N ALA H 341 51.12 -33.40 -18.25
CA ALA H 341 50.74 -32.65 -19.43
C ALA H 341 50.36 -33.63 -20.55
N ASP H 342 51.18 -34.68 -20.71
CA ASP H 342 51.00 -35.67 -21.76
C ASP H 342 49.71 -36.46 -21.51
N LYS H 343 49.41 -36.74 -20.24
CA LYS H 343 48.21 -37.47 -19.87
C LYS H 343 46.96 -36.66 -20.20
N LEU H 344 47.04 -35.33 -20.15
CA LEU H 344 45.89 -34.45 -20.43
C LEU H 344 45.75 -34.15 -21.93
N LEU H 345 46.81 -34.37 -22.72
CA LEU H 345 46.73 -34.22 -24.18
C LEU H 345 46.11 -35.49 -24.80
N MET I 19 -23.46 29.23 -42.70
CA MET I 19 -24.03 29.18 -41.31
C MET I 19 -23.23 30.10 -40.39
N LYS I 20 -23.91 31.10 -39.83
CA LYS I 20 -23.32 32.07 -38.92
C LYS I 20 -23.09 31.42 -37.54
N LYS I 21 -22.19 32.04 -36.77
CA LYS I 21 -21.88 31.61 -35.42
C LYS I 21 -23.04 31.97 -34.48
N VAL I 22 -23.51 33.22 -34.54
CA VAL I 22 -24.51 33.73 -33.61
C VAL I 22 -25.56 34.54 -34.37
N SER I 23 -26.83 34.32 -34.01
CA SER I 23 -27.91 35.23 -34.35
C SER I 23 -28.33 35.97 -33.08
N VAL I 24 -28.12 37.29 -33.03
CA VAL I 24 -28.70 38.11 -32.00
C VAL I 24 -30.15 38.41 -32.40
N ILE I 25 -31.09 38.01 -31.54
CA ILE I 25 -32.51 38.20 -31.78
C ILE I 25 -33.02 39.28 -30.82
N MET I 26 -33.56 40.37 -31.39
CA MET I 26 -33.97 41.54 -30.63
C MET I 26 -35.35 42.00 -31.07
N PRO I 27 -36.40 41.76 -30.26
CA PRO I 27 -37.72 42.33 -30.55
C PRO I 27 -37.76 43.81 -30.17
N THR I 28 -38.48 44.61 -30.95
CA THR I 28 -38.64 46.05 -30.71
C THR I 28 -40.13 46.40 -30.66
N PHE I 29 -40.44 47.46 -29.92
CA PHE I 29 -41.79 48.03 -29.85
C PHE I 29 -41.74 49.45 -29.29
N ASN I 30 -41.94 50.44 -30.15
CA ASN I 30 -42.06 51.86 -29.77
C ASN I 30 -40.83 52.28 -28.96
N ASN I 31 -39.63 51.99 -29.48
CA ASN I 31 -38.40 52.27 -28.77
C ASN I 31 -37.91 53.67 -29.14
N GLY I 32 -38.10 54.08 -30.40
CA GLY I 32 -37.68 55.39 -30.86
C GLY I 32 -36.16 55.49 -31.01
N GLU I 33 -35.60 56.66 -30.66
CA GLU I 33 -34.19 56.97 -30.88
C GLU I 33 -33.31 56.27 -29.84
N LYS I 34 -33.91 55.63 -28.85
CA LYS I 34 -33.20 54.88 -27.80
C LYS I 34 -32.55 53.61 -28.40
N LEU I 35 -33.07 53.16 -29.54
CA LEU I 35 -32.69 51.91 -30.17
C LEU I 35 -31.29 52.03 -30.77
N HIS I 36 -30.91 53.26 -31.17
CA HIS I 36 -29.60 53.53 -31.79
C HIS I 36 -28.49 52.93 -30.92
N ARG I 37 -28.55 53.23 -29.62
CA ARG I 37 -27.53 52.83 -28.67
C ARG I 37 -27.37 51.30 -28.68
N THR I 38 -28.53 50.62 -28.63
CA THR I 38 -28.58 49.16 -28.56
C THR I 38 -28.01 48.56 -29.84
N ILE I 39 -28.57 48.98 -30.99
CA ILE I 39 -28.16 48.44 -32.28
C ILE I 39 -26.65 48.67 -32.46
N SER I 40 -26.20 49.88 -32.16
CA SER I 40 -24.78 50.24 -32.28
C SER I 40 -23.91 49.25 -31.48
N SER I 41 -24.38 48.86 -30.29
CA SER I 41 -23.61 47.98 -29.42
C SER I 41 -23.46 46.59 -30.05
N VAL I 42 -24.43 46.17 -30.87
CA VAL I 42 -24.40 44.87 -31.55
C VAL I 42 -23.52 44.94 -32.79
N LEU I 43 -23.62 46.05 -33.54
CA LEU I 43 -22.85 46.21 -34.79
C LEU I 43 -21.38 46.42 -34.47
N ASN I 44 -21.07 46.95 -33.27
CA ASN I 44 -19.70 47.25 -32.84
C ASN I 44 -19.19 46.11 -31.95
N GLN I 45 -19.11 44.90 -32.51
CA GLN I 45 -18.60 43.71 -31.82
C GLN I 45 -17.20 43.37 -32.36
N THR I 46 -16.37 42.79 -31.49
CA THR I 46 -15.03 42.31 -31.85
C THR I 46 -15.11 41.11 -32.79
N MET I 47 -16.24 40.39 -32.78
CA MET I 47 -16.46 39.28 -33.67
C MET I 47 -16.52 39.80 -35.11
N LYS I 48 -16.01 38.98 -36.05
CA LYS I 48 -16.05 39.24 -37.48
C LYS I 48 -17.51 39.48 -37.86
N SER I 49 -17.79 40.62 -38.49
CA SER I 49 -19.17 41.06 -38.76
C SER I 49 -19.92 40.03 -39.63
N THR I 50 -19.20 39.27 -40.45
CA THR I 50 -19.79 38.26 -41.34
C THR I 50 -20.11 36.97 -40.58
N ASP I 51 -19.69 36.88 -39.31
CA ASP I 51 -19.84 35.67 -38.51
C ASP I 51 -21.12 35.72 -37.66
N TYR I 52 -21.80 36.87 -37.60
CA TYR I 52 -23.06 36.98 -36.87
C TYR I 52 -24.05 37.87 -37.63
N GLU I 53 -25.30 37.82 -37.17
CA GLU I 53 -26.39 38.62 -37.68
C GLU I 53 -27.19 39.17 -36.49
N LEU I 54 -27.76 40.36 -36.71
CA LEU I 54 -28.74 40.93 -35.81
C LEU I 54 -30.11 40.82 -36.48
N ILE I 55 -30.99 40.00 -35.92
CA ILE I 55 -32.36 39.88 -36.40
C ILE I 55 -33.22 40.78 -35.52
N ILE I 56 -33.85 41.79 -36.15
CA ILE I 56 -34.74 42.70 -35.46
C ILE I 56 -36.18 42.37 -35.84
N ILE I 57 -37.02 42.12 -34.83
CA ILE I 57 -38.43 41.81 -35.04
C ILE I 57 -39.27 42.87 -34.34
N ASP I 58 -39.88 43.78 -35.11
CA ASP I 58 -40.69 44.82 -34.55
C ASP I 58 -42.11 44.28 -34.33
N ASP I 59 -42.63 44.49 -33.11
CA ASP I 59 -43.94 43.98 -32.72
C ASP I 59 -45.01 45.03 -33.06
N HIS I 60 -45.03 45.42 -34.34
CA HIS I 60 -45.97 46.39 -34.90
C HIS I 60 -46.04 47.67 -34.05
N SER I 61 -44.92 48.39 -34.01
CA SER I 61 -44.83 49.70 -33.36
C SER I 61 -45.91 50.62 -33.93
N ASN I 62 -46.38 51.58 -33.12
CA ASN I 62 -47.39 52.54 -33.55
C ASN I 62 -46.95 53.96 -33.15
N ASP I 63 -45.64 54.25 -33.24
CA ASP I 63 -45.08 55.50 -32.71
C ASP I 63 -44.79 56.48 -33.85
N ASN I 64 -45.73 56.58 -34.79
CA ASN I 64 -45.63 57.47 -35.95
C ASN I 64 -44.34 57.16 -36.69
N GLY I 65 -44.04 55.87 -36.85
CA GLY I 65 -42.93 55.38 -37.66
C GLY I 65 -41.55 55.71 -37.10
N GLU I 66 -41.45 56.13 -35.83
CA GLU I 66 -40.18 56.59 -35.23
C GLU I 66 -39.21 55.40 -35.09
N THR I 67 -39.70 54.30 -34.50
CA THR I 67 -38.93 53.07 -34.30
C THR I 67 -38.50 52.49 -35.65
N LEU I 68 -39.45 52.37 -36.57
CA LEU I 68 -39.18 51.82 -37.90
C LEU I 68 -38.13 52.68 -38.62
N ASN I 69 -38.14 53.99 -38.37
CA ASN I 69 -37.21 54.94 -39.01
C ASN I 69 -35.78 54.69 -38.51
N VAL I 70 -35.64 54.35 -37.22
CA VAL I 70 -34.33 54.08 -36.64
C VAL I 70 -33.78 52.77 -37.22
N ILE I 71 -34.66 51.78 -37.41
CA ILE I 71 -34.27 50.47 -37.90
C ILE I 71 -33.85 50.57 -39.37
N LYS I 72 -34.54 51.42 -40.14
CA LYS I 72 -34.31 51.60 -41.58
C LYS I 72 -32.89 52.13 -41.83
N LYS I 73 -32.33 52.87 -40.87
CA LYS I 73 -31.00 53.47 -40.97
C LYS I 73 -29.92 52.39 -41.03
N TYR I 74 -30.24 51.16 -40.60
CA TYR I 74 -29.29 50.05 -40.62
C TYR I 74 -29.67 48.98 -41.66
N LYS I 75 -30.52 49.32 -42.63
CA LYS I 75 -30.83 48.41 -43.75
C LYS I 75 -29.49 47.97 -44.37
N GLY I 76 -29.34 46.67 -44.55
CA GLY I 76 -28.12 46.08 -45.09
C GLY I 76 -27.21 45.50 -44.02
N LEU I 77 -27.34 45.99 -42.78
CA LEU I 77 -26.51 45.54 -41.67
C LEU I 77 -27.31 44.64 -40.72
N VAL I 78 -28.63 44.51 -40.93
CA VAL I 78 -29.48 43.74 -40.06
C VAL I 78 -30.56 43.05 -40.90
N ARG I 79 -31.03 41.90 -40.44
CA ARG I 79 -32.24 41.29 -40.96
C ARG I 79 -33.40 41.86 -40.16
N PHE I 80 -34.55 42.03 -40.80
CA PHE I 80 -35.69 42.67 -40.17
C PHE I 80 -37.02 42.08 -40.67
N LYS I 81 -37.95 41.87 -39.73
CA LYS I 81 -39.33 41.50 -40.04
C LYS I 81 -40.24 42.33 -39.13
N GLN I 82 -41.38 42.78 -39.65
CA GLN I 82 -42.40 43.46 -38.86
C GLN I 82 -43.64 42.56 -38.74
N LEU I 83 -44.16 42.41 -37.52
CA LEU I 83 -45.38 41.69 -37.30
C LEU I 83 -46.56 42.57 -37.70
N LYS I 84 -47.65 41.93 -38.15
CA LYS I 84 -48.85 42.63 -38.66
C LYS I 84 -49.62 43.25 -37.48
N LYS I 85 -49.71 42.53 -36.36
CA LYS I 85 -50.40 42.99 -35.14
C LYS I 85 -49.42 42.90 -33.96
N ASN I 86 -49.55 43.82 -32.99
CA ASN I 86 -48.72 43.82 -31.77
C ASN I 86 -49.12 42.63 -30.88
N SER I 87 -48.16 41.77 -30.54
CA SER I 87 -48.39 40.55 -29.77
C SER I 87 -48.55 40.87 -28.28
N GLY I 88 -47.94 41.98 -27.82
CA GLY I 88 -48.09 42.45 -26.44
C GLY I 88 -46.89 42.20 -25.54
N ASN I 89 -46.18 41.09 -25.79
CA ASN I 89 -44.93 40.75 -25.09
C ASN I 89 -43.86 40.39 -26.15
N ALA I 90 -42.73 39.84 -25.70
CA ALA I 90 -41.58 39.53 -26.54
C ALA I 90 -41.61 38.09 -27.05
N SER I 91 -42.62 37.30 -26.62
CA SER I 91 -42.65 35.88 -26.94
C SER I 91 -42.76 35.67 -28.45
N VAL I 92 -43.83 36.17 -29.08
CA VAL I 92 -44.06 35.93 -30.51
C VAL I 92 -42.89 36.47 -31.32
N PRO I 93 -42.46 37.74 -31.11
CA PRO I 93 -41.28 38.27 -31.79
C PRO I 93 -40.02 37.38 -31.68
N ARG I 94 -39.73 36.90 -30.47
CA ARG I 94 -38.55 36.05 -30.25
C ARG I 94 -38.70 34.72 -30.98
N ASN I 95 -39.93 34.19 -30.98
CA ASN I 95 -40.24 32.94 -31.68
C ASN I 95 -40.00 33.11 -33.19
N THR I 96 -40.34 34.30 -33.70
CA THR I 96 -40.20 34.64 -35.11
C THR I 96 -38.70 34.69 -35.47
N GLY I 97 -37.93 35.33 -34.59
CA GLY I 97 -36.47 35.39 -34.71
C GLY I 97 -35.83 34.02 -34.76
N LEU I 98 -36.35 33.09 -33.95
CA LEU I 98 -35.81 31.72 -33.88
C LEU I 98 -36.05 30.99 -35.20
N LYS I 99 -37.23 31.19 -35.80
CA LYS I 99 -37.57 30.56 -37.08
C LYS I 99 -36.66 31.14 -38.18
N MET I 100 -36.20 32.37 -38.00
CA MET I 100 -35.39 33.07 -39.01
C MET I 100 -33.90 32.72 -38.89
N SER I 101 -33.46 32.27 -37.72
CA SER I 101 -32.05 31.99 -37.48
C SER I 101 -31.69 30.56 -37.91
N LYS I 102 -30.56 30.42 -38.59
CA LYS I 102 -29.97 29.13 -38.93
C LYS I 102 -28.53 29.10 -38.41
N ALA I 103 -28.23 29.92 -37.38
CA ALA I 103 -26.90 30.03 -36.76
C ALA I 103 -26.67 28.88 -35.77
N GLU I 104 -25.43 28.80 -35.27
CA GLU I 104 -25.02 27.77 -34.30
C GLU I 104 -25.62 28.08 -32.93
N TYR I 105 -25.47 29.35 -32.52
CA TYR I 105 -26.05 29.85 -31.29
C TYR I 105 -26.95 31.06 -31.59
N VAL I 106 -27.92 31.30 -30.70
CA VAL I 106 -28.70 32.52 -30.68
C VAL I 106 -28.42 33.26 -29.36
N PHE I 107 -28.59 34.58 -29.40
CA PHE I 107 -28.46 35.41 -28.24
C PHE I 107 -29.64 36.37 -28.20
N PHE I 108 -30.47 36.27 -27.17
CA PHE I 108 -31.61 37.17 -27.03
C PHE I 108 -31.16 38.47 -26.36
N LEU I 109 -31.53 39.59 -27.00
CA LEU I 109 -31.18 40.92 -26.54
C LEU I 109 -32.47 41.74 -26.49
N ASP I 110 -32.71 42.42 -25.36
CA ASP I 110 -33.84 43.32 -25.22
C ASP I 110 -33.49 44.67 -25.86
N SER I 111 -34.50 45.42 -26.28
CA SER I 111 -34.31 46.56 -27.18
C SER I 111 -33.67 47.76 -26.44
N ASP I 112 -33.76 47.82 -25.11
CA ASP I 112 -33.23 48.96 -24.39
C ASP I 112 -31.81 48.67 -23.85
N ASP I 113 -31.36 47.40 -23.94
CA ASP I 113 -30.14 46.93 -23.26
C ASP I 113 -28.93 47.14 -24.19
N LEU I 114 -27.71 46.83 -23.70
CA LEU I 114 -26.44 46.99 -24.46
C LEU I 114 -25.58 45.73 -24.36
N LEU I 115 -24.84 45.42 -25.43
CA LEU I 115 -23.80 44.39 -25.39
C LEU I 115 -22.42 45.06 -25.31
N HIS I 116 -21.51 44.43 -24.54
CA HIS I 116 -20.12 44.78 -24.50
C HIS I 116 -19.48 44.43 -25.87
N GLU I 117 -18.45 45.18 -26.25
CA GLU I 117 -17.80 45.05 -27.55
C GLU I 117 -17.35 43.59 -27.78
N ARG I 118 -16.83 42.96 -26.72
CA ARG I 118 -16.36 41.56 -26.82
C ARG I 118 -17.33 40.63 -26.09
N ALA I 119 -18.59 40.59 -26.52
CA ALA I 119 -19.60 39.74 -25.91
C ALA I 119 -19.80 38.47 -26.74
N LEU I 120 -20.11 38.66 -28.02
CA LEU I 120 -20.35 37.55 -28.91
C LEU I 120 -19.08 36.71 -29.07
N GLU I 121 -17.95 37.36 -29.32
CA GLU I 121 -16.66 36.67 -29.52
C GLU I 121 -16.34 35.81 -28.29
N ASP I 122 -16.27 36.45 -27.11
CA ASP I 122 -15.81 35.80 -25.89
C ASP I 122 -16.76 34.67 -25.49
N LEU I 123 -18.07 34.91 -25.59
CA LEU I 123 -19.07 33.92 -25.17
C LEU I 123 -19.08 32.74 -26.16
N TYR I 124 -19.01 33.03 -27.47
CA TYR I 124 -19.02 31.98 -28.48
C TYR I 124 -17.76 31.11 -28.35
N ASN I 125 -16.59 31.75 -28.17
CA ASN I 125 -15.32 31.04 -28.08
C ASN I 125 -15.32 30.10 -26.86
N TYR I 126 -15.75 30.64 -25.71
CA TYR I 126 -15.80 29.87 -24.49
C TYR I 126 -16.76 28.68 -24.69
N GLY I 127 -17.89 28.95 -25.34
CA GLY I 127 -18.91 27.95 -25.58
C GLY I 127 -18.41 26.82 -26.46
N LYS I 128 -17.71 27.20 -27.54
CA LYS I 128 -17.24 26.27 -28.55
C LYS I 128 -16.14 25.40 -27.94
N GLU I 129 -15.30 26.01 -27.09
CA GLU I 129 -14.14 25.31 -26.50
C GLU I 129 -14.59 24.39 -25.37
N ASN I 130 -15.81 24.54 -24.86
CA ASN I 130 -16.33 23.71 -23.77
C ASN I 130 -17.60 22.96 -24.20
N ASN I 131 -17.89 22.95 -25.52
CA ASN I 131 -19.04 22.24 -26.08
C ASN I 131 -20.34 22.64 -25.33
N SER I 132 -20.46 23.94 -25.04
CA SER I 132 -21.52 24.49 -24.21
C SER I 132 -22.84 24.58 -24.99
N ASP I 133 -23.92 24.15 -24.34
CA ASP I 133 -25.29 24.29 -24.83
C ASP I 133 -25.80 25.69 -24.46
N LEU I 134 -25.24 26.25 -23.37
CA LEU I 134 -25.64 27.53 -22.83
C LEU I 134 -24.40 28.26 -22.30
N ILE I 135 -24.24 29.54 -22.66
CA ILE I 135 -23.19 30.38 -22.08
C ILE I 135 -23.86 31.62 -21.49
N ILE I 136 -23.52 31.91 -20.23
CA ILE I 136 -24.08 33.05 -19.48
C ILE I 136 -22.97 34.06 -19.22
N GLY I 137 -23.10 35.25 -19.81
CA GLY I 137 -22.19 36.35 -19.60
C GLY I 137 -22.63 37.20 -18.41
N LYS I 138 -21.65 37.67 -17.64
CA LYS I 138 -21.89 38.49 -16.46
C LYS I 138 -22.73 39.71 -16.85
N TYR I 139 -23.76 39.99 -16.03
CA TYR I 139 -24.66 41.12 -16.25
C TYR I 139 -24.14 42.36 -15.53
N GLY I 140 -24.32 43.51 -16.17
CA GLY I 140 -24.19 44.80 -15.54
C GLY I 140 -25.50 45.54 -15.62
N VAL I 141 -25.55 46.70 -14.96
CA VAL I 141 -26.81 47.42 -14.85
C VAL I 141 -26.53 48.92 -14.84
N GLU I 142 -27.39 49.67 -15.52
CA GLU I 142 -27.32 51.11 -15.69
C GLU I 142 -28.65 51.70 -15.22
N GLY I 143 -28.64 52.42 -14.10
CA GLY I 143 -29.83 53.07 -13.54
C GLY I 143 -30.42 52.32 -12.37
N LYS I 144 -31.17 53.03 -11.52
CA LYS I 144 -31.91 52.43 -10.42
C LYS I 144 -33.12 51.67 -11.00
N GLY I 145 -33.50 50.57 -10.35
CA GLY I 145 -34.62 49.76 -10.79
C GLY I 145 -34.36 48.30 -10.49
N ARG I 146 -34.72 47.42 -11.45
CA ARG I 146 -34.41 45.98 -11.37
C ARG I 146 -32.91 45.81 -11.11
N SER I 147 -32.56 44.94 -10.16
CA SER I 147 -31.19 44.48 -9.96
C SER I 147 -30.93 43.24 -10.82
N VAL I 148 -29.66 42.85 -10.94
CA VAL I 148 -29.26 41.70 -11.77
C VAL I 148 -28.64 40.62 -10.90
N PRO I 149 -28.64 39.35 -11.34
CA PRO I 149 -27.99 38.27 -10.58
C PRO I 149 -26.50 38.58 -10.31
N LYS I 150 -26.02 38.13 -9.16
CA LYS I 150 -24.65 38.35 -8.71
C LYS I 150 -23.99 37.01 -8.34
N ALA I 151 -24.69 36.15 -7.61
CA ALA I 151 -24.10 34.92 -7.04
C ALA I 151 -23.55 34.00 -8.14
N ILE I 152 -24.29 33.86 -9.26
CA ILE I 152 -23.90 33.00 -10.37
C ILE I 152 -22.49 33.35 -10.86
N PHE I 153 -22.06 34.61 -10.71
CA PHE I 153 -20.81 35.09 -11.29
C PHE I 153 -19.69 35.24 -10.24
N GLU I 154 -19.92 34.75 -9.01
CA GLU I 154 -19.02 35.07 -7.88
C GLU I 154 -17.79 34.15 -7.87
N LYS I 155 -17.79 33.10 -8.72
CA LYS I 155 -16.72 32.10 -8.73
C LYS I 155 -15.85 32.30 -9.99
N GLY I 156 -16.05 33.41 -10.70
CA GLY I 156 -15.40 33.61 -11.98
C GLY I 156 -15.95 32.66 -13.03
N ASN I 157 -15.11 32.35 -14.02
CA ASN I 157 -15.49 31.56 -15.16
C ASN I 157 -15.67 30.09 -14.73
N VAL I 158 -16.71 29.46 -15.26
CA VAL I 158 -17.06 28.07 -15.01
C VAL I 158 -17.37 27.40 -16.34
N ALA I 159 -16.58 26.38 -16.69
CA ALA I 159 -16.67 25.71 -18.00
C ALA I 159 -17.86 24.75 -18.04
N LYS I 160 -18.02 23.96 -16.96
CA LYS I 160 -19.13 23.02 -16.79
C LYS I 160 -19.86 23.39 -15.49
N ALA I 161 -20.82 24.30 -15.59
CA ALA I 161 -21.58 24.80 -14.45
C ALA I 161 -22.70 23.80 -14.12
N ASP I 162 -23.16 23.90 -12.86
CA ASP I 162 -24.22 23.08 -12.30
C ASP I 162 -25.33 24.02 -11.84
N ILE I 163 -26.58 23.62 -12.10
CA ILE I 163 -27.73 24.46 -11.82
C ILE I 163 -27.72 24.89 -10.34
N ILE I 164 -27.62 23.91 -9.43
CA ILE I 164 -27.78 24.19 -8.01
C ILE I 164 -26.53 24.91 -7.48
N ASP I 165 -25.35 24.33 -7.72
CA ASP I 165 -24.10 24.85 -7.15
C ASP I 165 -23.73 26.23 -7.72
N ASN I 166 -24.24 26.59 -8.91
CA ASN I 166 -23.86 27.86 -9.55
C ASN I 166 -25.05 28.82 -9.64
N SER I 167 -26.11 28.55 -8.89
CA SER I 167 -27.20 29.51 -8.66
C SER I 167 -27.87 29.90 -9.97
N ILE I 168 -28.04 28.96 -10.89
CA ILE I 168 -28.58 29.25 -12.20
C ILE I 168 -30.11 29.48 -12.10
N PHE I 169 -30.78 28.89 -11.09
CA PHE I 169 -32.21 29.12 -10.92
C PHE I 169 -32.47 30.57 -10.43
N TYR I 170 -31.41 31.28 -10.03
CA TYR I 170 -31.50 32.68 -9.65
C TYR I 170 -31.08 33.59 -10.84
N ALA I 171 -30.97 33.03 -12.05
CA ALA I 171 -30.57 33.81 -13.23
C ALA I 171 -31.21 33.24 -14.50
N LEU I 172 -32.54 33.24 -14.56
CA LEU I 172 -33.29 32.48 -15.57
C LEU I 172 -33.76 33.36 -16.74
N SER I 173 -33.22 34.57 -16.89
CA SER I 173 -33.51 35.40 -18.08
C SER I 173 -33.02 34.67 -19.32
N VAL I 174 -33.52 35.06 -20.50
CA VAL I 174 -33.04 34.47 -21.74
C VAL I 174 -31.96 35.35 -22.37
N LEU I 175 -31.37 36.25 -21.57
CA LEU I 175 -30.37 37.18 -22.07
C LEU I 175 -29.01 36.48 -22.00
N LYS I 176 -28.90 35.40 -22.79
CA LYS I 176 -27.78 34.47 -22.77
C LYS I 176 -27.59 33.89 -24.18
N MET I 177 -26.52 33.12 -24.37
CA MET I 177 -26.23 32.46 -25.63
C MET I 177 -26.66 30.99 -25.54
N PHE I 178 -27.59 30.61 -26.41
CA PHE I 178 -28.19 29.27 -26.45
C PHE I 178 -27.85 28.55 -27.76
N LYS I 179 -27.49 27.27 -27.68
CA LYS I 179 -27.22 26.42 -28.84
C LYS I 179 -28.54 26.14 -29.57
N LYS I 180 -28.62 26.54 -30.84
CA LYS I 180 -29.86 26.51 -31.61
C LYS I 180 -30.35 25.07 -31.79
N SER I 181 -29.41 24.12 -31.90
CA SER I 181 -29.76 22.71 -32.17
C SER I 181 -30.64 22.16 -31.03
N VAL I 182 -30.35 22.58 -29.80
CA VAL I 182 -31.10 22.14 -28.63
C VAL I 182 -32.54 22.65 -28.75
N ILE I 183 -32.66 23.93 -29.12
CA ILE I 183 -33.95 24.59 -29.29
C ILE I 183 -34.72 23.89 -30.43
N ASP I 184 -34.02 23.58 -31.52
CA ASP I 184 -34.62 22.99 -32.71
C ASP I 184 -35.04 21.55 -32.43
N LYS I 185 -34.11 20.73 -31.92
CA LYS I 185 -34.36 19.30 -31.70
C LYS I 185 -35.53 19.11 -30.73
N ASN I 186 -35.64 19.99 -29.72
CA ASN I 186 -36.64 19.84 -28.66
C ASN I 186 -37.86 20.74 -28.90
N LYS I 187 -37.87 21.48 -30.01
CA LYS I 187 -39.02 22.34 -30.41
C LYS I 187 -39.40 23.27 -29.24
N ILE I 188 -38.41 24.00 -28.72
CA ILE I 188 -38.59 24.93 -27.60
C ILE I 188 -39.01 26.29 -28.15
N LYS I 189 -40.22 26.72 -27.78
CA LYS I 189 -40.80 27.99 -28.15
C LYS I 189 -41.14 28.77 -26.88
N PHE I 190 -41.17 30.10 -26.99
CA PHE I 190 -41.71 30.93 -25.93
C PHE I 190 -43.22 30.74 -25.91
N LYS I 191 -43.79 30.47 -24.73
CA LYS I 191 -45.24 30.37 -24.58
C LYS I 191 -45.80 31.79 -24.41
N THR I 192 -47.10 31.95 -24.63
CA THR I 192 -47.71 33.29 -24.71
C THR I 192 -48.96 33.42 -23.82
N PHE I 193 -49.17 32.45 -22.90
CA PHE I 193 -50.40 32.44 -22.10
C PHE I 193 -50.26 33.40 -20.92
N SER I 194 -49.04 33.87 -20.64
CA SER I 194 -48.77 34.77 -19.52
C SER I 194 -47.91 35.97 -19.99
N LYS I 195 -48.02 37.07 -19.25
CA LYS I 195 -47.29 38.31 -19.49
C LYS I 195 -45.93 38.25 -18.78
N THR I 196 -45.82 37.38 -17.76
CA THR I 196 -44.59 37.25 -16.97
C THR I 196 -44.14 35.79 -16.90
N ALA I 197 -42.84 35.62 -16.61
CA ALA I 197 -42.22 34.33 -16.27
C ALA I 197 -42.15 33.42 -17.51
N GLU I 198 -42.35 33.95 -18.72
CA GLU I 198 -42.31 33.14 -19.92
C GLU I 198 -40.86 32.89 -20.33
N ASP I 199 -39.97 33.83 -19.96
CA ASP I 199 -38.55 33.74 -20.20
C ASP I 199 -37.93 32.71 -19.26
N GLN I 200 -38.42 32.67 -18.02
CA GLN I 200 -38.01 31.67 -17.05
C GLN I 200 -38.32 30.25 -17.58
N LEU I 201 -39.56 30.08 -18.05
CA LEU I 201 -40.00 28.79 -18.53
C LEU I 201 -39.13 28.34 -19.70
N PHE I 202 -38.73 29.30 -20.54
CA PHE I 202 -37.93 29.00 -21.71
C PHE I 202 -36.56 28.48 -21.27
N THR I 203 -35.90 29.22 -20.38
CA THR I 203 -34.59 28.86 -19.87
C THR I 203 -34.65 27.51 -19.13
N ILE I 204 -35.72 27.31 -18.35
CA ILE I 204 -35.89 26.05 -17.62
C ILE I 204 -36.04 24.91 -18.62
N GLU I 205 -36.89 25.09 -19.64
CA GLU I 205 -37.09 24.06 -20.67
C GLU I 205 -35.75 23.73 -21.33
N PHE I 206 -34.92 24.75 -21.56
CA PHE I 206 -33.63 24.58 -22.20
C PHE I 206 -32.68 23.82 -21.27
N LEU I 207 -32.60 24.26 -20.01
CA LEU I 207 -31.70 23.66 -19.00
C LEU I 207 -32.03 22.18 -18.82
N MET I 208 -33.33 21.85 -18.84
CA MET I 208 -33.81 20.49 -18.60
C MET I 208 -33.62 19.61 -19.86
N ASN I 209 -33.19 20.20 -20.98
CA ASN I 209 -32.98 19.46 -22.22
C ASN I 209 -31.52 19.59 -22.71
N SER I 210 -30.60 19.94 -21.80
CA SER I 210 -29.17 20.10 -22.12
C SER I 210 -28.33 19.87 -20.88
N LYS I 211 -27.02 19.67 -21.05
CA LYS I 211 -26.13 19.28 -19.94
C LYS I 211 -25.02 20.32 -19.72
N ASN I 212 -24.52 20.94 -20.79
CA ASN I 212 -23.30 21.73 -20.74
C ASN I 212 -23.64 23.22 -20.65
N TYR I 213 -23.37 23.81 -19.49
CA TYR I 213 -23.60 25.23 -19.25
C TYR I 213 -22.29 25.87 -18.79
N SER I 214 -21.95 27.02 -19.34
CA SER I 214 -20.72 27.69 -19.00
C SER I 214 -21.05 29.14 -18.59
N ILE I 215 -20.20 29.69 -17.72
CA ILE I 215 -20.35 31.02 -17.16
C ILE I 215 -19.06 31.80 -17.44
N LYS I 216 -19.19 32.99 -18.05
CA LYS I 216 -18.06 33.83 -18.42
C LYS I 216 -18.23 35.20 -17.75
N THR I 217 -17.19 35.69 -17.07
CA THR I 217 -17.32 36.83 -16.15
C THR I 217 -16.20 37.87 -16.32
N ASP I 218 -15.44 37.83 -17.42
CA ASP I 218 -14.27 38.69 -17.57
C ASP I 218 -14.71 40.16 -17.65
N TYR I 219 -15.85 40.41 -18.31
CA TYR I 219 -16.44 41.76 -18.42
C TYR I 219 -17.94 41.68 -18.06
N GLU I 220 -18.56 42.85 -17.87
CA GLU I 220 -20.01 42.94 -17.86
C GLU I 220 -20.50 42.90 -19.30
N TYR I 221 -20.72 41.69 -19.80
CA TYR I 221 -20.97 41.44 -21.22
C TYR I 221 -22.35 41.95 -21.66
N TYR I 222 -23.34 41.85 -20.77
CA TYR I 222 -24.69 42.34 -21.06
C TYR I 222 -25.06 43.37 -20.00
N ILE I 223 -25.45 44.57 -20.46
CA ILE I 223 -25.84 45.65 -19.55
C ILE I 223 -27.36 45.82 -19.63
N VAL I 224 -28.06 45.50 -18.53
CA VAL I 224 -29.48 45.77 -18.40
C VAL I 224 -29.62 47.28 -18.13
N VAL I 225 -30.40 47.98 -18.96
CA VAL I 225 -30.60 49.44 -18.79
C VAL I 225 -31.98 49.70 -18.18
N ASN I 226 -32.03 50.50 -17.12
CA ASN I 226 -33.30 50.86 -16.44
C ASN I 226 -33.72 52.26 -16.89
N ASP I 227 -34.74 52.35 -17.73
CA ASP I 227 -35.23 53.67 -18.25
C ASP I 227 -36.59 53.99 -17.62
N PHE I 228 -36.60 54.67 -16.48
CA PHE I 228 -37.85 55.05 -15.78
C PHE I 228 -38.74 53.82 -15.61
N SER I 239 -52.84 41.60 -10.61
CA SER I 239 -53.17 40.28 -11.14
C SER I 239 -53.76 39.40 -10.05
N THR I 240 -54.61 38.44 -10.47
CA THR I 240 -55.14 37.36 -9.62
C THR I 240 -54.24 36.12 -9.70
N GLY I 241 -53.33 36.10 -10.69
CA GLY I 241 -52.23 35.14 -10.80
C GLY I 241 -52.60 33.87 -11.57
N ASN I 242 -53.78 33.86 -12.20
CA ASN I 242 -54.25 32.71 -12.94
C ASN I 242 -53.21 32.30 -13.99
N GLN I 243 -52.72 33.31 -14.75
CA GLN I 243 -51.80 33.09 -15.87
C GLN I 243 -50.38 32.86 -15.33
N TYR I 244 -50.01 33.62 -14.29
CA TYR I 244 -48.66 33.54 -13.73
C TYR I 244 -48.40 32.14 -13.18
N PHE I 245 -49.34 31.59 -12.41
CA PHE I 245 -49.13 30.32 -11.76
C PHE I 245 -49.26 29.17 -12.78
N ALA I 246 -49.96 29.41 -13.89
CA ALA I 246 -50.00 28.45 -15.00
C ALA I 246 -48.59 28.27 -15.57
N THR I 247 -47.82 29.37 -15.59
CA THR I 247 -46.46 29.35 -16.09
C THR I 247 -45.52 28.65 -15.11
N ILE I 248 -45.72 28.93 -13.82
CA ILE I 248 -44.93 28.29 -12.75
C ILE I 248 -45.20 26.78 -12.81
N ASN I 249 -46.45 26.40 -13.08
CA ASN I 249 -46.82 25.02 -13.20
C ASN I 249 -46.01 24.36 -14.34
N GLU I 250 -45.86 25.09 -15.45
CA GLU I 250 -45.12 24.57 -16.62
C GLU I 250 -43.64 24.36 -16.26
N ILE I 251 -43.10 25.20 -15.37
CA ILE I 251 -41.70 25.10 -14.95
C ILE I 251 -41.50 23.78 -14.19
N TYR I 252 -42.41 23.48 -13.25
CA TYR I 252 -42.30 22.24 -12.48
C TYR I 252 -42.50 21.05 -13.42
N LYS I 253 -43.44 21.14 -14.37
CA LYS I 253 -43.68 20.07 -15.35
C LYS I 253 -42.38 19.80 -16.15
N ALA I 254 -41.65 20.87 -16.48
CA ALA I 254 -40.44 20.75 -17.28
C ALA I 254 -39.35 19.99 -16.53
N ILE I 255 -39.25 20.26 -15.23
CA ILE I 255 -38.28 19.64 -14.37
C ILE I 255 -38.59 18.14 -14.26
N TYR I 256 -39.87 17.82 -14.03
CA TYR I 256 -40.26 16.44 -13.72
C TYR I 256 -40.35 15.59 -15.01
N LYS I 257 -40.28 16.22 -16.19
CA LYS I 257 -40.26 15.47 -17.47
C LYS I 257 -38.85 15.52 -18.12
N SER I 258 -37.85 16.03 -17.38
CA SER I 258 -36.53 16.26 -17.94
C SER I 258 -35.91 14.94 -18.42
N PRO I 259 -35.52 14.81 -19.70
CA PRO I 259 -34.77 13.66 -20.18
C PRO I 259 -33.29 13.66 -19.80
N ILE I 260 -32.79 14.78 -19.29
CA ILE I 260 -31.41 14.89 -18.82
C ILE I 260 -31.35 14.50 -17.34
N TYR I 261 -32.20 15.13 -16.52
CA TYR I 261 -32.27 14.84 -15.10
C TYR I 261 -33.39 13.82 -14.87
N LYS I 262 -33.06 12.54 -15.09
CA LYS I 262 -34.05 11.46 -15.16
C LYS I 262 -34.32 10.91 -13.76
N ASN I 263 -33.34 11.02 -12.86
CA ASN I 263 -33.46 10.47 -11.50
C ASN I 263 -34.50 11.29 -10.74
N GLN I 264 -35.50 10.58 -10.20
CA GLN I 264 -36.64 11.20 -9.54
C GLN I 264 -36.15 12.04 -8.34
N GLU I 265 -35.12 11.57 -7.63
CA GLU I 265 -34.64 12.31 -6.47
C GLU I 265 -33.97 13.60 -6.92
N LYS I 266 -33.32 13.58 -8.09
CA LYS I 266 -32.68 14.77 -8.62
C LYS I 266 -33.75 15.80 -9.01
N ARG I 267 -34.86 15.30 -9.56
CA ARG I 267 -35.99 16.14 -9.91
C ARG I 267 -36.56 16.80 -8.65
N HIS I 268 -36.70 16.03 -7.57
CA HIS I 268 -37.18 16.58 -6.32
C HIS I 268 -36.26 17.71 -5.85
N GLN I 269 -34.95 17.55 -6.02
CA GLN I 269 -33.96 18.50 -5.55
C GLN I 269 -34.06 19.79 -6.36
N LEU I 270 -34.21 19.65 -7.68
CA LEU I 270 -34.35 20.77 -8.58
C LEU I 270 -35.64 21.52 -8.28
N ALA I 271 -36.73 20.75 -8.14
CA ALA I 271 -38.04 21.32 -7.84
C ALA I 271 -37.98 22.08 -6.52
N GLY I 272 -37.32 21.50 -5.52
CA GLY I 272 -37.22 22.12 -4.21
C GLY I 272 -36.43 23.41 -4.28
N LYS I 273 -35.40 23.42 -5.11
CA LYS I 273 -34.55 24.58 -5.24
C LYS I 273 -35.32 25.68 -5.97
N TYR I 274 -36.14 25.30 -6.96
CA TYR I 274 -36.95 26.30 -7.67
C TYR I 274 -37.97 26.90 -6.70
N THR I 275 -38.61 26.05 -5.89
CA THR I 275 -39.56 26.49 -4.87
C THR I 275 -38.89 27.53 -3.96
N THR I 276 -37.64 27.27 -3.57
CA THR I 276 -36.90 28.20 -2.74
C THR I 276 -36.74 29.54 -3.45
N ARG I 277 -36.37 29.51 -4.73
CA ARG I 277 -36.17 30.75 -5.53
C ARG I 277 -37.50 31.50 -5.67
N LEU I 278 -38.61 30.76 -5.77
CA LEU I 278 -39.93 31.32 -5.94
C LEU I 278 -40.34 32.03 -4.64
N LEU I 279 -40.00 31.44 -3.49
CA LEU I 279 -40.34 32.03 -2.20
C LEU I 279 -39.42 33.21 -1.87
N ARG I 280 -38.21 33.23 -2.46
CA ARG I 280 -37.23 34.28 -2.23
C ARG I 280 -37.44 35.48 -3.16
N HIS I 281 -37.89 35.25 -4.39
CA HIS I 281 -37.89 36.29 -5.43
C HIS I 281 -39.14 36.26 -6.31
N GLY I 282 -40.16 35.49 -5.91
CA GLY I 282 -41.38 35.38 -6.70
C GLY I 282 -42.11 36.72 -6.80
N GLN I 283 -42.99 36.81 -7.80
CA GLN I 283 -43.93 37.90 -7.93
C GLN I 283 -44.81 37.95 -6.65
N LYS I 284 -44.98 39.14 -6.08
CA LYS I 284 -45.87 39.38 -4.95
C LYS I 284 -45.56 38.40 -3.81
N LYS I 285 -44.28 38.27 -3.47
CA LYS I 285 -43.87 37.27 -2.49
C LYS I 285 -44.49 37.61 -1.12
N ASN I 286 -44.72 38.90 -0.85
CA ASN I 286 -45.22 39.34 0.45
C ASN I 286 -46.68 39.79 0.34
N PHE I 287 -47.46 39.11 -0.51
CA PHE I 287 -48.83 39.47 -0.77
C PHE I 287 -49.68 39.36 0.50
N ALA I 288 -49.33 38.44 1.40
CA ALA I 288 -50.25 38.04 2.47
C ALA I 288 -50.50 39.19 3.46
N ASN I 289 -49.46 39.97 3.77
CA ASN I 289 -49.58 41.08 4.72
C ASN I 289 -49.69 42.43 3.99
N SER I 290 -49.99 42.40 2.69
CA SER I 290 -49.96 43.59 1.84
C SER I 290 -51.32 44.30 1.88
N LYS I 291 -51.41 45.43 1.16
CA LYS I 291 -52.62 46.28 1.12
C LYS I 291 -53.60 45.73 0.06
N MET I 292 -53.23 44.62 -0.57
CA MET I 292 -54.07 43.89 -1.50
C MET I 292 -55.46 43.64 -0.89
N LYS I 293 -56.50 43.73 -1.71
CA LYS I 293 -57.88 43.42 -1.28
C LYS I 293 -57.95 41.95 -0.86
N TYR I 294 -58.76 41.67 0.15
CA TYR I 294 -58.84 40.33 0.73
C TYR I 294 -59.20 39.30 -0.36
N GLU I 295 -60.22 39.61 -1.16
CA GLU I 295 -60.71 38.68 -2.21
C GLU I 295 -59.58 38.35 -3.19
N ASP I 296 -58.72 39.33 -3.45
CA ASP I 296 -57.58 39.16 -4.36
C ASP I 296 -56.53 38.24 -3.72
N LYS I 297 -56.28 38.44 -2.42
CA LYS I 297 -55.34 37.61 -1.67
C LYS I 297 -55.78 36.14 -1.73
N ILE I 298 -57.07 35.91 -1.53
CA ILE I 298 -57.62 34.56 -1.49
C ILE I 298 -57.44 33.90 -2.86
N GLU I 299 -57.73 34.63 -3.94
CA GLU I 299 -57.67 34.10 -5.29
C GLU I 299 -56.21 33.81 -5.64
N TRP I 300 -55.31 34.71 -5.23
CA TRP I 300 -53.88 34.58 -5.50
C TRP I 300 -53.34 33.33 -4.81
N LEU I 301 -53.64 33.20 -3.51
CA LEU I 301 -53.15 32.09 -2.72
C LEU I 301 -53.76 30.78 -3.23
N ASN I 302 -55.00 30.85 -3.73
CA ASN I 302 -55.67 29.67 -4.23
C ASN I 302 -54.92 29.13 -5.45
N ASN I 303 -54.49 30.04 -6.33
CA ASN I 303 -53.73 29.66 -7.54
C ASN I 303 -52.36 29.12 -7.14
N PHE I 304 -51.72 29.79 -6.17
CA PHE I 304 -50.41 29.40 -5.67
C PHE I 304 -50.50 28.00 -5.06
N SER I 305 -51.56 27.75 -4.28
CA SER I 305 -51.76 26.49 -3.58
C SER I 305 -52.01 25.36 -4.58
N LYS I 306 -52.94 25.60 -5.53
CA LYS I 306 -53.32 24.63 -6.56
C LYS I 306 -52.07 24.18 -7.32
N THR I 307 -51.16 25.13 -7.58
CA THR I 307 -49.96 24.89 -8.39
C THR I 307 -48.93 24.10 -7.59
N ILE I 308 -48.66 24.53 -6.35
CA ILE I 308 -47.62 23.92 -5.55
C ILE I 308 -48.08 22.52 -5.09
N ASN I 309 -49.38 22.25 -5.08
CA ASN I 309 -49.88 20.97 -4.61
C ASN I 309 -49.81 19.92 -5.72
N LYS I 310 -49.42 20.32 -6.93
CA LYS I 310 -49.10 19.39 -8.02
C LYS I 310 -47.61 19.01 -7.97
N VAL I 311 -46.85 19.65 -7.08
CA VAL I 311 -45.45 19.34 -6.90
C VAL I 311 -45.35 18.32 -5.77
N PRO I 312 -44.64 17.18 -6.00
CA PRO I 312 -44.42 16.21 -4.93
C PRO I 312 -43.87 16.81 -3.64
N ARG I 313 -44.37 16.32 -2.49
CA ARG I 313 -43.92 16.74 -1.18
C ARG I 313 -42.48 16.27 -0.95
N ASP I 314 -42.03 15.27 -1.72
CA ASP I 314 -40.65 14.78 -1.65
C ASP I 314 -39.64 15.91 -1.97
N SER I 315 -40.09 16.95 -2.67
CA SER I 315 -39.22 18.09 -3.00
C SER I 315 -39.05 19.02 -1.79
N ASP I 316 -40.00 18.99 -0.86
CA ASP I 316 -40.06 19.96 0.24
C ASP I 316 -38.78 19.89 1.07
N LYS I 317 -38.22 18.68 1.25
CA LYS I 317 -37.03 18.52 2.08
C LYS I 317 -35.83 19.28 1.48
N TYR I 318 -35.88 19.61 0.19
CA TYR I 318 -34.78 20.33 -0.51
C TYR I 318 -35.00 21.84 -0.51
N VAL I 319 -36.10 22.30 0.08
CA VAL I 319 -36.39 23.72 0.24
C VAL I 319 -35.63 24.21 1.47
N THR I 320 -35.10 25.43 1.41
CA THR I 320 -34.38 26.00 2.55
C THR I 320 -35.33 26.06 3.74
N GLN I 321 -34.88 25.64 4.92
CA GLN I 321 -35.79 25.30 6.02
C GLN I 321 -36.46 26.55 6.63
N ILE I 322 -35.88 27.76 6.46
CA ILE I 322 -36.54 28.98 6.96
C ILE I 322 -37.96 29.08 6.38
N PHE I 323 -38.14 28.55 5.16
CA PHE I 323 -39.41 28.64 4.45
C PHE I 323 -40.32 27.43 4.71
N ASN I 324 -39.98 26.58 5.69
CA ASN I 324 -40.71 25.33 5.93
C ASN I 324 -42.19 25.63 6.23
N LEU I 325 -42.45 26.67 7.03
CA LEU I 325 -43.80 27.00 7.50
C LEU I 325 -44.59 27.69 6.39
N LYS I 326 -43.96 28.65 5.71
CA LYS I 326 -44.61 29.37 4.63
C LYS I 326 -45.05 28.38 3.56
N LEU I 327 -44.18 27.43 3.22
CA LEU I 327 -44.47 26.45 2.18
C LEU I 327 -45.68 25.61 2.59
N GLU I 328 -45.72 25.17 3.86
CA GLU I 328 -46.80 24.32 4.33
C GLU I 328 -48.11 25.12 4.34
N ALA I 329 -48.02 26.39 4.73
CA ALA I 329 -49.15 27.29 4.77
C ALA I 329 -49.76 27.43 3.36
N ILE I 330 -48.90 27.55 2.33
CA ILE I 330 -49.37 27.68 0.96
C ILE I 330 -50.02 26.38 0.52
N ARG I 331 -49.40 25.25 0.87
CA ARG I 331 -49.93 23.94 0.52
C ARG I 331 -51.32 23.78 1.14
N GLN I 332 -51.51 24.27 2.38
CA GLN I 332 -52.75 24.16 3.12
C GLN I 332 -53.77 25.23 2.71
N ASN I 333 -53.32 26.21 1.91
CA ASN I 333 -54.19 27.25 1.36
C ASN I 333 -54.78 28.08 2.51
N ASP I 334 -53.96 28.36 3.53
CA ASP I 334 -54.37 29.06 4.76
C ASP I 334 -53.76 30.46 4.75
N LEU I 335 -54.57 31.48 4.46
CA LEU I 335 -54.08 32.85 4.36
C LEU I 335 -53.49 33.30 5.70
N LEU I 336 -54.19 33.04 6.80
CA LEU I 336 -53.72 33.44 8.13
C LEU I 336 -52.32 32.88 8.39
N ALA I 337 -52.11 31.62 8.03
CA ALA I 337 -50.84 30.94 8.28
C ALA I 337 -49.71 31.56 7.44
N VAL I 338 -50.03 31.98 6.22
CA VAL I 338 -49.05 32.63 5.36
C VAL I 338 -48.67 33.99 5.96
N MET I 339 -49.68 34.71 6.44
CA MET I 339 -49.48 36.01 7.08
C MET I 339 -48.51 35.84 8.27
N ILE I 340 -48.76 34.82 9.09
CA ILE I 340 -47.97 34.56 10.28
C ILE I 340 -46.55 34.15 9.85
N ALA I 341 -46.47 33.27 8.86
CA ALA I 341 -45.19 32.77 8.37
C ALA I 341 -44.30 33.95 7.98
N ASP I 342 -44.90 34.92 7.27
CA ASP I 342 -44.19 36.10 6.77
C ASP I 342 -43.74 36.96 7.95
N LYS I 343 -44.56 37.05 8.99
CA LYS I 343 -44.23 37.83 10.18
C LYS I 343 -43.03 37.22 10.91
N LEU I 344 -42.87 35.89 10.85
CA LEU I 344 -41.76 35.19 11.53
C LEU I 344 -40.48 35.18 10.67
N LEU I 345 -40.60 35.43 9.36
CA LEU I 345 -39.42 35.57 8.49
C LEU I 345 -38.82 36.98 8.63
N MET J 19 -40.41 -14.96 53.93
CA MET J 19 -40.73 -13.79 53.06
C MET J 19 -39.65 -12.72 53.21
N LYS J 20 -38.98 -12.40 52.11
CA LYS J 20 -37.89 -11.43 52.09
C LYS J 20 -38.46 -10.01 52.16
N LYS J 21 -37.61 -9.07 52.57
CA LYS J 21 -37.94 -7.65 52.63
C LYS J 21 -38.06 -7.08 51.21
N VAL J 22 -37.04 -7.34 50.38
CA VAL J 22 -36.94 -6.74 49.06
C VAL J 22 -36.53 -7.80 48.03
N SER J 23 -37.19 -7.77 46.87
CA SER J 23 -36.69 -8.45 45.68
C SER J 23 -36.20 -7.40 44.70
N VAL J 24 -34.89 -7.38 44.43
CA VAL J 24 -34.36 -6.58 43.35
C VAL J 24 -34.56 -7.36 42.05
N ILE J 25 -35.29 -6.76 41.11
CA ILE J 25 -35.60 -7.35 39.82
C ILE J 25 -34.79 -6.62 38.75
N MET J 26 -33.94 -7.36 38.03
CA MET J 26 -33.00 -6.79 37.07
C MET J 26 -33.06 -7.59 35.77
N PRO J 27 -33.68 -7.05 34.70
CA PRO J 27 -33.58 -7.67 33.39
C PRO J 27 -32.22 -7.38 32.75
N THR J 28 -31.68 -8.36 32.03
CA THR J 28 -30.39 -8.24 31.35
C THR J 28 -30.57 -8.57 29.86
N PHE J 29 -29.71 -7.96 29.03
CA PHE J 29 -29.64 -8.26 27.60
C PHE J 29 -28.32 -7.74 27.03
N ASN J 30 -27.41 -8.67 26.71
CA ASN J 30 -26.14 -8.37 26.02
C ASN J 30 -25.35 -7.29 26.79
N ASN J 31 -25.19 -7.50 28.10
CA ASN J 31 -24.55 -6.52 28.97
C ASN J 31 -23.04 -6.79 29.03
N GLY J 32 -22.64 -8.06 28.99
CA GLY J 32 -21.24 -8.43 28.99
C GLY J 32 -20.62 -8.25 30.37
N GLU J 33 -19.35 -7.82 30.38
CA GLU J 33 -18.52 -7.74 31.59
C GLU J 33 -18.93 -6.53 32.44
N LYS J 34 -19.78 -5.66 31.89
CA LYS J 34 -20.27 -4.46 32.59
C LYS J 34 -21.21 -4.85 33.74
N LEU J 35 -21.77 -6.07 33.68
CA LEU J 35 -22.79 -6.55 34.60
C LEU J 35 -22.16 -6.81 35.99
N HIS J 36 -20.86 -7.15 36.00
CA HIS J 36 -20.14 -7.45 37.24
C HIS J 36 -20.35 -6.32 38.25
N ARG J 37 -20.14 -5.08 37.78
CA ARG J 37 -20.20 -3.89 38.62
C ARG J 37 -21.61 -3.79 39.24
N THR J 38 -22.64 -4.00 38.42
CA THR J 38 -24.02 -3.89 38.83
C THR J 38 -24.34 -4.94 39.89
N ILE J 39 -24.09 -6.21 39.55
CA ILE J 39 -24.41 -7.32 40.43
C ILE J 39 -23.67 -7.13 41.76
N SER J 40 -22.39 -6.79 41.68
CA SER J 40 -21.57 -6.56 42.87
C SER J 40 -22.23 -5.51 43.79
N SER J 41 -22.79 -4.46 43.18
CA SER J 41 -23.40 -3.37 43.95
C SER J 41 -24.64 -3.85 44.71
N VAL J 42 -25.32 -4.88 44.18
CA VAL J 42 -26.52 -5.44 44.83
C VAL J 42 -26.11 -6.41 45.93
N LEU J 43 -25.08 -7.23 45.66
CA LEU J 43 -24.63 -8.24 46.62
C LEU J 43 -23.94 -7.57 47.81
N ASN J 44 -23.38 -6.37 47.60
CA ASN J 44 -22.63 -5.64 48.64
C ASN J 44 -23.53 -4.55 49.26
N GLN J 45 -24.63 -4.98 49.89
CA GLN J 45 -25.57 -4.07 50.55
C GLN J 45 -25.42 -4.19 52.08
N THR J 46 -25.72 -3.09 52.78
CA THR J 46 -25.70 -3.04 54.23
C THR J 46 -26.84 -3.88 54.83
N MET J 47 -27.88 -4.15 54.04
CA MET J 47 -28.96 -5.01 54.47
C MET J 47 -28.43 -6.44 54.65
N LYS J 48 -28.99 -7.15 55.64
CA LYS J 48 -28.73 -8.57 55.88
C LYS J 48 -28.97 -9.33 54.57
N SER J 49 -27.97 -10.06 54.09
CA SER J 49 -27.99 -10.70 52.78
C SER J 49 -29.18 -11.67 52.64
N THR J 50 -29.62 -12.25 53.76
CA THR J 50 -30.73 -13.21 53.78
C THR J 50 -32.09 -12.49 53.73
N ASP J 51 -32.08 -11.16 53.82
CA ASP J 51 -33.31 -10.37 53.89
C ASP J 51 -33.75 -9.88 52.50
N TYR J 52 -32.90 -10.05 51.48
CA TYR J 52 -33.27 -9.69 50.11
C TYR J 52 -32.74 -10.73 49.11
N GLU J 53 -33.25 -10.63 47.88
CA GLU J 53 -32.85 -11.46 46.77
C GLU J 53 -32.66 -10.58 45.53
N LEU J 54 -31.74 -11.00 44.65
CA LEU J 54 -31.57 -10.43 43.33
C LEU J 54 -32.12 -11.42 42.30
N ILE J 55 -33.22 -11.07 41.65
CA ILE J 55 -33.77 -11.87 40.58
C ILE J 55 -33.27 -11.28 39.27
N ILE J 56 -32.52 -12.09 38.50
CA ILE J 56 -31.99 -11.69 37.21
C ILE J 56 -32.80 -12.41 36.12
N ILE J 57 -33.36 -11.64 35.19
CA ILE J 57 -34.12 -12.18 34.07
C ILE J 57 -33.43 -11.74 32.78
N ASP J 58 -32.75 -12.68 32.11
CA ASP J 58 -32.06 -12.40 30.86
C ASP J 58 -33.06 -12.50 29.72
N ASP J 59 -33.11 -11.47 28.87
CA ASP J 59 -34.04 -11.40 27.76
C ASP J 59 -33.40 -12.04 26.52
N HIS J 60 -32.96 -13.30 26.68
CA HIS J 60 -32.36 -14.12 25.65
C HIS J 60 -31.22 -13.37 24.94
N SER J 61 -30.16 -13.08 25.69
CA SER J 61 -28.93 -12.46 25.16
C SER J 61 -28.40 -13.31 24.00
N ASN J 62 -27.73 -12.67 23.04
CA ASN J 62 -27.15 -13.37 21.88
C ASN J 62 -25.71 -12.90 21.67
N ASP J 63 -24.97 -12.68 22.76
CA ASP J 63 -23.64 -12.02 22.68
C ASP J 63 -22.53 -13.07 22.85
N ASN J 64 -22.69 -14.22 22.18
CA ASN J 64 -21.74 -15.32 22.22
C ASN J 64 -21.50 -15.72 23.68
N GLY J 65 -22.59 -15.78 24.45
CA GLY J 65 -22.60 -16.29 25.82
C GLY J 65 -21.84 -15.43 26.82
N GLU J 66 -21.51 -14.17 26.46
CA GLU J 66 -20.69 -13.29 27.32
C GLU J 66 -21.48 -12.92 28.58
N THR J 67 -22.72 -12.44 28.39
CA THR J 67 -23.61 -12.04 29.48
C THR J 67 -23.92 -13.24 30.38
N LEU J 68 -24.30 -14.36 29.76
CA LEU J 68 -24.63 -15.58 30.52
C LEU J 68 -23.42 -16.05 31.34
N ASN J 69 -22.20 -15.83 30.81
CA ASN J 69 -20.96 -16.25 31.49
C ASN J 69 -20.74 -15.41 32.76
N VAL J 70 -21.10 -14.12 32.70
CA VAL J 70 -20.96 -13.24 33.86
C VAL J 70 -21.98 -13.64 34.94
N ILE J 71 -23.19 -14.02 34.51
CA ILE J 71 -24.27 -14.35 35.43
C ILE J 71 -23.96 -15.68 36.11
N LYS J 72 -23.32 -16.62 35.38
CA LYS J 72 -22.99 -17.96 35.89
C LYS J 72 -22.05 -17.88 37.10
N LYS J 73 -21.21 -16.83 37.13
CA LYS J 73 -20.24 -16.63 38.21
C LYS J 73 -20.93 -16.38 39.55
N TYR J 74 -22.22 -16.01 39.53
CA TYR J 74 -22.97 -15.74 40.77
C TYR J 74 -24.05 -16.81 41.01
N LYS J 75 -23.96 -17.96 40.35
CA LYS J 75 -24.90 -19.07 40.60
C LYS J 75 -24.85 -19.37 42.11
N GLY J 76 -26.03 -19.45 42.74
CA GLY J 76 -26.16 -19.67 44.17
C GLY J 76 -26.38 -18.40 44.98
N LEU J 77 -26.01 -17.24 44.42
CA LEU J 77 -26.17 -15.96 45.09
C LEU J 77 -27.34 -15.16 44.51
N VAL J 78 -27.94 -15.63 43.42
CA VAL J 78 -29.02 -14.93 42.74
C VAL J 78 -30.02 -15.96 42.21
N ARG J 79 -31.29 -15.55 42.07
CA ARG J 79 -32.26 -16.32 41.33
C ARG J 79 -32.16 -15.86 39.88
N PHE J 80 -32.36 -16.78 38.92
CA PHE J 80 -32.14 -16.48 37.53
C PHE J 80 -33.11 -17.27 36.63
N LYS J 81 -33.67 -16.59 35.65
CA LYS J 81 -34.49 -17.19 34.60
C LYS J 81 -34.07 -16.57 33.26
N GLN J 82 -34.03 -17.40 32.21
CA GLN J 82 -33.76 -16.93 30.85
C GLN J 82 -35.02 -17.09 30.01
N LEU J 83 -35.38 -16.03 29.29
CA LEU J 83 -36.51 -16.08 28.37
C LEU J 83 -36.06 -16.79 27.09
N LYS J 84 -37.00 -17.46 26.43
CA LYS J 84 -36.73 -18.30 25.26
C LYS J 84 -36.43 -17.41 24.04
N LYS J 85 -37.17 -16.32 23.88
CA LYS J 85 -37.02 -15.33 22.81
C LYS J 85 -36.84 -13.95 23.44
N ASN J 86 -36.06 -13.07 22.78
CA ASN J 86 -35.85 -11.68 23.24
C ASN J 86 -37.15 -10.89 23.05
N SER J 87 -37.65 -10.29 24.13
CA SER J 87 -38.92 -9.55 24.14
C SER J 87 -38.74 -8.16 23.52
N GLY J 88 -37.52 -7.61 23.59
CA GLY J 88 -37.20 -6.33 22.93
C GLY J 88 -37.07 -5.16 23.90
N ASN J 89 -37.87 -5.16 24.97
CA ASN J 89 -37.80 -4.16 26.04
C ASN J 89 -37.74 -4.91 27.39
N ALA J 90 -37.91 -4.16 28.49
CA ALA J 90 -37.77 -4.68 29.85
C ALA J 90 -39.12 -5.11 30.44
N SER J 91 -40.21 -4.93 29.69
CA SER J 91 -41.55 -5.18 30.20
C SER J 91 -41.71 -6.67 30.58
N VAL J 92 -41.56 -7.58 29.60
CA VAL J 92 -41.79 -9.01 29.85
C VAL J 92 -40.83 -9.49 30.95
N PRO J 93 -39.52 -9.22 30.85
CA PRO J 93 -38.58 -9.60 31.90
C PRO J 93 -39.00 -9.12 33.31
N ARG J 94 -39.41 -7.86 33.43
CA ARG J 94 -39.80 -7.29 34.73
C ARG J 94 -41.07 -7.98 35.24
N ASN J 95 -42.00 -8.27 34.33
CA ASN J 95 -43.23 -8.96 34.66
C ASN J 95 -42.92 -10.35 35.20
N THR J 96 -41.91 -11.01 34.62
CA THR J 96 -41.49 -12.34 35.01
C THR J 96 -40.91 -12.29 36.43
N GLY J 97 -40.07 -11.27 36.68
CA GLY J 97 -39.50 -11.02 38.00
C GLY J 97 -40.57 -10.82 39.07
N LEU J 98 -41.65 -10.12 38.72
CA LEU J 98 -42.74 -9.83 39.65
C LEU J 98 -43.47 -11.12 40.05
N LYS J 99 -43.68 -12.01 39.08
CA LYS J 99 -44.34 -13.29 39.32
C LYS J 99 -43.45 -14.16 40.24
N MET J 100 -42.13 -13.94 40.17
CA MET J 100 -41.16 -14.75 40.91
C MET J 100 -40.98 -14.23 42.34
N SER J 101 -41.28 -12.96 42.59
CA SER J 101 -41.03 -12.33 43.89
C SER J 101 -42.23 -12.56 44.83
N LYS J 102 -41.93 -12.90 46.09
CA LYS J 102 -42.92 -13.02 47.15
C LYS J 102 -42.51 -12.09 48.32
N ALA J 103 -41.70 -11.07 48.02
CA ALA J 103 -41.15 -10.14 49.02
C ALA J 103 -42.17 -9.05 49.36
N GLU J 104 -41.83 -8.23 50.37
CA GLU J 104 -42.68 -7.14 50.86
C GLU J 104 -42.64 -6.00 49.84
N TYR J 105 -41.42 -5.64 49.42
CA TYR J 105 -41.18 -4.64 48.41
C TYR J 105 -40.37 -5.25 47.25
N VAL J 106 -40.53 -4.67 46.05
CA VAL J 106 -39.65 -4.94 44.93
C VAL J 106 -38.91 -3.66 44.56
N PHE J 107 -37.72 -3.83 43.97
CA PHE J 107 -36.93 -2.72 43.50
C PHE J 107 -36.45 -3.07 42.09
N PHE J 108 -36.88 -2.27 41.10
CA PHE J 108 -36.45 -2.48 39.73
C PHE J 108 -35.09 -1.80 39.51
N LEU J 109 -34.13 -2.56 38.97
CA LEU J 109 -32.78 -2.10 38.73
C LEU J 109 -32.45 -2.45 37.27
N ASP J 110 -31.94 -1.46 36.52
CA ASP J 110 -31.47 -1.68 35.17
C ASP J 110 -30.05 -2.23 35.21
N SER J 111 -29.68 -2.96 34.16
CA SER J 111 -28.53 -3.86 34.17
C SER J 111 -27.20 -3.08 34.16
N ASP J 112 -27.19 -1.83 33.70
CA ASP J 112 -25.92 -1.10 33.61
C ASP J 112 -25.74 -0.19 34.84
N ASP J 113 -26.77 -0.07 35.68
CA ASP J 113 -26.83 0.92 36.76
C ASP J 113 -26.22 0.31 38.04
N LEU J 114 -26.11 1.12 39.11
CA LEU J 114 -25.49 0.72 40.40
C LEU J 114 -26.39 1.12 41.57
N LEU J 115 -26.39 0.31 42.62
CA LEU J 115 -26.99 0.68 43.91
C LEU J 115 -25.88 1.08 44.89
N HIS J 116 -26.17 2.10 45.70
CA HIS J 116 -25.34 2.48 46.83
C HIS J 116 -25.39 1.37 47.88
N GLU J 117 -24.31 1.23 48.65
CA GLU J 117 -24.16 0.16 49.65
C GLU J 117 -25.37 0.17 50.61
N ARG J 118 -25.82 1.36 50.99
CA ARG J 118 -26.96 1.51 51.92
C ARG J 118 -28.21 2.00 51.18
N ALA J 119 -28.66 1.23 50.18
CA ALA J 119 -29.82 1.61 49.38
C ALA J 119 -31.04 0.82 49.86
N LEU J 120 -30.94 -0.51 49.85
CA LEU J 120 -32.05 -1.35 50.25
C LEU J 120 -32.40 -1.11 51.73
N GLU J 121 -31.37 -1.09 52.60
CA GLU J 121 -31.59 -0.90 54.04
C GLU J 121 -32.30 0.43 54.30
N ASP J 122 -31.70 1.54 53.81
CA ASP J 122 -32.19 2.88 54.12
C ASP J 122 -33.59 3.09 53.54
N LEU J 123 -33.82 2.62 52.31
CA LEU J 123 -35.11 2.83 51.63
C LEU J 123 -36.18 1.96 52.29
N TYR J 124 -35.85 0.71 52.62
CA TYR J 124 -36.81 -0.20 53.26
C TYR J 124 -37.19 0.33 54.65
N ASN J 125 -36.18 0.76 55.43
CA ASN J 125 -36.40 1.26 56.78
C ASN J 125 -37.30 2.51 56.76
N TYR J 126 -36.99 3.45 55.87
CA TYR J 126 -37.77 4.69 55.74
C TYR J 126 -39.20 4.31 55.36
N GLY J 127 -39.32 3.39 54.40
CA GLY J 127 -40.64 2.93 53.92
C GLY J 127 -41.38 2.17 55.01
N LYS J 128 -40.72 1.24 55.68
CA LYS J 128 -41.37 0.42 56.75
C LYS J 128 -41.63 1.30 57.97
N GLU J 129 -41.10 2.53 57.98
CA GLU J 129 -41.28 3.44 59.14
C GLU J 129 -42.40 4.45 58.87
N ASN J 130 -42.71 4.69 57.59
CA ASN J 130 -43.77 5.66 57.21
C ASN J 130 -44.91 4.93 56.50
N ASN J 131 -44.92 3.60 56.57
CA ASN J 131 -45.97 2.79 55.94
C ASN J 131 -46.07 3.13 54.45
N SER J 132 -44.92 3.29 53.81
CA SER J 132 -44.80 3.76 52.43
C SER J 132 -45.17 2.66 51.43
N ASP J 133 -45.97 3.03 50.44
CA ASP J 133 -46.32 2.20 49.30
C ASP J 133 -45.20 2.31 48.26
N LEU J 134 -44.51 3.46 48.26
CA LEU J 134 -43.47 3.78 47.31
C LEU J 134 -42.36 4.56 48.01
N ILE J 135 -41.10 4.16 47.80
CA ILE J 135 -39.96 4.94 48.29
C ILE J 135 -39.05 5.24 47.10
N ILE J 136 -38.69 6.51 46.96
CA ILE J 136 -37.86 7.01 45.87
C ILE J 136 -36.53 7.49 46.44
N GLY J 137 -35.45 6.81 46.07
CA GLY J 137 -34.11 7.21 46.47
C GLY J 137 -33.51 8.15 45.46
N LYS J 138 -32.75 9.14 45.95
CA LYS J 138 -32.13 10.16 45.11
C LYS J 138 -31.26 9.47 44.06
N TYR J 139 -31.38 9.94 42.81
CA TYR J 139 -30.63 9.41 41.68
C TYR J 139 -29.32 10.19 41.54
N GLY J 140 -28.26 9.46 41.18
CA GLY J 140 -27.02 10.01 40.69
C GLY J 140 -26.77 9.53 39.28
N VAL J 141 -25.72 10.08 38.66
CA VAL J 141 -25.48 9.82 37.26
C VAL J 141 -23.97 9.80 37.01
N GLU J 142 -23.56 8.88 36.14
CA GLU J 142 -22.18 8.68 35.70
C GLU J 142 -22.19 8.78 34.16
N GLY J 143 -21.58 9.83 33.62
CA GLY J 143 -21.41 10.00 32.16
C GLY J 143 -22.46 10.91 31.53
N LYS J 144 -22.35 11.04 30.21
CA LYS J 144 -23.06 12.07 29.44
C LYS J 144 -24.54 11.65 29.25
N SER J 147 -30.22 12.72 31.41
CA SER J 147 -30.19 13.34 32.73
C SER J 147 -31.23 12.67 33.63
N VAL J 148 -31.11 12.89 34.94
CA VAL J 148 -31.99 12.25 35.93
C VAL J 148 -32.77 13.33 36.66
N PRO J 149 -33.94 13.01 37.25
CA PRO J 149 -34.73 13.99 38.00
C PRO J 149 -33.91 14.63 39.14
N LYS J 150 -34.19 15.91 39.40
CA LYS J 150 -33.52 16.71 40.39
C LYS J 150 -34.54 17.37 41.32
N ALA J 151 -35.63 17.91 40.76
CA ALA J 151 -36.62 18.70 41.52
C ALA J 151 -37.26 17.88 42.65
N ILE J 152 -37.58 16.62 42.37
CA ILE J 152 -38.21 15.73 43.36
C ILE J 152 -37.38 15.65 44.65
N PHE J 153 -36.06 15.84 44.55
CA PHE J 153 -35.15 15.65 45.70
C PHE J 153 -34.68 16.97 46.31
N GLU J 154 -35.27 18.10 45.89
CA GLU J 154 -34.77 19.44 46.26
C GLU J 154 -35.26 19.84 47.66
N LYS J 155 -36.19 19.08 48.25
CA LYS J 155 -36.79 19.43 49.54
C LYS J 155 -36.27 18.46 50.62
N GLY J 156 -35.24 17.68 50.30
CA GLY J 156 -34.72 16.65 51.20
C GLY J 156 -35.71 15.53 51.39
N ASN J 157 -35.64 14.88 52.55
CA ASN J 157 -36.47 13.72 52.82
C ASN J 157 -37.91 14.15 53.06
N VAL J 158 -38.83 13.37 52.50
CA VAL J 158 -40.27 13.60 52.60
C VAL J 158 -40.94 12.26 52.93
N ALA J 159 -41.59 12.19 54.10
CA ALA J 159 -42.19 10.96 54.60
C ALA J 159 -43.52 10.67 53.88
N LYS J 160 -44.34 11.71 53.73
CA LYS J 160 -45.63 11.61 53.01
C LYS J 160 -45.61 12.67 51.90
N ALA J 161 -45.07 12.29 50.73
CA ALA J 161 -44.91 13.20 49.60
C ALA J 161 -46.22 13.38 48.85
N ASP J 162 -46.31 14.47 48.09
CA ASP J 162 -47.46 14.84 47.28
C ASP J 162 -47.01 14.89 45.81
N ILE J 163 -47.84 14.38 44.92
CA ILE J 163 -47.48 14.26 43.50
C ILE J 163 -47.10 15.63 42.93
N ILE J 164 -47.97 16.61 43.13
CA ILE J 164 -47.79 17.92 42.52
C ILE J 164 -46.64 18.67 43.21
N ASP J 165 -46.72 18.80 44.53
CA ASP J 165 -45.78 19.63 45.29
C ASP J 165 -44.37 19.03 45.29
N ASN J 166 -44.22 17.72 45.04
CA ASN J 166 -42.89 17.07 45.09
C ASN J 166 -42.46 16.57 43.70
N SER J 167 -43.11 17.05 42.64
CA SER J 167 -42.65 16.90 41.27
C SER J 167 -42.51 15.43 40.88
N ILE J 168 -43.45 14.59 41.31
CA ILE J 168 -43.35 13.17 41.11
C ILE J 168 -43.63 12.80 39.64
N PHE J 169 -44.43 13.63 38.94
CA PHE J 169 -44.73 13.37 37.53
C PHE J 169 -43.49 13.62 36.65
N TYR J 170 -42.45 14.26 37.25
CA TYR J 170 -41.17 14.42 36.56
C TYR J 170 -40.16 13.33 36.98
N ALA J 171 -40.63 12.26 37.63
CA ALA J 171 -39.77 11.14 38.01
C ALA J 171 -40.57 9.84 37.98
N LEU J 172 -41.02 9.43 36.80
CA LEU J 172 -41.97 8.32 36.66
C LEU J 172 -41.25 7.02 36.25
N SER J 173 -39.92 6.95 36.36
CA SER J 173 -39.20 5.69 36.17
C SER J 173 -39.66 4.69 37.24
N VAL J 174 -39.41 3.41 36.99
CA VAL J 174 -39.73 2.38 37.94
C VAL J 174 -38.47 2.03 38.76
N LEU J 175 -37.46 2.88 38.74
CA LEU J 175 -36.22 2.61 39.48
C LEU J 175 -36.39 3.08 40.93
N LYS J 176 -37.32 2.40 41.61
CA LYS J 176 -37.78 2.78 42.94
C LYS J 176 -38.19 1.50 43.71
N MET J 177 -38.52 1.67 44.98
CA MET J 177 -38.99 0.58 45.82
C MET J 177 -40.52 0.64 45.91
N PHE J 178 -41.18 -0.42 45.44
CA PHE J 178 -42.65 -0.51 45.38
C PHE J 178 -43.15 -1.62 46.31
N LYS J 179 -44.24 -1.34 47.05
CA LYS J 179 -44.89 -2.34 47.90
C LYS J 179 -45.60 -3.36 47.01
N LYS J 180 -45.22 -4.63 47.14
CA LYS J 180 -45.66 -5.69 46.22
C LYS J 180 -47.17 -5.89 46.35
N SER J 181 -47.72 -5.69 47.55
CA SER J 181 -49.15 -5.92 47.81
C SER J 181 -50.02 -5.03 46.92
N VAL J 182 -49.56 -3.80 46.70
CA VAL J 182 -50.29 -2.83 45.87
C VAL J 182 -50.31 -3.34 44.43
N ILE J 183 -49.14 -3.81 43.97
CA ILE J 183 -48.99 -4.37 42.63
C ILE J 183 -49.89 -5.60 42.48
N ASP J 184 -49.89 -6.45 43.51
CA ASP J 184 -50.63 -7.72 43.49
C ASP J 184 -52.13 -7.45 43.56
N LYS J 185 -52.58 -6.64 44.54
CA LYS J 185 -54.00 -6.37 44.77
C LYS J 185 -54.62 -5.73 43.52
N ASN J 186 -53.86 -4.87 42.83
CA ASN J 186 -54.39 -4.10 41.69
C ASN J 186 -53.97 -4.74 40.35
N LYS J 187 -53.26 -5.86 40.39
CA LYS J 187 -52.88 -6.63 39.18
C LYS J 187 -52.16 -5.70 38.19
N ILE J 188 -51.14 -4.98 38.67
CA ILE J 188 -50.36 -4.02 37.88
C ILE J 188 -49.23 -4.79 37.19
N LYS J 189 -49.25 -4.79 35.86
CA LYS J 189 -48.23 -5.40 35.02
C LYS J 189 -47.67 -4.33 34.09
N PHE J 190 -46.45 -4.53 33.61
CA PHE J 190 -45.90 -3.70 32.53
C PHE J 190 -46.63 -4.09 31.25
N LYS J 191 -47.12 -3.09 30.51
CA LYS J 191 -47.76 -3.36 29.21
C LYS J 191 -46.66 -3.55 28.15
N THR J 192 -47.04 -4.19 27.04
CA THR J 192 -46.14 -4.47 25.93
C THR J 192 -46.78 -4.06 24.60
N PHE J 193 -47.84 -3.23 24.62
CA PHE J 193 -48.46 -2.71 23.40
C PHE J 193 -47.61 -1.56 22.84
N SER J 194 -46.68 -1.02 23.64
CA SER J 194 -45.82 0.09 23.23
C SER J 194 -44.37 -0.21 23.60
N LYS J 195 -43.44 0.42 22.87
CA LYS J 195 -41.99 0.30 23.11
C LYS J 195 -41.56 1.32 24.17
N THR J 196 -42.35 2.39 24.32
CA THR J 196 -42.01 3.53 25.16
C THR J 196 -43.17 3.88 26.10
N ALA J 197 -42.81 4.56 27.20
CA ALA J 197 -43.72 5.11 28.20
C ALA J 197 -44.46 4.02 28.97
N GLU J 198 -43.96 2.79 28.94
CA GLU J 198 -44.61 1.67 29.61
C GLU J 198 -44.29 1.71 31.11
N ASP J 199 -43.11 2.26 31.43
CA ASP J 199 -42.63 2.41 32.79
C ASP J 199 -43.42 3.55 33.47
N GLN J 200 -43.70 4.61 32.71
CA GLN J 200 -44.49 5.71 33.18
C GLN J 200 -45.90 5.23 33.56
N LEU J 201 -46.51 4.44 32.67
CA LEU J 201 -47.86 3.96 32.90
C LEU J 201 -47.88 3.10 34.17
N PHE J 202 -46.82 2.34 34.39
CA PHE J 202 -46.73 1.45 35.54
C PHE J 202 -46.72 2.31 36.82
N THR J 203 -45.82 3.29 36.87
CA THR J 203 -45.68 4.15 38.03
C THR J 203 -46.97 4.95 38.26
N ILE J 204 -47.59 5.43 37.18
CA ILE J 204 -48.84 6.18 37.28
C ILE J 204 -49.93 5.28 37.85
N GLU J 205 -50.05 4.06 37.32
CA GLU J 205 -51.05 3.10 37.81
C GLU J 205 -50.85 2.88 39.31
N PHE J 206 -49.57 2.79 39.72
CA PHE J 206 -49.23 2.53 41.11
C PHE J 206 -49.61 3.74 41.98
N LEU J 207 -49.19 4.94 41.53
CA LEU J 207 -49.42 6.19 42.26
C LEU J 207 -50.91 6.42 42.47
N MET J 208 -51.73 6.09 41.44
CA MET J 208 -53.17 6.35 41.47
C MET J 208 -53.90 5.29 42.30
N ASN J 209 -53.16 4.24 42.77
CA ASN J 209 -53.78 3.18 43.57
C ASN J 209 -53.09 3.06 44.93
N SER J 210 -52.43 4.14 45.38
CA SER J 210 -51.74 4.16 46.67
C SER J 210 -51.64 5.60 47.16
N LYS J 211 -51.34 5.80 48.44
CA LYS J 211 -51.39 7.14 49.06
C LYS J 211 -50.02 7.55 49.61
N ASN J 212 -49.25 6.59 50.11
CA ASN J 212 -48.07 6.87 50.91
C ASN J 212 -46.82 6.73 50.02
N TYR J 213 -46.19 7.88 49.71
CA TYR J 213 -44.97 7.93 48.93
C TYR J 213 -43.95 8.72 49.73
N SER J 214 -42.73 8.15 49.81
CA SER J 214 -41.70 8.77 50.58
C SER J 214 -40.48 8.97 49.67
N ILE J 215 -39.72 10.03 49.98
CA ILE J 215 -38.56 10.44 49.22
C ILE J 215 -37.37 10.51 50.19
N LYS J 216 -36.29 9.79 49.85
CA LYS J 216 -35.09 9.69 50.70
C LYS J 216 -33.88 10.19 49.88
N THR J 217 -33.11 11.11 50.45
CA THR J 217 -32.10 11.85 49.69
C THR J 217 -30.74 11.93 50.40
N ASP J 218 -30.51 11.09 51.41
CA ASP J 218 -29.29 11.17 52.22
C ASP J 218 -28.05 10.86 51.36
N TYR J 219 -28.18 9.91 50.44
CA TYR J 219 -27.14 9.52 49.49
C TYR J 219 -27.72 9.46 48.08
N GLU J 220 -26.85 9.42 47.07
CA GLU J 220 -27.25 9.05 45.73
C GLU J 220 -27.41 7.53 45.71
N TYR J 221 -28.62 7.06 46.05
CA TYR J 221 -28.87 5.64 46.31
C TYR J 221 -28.84 4.82 45.01
N TYR J 222 -29.31 5.40 43.91
CA TYR J 222 -29.33 4.75 42.61
C TYR J 222 -28.51 5.61 41.64
N ILE J 223 -27.51 4.99 41.00
CA ILE J 223 -26.66 5.67 40.03
C ILE J 223 -27.02 5.17 38.63
N VAL J 224 -27.59 6.05 37.81
CA VAL J 224 -27.81 5.79 36.40
C VAL J 224 -26.47 5.92 35.69
N VAL J 225 -26.05 4.85 35.00
CA VAL J 225 -24.81 4.84 34.22
C VAL J 225 -25.16 4.95 32.74
N ASN J 226 -24.63 5.99 32.08
CA ASN J 226 -24.75 6.21 30.64
C ASN J 226 -23.54 5.59 29.93
N THR J 240 -45.32 6.50 14.09
CA THR J 240 -46.72 6.80 13.72
C THR J 240 -47.47 7.24 15.00
N GLY J 241 -47.12 6.57 16.11
CA GLY J 241 -47.56 6.96 17.46
C GLY J 241 -48.86 6.30 17.89
N ASN J 242 -49.36 5.36 17.09
CA ASN J 242 -50.58 4.64 17.42
C ASN J 242 -50.44 3.98 18.80
N GLN J 243 -49.30 3.32 19.03
CA GLN J 243 -49.03 2.56 20.25
C GLN J 243 -48.63 3.52 21.39
N TYR J 244 -47.83 4.54 21.06
CA TYR J 244 -47.37 5.49 22.06
C TYR J 244 -48.56 6.21 22.71
N PHE J 245 -49.47 6.72 21.88
CA PHE J 245 -50.57 7.54 22.38
C PHE J 245 -51.64 6.65 23.04
N ALA J 246 -51.65 5.36 22.70
CA ALA J 246 -52.49 4.39 23.42
C ALA J 246 -52.04 4.30 24.88
N THR J 247 -50.72 4.40 25.10
CA THR J 247 -50.15 4.33 26.43
C THR J 247 -50.44 5.63 27.18
N ILE J 248 -50.32 6.77 26.49
CA ILE J 248 -50.61 8.07 27.09
C ILE J 248 -52.08 8.11 27.49
N ASN J 249 -52.93 7.52 26.66
CA ASN J 249 -54.35 7.43 26.92
C ASN J 249 -54.57 6.67 28.23
N GLU J 250 -53.82 5.58 28.42
CA GLU J 250 -53.95 4.75 29.63
C GLU J 250 -53.56 5.56 30.89
N ILE J 251 -52.58 6.47 30.74
CA ILE J 251 -52.12 7.28 31.85
C ILE J 251 -53.26 8.22 32.30
N TYR J 252 -53.91 8.88 31.33
CA TYR J 252 -55.00 9.77 31.65
C TYR J 252 -56.17 8.97 32.23
N LYS J 253 -56.46 7.80 31.66
CA LYS J 253 -57.52 6.92 32.17
C LYS J 253 -57.24 6.56 33.64
N ALA J 254 -55.97 6.33 33.99
CA ALA J 254 -55.59 5.92 35.33
C ALA J 254 -55.89 7.04 36.32
N ILE J 255 -55.58 8.27 35.92
CA ILE J 255 -55.78 9.43 36.75
C ILE J 255 -57.27 9.63 37.01
N TYR J 256 -58.07 9.56 35.93
CA TYR J 256 -59.48 9.91 36.03
C TYR J 256 -60.31 8.77 36.63
N LYS J 257 -59.73 7.57 36.79
CA LYS J 257 -60.42 6.43 37.45
C LYS J 257 -59.80 6.15 38.82
N SER J 258 -58.93 7.05 39.30
CA SER J 258 -58.19 6.81 40.54
C SER J 258 -59.16 6.65 41.70
N PRO J 259 -59.10 5.52 42.45
CA PRO J 259 -59.88 5.37 43.67
C PRO J 259 -59.29 6.13 44.88
N ILE J 260 -58.05 6.61 44.75
CA ILE J 260 -57.40 7.40 45.78
C ILE J 260 -57.72 8.88 45.58
N TYR J 261 -57.48 9.39 44.37
CA TYR J 261 -57.78 10.77 44.02
C TYR J 261 -59.15 10.83 43.37
N LYS J 262 -60.19 10.87 44.22
CA LYS J 262 -61.57 10.71 43.78
C LYS J 262 -62.15 12.06 43.36
N ASN J 263 -61.63 13.16 43.92
CA ASN J 263 -62.17 14.50 43.66
C ASN J 263 -61.86 14.90 42.21
N GLN J 264 -62.90 15.25 41.46
CA GLN J 264 -62.79 15.50 40.04
C GLN J 264 -61.85 16.70 39.78
N GLU J 265 -61.88 17.70 40.66
CA GLU J 265 -61.01 18.85 40.45
C GLU J 265 -59.54 18.44 40.65
N LYS J 266 -59.30 17.51 41.58
CA LYS J 266 -57.97 17.03 41.84
C LYS J 266 -57.44 16.25 40.63
N ARG J 267 -58.34 15.48 40.01
CA ARG J 267 -58.03 14.74 38.80
C ARG J 267 -57.66 15.71 37.67
N HIS J 268 -58.41 16.79 37.53
CA HIS J 268 -58.10 17.81 36.52
C HIS J 268 -56.69 18.37 36.74
N GLN J 269 -56.32 18.56 38.02
CA GLN J 269 -55.03 19.17 38.36
C GLN J 269 -53.90 18.20 38.02
N LEU J 270 -54.11 16.92 38.35
CA LEU J 270 -53.14 15.88 38.07
C LEU J 270 -52.99 15.74 36.55
N ALA J 271 -54.13 15.66 35.85
CA ALA J 271 -54.13 15.51 34.41
C ALA J 271 -53.40 16.69 33.76
N GLY J 272 -53.67 17.90 34.26
CA GLY J 272 -53.04 19.10 33.70
C GLY J 272 -51.54 19.09 33.91
N LYS J 273 -51.11 18.58 35.07
CA LYS J 273 -49.71 18.55 35.40
C LYS J 273 -49.03 17.49 34.51
N TYR J 274 -49.72 16.37 34.25
CA TYR J 274 -49.13 15.35 33.38
C TYR J 274 -48.99 15.91 31.96
N THR J 275 -50.03 16.62 31.48
CA THR J 275 -50.01 17.26 30.18
C THR J 275 -48.79 18.17 30.08
N THR J 276 -48.51 18.92 31.14
CA THR J 276 -47.36 19.81 31.16
C THR J 276 -46.07 19.01 30.97
N ARG J 277 -45.94 17.90 31.72
CA ARG J 277 -44.73 17.04 31.64
C ARG J 277 -44.60 16.45 30.24
N LEU J 278 -45.73 16.11 29.63
CA LEU J 278 -45.78 15.50 28.30
C LEU J 278 -45.29 16.51 27.26
N LEU J 279 -45.68 17.78 27.42
CA LEU J 279 -45.28 18.83 26.49
C LEU J 279 -43.82 19.25 26.72
N ARG J 280 -43.32 19.03 27.94
CA ARG J 280 -41.96 19.42 28.30
C ARG J 280 -40.94 18.31 27.96
N HIS J 281 -41.35 17.04 28.04
CA HIS J 281 -40.41 15.92 27.96
C HIS J 281 -40.93 14.76 27.10
N GLY J 282 -42.06 14.93 26.43
CA GLY J 282 -42.66 13.85 25.66
C GLY J 282 -41.79 13.42 24.48
N GLN J 283 -42.06 12.22 24.00
CA GLN J 283 -41.47 11.69 22.80
C GLN J 283 -41.84 12.59 21.61
N LYS J 284 -40.83 12.93 20.79
CA LYS J 284 -41.01 13.68 19.56
C LYS J 284 -41.76 14.97 19.87
N LYS J 285 -41.33 15.70 20.91
CA LYS J 285 -42.06 16.88 21.34
C LYS J 285 -42.01 17.94 20.23
N ASN J 286 -40.95 17.95 19.44
CA ASN J 286 -40.76 18.97 18.40
C ASN J 286 -40.99 18.38 17.00
N PHE J 287 -41.94 17.46 16.89
CA PHE J 287 -42.21 16.75 15.66
C PHE J 287 -42.66 17.72 14.55
N ALA J 288 -43.32 18.82 14.93
CA ALA J 288 -44.07 19.63 13.96
C ALA J 288 -43.13 20.32 12.97
N ASN J 289 -41.96 20.79 13.45
CA ASN J 289 -41.00 21.49 12.59
C ASN J 289 -39.84 20.57 12.21
N SER J 290 -40.02 19.25 12.36
CA SER J 290 -38.94 18.28 12.19
C SER J 290 -38.88 17.80 10.73
N LYS J 291 -37.91 16.92 10.43
CA LYS J 291 -37.61 16.37 9.12
C LYS J 291 -38.57 15.21 8.80
N MET J 292 -39.46 14.90 9.74
CA MET J 292 -40.50 13.90 9.58
C MET J 292 -41.29 14.16 8.29
N LYS J 293 -41.68 13.09 7.59
CA LYS J 293 -42.54 13.20 6.40
C LYS J 293 -43.89 13.81 6.80
N TYR J 294 -44.47 14.62 5.93
CA TYR J 294 -45.73 15.30 6.20
C TYR J 294 -46.81 14.30 6.61
N GLU J 295 -46.94 13.18 5.87
CA GLU J 295 -48.02 12.22 6.12
C GLU J 295 -47.87 11.64 7.53
N ASP J 296 -46.61 11.48 7.98
CA ASP J 296 -46.29 10.95 9.30
C ASP J 296 -46.65 11.98 10.37
N LYS J 297 -46.37 13.26 10.12
CA LYS J 297 -46.70 14.35 11.02
C LYS J 297 -48.22 14.37 11.24
N ILE J 298 -48.98 14.24 10.17
CA ILE J 298 -50.44 14.29 10.22
C ILE J 298 -50.97 13.14 11.09
N GLU J 299 -50.41 11.93 10.87
CA GLU J 299 -50.89 10.73 11.57
C GLU J 299 -50.52 10.87 13.05
N TRP J 300 -49.32 11.39 13.33
CA TRP J 300 -48.83 11.55 14.69
C TRP J 300 -49.71 12.54 15.44
N LEU J 301 -49.95 13.70 14.83
CA LEU J 301 -50.75 14.75 15.45
C LEU J 301 -52.19 14.27 15.61
N ASN J 302 -52.66 13.44 14.68
CA ASN J 302 -54.01 12.94 14.73
C ASN J 302 -54.18 12.06 15.97
N ASN J 303 -53.18 11.21 16.26
CA ASN J 303 -53.20 10.34 17.43
C ASN J 303 -53.09 11.19 18.71
N PHE J 304 -52.22 12.20 18.68
CA PHE J 304 -52.02 13.09 19.80
C PHE J 304 -53.31 13.84 20.10
N SER J 305 -53.99 14.31 19.05
CA SER J 305 -55.20 15.08 19.17
C SER J 305 -56.35 14.21 19.73
N LYS J 306 -56.52 13.03 19.12
CA LYS J 306 -57.55 12.07 19.52
C LYS J 306 -57.41 11.76 21.02
N THR J 307 -56.17 11.63 21.49
CA THR J 307 -55.88 11.24 22.87
C THR J 307 -56.15 12.39 23.84
N ILE J 308 -55.64 13.59 23.50
CA ILE J 308 -55.76 14.73 24.39
C ILE J 308 -57.22 15.22 24.42
N ASN J 309 -58.02 14.90 23.40
CA ASN J 309 -59.41 15.38 23.34
C ASN J 309 -60.32 14.47 24.18
N LYS J 310 -59.78 13.37 24.71
CA LYS J 310 -60.47 12.54 25.69
C LYS J 310 -60.19 13.05 27.12
N VAL J 311 -59.29 14.03 27.24
CA VAL J 311 -59.00 14.66 28.50
C VAL J 311 -59.89 15.88 28.63
N PRO J 312 -60.65 16.04 29.73
CA PRO J 312 -61.45 17.23 29.97
C PRO J 312 -60.64 18.54 29.84
N ARG J 313 -61.28 19.55 29.25
CA ARG J 313 -60.69 20.87 29.08
C ARG J 313 -60.51 21.54 30.45
N ASP J 314 -61.24 21.07 31.46
CA ASP J 314 -61.10 21.59 32.83
C ASP J 314 -59.67 21.40 33.35
N SER J 315 -58.91 20.46 32.76
CA SER J 315 -57.51 20.23 33.17
C SER J 315 -56.59 21.30 32.58
N ASP J 316 -57.01 21.94 31.48
CA ASP J 316 -56.14 22.83 30.72
C ASP J 316 -55.67 24.00 31.61
N LYS J 317 -56.54 24.47 32.50
CA LYS J 317 -56.19 25.61 33.35
C LYS J 317 -55.00 25.27 34.28
N TYR J 318 -54.73 23.98 34.50
CA TYR J 318 -53.64 23.52 35.39
C TYR J 318 -52.34 23.27 34.60
N VAL J 319 -52.37 23.47 33.28
CA VAL J 319 -51.20 23.35 32.43
C VAL J 319 -50.43 24.68 32.50
N THR J 320 -49.10 24.61 32.49
CA THR J 320 -48.26 25.81 32.50
C THR J 320 -48.60 26.65 31.27
N GLN J 321 -48.79 27.96 31.47
CA GLN J 321 -49.46 28.79 30.48
C GLN J 321 -48.59 29.01 29.22
N ILE J 322 -47.26 28.84 29.31
CA ILE J 322 -46.42 28.97 28.09
C ILE J 322 -46.92 28.01 27.00
N PHE J 323 -47.50 26.87 27.43
CA PHE J 323 -47.94 25.84 26.50
C PHE J 323 -49.42 26.01 26.10
N ASN J 324 -50.03 27.15 26.44
CA ASN J 324 -51.48 27.36 26.22
C ASN J 324 -51.82 27.19 24.73
N LEU J 325 -50.98 27.74 23.85
CA LEU J 325 -51.24 27.77 22.41
C LEU J 325 -50.97 26.39 21.80
N LYS J 326 -49.85 25.79 22.17
CA LYS J 326 -49.49 24.48 21.64
C LYS J 326 -50.60 23.47 22.00
N LEU J 327 -51.07 23.52 23.24
CA LEU J 327 -52.10 22.59 23.71
C LEU J 327 -53.38 22.77 22.88
N GLU J 328 -53.77 24.03 22.64
CA GLU J 328 -55.01 24.30 21.90
C GLU J 328 -54.84 23.84 20.44
N ALA J 329 -53.64 24.06 19.89
CA ALA J 329 -53.32 23.65 18.55
C ALA J 329 -53.48 22.12 18.39
N ILE J 330 -53.02 21.37 19.41
CA ILE J 330 -53.10 19.91 19.38
C ILE J 330 -54.56 19.50 19.48
N ARG J 331 -55.31 20.16 20.37
CA ARG J 331 -56.74 19.88 20.54
C ARG J 331 -57.47 20.09 19.21
N GLN J 332 -57.09 21.15 18.48
CA GLN J 332 -57.71 21.54 17.22
C GLN J 332 -57.18 20.70 16.05
N ASN J 333 -56.12 19.92 16.28
CA ASN J 333 -55.55 19.02 15.28
C ASN J 333 -55.05 19.83 14.07
N ASP J 334 -54.44 20.99 14.35
CA ASP J 334 -53.97 21.94 13.34
C ASP J 334 -52.44 21.90 13.31
N LEU J 335 -51.88 21.26 12.28
CA LEU J 335 -50.43 21.08 12.19
C LEU J 335 -49.74 22.46 12.11
N LEU J 336 -50.25 23.34 11.26
CA LEU J 336 -49.67 24.67 11.09
C LEU J 336 -49.57 25.39 12.43
N ALA J 337 -50.63 25.29 13.25
CA ALA J 337 -50.69 25.98 14.54
C ALA J 337 -49.65 25.41 15.51
N VAL J 338 -49.42 24.08 15.44
CA VAL J 338 -48.43 23.44 16.30
C VAL J 338 -47.03 23.92 15.88
N MET J 339 -46.81 23.99 14.56
CA MET J 339 -45.55 24.47 14.01
C MET J 339 -45.26 25.88 14.53
N ILE J 340 -46.28 26.74 14.47
CA ILE J 340 -46.16 28.13 14.89
C ILE J 340 -45.91 28.18 16.39
N ALA J 341 -46.69 27.39 17.14
CA ALA J 341 -46.59 27.37 18.60
C ALA J 341 -45.15 27.07 19.00
N ASP J 342 -44.54 26.09 18.31
CA ASP J 342 -43.18 25.63 18.60
C ASP J 342 -42.18 26.74 18.27
N LYS J 343 -42.44 27.48 17.19
CA LYS J 343 -41.57 28.58 16.79
C LYS J 343 -41.59 29.71 17.83
N LEU J 344 -42.72 29.88 18.54
CA LEU J 344 -42.85 30.95 19.54
C LEU J 344 -42.33 30.49 20.92
N LEU J 345 -42.20 29.18 21.14
CA LEU J 345 -41.59 28.68 22.39
C LEU J 345 -40.06 28.75 22.29
N MET K 19 -29.47 8.22 12.28
CA MET K 19 -28.60 7.11 11.82
C MET K 19 -29.26 6.34 10.66
N LYS K 20 -28.59 6.34 9.50
CA LYS K 20 -29.09 5.72 8.30
C LYS K 20 -28.97 4.17 8.41
N LYS K 21 -29.79 3.49 7.59
CA LYS K 21 -29.81 2.05 7.50
C LYS K 21 -28.52 1.56 6.79
N VAL K 22 -28.22 2.16 5.64
CA VAL K 22 -27.13 1.71 4.78
C VAL K 22 -26.32 2.90 4.27
N SER K 23 -24.99 2.76 4.30
CA SER K 23 -24.09 3.60 3.53
C SER K 23 -23.54 2.80 2.37
N VAL K 24 -23.88 3.19 1.14
CA VAL K 24 -23.22 2.65 -0.03
C VAL K 24 -21.90 3.43 -0.21
N ILE K 25 -20.78 2.69 -0.19
CA ILE K 25 -19.46 3.26 -0.34
C ILE K 25 -18.92 2.86 -1.72
N MET K 26 -18.60 3.87 -2.54
CA MET K 26 -18.20 3.66 -3.92
C MET K 26 -16.96 4.49 -4.23
N PRO K 27 -15.77 3.87 -4.36
CA PRO K 27 -14.60 4.58 -4.84
C PRO K 27 -14.68 4.76 -6.36
N THR K 28 -14.20 5.90 -6.86
CA THR K 28 -14.18 6.21 -8.29
C THR K 28 -12.74 6.57 -8.72
N PHE K 29 -12.44 6.30 -9.99
CA PHE K 29 -11.19 6.69 -10.61
C PHE K 29 -11.31 6.64 -12.13
N ASN K 30 -11.36 7.82 -12.77
CA ASN K 30 -11.35 7.97 -14.23
C ASN K 30 -12.47 7.13 -14.86
N ASN K 31 -13.69 7.28 -14.35
CA ASN K 31 -14.82 6.49 -14.79
C ASN K 31 -15.53 7.19 -15.94
N GLY K 32 -15.58 8.52 -15.90
CA GLY K 32 -16.22 9.32 -16.93
C GLY K 32 -17.74 9.21 -16.90
N GLU K 33 -18.36 9.17 -18.08
CA GLU K 33 -19.81 9.22 -18.24
C GLU K 33 -20.43 7.86 -17.92
N LYS K 34 -19.60 6.84 -17.70
CA LYS K 34 -20.07 5.49 -17.33
C LYS K 34 -20.65 5.50 -15.91
N LEU K 35 -20.28 6.50 -15.10
CA LEU K 35 -20.61 6.59 -13.69
C LEU K 35 -22.10 6.93 -13.53
N HIS K 36 -22.66 7.65 -14.50
CA HIS K 36 -24.08 8.06 -14.47
C HIS K 36 -24.96 6.85 -14.20
N ARG K 37 -24.73 5.77 -14.96
CA ARG K 37 -25.53 4.55 -14.89
C ARG K 37 -25.47 4.00 -13.46
N THR K 38 -24.27 3.94 -12.89
CA THR K 38 -24.04 3.40 -11.56
C THR K 38 -24.77 4.25 -10.51
N ILE K 39 -24.48 5.55 -10.50
CA ILE K 39 -25.05 6.46 -9.52
C ILE K 39 -26.58 6.41 -9.62
N SER K 40 -27.10 6.45 -10.84
CA SER K 40 -28.55 6.38 -11.08
C SER K 40 -29.13 5.12 -10.42
N SER K 41 -28.42 4.00 -10.51
CA SER K 41 -28.90 2.73 -9.96
C SER K 41 -29.00 2.79 -8.42
N VAL K 42 -28.16 3.62 -7.80
CA VAL K 42 -28.16 3.79 -6.34
C VAL K 42 -29.26 4.75 -5.93
N LEU K 43 -29.44 5.84 -6.68
CA LEU K 43 -30.45 6.85 -6.35
C LEU K 43 -31.85 6.30 -6.60
N ASN K 44 -31.98 5.32 -7.51
CA ASN K 44 -33.27 4.76 -7.89
C ASN K 44 -33.49 3.42 -7.16
N GLN K 45 -33.51 3.48 -5.82
CA GLN K 45 -33.74 2.33 -4.95
C GLN K 45 -35.15 2.40 -4.36
N THR K 46 -35.74 1.23 -4.10
CA THR K 46 -37.06 1.12 -3.48
C THR K 46 -37.01 1.57 -2.00
N MET K 47 -35.81 1.56 -1.41
CA MET K 47 -35.61 2.05 -0.06
C MET K 47 -35.88 3.56 -0.02
N LYS K 48 -36.45 4.02 1.10
CA LYS K 48 -36.68 5.43 1.38
C LYS K 48 -35.34 6.16 1.25
N SER K 49 -35.29 7.18 0.41
CA SER K 49 -34.05 7.88 0.04
C SER K 49 -33.35 8.47 1.29
N THR K 50 -34.13 8.80 2.33
CA THR K 50 -33.58 9.37 3.56
C THR K 50 -33.00 8.28 4.48
N ASP K 51 -33.19 7.01 4.11
CA ASP K 51 -32.77 5.87 4.92
C ASP K 51 -31.37 5.38 4.51
N TYR K 52 -30.82 5.88 3.40
CA TYR K 52 -29.47 5.52 2.98
C TYR K 52 -28.73 6.73 2.41
N GLU K 53 -27.42 6.55 2.25
CA GLU K 53 -26.52 7.52 1.66
C GLU K 53 -25.58 6.82 0.69
N LEU K 54 -25.16 7.56 -0.35
CA LEU K 54 -24.11 7.15 -1.25
C LEU K 54 -22.88 8.01 -0.94
N ILE K 55 -21.83 7.37 -0.42
CA ILE K 55 -20.55 8.03 -0.20
C ILE K 55 -19.66 7.73 -1.40
N ILE K 56 -19.25 8.77 -2.12
CA ILE K 56 -18.37 8.64 -3.28
C ILE K 56 -16.98 9.15 -2.88
N ILE K 57 -15.96 8.31 -3.06
CA ILE K 57 -14.58 8.66 -2.76
C ILE K 57 -13.77 8.55 -4.05
N ASP K 58 -13.41 9.69 -4.65
CA ASP K 58 -12.63 9.70 -5.87
C ASP K 58 -11.15 9.57 -5.52
N ASP K 59 -10.47 8.63 -6.17
CA ASP K 59 -9.07 8.34 -5.92
C ASP K 59 -8.20 9.21 -6.83
N HIS K 60 -8.42 10.53 -6.75
CA HIS K 60 -7.70 11.54 -7.49
C HIS K 60 -7.66 11.23 -8.99
N SER K 61 -8.84 11.23 -9.63
CA SER K 61 -8.98 11.06 -11.08
C SER K 61 -8.13 12.12 -11.78
N ASN K 62 -7.63 11.81 -12.98
CA ASN K 62 -6.83 12.72 -13.78
C ASN K 62 -7.34 12.75 -15.23
N ASP K 63 -8.68 12.68 -15.40
CA ASP K 63 -9.28 12.47 -16.74
C ASP K 63 -9.86 13.80 -17.26
N ASN K 64 -9.10 14.88 -17.09
CA ASN K 64 -9.49 16.21 -17.53
C ASN K 64 -10.86 16.56 -16.93
N GLY K 65 -11.03 16.22 -15.64
CA GLY K 65 -12.20 16.60 -14.85
C GLY K 65 -13.49 15.91 -15.27
N GLU K 66 -13.42 14.86 -16.09
CA GLU K 66 -14.62 14.20 -16.66
C GLU K 66 -15.41 13.51 -15.54
N THR K 67 -14.72 12.69 -14.75
CA THR K 67 -15.30 11.95 -13.62
C THR K 67 -15.86 12.94 -12.59
N LEU K 68 -15.06 13.93 -12.22
CA LEU K 68 -15.48 14.93 -11.23
C LEU K 68 -16.72 15.67 -11.73
N ASN K 69 -16.83 15.88 -13.04
CA ASN K 69 -17.97 16.60 -13.66
C ASN K 69 -19.25 15.78 -13.52
N VAL K 70 -19.14 14.45 -13.63
CA VAL K 70 -20.29 13.56 -13.49
C VAL K 70 -20.76 13.58 -12.03
N ILE K 71 -19.80 13.60 -11.10
CA ILE K 71 -20.11 13.52 -9.67
C ILE K 71 -20.77 14.84 -9.23
N LYS K 72 -20.31 15.97 -9.80
CA LYS K 72 -20.79 17.31 -9.44
C LYS K 72 -22.30 17.44 -9.74
N LYS K 73 -22.80 16.69 -10.74
CA LYS K 73 -24.19 16.74 -11.15
C LYS K 73 -25.11 16.23 -10.04
N TYR K 74 -24.56 15.46 -9.08
CA TYR K 74 -25.36 14.91 -7.98
C TYR K 74 -24.98 15.56 -6.64
N LYS K 75 -24.31 16.72 -6.66
CA LYS K 75 -23.96 17.42 -5.41
C LYS K 75 -25.25 17.66 -4.64
N GLY K 76 -25.26 17.30 -3.35
CA GLY K 76 -26.43 17.42 -2.49
C GLY K 76 -27.19 16.11 -2.33
N LEU K 77 -27.02 15.18 -3.27
CA LEU K 77 -27.67 13.88 -3.22
C LEU K 77 -26.69 12.76 -2.80
N VAL K 78 -25.40 13.10 -2.68
CA VAL K 78 -24.36 12.19 -2.29
C VAL K 78 -23.37 12.93 -1.38
N ARG K 79 -22.71 12.18 -0.51
CA ARG K 79 -21.54 12.68 0.20
C ARG K 79 -20.33 12.36 -0.67
N PHE K 80 -19.33 13.25 -0.65
CA PHE K 80 -18.20 13.12 -1.56
C PHE K 80 -16.90 13.63 -0.91
N LYS K 81 -15.82 12.90 -1.11
CA LYS K 81 -14.46 13.30 -0.70
C LYS K 81 -13.52 12.93 -1.86
N GLN K 82 -12.53 13.79 -2.14
CA GLN K 82 -11.49 13.51 -3.12
C GLN K 82 -10.14 13.33 -2.41
N LEU K 83 -9.43 12.26 -2.75
CA LEU K 83 -8.10 12.03 -2.22
C LEU K 83 -7.10 12.92 -2.97
N LYS K 84 -6.04 13.32 -2.28
CA LYS K 84 -5.05 14.27 -2.80
C LYS K 84 -4.17 13.56 -3.84
N LYS K 85 -3.80 12.30 -3.60
CA LYS K 85 -2.98 11.47 -4.51
C LYS K 85 -3.74 10.16 -4.78
N ASN K 86 -3.59 9.60 -5.99
CA ASN K 86 -4.22 8.32 -6.37
C ASN K 86 -3.53 7.18 -5.61
N SER K 87 -4.33 6.39 -4.86
CA SER K 87 -3.83 5.33 -4.00
C SER K 87 -3.47 4.09 -4.83
N GLY K 88 -4.11 3.92 -6.00
CA GLY K 88 -3.77 2.83 -6.93
C GLY K 88 -4.76 1.67 -6.93
N ASN K 89 -5.37 1.39 -5.78
CA ASN K 89 -6.44 0.40 -5.63
C ASN K 89 -7.60 1.05 -4.88
N ALA K 90 -8.58 0.24 -4.45
CA ALA K 90 -9.81 0.70 -3.81
C ALA K 90 -9.70 0.67 -2.28
N SER K 91 -8.56 0.21 -1.75
CA SER K 91 -8.40 0.03 -0.30
C SER K 91 -8.54 1.37 0.42
N VAL K 92 -7.66 2.35 0.12
CA VAL K 92 -7.65 3.63 0.84
C VAL K 92 -9.02 4.31 0.68
N PRO K 93 -9.55 4.45 -0.56
CA PRO K 93 -10.88 5.02 -0.76
C PRO K 93 -11.98 4.37 0.09
N ARG K 94 -12.00 3.03 0.12
CA ARG K 94 -13.04 2.30 0.86
C ARG K 94 -12.86 2.54 2.37
N ASN K 95 -11.61 2.61 2.82
CA ASN K 95 -11.29 2.87 4.22
C ASN K 95 -11.80 4.27 4.61
N THR K 96 -11.68 5.22 3.67
CA THR K 96 -12.11 6.59 3.89
C THR K 96 -13.64 6.62 4.03
N GLY K 97 -14.33 5.89 3.14
CA GLY K 97 -15.78 5.74 3.18
C GLY K 97 -16.26 5.18 4.51
N LEU K 98 -15.52 4.20 5.05
CA LEU K 98 -15.89 3.54 6.32
C LEU K 98 -15.80 4.53 7.48
N LYS K 99 -14.77 5.39 7.48
CA LYS K 99 -14.59 6.40 8.53
C LYS K 99 -15.74 7.42 8.44
N MET K 100 -16.30 7.61 7.24
CA MET K 100 -17.32 8.62 6.99
C MET K 100 -18.73 8.08 7.33
N SER K 101 -18.91 6.76 7.33
CA SER K 101 -20.23 6.15 7.53
C SER K 101 -20.50 5.96 9.03
N LYS K 102 -21.73 6.31 9.46
CA LYS K 102 -22.23 6.04 10.80
C LYS K 102 -23.54 5.24 10.69
N ALA K 103 -23.72 4.52 9.57
CA ALA K 103 -24.94 3.75 9.30
C ALA K 103 -24.89 2.38 10.01
N GLU K 104 -26.00 1.64 9.94
CA GLU K 104 -26.13 0.32 10.56
C GLU K 104 -25.33 -0.71 9.74
N TYR K 105 -25.53 -0.67 8.42
CA TYR K 105 -24.81 -1.48 7.47
C TYR K 105 -24.10 -0.60 6.43
N VAL K 106 -23.01 -1.12 5.86
CA VAL K 106 -22.37 -0.54 4.68
C VAL K 106 -22.49 -1.53 3.52
N PHE K 107 -22.48 -1.00 2.30
CA PHE K 107 -22.50 -1.80 1.11
C PHE K 107 -21.45 -1.23 0.15
N PHE K 108 -20.44 -2.04 -0.17
CA PHE K 108 -19.39 -1.63 -1.09
C PHE K 108 -19.86 -1.86 -2.53
N LEU K 109 -19.76 -0.82 -3.35
CA LEU K 109 -20.18 -0.83 -4.73
C LEU K 109 -19.00 -0.32 -5.57
N ASP K 110 -18.64 -1.07 -6.62
CA ASP K 110 -17.61 -0.63 -7.56
C ASP K 110 -18.26 0.32 -8.57
N SER K 111 -17.44 1.20 -9.15
CA SER K 111 -17.89 2.38 -9.86
C SER K 111 -18.52 2.01 -11.22
N ASP K 112 -18.20 0.86 -11.79
CA ASP K 112 -18.75 0.54 -13.11
C ASP K 112 -20.00 -0.37 -12.98
N ASP K 113 -20.29 -0.84 -11.76
CA ASP K 113 -21.29 -1.88 -11.51
C ASP K 113 -22.67 -1.22 -11.30
N LEU K 114 -23.73 -2.03 -11.14
CA LEU K 114 -25.12 -1.55 -10.97
C LEU K 114 -25.79 -2.27 -9.78
N LEU K 115 -26.67 -1.55 -9.08
CA LEU K 115 -27.56 -2.16 -8.10
C LEU K 115 -28.96 -2.31 -8.71
N HIS K 116 -29.62 -3.41 -8.37
CA HIS K 116 -31.03 -3.62 -8.66
C HIS K 116 -31.86 -2.64 -7.83
N GLU K 117 -33.02 -2.25 -8.36
CA GLU K 117 -33.92 -1.26 -7.73
C GLU K 117 -34.22 -1.66 -6.27
N ARG K 118 -34.45 -2.95 -6.05
CA ARG K 118 -34.77 -3.45 -4.68
C ARG K 118 -33.58 -4.24 -4.12
N ALA K 119 -32.43 -3.58 -3.99
CA ALA K 119 -31.23 -4.24 -3.48
C ALA K 119 -31.06 -3.86 -2.00
N LEU K 120 -30.99 -2.57 -1.71
CA LEU K 120 -30.80 -2.10 -0.35
C LEU K 120 -31.99 -2.53 0.52
N GLU K 121 -33.22 -2.31 0.04
CA GLU K 121 -34.42 -2.64 0.81
C GLU K 121 -34.43 -4.14 1.16
N ASP K 122 -34.34 -4.99 0.14
CA ASP K 122 -34.50 -6.44 0.31
C ASP K 122 -33.36 -7.00 1.17
N LEU K 123 -32.13 -6.54 0.94
CA LEU K 123 -30.97 -7.07 1.66
C LEU K 123 -31.01 -6.58 3.12
N TYR K 124 -31.35 -5.31 3.33
CA TYR K 124 -31.41 -4.75 4.69
C TYR K 124 -32.52 -5.45 5.50
N ASN K 125 -33.69 -5.64 4.88
CA ASN K 125 -34.84 -6.26 5.54
C ASN K 125 -34.52 -7.69 5.94
N TYR K 126 -33.94 -8.45 5.00
CA TYR K 126 -33.56 -9.84 5.26
C TYR K 126 -32.55 -9.88 6.40
N GLY K 127 -31.60 -8.94 6.36
CA GLY K 127 -30.54 -8.86 7.35
C GLY K 127 -31.08 -8.56 8.73
N LYS K 128 -31.99 -7.60 8.80
CA LYS K 128 -32.56 -7.10 10.06
C LYS K 128 -33.43 -8.21 10.67
N GLU K 129 -34.16 -8.94 9.82
CA GLU K 129 -35.10 -9.96 10.28
C GLU K 129 -34.37 -11.23 10.71
N ASN K 130 -33.09 -11.38 10.33
CA ASN K 130 -32.31 -12.56 10.68
C ASN K 130 -31.06 -12.16 11.51
N ASN K 131 -31.01 -10.92 11.99
CA ASN K 131 -29.92 -10.40 12.81
C ASN K 131 -28.58 -10.69 12.13
N SER K 132 -28.53 -10.47 10.82
CA SER K 132 -27.39 -10.81 9.96
C SER K 132 -26.27 -9.78 10.13
N ASP K 133 -25.04 -10.31 10.26
CA ASP K 133 -23.82 -9.52 10.27
C ASP K 133 -23.39 -9.26 8.82
N LEU K 134 -23.79 -10.16 7.92
CA LEU K 134 -23.43 -10.11 6.51
C LEU K 134 -24.61 -10.60 5.67
N ILE K 135 -24.97 -9.84 4.63
CA ILE K 135 -25.98 -10.28 3.67
C ILE K 135 -25.37 -10.23 2.27
N ILE K 136 -25.50 -11.35 1.54
CA ILE K 136 -24.94 -11.51 0.21
C ILE K 136 -26.09 -11.62 -0.80
N GLY K 137 -26.17 -10.63 -1.69
CA GLY K 137 -27.16 -10.65 -2.76
C GLY K 137 -26.60 -11.34 -3.99
N LYS K 138 -27.45 -12.09 -4.69
CA LYS K 138 -27.07 -12.82 -5.89
C LYS K 138 -26.46 -11.85 -6.91
N TYR K 139 -25.33 -12.26 -7.51
CA TYR K 139 -24.63 -11.45 -8.49
C TYR K 139 -25.14 -11.79 -9.89
N GLY K 140 -25.23 -10.76 -10.73
CA GLY K 140 -25.37 -10.91 -12.15
C GLY K 140 -24.20 -10.28 -12.86
N VAL K 141 -24.21 -10.41 -14.18
CA VAL K 141 -23.07 -10.03 -15.00
C VAL K 141 -23.59 -9.53 -16.34
N GLU K 142 -22.83 -8.62 -16.95
CA GLU K 142 -23.26 -8.00 -18.25
C GLU K 142 -22.48 -8.45 -19.51
N GLY K 143 -21.19 -8.08 -19.65
CA GLY K 143 -20.39 -8.49 -20.79
C GLY K 143 -19.55 -9.75 -20.54
N LYS K 144 -18.75 -10.12 -21.53
CA LYS K 144 -17.76 -11.19 -21.41
C LYS K 144 -16.60 -10.65 -20.55
N GLY K 145 -15.99 -11.54 -19.77
CA GLY K 145 -14.87 -11.18 -18.91
C GLY K 145 -14.88 -11.98 -17.62
N ARG K 146 -14.59 -11.30 -16.50
CA ARG K 146 -14.66 -11.90 -15.16
C ARG K 146 -16.06 -12.51 -14.95
N SER K 147 -16.09 -13.75 -14.45
CA SER K 147 -17.34 -14.43 -14.09
C SER K 147 -17.62 -14.16 -12.60
N VAL K 148 -18.84 -14.50 -12.16
CA VAL K 148 -19.26 -14.24 -10.79
C VAL K 148 -19.57 -15.58 -10.10
N PRO K 149 -19.54 -15.63 -8.75
CA PRO K 149 -19.92 -16.83 -8.01
C PRO K 149 -21.34 -17.29 -8.36
N LYS K 150 -21.54 -18.61 -8.36
CA LYS K 150 -22.80 -19.25 -8.72
C LYS K 150 -23.24 -20.22 -7.60
N ALA K 151 -22.30 -21.01 -7.08
CA ALA K 151 -22.63 -22.10 -6.14
C ALA K 151 -23.30 -21.58 -4.86
N ILE K 152 -22.80 -20.45 -4.33
CA ILE K 152 -23.32 -19.84 -3.12
C ILE K 152 -24.83 -19.58 -3.23
N PHE K 153 -25.34 -19.36 -4.45
CA PHE K 153 -26.74 -18.97 -4.65
C PHE K 153 -27.62 -20.11 -5.14
N GLU K 154 -27.10 -21.34 -5.14
CA GLU K 154 -27.78 -22.48 -5.80
C GLU K 154 -28.86 -23.08 -4.90
N LYS K 155 -28.92 -22.68 -3.62
CA LYS K 155 -29.85 -23.24 -2.66
C LYS K 155 -30.97 -22.24 -2.34
N GLY K 156 -31.04 -21.16 -3.13
CA GLY K 156 -31.98 -20.08 -2.85
C GLY K 156 -31.59 -19.32 -1.59
N ASN K 157 -32.59 -18.74 -0.92
CA ASN K 157 -32.35 -17.89 0.23
C ASN K 157 -31.96 -18.74 1.43
N VAL K 158 -30.97 -18.25 2.18
CA VAL K 158 -30.44 -18.89 3.37
C VAL K 158 -30.33 -17.83 4.48
N ALA K 159 -31.07 -18.02 5.56
CA ALA K 159 -31.16 -17.04 6.66
C ALA K 159 -29.90 -17.10 7.54
N LYS K 160 -29.48 -18.33 7.88
CA LYS K 160 -28.26 -18.59 8.65
C LYS K 160 -27.33 -19.49 7.83
N ALA K 161 -26.52 -18.87 6.99
CA ALA K 161 -25.61 -19.58 6.06
C ALA K 161 -24.34 -19.99 6.80
N ASP K 162 -23.67 -20.99 6.25
CA ASP K 162 -22.45 -21.60 6.78
C ASP K 162 -21.37 -21.45 5.71
N ILE K 163 -20.15 -21.12 6.14
CA ILE K 163 -19.05 -20.81 5.22
C ILE K 163 -18.82 -22.00 4.28
N ILE K 164 -18.65 -23.21 4.85
CA ILE K 164 -18.27 -24.35 4.03
C ILE K 164 -19.47 -24.82 3.21
N ASP K 165 -20.60 -25.07 3.88
CA ASP K 165 -21.78 -25.66 3.22
C ASP K 165 -22.39 -24.73 2.16
N ASN K 166 -22.15 -23.40 2.26
CA ASN K 166 -22.76 -22.43 1.33
C ASN K 166 -21.70 -21.77 0.43
N SER K 167 -20.51 -22.32 0.38
CA SER K 167 -19.49 -21.96 -0.61
C SER K 167 -19.10 -20.49 -0.51
N ILE K 168 -19.01 -19.96 0.70
CA ILE K 168 -18.75 -18.54 0.90
C ILE K 168 -17.26 -18.25 0.63
N PHE K 169 -16.36 -19.23 0.78
CA PHE K 169 -14.95 -19.01 0.45
C PHE K 169 -14.74 -18.87 -1.06
N TYR K 170 -15.78 -19.20 -1.85
CA TYR K 170 -15.77 -19.01 -3.28
C TYR K 170 -16.50 -17.71 -3.68
N ALA K 171 -16.78 -16.83 -2.70
CA ALA K 171 -17.47 -15.56 -2.95
C ALA K 171 -17.02 -14.50 -1.95
N LEU K 172 -15.72 -14.16 -1.98
CA LEU K 172 -15.10 -13.36 -0.92
C LEU K 172 -14.95 -11.88 -1.35
N SER K 173 -15.65 -11.44 -2.40
CA SER K 173 -15.68 -10.01 -2.74
C SER K 173 -16.32 -9.24 -1.59
N VAL K 174 -16.09 -7.93 -1.55
CA VAL K 174 -16.73 -7.10 -0.52
C VAL K 174 -17.99 -6.45 -1.10
N LEU K 175 -18.50 -6.97 -2.22
CA LEU K 175 -19.68 -6.41 -2.86
C LEU K 175 -20.93 -7.00 -2.19
N LYS K 176 -21.06 -6.69 -0.90
CA LYS K 176 -22.06 -7.27 -0.01
C LYS K 176 -22.43 -6.22 1.05
N MET K 177 -23.44 -6.54 1.87
CA MET K 177 -23.89 -5.68 2.96
C MET K 177 -23.29 -6.18 4.28
N PHE K 178 -22.49 -5.34 4.93
CA PHE K 178 -21.78 -5.66 6.16
C PHE K 178 -22.29 -4.80 7.33
N LYS K 179 -22.48 -5.41 8.51
CA LYS K 179 -22.86 -4.70 9.73
C LYS K 179 -21.67 -3.86 10.22
N LYS K 180 -21.87 -2.55 10.30
CA LYS K 180 -20.78 -1.59 10.57
C LYS K 180 -20.20 -1.84 11.97
N SER K 181 -21.04 -2.24 12.92
CA SER K 181 -20.60 -2.42 14.31
C SER K 181 -19.48 -3.48 14.39
N VAL K 182 -19.59 -4.52 13.56
CA VAL K 182 -18.62 -5.60 13.53
C VAL K 182 -17.28 -5.03 13.04
N ILE K 183 -17.35 -4.22 11.98
CA ILE K 183 -16.19 -3.56 11.39
C ILE K 183 -15.56 -2.62 12.43
N ASP K 184 -16.40 -1.87 13.14
CA ASP K 184 -15.97 -0.87 14.11
C ASP K 184 -15.36 -1.55 15.34
N LYS K 185 -16.10 -2.50 15.93
CA LYS K 185 -15.67 -3.16 17.18
C LYS K 185 -14.32 -3.88 16.95
N ASN K 186 -14.13 -4.46 15.76
CA ASN K 186 -12.96 -5.29 15.48
C ASN K 186 -11.91 -4.50 14.68
N LYS K 187 -12.15 -3.22 14.41
CA LYS K 187 -11.18 -2.33 13.75
C LYS K 187 -10.70 -2.97 12.42
N ILE K 188 -11.67 -3.38 11.59
CA ILE K 188 -11.39 -4.01 10.30
C ILE K 188 -11.22 -2.94 9.24
N LYS K 189 -10.02 -2.86 8.65
CA LYS K 189 -9.67 -1.95 7.59
C LYS K 189 -9.16 -2.77 6.40
N PHE K 190 -9.27 -2.20 5.20
CA PHE K 190 -8.63 -2.80 4.03
C PHE K 190 -7.12 -2.56 4.17
N LYS K 191 -6.31 -3.60 3.98
CA LYS K 191 -4.86 -3.45 3.99
C LYS K 191 -4.43 -2.96 2.61
N THR K 192 -3.22 -2.39 2.53
CA THR K 192 -2.74 -1.72 1.32
C THR K 192 -1.32 -2.21 0.95
N PHE K 193 -0.85 -3.32 1.55
CA PHE K 193 0.50 -3.80 1.26
C PHE K 193 0.48 -4.63 -0.03
N SER K 194 -0.71 -4.97 -0.52
CA SER K 194 -0.85 -5.76 -1.75
C SER K 194 -1.86 -5.10 -2.70
N LYS K 195 -1.68 -5.38 -4.00
CA LYS K 195 -2.54 -4.89 -5.08
C LYS K 195 -3.74 -5.84 -5.26
N THR K 196 -3.58 -7.10 -4.81
CA THR K 196 -4.60 -8.12 -4.98
C THR K 196 -4.92 -8.81 -3.65
N ALA K 197 -6.11 -9.42 -3.61
CA ALA K 197 -6.59 -10.29 -2.53
C ALA K 197 -6.83 -9.50 -1.23
N GLU K 198 -6.92 -8.17 -1.30
CA GLU K 198 -7.11 -7.35 -0.12
C GLU K 198 -8.59 -7.38 0.29
N ASP K 199 -9.46 -7.57 -0.71
CA ASP K 199 -10.90 -7.66 -0.52
C ASP K 199 -11.23 -9.01 0.12
N GLN K 200 -10.52 -10.06 -0.30
CA GLN K 200 -10.65 -11.38 0.28
C GLN K 200 -10.32 -11.33 1.78
N LEU K 201 -9.18 -10.70 2.09
CA LEU K 201 -8.72 -10.64 3.47
C LEU K 201 -9.75 -9.90 4.32
N PHE K 202 -10.38 -8.87 3.74
CA PHE K 202 -11.36 -8.08 4.45
C PHE K 202 -12.56 -8.95 4.81
N THR K 203 -13.12 -9.63 3.80
CA THR K 203 -14.27 -10.49 3.98
C THR K 203 -13.95 -11.63 4.97
N ILE K 204 -12.74 -12.21 4.85
CA ILE K 204 -12.33 -13.29 5.73
C ILE K 204 -12.24 -12.75 7.17
N GLU K 205 -11.62 -11.59 7.36
CA GLU K 205 -11.51 -10.98 8.69
C GLU K 205 -12.91 -10.77 9.27
N PHE K 206 -13.86 -10.36 8.42
CA PHE K 206 -15.22 -10.10 8.85
C PHE K 206 -15.91 -11.42 9.23
N LEU K 207 -15.80 -12.43 8.36
CA LEU K 207 -16.44 -13.73 8.56
C LEU K 207 -15.94 -14.37 9.86
N MET K 208 -14.64 -14.21 10.14
CA MET K 208 -14.01 -14.82 11.32
C MET K 208 -14.32 -14.03 12.60
N ASN K 209 -15.00 -12.89 12.47
CA ASN K 209 -15.38 -12.08 13.63
C ASN K 209 -16.90 -11.88 13.72
N SER K 210 -17.66 -12.77 13.09
CA SER K 210 -19.14 -12.70 13.08
C SER K 210 -19.71 -14.11 12.85
N LYS K 211 -21.00 -14.29 13.12
CA LYS K 211 -21.63 -15.62 13.08
C LYS K 211 -22.78 -15.68 12.07
N ASN K 212 -23.52 -14.57 11.92
CA ASN K 212 -24.78 -14.58 11.19
C ASN K 212 -24.57 -14.05 9.76
N TYR K 213 -24.68 -14.95 8.79
CA TYR K 213 -24.56 -14.61 7.38
C TYR K 213 -25.83 -15.08 6.67
N SER K 214 -26.36 -14.24 5.80
CA SER K 214 -27.57 -14.58 5.09
C SER K 214 -27.32 -14.37 3.58
N ILE K 215 -28.03 -15.17 2.78
CA ILE K 215 -27.91 -15.16 1.33
C ILE K 215 -29.31 -14.94 0.74
N LYS K 216 -29.44 -13.93 -0.12
CA LYS K 216 -30.71 -13.55 -0.75
C LYS K 216 -30.55 -13.63 -2.27
N THR K 217 -31.49 -14.30 -2.95
CA THR K 217 -31.32 -14.69 -4.35
C THR K 217 -32.57 -14.39 -5.21
N ASP K 218 -33.51 -13.57 -4.71
CA ASP K 218 -34.77 -13.33 -5.42
C ASP K 218 -34.51 -12.64 -6.76
N TYR K 219 -33.54 -11.72 -6.79
CA TYR K 219 -33.11 -11.00 -7.98
C TYR K 219 -31.58 -11.06 -8.10
N GLU K 220 -31.06 -10.71 -9.27
CA GLU K 220 -29.66 -10.38 -9.42
C GLU K 220 -29.46 -8.97 -8.86
N TYR K 221 -29.20 -8.89 -7.55
CA TYR K 221 -29.20 -7.64 -6.81
C TYR K 221 -28.01 -6.75 -7.19
N TYR K 222 -26.86 -7.37 -7.44
CA TYR K 222 -25.64 -6.66 -7.85
C TYR K 222 -25.21 -7.18 -9.22
N ILE K 223 -25.05 -6.26 -10.17
CA ILE K 223 -24.63 -6.61 -11.53
C ILE K 223 -23.19 -6.14 -11.72
N VAL K 224 -22.26 -7.09 -11.86
CA VAL K 224 -20.89 -6.82 -12.25
C VAL K 224 -20.89 -6.51 -13.75
N VAL K 225 -20.39 -5.32 -14.11
CA VAL K 225 -20.28 -4.88 -15.49
C VAL K 225 -18.81 -5.00 -15.94
N ASN K 226 -18.58 -5.78 -17.01
CA ASN K 226 -17.29 -5.93 -17.67
C ASN K 226 -17.13 -4.87 -18.78
N ASP K 227 -15.94 -4.27 -18.87
CA ASP K 227 -15.59 -3.23 -19.83
C ASP K 227 -14.76 -3.78 -21.03
N PHE K 228 -14.42 -2.88 -21.95
CA PHE K 228 -13.58 -3.20 -23.10
C PHE K 228 -12.93 -1.92 -23.59
N LYS K 238 4.25 -8.96 -14.02
CA LYS K 238 5.01 -10.04 -13.41
C LYS K 238 5.37 -9.66 -11.96
N SER K 239 4.58 -10.19 -11.00
CA SER K 239 4.87 -10.14 -9.56
C SER K 239 5.75 -11.33 -9.17
N THR K 240 6.55 -11.14 -8.11
CA THR K 240 7.32 -12.20 -7.43
C THR K 240 6.50 -12.81 -6.29
N GLY K 241 5.43 -12.12 -5.88
CA GLY K 241 4.40 -12.65 -4.97
C GLY K 241 4.68 -12.35 -3.52
N ASN K 242 5.70 -11.54 -3.24
CA ASN K 242 6.07 -11.19 -1.86
C ASN K 242 4.84 -10.60 -1.16
N GLN K 243 4.15 -9.66 -1.82
CA GLN K 243 3.03 -8.92 -1.25
C GLN K 243 1.77 -9.80 -1.28
N TYR K 244 1.58 -10.55 -2.37
CA TYR K 244 0.40 -11.40 -2.52
C TYR K 244 0.35 -12.45 -1.42
N PHE K 245 1.47 -13.15 -1.18
CA PHE K 245 1.48 -14.25 -0.23
C PHE K 245 1.49 -13.72 1.21
N ALA K 246 1.91 -12.46 1.40
CA ALA K 246 1.77 -11.81 2.70
C ALA K 246 0.28 -11.66 3.04
N THR K 247 -0.55 -11.42 2.02
CA THR K 247 -1.98 -11.27 2.20
C THR K 247 -2.62 -12.64 2.46
N ILE K 248 -2.17 -13.67 1.72
CA ILE K 248 -2.67 -15.02 1.91
C ILE K 248 -2.34 -15.47 3.34
N ASN K 249 -1.14 -15.10 3.80
CA ASN K 249 -0.70 -15.42 5.13
C ASN K 249 -1.66 -14.79 6.14
N GLU K 250 -2.10 -13.56 5.89
CA GLU K 250 -3.03 -12.85 6.78
C GLU K 250 -4.38 -13.57 6.83
N ILE K 251 -4.79 -14.18 5.71
CA ILE K 251 -6.06 -14.90 5.66
C ILE K 251 -5.99 -16.12 6.58
N TYR K 252 -4.90 -16.88 6.50
CA TYR K 252 -4.74 -18.05 7.37
C TYR K 252 -4.63 -17.59 8.82
N LYS K 253 -3.90 -16.50 9.09
CA LYS K 253 -3.77 -15.93 10.44
C LYS K 253 -5.18 -15.58 10.99
N ALA K 254 -6.05 -15.06 10.13
CA ALA K 254 -7.38 -14.62 10.55
C ALA K 254 -8.21 -15.83 10.99
N ILE K 255 -8.09 -16.93 10.24
CA ILE K 255 -8.82 -18.15 10.51
C ILE K 255 -8.34 -18.71 11.85
N TYR K 256 -7.02 -18.78 12.04
CA TYR K 256 -6.45 -19.48 13.18
C TYR K 256 -6.50 -18.61 14.44
N LYS K 257 -6.85 -17.32 14.33
CA LYS K 257 -7.02 -16.44 15.51
C LYS K 257 -8.51 -16.10 15.70
N SER K 258 -9.40 -16.77 14.98
CA SER K 258 -10.82 -16.44 14.99
C SER K 258 -11.39 -16.61 16.39
N PRO K 259 -12.00 -15.55 16.98
CA PRO K 259 -12.70 -15.68 18.24
C PRO K 259 -14.09 -16.32 18.13
N ILE K 260 -14.59 -16.48 16.90
CA ILE K 260 -15.87 -17.14 16.63
C ILE K 260 -15.62 -18.65 16.44
N TYR K 261 -14.70 -19.00 15.54
CA TYR K 261 -14.34 -20.38 15.27
C TYR K 261 -13.12 -20.75 16.11
N LYS K 262 -13.38 -21.10 17.38
CA LYS K 262 -12.32 -21.24 18.39
C LYS K 262 -11.76 -22.66 18.35
N ASN K 263 -12.56 -23.63 17.91
CA ASN K 263 -12.14 -25.04 17.92
C ASN K 263 -11.06 -25.26 16.87
N GLN K 264 -9.93 -25.81 17.30
CA GLN K 264 -8.75 -25.96 16.46
C GLN K 264 -9.07 -26.87 15.26
N GLU K 265 -9.91 -27.89 15.44
CA GLU K 265 -10.23 -28.77 14.32
C GLU K 265 -11.08 -28.02 13.30
N LYS K 266 -11.93 -27.09 13.77
CA LYS K 266 -12.76 -26.31 12.89
C LYS K 266 -11.88 -25.37 12.06
N ARG K 267 -10.85 -24.81 12.71
CA ARG K 267 -9.89 -23.96 12.06
C ARG K 267 -9.15 -24.73 10.95
N HIS K 268 -8.74 -25.97 11.25
CA HIS K 268 -8.09 -26.81 10.27
C HIS K 268 -9.01 -27.00 9.04
N GLN K 269 -10.31 -27.16 9.28
CA GLN K 269 -11.27 -27.45 8.23
C GLN K 269 -11.45 -26.21 7.35
N LEU K 270 -11.54 -25.04 7.99
CA LEU K 270 -11.68 -23.78 7.29
C LEU K 270 -10.41 -23.51 6.47
N ALA K 271 -9.24 -23.69 7.12
CA ALA K 271 -7.97 -23.48 6.47
C ALA K 271 -7.84 -24.39 5.26
N GLY K 272 -8.24 -25.65 5.42
CA GLY K 272 -8.15 -26.63 4.34
C GLY K 272 -9.03 -26.25 3.16
N LYS K 273 -10.22 -25.71 3.49
CA LYS K 273 -11.16 -25.34 2.46
C LYS K 273 -10.64 -24.10 1.73
N TYR K 274 -10.00 -23.18 2.46
CA TYR K 274 -9.43 -22.00 1.80
C TYR K 274 -8.29 -22.43 0.89
N THR K 275 -7.43 -23.35 1.35
CA THR K 275 -6.35 -23.90 0.55
C THR K 275 -6.90 -24.46 -0.76
N THR K 276 -8.03 -25.17 -0.68
CA THR K 276 -8.68 -25.73 -1.86
C THR K 276 -9.07 -24.60 -2.82
N ARG K 277 -9.68 -23.54 -2.30
CA ARG K 277 -10.12 -22.39 -3.14
C ARG K 277 -8.90 -21.72 -3.77
N LEU K 278 -7.81 -21.64 -3.02
CA LEU K 278 -6.57 -21.00 -3.47
C LEU K 278 -5.98 -21.81 -4.64
N LEU K 279 -6.04 -23.14 -4.55
CA LEU K 279 -5.49 -24.00 -5.59
C LEU K 279 -6.42 -24.05 -6.81
N ARG K 280 -7.72 -23.76 -6.59
CA ARG K 280 -8.72 -23.79 -7.66
C ARG K 280 -8.79 -22.44 -8.40
N HIS K 281 -8.56 -21.33 -7.71
CA HIS K 281 -8.85 -20.00 -8.26
C HIS K 281 -7.77 -18.97 -7.93
N GLY K 282 -6.65 -19.38 -7.33
CA GLY K 282 -5.64 -18.44 -6.91
C GLY K 282 -4.98 -17.73 -8.08
N GLN K 283 -4.34 -16.60 -7.78
CA GLN K 283 -3.52 -15.86 -8.72
C GLN K 283 -2.38 -16.77 -9.20
N LYS K 284 -2.17 -16.79 -10.52
CA LYS K 284 -1.08 -17.52 -11.17
C LYS K 284 -1.09 -18.98 -10.70
N LYS K 285 -2.26 -19.61 -10.74
CA LYS K 285 -2.39 -20.96 -10.21
C LYS K 285 -1.53 -21.92 -11.04
N ASN K 286 -1.34 -21.62 -12.33
CA ASN K 286 -0.62 -22.50 -13.23
C ASN K 286 0.76 -21.92 -13.58
N PHE K 287 1.38 -21.27 -12.60
CA PHE K 287 2.66 -20.59 -12.81
C PHE K 287 3.75 -21.60 -13.20
N ALA K 288 3.64 -22.84 -12.73
CA ALA K 288 4.76 -23.78 -12.76
C ALA K 288 5.11 -24.16 -14.20
N ASN K 289 4.09 -24.34 -15.06
CA ASN K 289 4.31 -24.74 -16.44
C ASN K 289 4.21 -23.53 -17.39
N SER K 290 4.28 -22.31 -16.85
CA SER K 290 4.03 -21.09 -17.62
C SER K 290 5.33 -20.60 -18.25
N LYS K 291 5.24 -19.52 -19.02
CA LYS K 291 6.40 -18.93 -19.75
C LYS K 291 7.16 -17.96 -18.83
N MET K 292 6.74 -17.90 -17.57
CA MET K 292 7.42 -17.16 -16.52
C MET K 292 8.91 -17.54 -16.49
N LYS K 293 9.76 -16.53 -16.24
CA LYS K 293 11.20 -16.72 -16.10
C LYS K 293 11.47 -17.67 -14.92
N TYR K 294 12.48 -18.52 -15.06
CA TYR K 294 12.75 -19.54 -14.05
C TYR K 294 12.98 -18.89 -12.68
N GLU K 295 13.77 -17.82 -12.64
CA GLU K 295 14.13 -17.17 -11.37
C GLU K 295 12.86 -16.64 -10.69
N ASP K 296 11.89 -16.19 -11.49
CA ASP K 296 10.62 -15.70 -10.98
C ASP K 296 9.78 -16.84 -10.42
N LYS K 297 9.76 -17.99 -11.12
CA LYS K 297 9.06 -19.18 -10.66
C LYS K 297 9.58 -19.60 -9.29
N ILE K 298 10.90 -19.61 -9.14
CA ILE K 298 11.55 -20.05 -7.91
C ILE K 298 11.13 -19.12 -6.77
N GLU K 299 11.16 -17.81 -7.02
CA GLU K 299 10.87 -16.81 -5.98
C GLU K 299 9.38 -16.94 -5.61
N TRP K 300 8.52 -17.14 -6.62
CA TRP K 300 7.09 -17.26 -6.42
C TRP K 300 6.77 -18.48 -5.57
N LEU K 301 7.34 -19.63 -5.95
CA LEU K 301 7.08 -20.88 -5.25
C LEU K 301 7.66 -20.81 -3.84
N ASN K 302 8.77 -20.08 -3.68
CA ASN K 302 9.42 -19.94 -2.39
C ASN K 302 8.48 -19.20 -1.44
N ASN K 303 7.81 -18.14 -1.93
CA ASN K 303 6.86 -17.37 -1.13
C ASN K 303 5.63 -18.23 -0.82
N PHE K 304 5.15 -18.98 -1.82
CA PHE K 304 4.00 -19.84 -1.68
C PHE K 304 4.31 -20.93 -0.63
N SER K 305 5.52 -21.49 -0.70
CA SER K 305 5.94 -22.57 0.20
C SER K 305 6.06 -22.05 1.63
N LYS K 306 6.77 -20.93 1.79
CA LYS K 306 7.00 -20.29 3.09
C LYS K 306 5.65 -20.02 3.77
N THR K 307 4.66 -19.60 3.00
CA THR K 307 3.33 -19.21 3.52
C THR K 307 2.54 -20.46 3.91
N ILE K 308 2.50 -21.47 3.04
CA ILE K 308 1.68 -22.64 3.28
C ILE K 308 2.31 -23.49 4.40
N ASN K 309 3.61 -23.33 4.65
CA ASN K 309 4.29 -24.14 5.67
C ASN K 309 4.07 -23.55 7.06
N LYS K 310 3.44 -22.38 7.14
CA LYS K 310 2.98 -21.81 8.41
C LYS K 310 1.56 -22.30 8.74
N VAL K 311 0.94 -23.02 7.79
CA VAL K 311 -0.37 -23.58 7.99
C VAL K 311 -0.17 -25.01 8.48
N PRO K 312 -0.81 -25.41 9.61
CA PRO K 312 -0.72 -26.77 10.11
C PRO K 312 -1.07 -27.82 9.04
N ARG K 313 -0.32 -28.93 9.05
CA ARG K 313 -0.56 -30.06 8.14
C ARG K 313 -1.90 -30.73 8.47
N ASP K 314 -2.41 -30.50 9.69
CA ASP K 314 -3.71 -31.01 10.12
C ASP K 314 -4.82 -30.50 9.20
N SER K 315 -4.61 -29.37 8.51
CA SER K 315 -5.61 -28.82 7.58
C SER K 315 -5.61 -29.59 6.26
N ASP K 316 -4.50 -30.25 5.92
CA ASP K 316 -4.32 -30.86 4.61
C ASP K 316 -5.41 -31.91 4.35
N LYS K 317 -5.82 -32.63 5.40
CA LYS K 317 -6.85 -33.70 5.28
C LYS K 317 -8.20 -33.12 4.81
N TYR K 318 -8.39 -31.81 4.95
CA TYR K 318 -9.65 -31.15 4.58
C TYR K 318 -9.56 -30.53 3.18
N VAL K 319 -8.41 -30.66 2.52
CA VAL K 319 -8.22 -30.21 1.15
C VAL K 319 -8.76 -31.29 0.23
N THR K 320 -9.38 -30.90 -0.88
CA THR K 320 -9.91 -31.84 -1.85
C THR K 320 -8.74 -32.70 -2.36
N GLN K 321 -8.94 -34.02 -2.43
CA GLN K 321 -7.78 -34.93 -2.54
C GLN K 321 -7.13 -34.87 -3.93
N ILE K 322 -7.84 -34.39 -4.96
CA ILE K 322 -7.23 -34.21 -6.29
C ILE K 322 -5.97 -33.34 -6.17
N PHE K 323 -5.95 -32.42 -5.21
CA PHE K 323 -4.85 -31.49 -5.00
C PHE K 323 -3.79 -32.01 -4.01
N ASN K 324 -3.88 -33.29 -3.63
CA ASN K 324 -3.01 -33.86 -2.59
C ASN K 324 -1.52 -33.70 -2.98
N LEU K 325 -1.21 -33.94 -4.25
CA LEU K 325 0.18 -33.95 -4.74
C LEU K 325 0.70 -32.52 -4.90
N LYS K 326 -0.13 -31.66 -5.50
CA LYS K 326 0.23 -30.27 -5.71
C LYS K 326 0.55 -29.61 -4.38
N LEU K 327 -0.30 -29.86 -3.39
CA LEU K 327 -0.13 -29.26 -2.07
C LEU K 327 1.20 -29.71 -1.45
N GLU K 328 1.50 -31.01 -1.56
CA GLU K 328 2.72 -31.54 -0.96
C GLU K 328 3.93 -30.97 -1.69
N ALA K 329 3.82 -30.85 -3.01
CA ALA K 329 4.87 -30.29 -3.84
C ALA K 329 5.20 -28.86 -3.39
N ILE K 330 4.17 -28.06 -3.11
CA ILE K 330 4.36 -26.68 -2.68
C ILE K 330 5.01 -26.67 -1.30
N ARG K 331 4.54 -27.54 -0.41
CA ARG K 331 5.10 -27.65 0.93
C ARG K 331 6.60 -27.98 0.85
N GLN K 332 6.96 -28.87 -0.09
CA GLN K 332 8.33 -29.34 -0.29
C GLN K 332 9.16 -28.32 -1.09
N ASN K 333 8.52 -27.32 -1.68
CA ASN K 333 9.20 -26.26 -2.41
C ASN K 333 9.93 -26.85 -3.62
N ASP K 334 9.29 -27.82 -4.30
CA ASP K 334 9.86 -28.57 -5.42
C ASP K 334 9.16 -28.13 -6.71
N LEU K 335 9.84 -27.32 -7.53
CA LEU K 335 9.24 -26.78 -8.75
C LEU K 335 8.85 -27.92 -9.70
N LEU K 336 9.75 -28.87 -9.90
CA LEU K 336 9.50 -29.99 -10.81
C LEU K 336 8.21 -30.72 -10.40
N ALA K 337 8.04 -30.94 -9.09
CA ALA K 337 6.89 -31.68 -8.58
C ALA K 337 5.59 -30.90 -8.82
N VAL K 338 5.65 -29.57 -8.72
CA VAL K 338 4.48 -28.73 -8.96
C VAL K 338 4.12 -28.81 -10.44
N MET K 339 5.15 -28.76 -11.31
CA MET K 339 4.95 -28.86 -12.74
C MET K 339 4.23 -30.17 -13.06
N ILE K 340 4.71 -31.27 -12.47
CA ILE K 340 4.16 -32.59 -12.72
C ILE K 340 2.72 -32.66 -12.18
N ALA K 341 2.54 -32.14 -10.96
CA ALA K 341 1.24 -32.15 -10.32
C ALA K 341 0.19 -31.50 -11.23
N ASP K 342 0.58 -30.37 -11.83
CA ASP K 342 -0.29 -29.58 -12.70
C ASP K 342 -0.60 -30.39 -13.98
N LYS K 343 0.39 -31.12 -14.48
CA LYS K 343 0.22 -31.94 -15.67
C LYS K 343 -0.77 -33.08 -15.42
N LEU K 344 -0.85 -33.57 -14.18
CA LEU K 344 -1.76 -34.68 -13.82
C LEU K 344 -3.17 -34.15 -13.47
N LEU K 345 -3.31 -32.87 -13.16
CA LEU K 345 -4.63 -32.25 -12.94
C LEU K 345 -5.29 -31.92 -14.29
N MET L 19 8.62 -92.83 14.35
CA MET L 19 8.68 -91.54 13.57
C MET L 19 7.45 -91.44 12.67
N LYS L 20 6.63 -90.41 12.90
CA LYS L 20 5.41 -90.19 12.10
C LYS L 20 5.78 -89.61 10.74
N LYS L 21 4.87 -89.74 9.76
CA LYS L 21 5.03 -89.17 8.43
C LYS L 21 4.91 -87.64 8.50
N VAL L 22 3.85 -87.15 9.15
CA VAL L 22 3.53 -85.73 9.17
C VAL L 22 3.15 -85.29 10.59
N SER L 23 3.67 -84.14 11.01
CA SER L 23 3.14 -83.41 12.15
C SER L 23 2.41 -82.18 11.65
N VAL L 24 1.09 -82.12 11.83
CA VAL L 24 0.35 -80.90 11.59
C VAL L 24 0.50 -80.01 12.83
N ILE L 25 1.05 -78.81 12.61
CA ILE L 25 1.28 -77.85 13.68
C ILE L 25 0.29 -76.69 13.52
N MET L 26 -0.53 -76.48 14.54
CA MET L 26 -1.63 -75.50 14.49
C MET L 26 -1.61 -74.65 15.75
N PRO L 27 -1.18 -73.37 15.66
CA PRO L 27 -1.34 -72.46 16.79
C PRO L 27 -2.79 -71.97 16.88
N THR L 28 -3.28 -71.78 18.11
CA THR L 28 -4.64 -71.30 18.37
C THR L 28 -4.60 -70.06 19.27
N PHE L 29 -5.61 -69.20 19.12
CA PHE L 29 -5.79 -68.04 19.99
C PHE L 29 -7.22 -67.50 19.85
N ASN L 30 -8.03 -67.73 20.89
CA ASN L 30 -9.39 -67.17 21.00
C ASN L 30 -10.22 -67.55 19.76
N ASN L 31 -10.22 -68.84 19.41
CA ASN L 31 -10.88 -69.33 18.22
C ASN L 31 -12.33 -69.71 18.55
N GLY L 32 -12.55 -70.26 19.75
CA GLY L 32 -13.89 -70.66 20.17
C GLY L 32 -14.37 -71.91 19.46
N GLU L 33 -15.67 -71.94 19.14
CA GLU L 33 -16.34 -73.12 18.60
C GLU L 33 -16.02 -73.30 17.11
N LYS L 34 -15.34 -72.31 16.50
CA LYS L 34 -14.92 -72.36 15.10
C LYS L 34 -13.82 -73.43 14.89
N LEU L 35 -13.14 -73.81 15.99
CA LEU L 35 -11.99 -74.69 15.96
C LEU L 35 -12.42 -76.13 15.66
N HIS L 36 -13.64 -76.49 16.09
CA HIS L 36 -14.15 -77.85 15.85
C HIS L 36 -13.99 -78.19 14.36
N ARG L 37 -14.45 -77.30 13.49
CA ARG L 37 -14.38 -77.53 12.02
C ARG L 37 -12.94 -77.88 11.62
N THR L 38 -11.98 -77.08 12.07
CA THR L 38 -10.54 -77.29 11.73
C THR L 38 -10.05 -78.66 12.22
N ILE L 39 -10.22 -78.93 13.52
CA ILE L 39 -9.74 -80.22 14.11
C ILE L 39 -10.39 -81.40 13.38
N SER L 40 -11.69 -81.32 13.09
CA SER L 40 -12.43 -82.40 12.39
C SER L 40 -11.78 -82.70 11.04
N SER L 41 -11.38 -81.64 10.30
CA SER L 41 -10.73 -81.80 8.99
C SER L 41 -9.37 -82.49 9.14
N VAL L 42 -8.69 -82.29 10.27
CA VAL L 42 -7.38 -82.91 10.43
C VAL L 42 -7.54 -84.37 10.88
N LEU L 43 -8.50 -84.61 11.80
CA LEU L 43 -8.71 -85.96 12.33
C LEU L 43 -9.35 -86.86 11.26
N ASN L 44 -10.05 -86.25 10.30
CA ASN L 44 -10.75 -87.00 9.25
C ASN L 44 -9.93 -86.97 7.96
N GLN L 45 -8.72 -87.54 8.02
CA GLN L 45 -7.80 -87.65 6.87
C GLN L 45 -7.76 -89.09 6.36
N THR L 46 -7.53 -89.24 5.05
CA THR L 46 -7.41 -90.55 4.41
C THR L 46 -6.13 -91.26 4.86
N MET L 47 -5.14 -90.50 5.36
CA MET L 47 -3.92 -91.08 5.90
C MET L 47 -4.26 -91.89 7.16
N LYS L 48 -3.52 -92.99 7.36
CA LYS L 48 -3.59 -93.82 8.56
C LYS L 48 -3.38 -92.90 9.77
N SER L 49 -4.33 -92.92 10.71
CA SER L 49 -4.36 -91.99 11.85
C SER L 49 -3.08 -92.11 12.70
N THR L 50 -2.45 -93.30 12.70
CA THR L 50 -1.23 -93.55 13.47
C THR L 50 0.01 -93.00 12.75
N ASP L 51 -0.16 -92.54 11.51
CA ASP L 51 0.96 -92.08 10.68
C ASP L 51 1.17 -90.56 10.80
N TYR L 52 0.24 -89.85 11.45
CA TYR L 52 0.40 -88.41 11.67
C TYR L 52 -0.09 -88.01 13.07
N GLU L 53 0.24 -86.78 13.45
CA GLU L 53 -0.17 -86.17 14.70
C GLU L 53 -0.60 -84.73 14.43
N LEU L 54 -1.55 -84.24 15.24
CA LEU L 54 -1.93 -82.85 15.28
C LEU L 54 -1.38 -82.24 16.57
N ILE L 55 -0.40 -81.33 16.44
CA ILE L 55 0.12 -80.60 17.59
C ILE L 55 -0.60 -79.26 17.64
N ILE L 56 -1.32 -79.00 18.74
CA ILE L 56 -2.03 -77.76 18.95
C ILE L 56 -1.27 -76.95 20.01
N ILE L 57 -0.91 -75.70 19.66
CA ILE L 57 -0.21 -74.80 20.57
C ILE L 57 -1.07 -73.56 20.77
N ASP L 58 -1.70 -73.44 21.94
CA ASP L 58 -2.55 -72.29 22.24
C ASP L 58 -1.68 -71.15 22.75
N ASP L 59 -1.85 -69.96 22.16
CA ASP L 59 -1.05 -68.79 22.49
C ASP L 59 -1.73 -68.02 23.62
N HIS L 60 -1.99 -68.73 24.73
CA HIS L 60 -2.60 -68.21 25.94
C HIS L 60 -3.89 -67.43 25.63
N SER L 61 -4.90 -68.16 25.12
CA SER L 61 -6.23 -67.61 24.88
C SER L 61 -6.78 -66.98 26.17
N ASN L 62 -7.61 -65.95 26.03
CA ASN L 62 -8.22 -65.27 27.17
C ASN L 62 -9.72 -65.10 26.93
N ASP L 63 -10.36 -66.12 26.34
CA ASP L 63 -11.76 -66.01 25.87
C ASP L 63 -12.69 -66.75 26.84
N ASN L 64 -12.46 -66.56 28.14
CA ASN L 64 -13.23 -67.18 29.21
C ASN L 64 -13.23 -68.70 29.01
N GLY L 65 -12.06 -69.25 28.65
CA GLY L 65 -11.82 -70.68 28.54
C GLY L 65 -12.58 -71.38 27.42
N GLU L 66 -13.11 -70.61 26.46
CA GLU L 66 -13.94 -71.16 25.35
C GLU L 66 -13.05 -72.04 24.45
N THR L 67 -11.92 -71.48 24.00
CA THR L 67 -11.00 -72.15 23.07
C THR L 67 -10.42 -73.41 23.73
N LEU L 68 -9.93 -73.27 24.97
CA LEU L 68 -9.33 -74.40 25.68
C LEU L 68 -10.38 -75.50 25.87
N ASN L 69 -11.66 -75.11 26.05
CA ASN L 69 -12.76 -76.08 26.25
C ASN L 69 -12.99 -76.91 24.98
N VAL L 70 -12.84 -76.28 23.81
CA VAL L 70 -13.01 -76.97 22.54
C VAL L 70 -11.86 -77.96 22.32
N ILE L 71 -10.65 -77.56 22.73
CA ILE L 71 -9.45 -78.38 22.54
C ILE L 71 -9.52 -79.59 23.47
N LYS L 72 -10.06 -79.40 24.68
CA LYS L 72 -10.13 -80.45 25.73
C LYS L 72 -10.98 -81.63 25.25
N LYS L 73 -11.95 -81.35 24.36
CA LYS L 73 -12.85 -82.40 23.85
C LYS L 73 -12.08 -83.42 23.00
N TYR L 74 -10.87 -83.07 22.54
CA TYR L 74 -10.05 -83.97 21.72
C TYR L 74 -8.80 -84.44 22.49
N LYS L 75 -8.80 -84.34 23.83
CA LYS L 75 -7.77 -84.99 24.67
C LYS L 75 -7.66 -86.46 24.25
N GLY L 76 -6.43 -86.90 23.98
CA GLY L 76 -6.15 -88.25 23.54
C GLY L 76 -5.94 -88.35 22.03
N LEU L 77 -6.49 -87.41 21.27
CA LEU L 77 -6.42 -87.43 19.82
C LEU L 77 -5.43 -86.39 19.28
N VAL L 78 -4.90 -85.52 20.15
CA VAL L 78 -4.01 -84.46 19.75
C VAL L 78 -2.96 -84.26 20.86
N ARG L 79 -1.78 -83.81 20.47
CA ARG L 79 -0.79 -83.31 21.42
C ARG L 79 -1.09 -81.83 21.61
N PHE L 80 -0.88 -81.31 22.82
CA PHE L 80 -1.27 -79.96 23.15
C PHE L 80 -0.32 -79.34 24.18
N LYS L 81 0.05 -78.07 23.94
CA LYS L 81 0.83 -77.26 24.89
C LYS L 81 0.18 -75.87 24.93
N GLN L 82 0.13 -75.26 26.11
CA GLN L 82 -0.34 -73.88 26.25
C GLN L 82 0.82 -72.98 26.66
N LEU L 83 0.98 -71.84 25.98
CA LEU L 83 1.99 -70.87 26.33
C LEU L 83 1.49 -70.06 27.54
N LYS L 84 2.44 -69.60 28.36
CA LYS L 84 2.14 -68.91 29.63
C LYS L 84 1.59 -67.49 29.34
N LYS L 85 2.21 -66.81 28.37
CA LYS L 85 1.84 -65.45 27.92
C LYS L 85 1.57 -65.50 26.41
N ASN L 86 0.62 -64.67 25.94
CA ASN L 86 0.30 -64.56 24.50
C ASN L 86 1.46 -63.88 23.77
N SER L 87 2.00 -64.55 22.74
CA SER L 87 3.18 -64.08 21.99
C SER L 87 2.77 -62.98 21.00
N GLY L 88 1.51 -62.99 20.55
CA GLY L 88 0.98 -61.92 19.68
C GLY L 88 0.80 -62.35 18.24
N ASN L 89 1.70 -63.21 17.74
CA ASN L 89 1.62 -63.80 16.39
C ASN L 89 1.78 -65.32 16.52
N ALA L 90 1.98 -65.99 15.38
CA ALA L 90 2.04 -67.45 15.29
C ALA L 90 3.49 -67.96 15.36
N SER L 91 4.46 -67.06 15.44
CA SER L 91 5.87 -67.44 15.37
C SER L 91 6.24 -68.35 16.55
N VAL L 92 6.09 -67.86 17.78
CA VAL L 92 6.52 -68.63 18.97
C VAL L 92 5.75 -69.94 19.01
N PRO L 93 4.40 -69.94 18.90
CA PRO L 93 3.63 -71.18 18.84
C PRO L 93 4.13 -72.20 17.82
N ARG L 94 4.41 -71.74 16.59
CA ARG L 94 4.86 -72.63 15.51
C ARG L 94 6.26 -73.17 15.83
N ASN L 95 7.11 -72.34 16.43
CA ASN L 95 8.45 -72.74 16.83
C ASN L 95 8.36 -73.82 17.90
N THR L 96 7.36 -73.72 18.79
CA THR L 96 7.15 -74.68 19.86
C THR L 96 6.73 -76.02 19.25
N GLY L 97 5.82 -75.96 18.28
CA GLY L 97 5.36 -77.13 17.54
C GLY L 97 6.51 -77.86 16.85
N LEU L 98 7.46 -77.09 16.28
CA LEU L 98 8.60 -77.67 15.56
C LEU L 98 9.51 -78.45 16.52
N LYS L 99 9.72 -77.90 17.73
CA LYS L 99 10.55 -78.55 18.74
C LYS L 99 9.86 -79.85 19.20
N MET L 100 8.53 -79.90 19.11
CA MET L 100 7.74 -81.04 19.58
C MET L 100 7.64 -82.14 18.53
N SER L 101 7.84 -81.80 17.25
CA SER L 101 7.68 -82.75 16.15
C SER L 101 8.98 -83.51 15.90
N LYS L 102 8.85 -84.83 15.69
CA LYS L 102 9.98 -85.68 15.28
C LYS L 102 9.61 -86.39 13.95
N ALA L 103 8.65 -85.82 13.21
CA ALA L 103 8.11 -86.43 11.99
C ALA L 103 9.01 -86.15 10.77
N GLU L 104 8.70 -86.79 9.65
CA GLU L 104 9.45 -86.67 8.39
C GLU L 104 9.16 -85.29 7.77
N TYR L 105 7.87 -84.95 7.71
CA TYR L 105 7.39 -83.66 7.26
C TYR L 105 6.55 -83.00 8.35
N VAL L 106 6.50 -81.65 8.32
CA VAL L 106 5.54 -80.88 9.09
C VAL L 106 4.61 -80.14 8.13
N PHE L 107 3.39 -79.87 8.60
CA PHE L 107 2.43 -79.11 7.85
C PHE L 107 1.84 -78.06 8.78
N PHE L 108 2.06 -76.78 8.46
CA PHE L 108 1.50 -75.69 9.25
C PHE L 108 0.07 -75.44 8.82
N LEU L 109 -0.85 -75.39 9.80
CA LEU L 109 -2.25 -75.17 9.59
C LEU L 109 -2.68 -74.03 10.53
N ASP L 110 -3.38 -73.03 9.97
CA ASP L 110 -3.96 -71.96 10.77
C ASP L 110 -5.29 -72.44 11.34
N SER L 111 -5.68 -71.83 12.46
CA SER L 111 -6.72 -72.35 13.35
C SER L 111 -8.10 -72.24 12.73
N ASP L 112 -8.32 -71.31 11.79
CA ASP L 112 -9.67 -71.13 11.25
C ASP L 112 -9.83 -71.90 9.93
N ASP L 113 -8.73 -72.45 9.39
CA ASP L 113 -8.66 -73.01 8.04
C ASP L 113 -9.07 -74.49 8.08
N LEU L 114 -9.17 -75.13 6.90
CA LEU L 114 -9.60 -76.55 6.77
C LEU L 114 -8.64 -77.32 5.84
N LEU L 115 -8.44 -78.60 6.14
CA LEU L 115 -7.74 -79.52 5.23
C LEU L 115 -8.76 -80.41 4.51
N HIS L 116 -8.49 -80.69 3.24
CA HIS L 116 -9.21 -81.69 2.47
C HIS L 116 -8.92 -83.07 3.04
N GLU L 117 -9.89 -83.99 2.91
CA GLU L 117 -9.79 -85.35 3.48
C GLU L 117 -8.50 -86.03 3.02
N ARG L 118 -8.14 -85.84 1.74
CA ARG L 118 -6.91 -86.46 1.17
C ARG L 118 -5.84 -85.40 0.95
N ALA L 119 -5.44 -84.70 2.02
CA ALA L 119 -4.42 -83.67 1.93
C ALA L 119 -3.08 -84.24 2.36
N LEU L 120 -3.02 -84.79 3.58
CA LEU L 120 -1.78 -85.35 4.09
C LEU L 120 -1.32 -86.52 3.22
N GLU L 121 -2.22 -87.45 2.90
CA GLU L 121 -1.88 -88.64 2.11
C GLU L 121 -1.31 -88.21 0.75
N ASP L 122 -2.07 -87.41 0.00
CA ASP L 122 -1.72 -87.06 -1.38
C ASP L 122 -0.41 -86.25 -1.41
N LEU L 123 -0.28 -85.30 -0.48
CA LEU L 123 0.89 -84.41 -0.46
C LEU L 123 2.13 -85.20 -0.02
N TYR L 124 1.99 -86.06 1.00
CA TYR L 124 3.11 -86.86 1.50
C TYR L 124 3.58 -87.84 0.41
N ASN L 125 2.63 -88.50 -0.25
CA ASN L 125 2.93 -89.49 -1.28
C ASN L 125 3.67 -88.82 -2.45
N TYR L 126 3.15 -87.69 -2.91
CA TYR L 126 3.76 -86.95 -4.03
C TYR L 126 5.18 -86.54 -3.62
N GLY L 127 5.31 -86.08 -2.36
CA GLY L 127 6.59 -85.62 -1.83
C GLY L 127 7.61 -86.73 -1.77
N LYS L 128 7.18 -87.89 -1.29
CA LYS L 128 8.03 -89.05 -1.06
C LYS L 128 8.49 -89.59 -2.42
N GLU L 129 7.58 -89.57 -3.41
CA GLU L 129 7.84 -90.16 -4.72
C GLU L 129 8.74 -89.23 -5.56
N ASN L 130 8.88 -87.96 -5.16
CA ASN L 130 9.69 -86.99 -5.89
C ASN L 130 10.81 -86.43 -5.00
N ASN L 131 11.05 -87.06 -3.84
CA ASN L 131 12.12 -86.67 -2.91
C ASN L 131 12.01 -85.16 -2.60
N SER L 132 10.77 -84.69 -2.40
CA SER L 132 10.45 -83.28 -2.25
C SER L 132 10.83 -82.77 -0.85
N ASP L 133 11.48 -81.60 -0.83
CA ASP L 133 11.78 -80.86 0.39
C ASP L 133 10.54 -80.04 0.79
N LEU L 134 9.73 -79.69 -0.22
CA LEU L 134 8.55 -78.86 -0.04
C LEU L 134 7.44 -79.35 -0.99
N ILE L 135 6.23 -79.51 -0.46
CA ILE L 135 5.07 -79.81 -1.30
C ILE L 135 4.00 -78.76 -1.03
N ILE L 136 3.47 -78.17 -2.10
CA ILE L 136 2.48 -77.11 -2.05
C ILE L 136 1.17 -77.64 -2.64
N GLY L 137 0.14 -77.74 -1.80
CA GLY L 137 -1.19 -78.13 -2.22
C GLY L 137 -2.01 -76.92 -2.64
N LYS L 138 -2.82 -77.07 -3.68
CA LYS L 138 -3.65 -76.01 -4.22
C LYS L 138 -4.54 -75.45 -3.10
N TYR L 139 -4.61 -74.12 -3.01
CA TYR L 139 -5.41 -73.43 -2.01
C TYR L 139 -6.82 -73.18 -2.55
N GLY L 140 -7.80 -73.29 -1.66
CA GLY L 140 -9.13 -72.78 -1.86
C GLY L 140 -9.46 -71.72 -0.83
N VAL L 141 -10.60 -71.04 -1.01
CA VAL L 141 -10.95 -69.94 -0.15
C VAL L 141 -12.47 -69.92 0.07
N GLU L 142 -12.87 -69.61 1.30
CA GLU L 142 -14.25 -69.49 1.72
C GLU L 142 -14.44 -68.08 2.31
N GLY L 143 -15.22 -67.23 1.64
CA GLY L 143 -15.60 -65.91 2.15
C GLY L 143 -14.81 -64.79 1.51
N LYS L 144 -15.36 -63.57 1.58
CA LYS L 144 -14.70 -62.37 1.09
C LYS L 144 -13.57 -62.00 2.07
N GLY L 145 -12.49 -61.45 1.53
CA GLY L 145 -11.32 -61.08 2.32
C GLY L 145 -10.04 -61.32 1.53
N ARG L 146 -9.01 -61.84 2.23
CA ARG L 146 -7.75 -62.24 1.60
C ARG L 146 -8.05 -63.22 0.45
N SER L 147 -7.41 -62.99 -0.71
CA SER L 147 -7.42 -63.96 -1.82
C SER L 147 -6.20 -64.88 -1.67
N VAL L 148 -6.17 -65.97 -2.43
CA VAL L 148 -5.13 -66.98 -2.35
C VAL L 148 -4.36 -67.05 -3.67
N PRO L 149 -3.10 -67.54 -3.68
CA PRO L 149 -2.35 -67.71 -4.92
C PRO L 149 -3.10 -68.59 -5.92
N LYS L 150 -2.93 -68.26 -7.21
CA LYS L 150 -3.60 -68.95 -8.31
C LYS L 150 -2.55 -69.38 -9.36
N ALA L 151 -1.61 -68.48 -9.69
CA ALA L 151 -0.66 -68.70 -10.80
C ALA L 151 0.20 -69.94 -10.57
N ILE L 152 0.66 -70.17 -9.33
CA ILE L 152 1.49 -71.31 -8.98
C ILE L 152 0.82 -72.63 -9.39
N PHE L 153 -0.52 -72.67 -9.43
CA PHE L 153 -1.25 -73.92 -9.65
C PHE L 153 -1.81 -74.01 -11.08
N GLU L 154 -1.41 -73.10 -11.98
CA GLU L 154 -2.03 -72.98 -13.31
C GLU L 154 -1.41 -73.98 -14.29
N LYS L 155 -0.35 -74.69 -13.89
CA LYS L 155 0.32 -75.64 -14.79
C LYS L 155 0.03 -77.08 -14.36
N GLY L 156 -0.93 -77.25 -13.44
CA GLY L 156 -1.21 -78.55 -12.83
C GLY L 156 -0.07 -79.01 -11.95
N ASN L 157 0.08 -80.32 -11.81
CA ASN L 157 1.06 -80.90 -10.92
C ASN L 157 2.46 -80.71 -11.50
N VAL L 158 3.41 -80.36 -10.62
CA VAL L 158 4.80 -80.16 -10.96
C VAL L 158 5.66 -80.88 -9.93
N ALA L 159 6.45 -81.86 -10.39
CA ALA L 159 7.25 -82.74 -9.53
C ALA L 159 8.51 -82.00 -9.05
N LYS L 160 9.18 -81.31 -9.98
CA LYS L 160 10.37 -80.51 -9.70
C LYS L 160 10.10 -79.07 -10.17
N ALA L 161 9.52 -78.27 -9.29
CA ALA L 161 9.13 -76.89 -9.60
C ALA L 161 10.36 -75.95 -9.52
N ASP L 162 10.24 -74.80 -10.18
CA ASP L 162 11.24 -73.74 -10.22
C ASP L 162 10.60 -72.48 -9.62
N ILE L 163 11.37 -71.74 -8.82
CA ILE L 163 10.85 -70.58 -8.10
C ILE L 163 10.26 -69.57 -9.09
N ILE L 164 11.04 -69.20 -10.11
CA ILE L 164 10.65 -68.14 -11.03
C ILE L 164 9.53 -68.65 -11.94
N ASP L 165 9.76 -69.78 -12.62
CA ASP L 165 8.85 -70.30 -13.65
C ASP L 165 7.50 -70.74 -13.05
N ASN L 166 7.46 -71.07 -11.75
CA ASN L 166 6.22 -71.59 -11.12
C ASN L 166 5.66 -70.61 -10.09
N SER L 167 6.13 -69.35 -10.10
CA SER L 167 5.52 -68.25 -9.35
C SER L 167 5.49 -68.55 -7.85
N ILE L 168 6.57 -69.13 -7.32
CA ILE L 168 6.60 -69.56 -5.93
C ILE L 168 6.74 -68.34 -5.00
N PHE L 169 7.34 -67.25 -5.49
CA PHE L 169 7.48 -66.04 -4.66
C PHE L 169 6.12 -65.36 -4.47
N TYR L 170 5.10 -65.80 -5.23
CA TYR L 170 3.73 -65.35 -5.04
C TYR L 170 2.92 -66.32 -4.18
N ALA L 171 3.58 -67.27 -3.52
CA ALA L 171 2.92 -68.21 -2.61
C ALA L 171 3.85 -68.58 -1.45
N LEU L 172 4.20 -67.61 -0.61
CA LEU L 172 5.24 -67.77 0.40
C LEU L 172 4.64 -68.03 1.79
N SER L 173 3.36 -68.37 1.88
CA SER L 173 2.78 -68.79 3.17
C SER L 173 3.47 -70.08 3.62
N VAL L 174 3.36 -70.40 4.90
CA VAL L 174 3.92 -71.64 5.40
C VAL L 174 2.84 -72.73 5.45
N LEU L 175 1.72 -72.51 4.75
CA LEU L 175 0.61 -73.45 4.76
C LEU L 175 0.88 -74.53 3.71
N LYS L 176 1.95 -75.29 3.96
CA LYS L 176 2.53 -76.25 3.03
C LYS L 176 3.18 -77.37 3.85
N MET L 177 3.64 -78.42 3.14
CA MET L 177 4.33 -79.53 3.75
C MET L 177 5.83 -79.36 3.55
N PHE L 178 6.57 -79.27 4.68
CA PHE L 178 8.01 -79.04 4.69
C PHE L 178 8.74 -80.25 5.28
N LYS L 179 9.86 -80.64 4.65
CA LYS L 179 10.73 -81.71 5.15
C LYS L 179 11.44 -81.22 6.41
N LYS L 180 11.23 -81.92 7.53
CA LYS L 180 11.68 -81.46 8.84
C LYS L 180 13.22 -81.43 8.88
N SER L 181 13.87 -82.36 8.16
CA SER L 181 15.33 -82.47 8.18
C SER L 181 15.99 -81.17 7.70
N VAL L 182 15.37 -80.53 6.70
CA VAL L 182 15.88 -79.30 6.13
C VAL L 182 15.80 -78.20 7.20
N ILE L 183 14.66 -78.15 7.89
CA ILE L 183 14.43 -77.19 8.97
C ILE L 183 15.44 -77.43 10.10
N ASP L 184 15.65 -78.71 10.43
CA ASP L 184 16.53 -79.11 11.53
C ASP L 184 17.99 -78.84 11.17
N LYS L 185 18.44 -79.33 10.01
CA LYS L 185 19.85 -79.22 9.59
C LYS L 185 20.25 -77.74 9.50
N ASN L 186 19.33 -76.87 9.05
CA ASN L 186 19.66 -75.46 8.81
C ASN L 186 19.17 -74.57 9.96
N LYS L 187 18.60 -75.18 11.02
CA LYS L 187 18.17 -74.45 12.22
C LYS L 187 17.26 -73.27 11.85
N ILE L 188 16.22 -73.56 11.04
CA ILE L 188 15.27 -72.56 10.56
C ILE L 188 14.15 -72.41 11.60
N LYS L 189 14.04 -71.21 12.16
CA LYS L 189 13.01 -70.87 13.14
C LYS L 189 12.21 -69.67 12.59
N PHE L 190 10.96 -69.52 13.04
CA PHE L 190 10.22 -68.32 12.77
C PHE L 190 10.82 -67.18 13.60
N LYS L 191 11.11 -66.03 12.97
CA LYS L 191 11.63 -64.89 13.69
C LYS L 191 10.45 -64.15 14.32
N THR L 192 10.75 -63.31 15.31
CA THR L 192 9.75 -62.60 16.12
C THR L 192 10.06 -61.09 16.19
N PHE L 193 10.85 -60.59 15.24
CA PHE L 193 11.24 -59.20 15.10
C PHE L 193 10.05 -58.34 14.65
N SER L 194 9.10 -58.99 13.99
CA SER L 194 8.00 -58.33 13.27
C SER L 194 6.71 -59.12 13.50
N LYS L 195 5.56 -58.44 13.29
CA LYS L 195 4.23 -59.02 13.41
C LYS L 195 3.82 -59.66 12.08
N THR L 196 4.45 -59.21 10.98
CA THR L 196 4.09 -59.61 9.62
C THR L 196 5.34 -60.03 8.84
N ALA L 197 5.10 -60.81 7.77
CA ALA L 197 6.09 -61.26 6.81
C ALA L 197 7.09 -62.24 7.43
N GLU L 198 6.76 -62.82 8.59
CA GLU L 198 7.66 -63.74 9.27
C GLU L 198 7.53 -65.12 8.62
N ASP L 199 6.34 -65.40 8.06
CA ASP L 199 6.05 -66.63 7.37
C ASP L 199 6.77 -66.63 6.01
N GLN L 200 6.81 -65.47 5.36
CA GLN L 200 7.52 -65.29 4.12
C GLN L 200 9.01 -65.59 4.31
N LEU L 201 9.58 -65.00 5.37
CA LEU L 201 11.00 -65.16 5.64
C LEU L 201 11.31 -66.64 5.86
N PHE L 202 10.38 -67.34 6.52
CA PHE L 202 10.58 -68.75 6.83
C PHE L 202 10.63 -69.55 5.54
N THR L 203 9.62 -69.36 4.68
CA THR L 203 9.53 -70.07 3.41
C THR L 203 10.74 -69.73 2.53
N ILE L 204 11.14 -68.47 2.51
CA ILE L 204 12.29 -68.04 1.72
C ILE L 204 13.56 -68.74 2.26
N GLU L 205 13.75 -68.73 3.57
CA GLU L 205 14.90 -69.39 4.18
C GLU L 205 14.92 -70.87 3.78
N PHE L 206 13.74 -71.49 3.75
CA PHE L 206 13.61 -72.90 3.41
C PHE L 206 13.96 -73.12 1.93
N LEU L 207 13.36 -72.30 1.05
CA LEU L 207 13.55 -72.41 -0.39
C LEU L 207 15.02 -72.24 -0.75
N MET L 208 15.71 -71.32 -0.06
CA MET L 208 17.10 -70.99 -0.36
C MET L 208 18.04 -72.06 0.23
N ASN L 209 17.52 -73.03 0.99
CA ASN L 209 18.32 -74.10 1.58
C ASN L 209 17.84 -75.48 1.13
N SER L 210 17.13 -75.55 -0.01
CA SER L 210 16.61 -76.81 -0.55
C SER L 210 16.42 -76.69 -2.05
N LYS L 211 16.25 -77.82 -2.75
CA LYS L 211 16.22 -77.83 -4.21
C LYS L 211 14.89 -78.38 -4.74
N ASN L 212 14.29 -79.35 -4.04
CA ASN L 212 13.17 -80.12 -4.58
C ASN L 212 11.84 -79.59 -4.05
N TYR L 213 11.07 -78.95 -4.93
CA TYR L 213 9.76 -78.41 -4.58
C TYR L 213 8.73 -78.98 -5.56
N SER L 214 7.61 -79.45 -5.03
CA SER L 214 6.59 -80.04 -5.84
C SER L 214 5.26 -79.34 -5.57
N ILE L 215 4.41 -79.31 -6.59
CA ILE L 215 3.12 -78.64 -6.58
C ILE L 215 2.05 -79.67 -6.96
N LYS L 216 1.02 -79.81 -6.11
CA LYS L 216 -0.06 -80.79 -6.30
C LYS L 216 -1.40 -80.03 -6.33
N THR L 217 -2.21 -80.29 -7.36
CA THR L 217 -3.38 -79.45 -7.67
C THR L 217 -4.65 -80.25 -7.93
N ASP L 218 -4.68 -81.54 -7.57
CA ASP L 218 -5.82 -82.41 -7.90
C ASP L 218 -7.09 -81.92 -7.19
N TYR L 219 -6.93 -81.46 -5.94
CA TYR L 219 -8.02 -80.91 -5.13
C TYR L 219 -7.60 -79.57 -4.53
N GLU L 220 -8.56 -78.82 -3.99
CA GLU L 220 -8.27 -77.71 -3.10
C GLU L 220 -7.92 -78.30 -1.74
N TYR L 221 -6.63 -78.61 -1.54
CA TYR L 221 -6.18 -79.37 -0.39
C TYR L 221 -6.26 -78.55 0.89
N TYR L 222 -5.98 -77.24 0.80
CA TYR L 222 -6.03 -76.33 1.94
C TYR L 222 -7.04 -75.23 1.63
N ILE L 223 -8.01 -75.05 2.52
CA ILE L 223 -9.04 -74.01 2.36
C ILE L 223 -8.77 -72.90 3.38
N VAL L 224 -8.39 -71.73 2.89
CA VAL L 224 -8.29 -70.54 3.72
C VAL L 224 -9.71 -70.02 3.99
N VAL L 225 -10.08 -69.90 5.27
CA VAL L 225 -11.38 -69.39 5.68
C VAL L 225 -11.22 -67.96 6.19
N ASN L 226 -11.95 -67.03 5.58
CA ASN L 226 -12.04 -65.62 6.01
C ASN L 226 -13.22 -65.45 6.97
N ASP L 227 -13.01 -64.75 8.10
CA ASP L 227 -13.99 -64.59 9.17
C ASP L 227 -14.13 -63.12 9.51
N THR L 240 5.20 -47.92 11.61
CA THR L 240 6.27 -47.07 11.08
C THR L 240 7.21 -47.90 10.20
N GLY L 241 7.17 -49.24 10.34
CA GLY L 241 7.81 -50.17 9.41
C GLY L 241 9.23 -50.54 9.78
N ASN L 242 9.68 -50.11 10.96
CA ASN L 242 11.05 -50.40 11.38
C ASN L 242 11.25 -51.93 11.41
N GLN L 243 10.28 -52.63 12.00
CA GLN L 243 10.29 -54.07 12.20
C GLN L 243 9.97 -54.80 10.90
N TYR L 244 9.01 -54.27 10.13
CA TYR L 244 8.60 -54.90 8.88
C TYR L 244 9.76 -54.96 7.91
N PHE L 245 10.46 -53.85 7.74
CA PHE L 245 11.53 -53.76 6.75
C PHE L 245 12.78 -54.49 7.24
N ALA L 246 12.91 -54.68 8.54
CA ALA L 246 13.97 -55.54 9.09
C ALA L 246 13.77 -56.99 8.60
N THR L 247 12.51 -57.41 8.48
CA THR L 247 12.15 -58.73 8.03
C THR L 247 12.40 -58.84 6.51
N ILE L 248 12.05 -57.79 5.77
CA ILE L 248 12.26 -57.76 4.33
C ILE L 248 13.77 -57.83 4.06
N ASN L 249 14.53 -57.16 4.90
CA ASN L 249 15.98 -57.17 4.80
C ASN L 249 16.49 -58.60 4.94
N GLU L 250 15.91 -59.35 5.89
CA GLU L 250 16.31 -60.73 6.14
C GLU L 250 16.02 -61.61 4.90
N ILE L 251 14.94 -61.30 4.18
CA ILE L 251 14.55 -62.05 2.99
C ILE L 251 15.62 -61.89 1.92
N TYR L 252 16.06 -60.65 1.69
CA TYR L 252 17.08 -60.39 0.68
C TYR L 252 18.39 -61.03 1.13
N LYS L 253 18.72 -60.93 2.43
CA LYS L 253 19.93 -61.57 2.97
C LYS L 253 19.91 -63.08 2.70
N ALA L 254 18.73 -63.71 2.82
CA ALA L 254 18.60 -65.15 2.66
C ALA L 254 18.90 -65.56 1.22
N ILE L 255 18.42 -64.75 0.28
CA ILE L 255 18.61 -64.99 -1.14
C ILE L 255 20.10 -64.88 -1.47
N TYR L 256 20.74 -63.81 -0.98
CA TYR L 256 22.10 -63.50 -1.37
C TYR L 256 23.12 -64.37 -0.60
N LYS L 257 22.69 -65.12 0.41
CA LYS L 257 23.57 -66.05 1.15
C LYS L 257 23.18 -67.51 0.82
N SER L 258 22.32 -67.72 -0.17
CA SER L 258 21.80 -69.06 -0.46
C SER L 258 22.94 -69.99 -0.85
N PRO L 259 23.12 -71.14 -0.15
CA PRO L 259 24.09 -72.15 -0.56
C PRO L 259 23.61 -73.02 -1.73
N ILE L 260 22.33 -72.93 -2.08
CA ILE L 260 21.76 -73.65 -3.23
C ILE L 260 21.91 -72.79 -4.49
N TYR L 261 21.44 -71.54 -4.42
CA TYR L 261 21.54 -70.60 -5.52
C TYR L 261 22.79 -69.73 -5.34
N LYS L 262 23.94 -70.28 -5.76
CA LYS L 262 25.24 -69.70 -5.45
C LYS L 262 25.62 -68.65 -6.51
N ASN L 263 25.10 -68.79 -7.73
CA ASN L 263 25.47 -67.90 -8.83
C ASN L 263 24.88 -66.50 -8.57
N GLN L 264 25.75 -65.49 -8.59
CA GLN L 264 25.40 -64.14 -8.21
C GLN L 264 24.31 -63.60 -9.17
N GLU L 265 24.37 -63.96 -10.45
CA GLU L 265 23.36 -63.45 -11.38
C GLU L 265 22.00 -64.08 -11.06
N LYS L 266 22.01 -65.34 -10.60
CA LYS L 266 20.78 -66.01 -10.25
C LYS L 266 20.17 -65.34 -9.01
N ARG L 267 21.03 -64.95 -8.08
CA ARG L 267 20.61 -64.23 -6.88
C ARG L 267 19.97 -62.89 -7.27
N HIS L 268 20.57 -62.17 -8.21
CA HIS L 268 20.02 -60.93 -8.70
C HIS L 268 18.60 -61.15 -9.26
N GLN L 269 18.41 -62.28 -9.96
CA GLN L 269 17.15 -62.58 -10.62
C GLN L 269 16.08 -62.88 -9.57
N LEU L 270 16.46 -63.65 -8.56
CA LEU L 270 15.57 -64.01 -7.46
C LEU L 270 15.21 -62.73 -6.69
N ALA L 271 16.22 -61.93 -6.36
CA ALA L 271 16.03 -60.71 -5.61
C ALA L 271 15.10 -59.77 -6.39
N GLY L 272 15.30 -59.68 -7.70
CA GLY L 272 14.48 -58.81 -8.54
C GLY L 272 13.03 -59.27 -8.57
N LYS L 273 12.85 -60.59 -8.57
CA LYS L 273 11.52 -61.16 -8.63
C LYS L 273 10.83 -60.92 -7.28
N TYR L 274 11.59 -61.02 -6.18
CA TYR L 274 10.99 -60.76 -4.87
C TYR L 274 10.58 -59.28 -4.78
N THR L 275 11.45 -58.38 -5.26
CA THR L 275 11.15 -56.95 -5.31
C THR L 275 9.83 -56.71 -6.05
N THR L 276 9.65 -57.42 -7.17
CA THR L 276 8.43 -57.30 -7.95
C THR L 276 7.22 -57.68 -7.10
N ARG L 277 7.33 -58.82 -6.39
CA ARG L 277 6.21 -59.32 -5.55
C ARG L 277 5.93 -58.32 -4.42
N LEU L 278 6.99 -57.71 -3.88
CA LEU L 278 6.88 -56.75 -2.78
C LEU L 278 6.13 -55.51 -3.26
N LEU L 279 6.39 -55.08 -4.49
CA LEU L 279 5.75 -53.90 -5.05
C LEU L 279 4.31 -54.22 -5.47
N ARG L 280 4.02 -55.49 -5.77
CA ARG L 280 2.71 -55.93 -6.21
C ARG L 280 1.78 -56.25 -5.04
N HIS L 281 2.33 -56.76 -3.92
CA HIS L 281 1.51 -57.32 -2.84
C HIS L 281 2.02 -56.93 -1.44
N GLY L 282 3.00 -56.03 -1.35
CA GLY L 282 3.59 -55.68 -0.07
C GLY L 282 2.61 -54.99 0.84
N GLN L 283 2.92 -54.98 2.14
CA GLN L 283 2.19 -54.25 3.13
C GLN L 283 2.24 -52.76 2.80
N LYS L 284 1.08 -52.10 2.88
CA LYS L 284 0.95 -50.65 2.68
C LYS L 284 1.58 -50.26 1.35
N LYS L 285 1.26 -50.98 0.28
CA LYS L 285 1.93 -50.75 -1.00
C LYS L 285 1.57 -49.35 -1.51
N ASN L 286 0.38 -48.85 -1.16
CA ASN L 286 -0.08 -47.55 -1.65
C ASN L 286 -0.03 -46.48 -0.55
N PHE L 287 0.99 -46.57 0.31
CA PHE L 287 1.12 -45.68 1.45
C PHE L 287 1.28 -44.23 1.00
N ALA L 288 1.87 -44.00 -0.16
CA ALA L 288 2.36 -42.66 -0.53
C ALA L 288 1.19 -41.69 -0.73
N ASN L 289 0.09 -42.16 -1.32
CA ASN L 289 -1.07 -41.28 -1.59
C ASN L 289 -2.18 -41.52 -0.54
N SER L 290 -1.85 -42.17 0.57
CA SER L 290 -2.83 -42.60 1.57
C SER L 290 -3.07 -41.48 2.60
N LYS L 291 -3.97 -41.77 3.56
CA LYS L 291 -4.39 -40.83 4.61
C LYS L 291 -3.40 -40.88 5.78
N MET L 292 -2.34 -41.67 5.63
CA MET L 292 -1.22 -41.74 6.57
C MET L 292 -0.70 -40.31 6.85
N LYS L 293 -0.32 -40.04 8.10
CA LYS L 293 0.31 -38.74 8.46
C LYS L 293 1.64 -38.61 7.70
N TYR L 294 1.97 -37.38 7.30
CA TYR L 294 3.17 -37.11 6.51
C TYR L 294 4.41 -37.68 7.22
N GLU L 295 4.55 -37.42 8.52
CA GLU L 295 5.77 -37.81 9.25
C GLU L 295 5.91 -39.34 9.23
N ASP L 296 4.77 -40.04 9.25
CA ASP L 296 4.73 -41.50 9.20
C ASP L 296 5.14 -42.00 7.82
N LYS L 297 4.67 -41.32 6.76
CA LYS L 297 5.04 -41.65 5.39
C LYS L 297 6.55 -41.55 5.22
N ILE L 298 7.13 -40.46 5.74
CA ILE L 298 8.56 -40.22 5.62
C ILE L 298 9.36 -41.34 6.31
N GLU L 299 8.93 -41.73 7.51
CA GLU L 299 9.63 -42.73 8.31
C GLU L 299 9.50 -44.09 7.60
N TRP L 300 8.31 -44.36 7.05
CA TRP L 300 8.04 -45.63 6.36
C TRP L 300 8.94 -45.73 5.12
N LEU L 301 8.95 -44.67 4.31
CA LEU L 301 9.70 -44.66 3.07
C LEU L 301 11.20 -44.71 3.39
N ASN L 302 11.59 -44.11 4.51
CA ASN L 302 12.98 -44.08 4.91
C ASN L 302 13.46 -45.51 5.19
N ASN L 303 12.62 -46.30 5.86
CA ASN L 303 12.94 -47.70 6.16
C ASN L 303 12.95 -48.53 4.88
N PHE L 304 11.98 -48.27 4.00
CA PHE L 304 11.86 -48.97 2.72
C PHE L 304 13.11 -48.68 1.89
N SER L 305 13.54 -47.42 1.88
CA SER L 305 14.67 -46.98 1.09
C SER L 305 15.98 -47.60 1.62
N LYS L 306 16.19 -47.49 2.94
CA LYS L 306 17.37 -48.03 3.61
C LYS L 306 17.51 -49.52 3.28
N THR L 307 16.38 -50.24 3.24
CA THR L 307 16.38 -51.70 3.04
C THR L 307 16.67 -52.03 1.58
N ILE L 308 16.00 -51.36 0.65
CA ILE L 308 16.13 -51.68 -0.77
C ILE L 308 17.51 -51.22 -1.27
N ASN L 309 18.15 -50.28 -0.59
CA ASN L 309 19.44 -49.77 -1.03
C ASN L 309 20.59 -50.69 -0.58
N LYS L 310 20.27 -51.72 0.22
CA LYS L 310 21.20 -52.79 0.53
C LYS L 310 21.11 -53.92 -0.51
N VAL L 311 20.13 -53.82 -1.42
CA VAL L 311 19.98 -54.78 -2.49
C VAL L 311 20.73 -54.26 -3.70
N PRO L 312 21.60 -55.06 -4.32
CA PRO L 312 22.31 -54.66 -5.53
C PRO L 312 21.36 -54.13 -6.62
N ARG L 313 21.80 -53.08 -7.32
CA ARG L 313 21.07 -52.51 -8.44
C ARG L 313 21.03 -53.50 -9.61
N ASP L 314 21.96 -54.46 -9.62
CA ASP L 314 22.00 -55.52 -10.63
C ASP L 314 20.70 -56.33 -10.65
N SER L 315 19.95 -56.32 -9.53
CA SER L 315 18.67 -57.03 -9.46
C SER L 315 17.56 -56.25 -10.17
N ASP L 316 17.73 -54.93 -10.28
CA ASP L 316 16.66 -54.05 -10.76
C ASP L 316 16.23 -54.45 -12.18
N LYS L 317 17.18 -54.89 -13.01
CA LYS L 317 16.85 -55.26 -14.39
C LYS L 317 15.86 -56.44 -14.44
N TYR L 318 15.75 -57.21 -13.34
CA TYR L 318 14.87 -58.39 -13.29
C TYR L 318 13.50 -58.02 -12.68
N VAL L 319 13.31 -56.77 -12.31
CA VAL L 319 12.04 -56.28 -11.81
C VAL L 319 11.15 -55.94 -13.02
N THR L 320 9.86 -56.22 -12.93
CA THR L 320 8.92 -55.92 -14.00
C THR L 320 8.96 -54.41 -14.26
N GLN L 321 9.06 -54.01 -15.54
CA GLN L 321 9.41 -52.66 -15.90
C GLN L 321 8.32 -51.63 -15.54
N ILE L 322 7.05 -52.03 -15.38
CA ILE L 322 6.01 -51.08 -14.96
C ILE L 322 6.43 -50.39 -13.65
N PHE L 323 7.19 -51.11 -12.81
CA PHE L 323 7.61 -50.63 -11.51
C PHE L 323 8.96 -49.92 -11.55
N ASN L 324 9.49 -49.63 -12.73
CA ASN L 324 10.84 -49.07 -12.88
C ASN L 324 10.94 -47.74 -12.12
N LEU L 325 9.91 -46.90 -12.22
CA LEU L 325 9.92 -45.56 -11.65
C LEU L 325 9.72 -45.62 -10.14
N LYS L 326 8.74 -46.42 -9.70
CA LYS L 326 8.44 -46.56 -8.29
C LYS L 326 9.69 -47.05 -7.56
N LEU L 327 10.37 -48.05 -8.13
CA LEU L 327 11.55 -48.63 -7.52
C LEU L 327 12.64 -47.57 -7.37
N GLU L 328 12.85 -46.77 -8.42
CA GLU L 328 13.91 -45.76 -8.39
C GLU L 328 13.56 -44.68 -7.37
N ALA L 329 12.27 -44.32 -7.31
CA ALA L 329 11.77 -43.34 -6.36
C ALA L 329 12.07 -43.80 -4.92
N ILE L 330 11.86 -45.09 -4.64
CA ILE L 330 12.09 -45.63 -3.31
C ILE L 330 13.60 -45.60 -3.01
N ARG L 331 14.41 -45.98 -4.02
CA ARG L 331 15.85 -45.98 -3.87
C ARG L 331 16.34 -44.56 -3.55
N GLN L 332 15.73 -43.55 -4.19
CA GLN L 332 16.08 -42.14 -4.04
C GLN L 332 15.46 -41.54 -2.78
N ASN L 333 14.54 -42.25 -2.13
CA ASN L 333 13.91 -41.82 -0.88
C ASN L 333 13.13 -40.54 -1.10
N ASP L 334 12.45 -40.45 -2.26
CA ASP L 334 11.73 -39.24 -2.70
C ASP L 334 10.22 -39.52 -2.59
N LEU L 335 9.58 -38.96 -1.56
CA LEU L 335 8.17 -39.22 -1.32
C LEU L 335 7.33 -38.73 -2.51
N LEU L 336 7.60 -37.52 -2.99
CA LEU L 336 6.86 -36.94 -4.11
C LEU L 336 6.90 -37.89 -5.31
N ALA L 337 8.07 -38.47 -5.59
CA ALA L 337 8.26 -39.34 -6.75
C ALA L 337 7.47 -40.63 -6.58
N VAL L 338 7.39 -41.14 -5.35
CA VAL L 338 6.62 -42.36 -5.08
C VAL L 338 5.13 -42.06 -5.29
N MET L 339 4.69 -40.90 -4.82
CA MET L 339 3.31 -40.46 -4.99
C MET L 339 2.97 -40.41 -6.49
N ILE L 340 3.86 -39.82 -7.27
CA ILE L 340 3.67 -39.67 -8.71
C ILE L 340 3.67 -41.05 -9.36
N ALA L 341 4.64 -41.88 -8.98
CA ALA L 341 4.79 -43.21 -9.54
C ALA L 341 3.47 -43.98 -9.39
N ASP L 342 2.86 -43.87 -8.20
CA ASP L 342 1.63 -44.57 -7.87
C ASP L 342 0.47 -44.01 -8.72
N LYS L 343 0.48 -42.70 -8.96
CA LYS L 343 -0.56 -42.07 -9.77
C LYS L 343 -0.46 -42.55 -11.23
N LEU L 344 0.74 -42.90 -11.71
CA LEU L 344 0.93 -43.36 -13.09
C LEU L 344 0.69 -44.87 -13.23
N LEU L 345 0.71 -45.61 -12.12
CA LEU L 345 0.36 -47.04 -12.14
C LEU L 345 -1.17 -47.19 -12.12
OAN FQ8 M . 14.61 34.68 -0.27
PBL FQ8 M . 13.17 34.71 -1.00
OAO FQ8 M . 12.13 35.11 0.16
OAA FQ8 M . 12.83 33.41 -1.61
OAX FQ8 M . 13.20 35.92 -2.04
CAS FQ8 M . 13.09 37.27 -1.55
CBE FQ8 M . 14.42 37.98 -1.77
OAG FQ8 M . 14.42 39.21 -1.04
CBJ FQ8 M . 14.60 38.25 -3.27
OAL FQ8 M . 15.99 38.09 -3.61
CBF FQ8 M . 14.15 39.66 -3.62
OAH FQ8 M . 12.74 39.77 -3.46
CAU FQ8 M . 14.51 39.97 -5.08
OAZ FQ8 M . 14.00 41.25 -5.42
PBN FQ8 M . 14.83 42.21 -6.41
OAQ FQ8 M . 15.92 41.24 -7.09
OAC FQ8 M . 15.46 43.33 -5.68
OBB FQ8 M . 13.80 42.65 -7.57
CAW FQ8 M . 12.54 43.24 -7.24
CBH FQ8 M . 11.42 42.69 -8.13
OAJ FQ8 M . 11.71 41.35 -8.54
CBK FQ8 M . 11.25 43.58 -9.36
OAM FQ8 M . 11.46 44.94 -9.00
CBG FQ8 M . 9.84 43.42 -9.92
OAI FQ8 M . 8.90 43.46 -8.84
CAV FQ8 M . 9.71 42.07 -10.65
OBA FQ8 M . 9.13 42.26 -11.94
PBM FQ8 M . 9.76 41.50 -13.22
OAP FQ8 M . 10.39 40.14 -12.63
OAB FQ8 M . 10.78 42.34 -13.90
OAY FQ8 M . 8.55 41.03 -14.18
CAT FQ8 M . 7.57 41.97 -14.63
CBD FQ8 M . 6.23 41.61 -13.98
OAF FQ8 M . 6.20 42.15 -12.64
CBI FQ8 M . 5.08 42.20 -14.82
OAK FQ8 M . 4.60 41.21 -15.73
CBC FQ8 M . 3.95 42.71 -13.90
OAE FQ8 M . 4.00 44.12 -13.81
CAR FQ8 M . 2.57 42.29 -14.44
OAD FQ8 M . 1.81 41.70 -13.38
C1' UD1 N . 6.38 47.14 -18.63
C2' UD1 N . 7.61 46.24 -18.76
C3' UD1 N . 7.62 45.57 -20.13
C4' UD1 N . 6.30 44.82 -20.35
C5' UD1 N . 5.10 45.76 -20.09
C6' UD1 N . 3.77 45.03 -20.21
C7' UD1 N . 9.54 46.92 -17.46
C8' UD1 N . 10.48 48.06 -17.23
N2' UD1 N . 8.76 47.08 -18.52
O1' UD1 N . 6.42 48.19 -19.61
O3' UD1 N . 8.70 44.64 -20.22
O4' UD1 N . 6.25 44.29 -21.68
O5' UD1 N . 5.19 46.36 -18.80
O6' UD1 N . 3.75 43.89 -19.35
O7' UD1 N . 9.50 45.97 -16.70
N1 UD1 N . 3.28 48.86 -26.56
C2 UD1 N . 2.61 48.34 -27.70
N3 UD1 N . 1.29 48.49 -27.84
C4 UD1 N . 0.58 49.11 -26.90
C5 UD1 N . 1.20 49.61 -25.76
C6 UD1 N . 2.58 49.47 -25.60
O2 UD1 N . 3.24 47.77 -28.61
O4 UD1 N . -0.64 49.22 -27.07
C1B UD1 N . 4.72 48.69 -26.42
C2B UD1 N . 5.45 49.97 -26.10
O2' UD1 N . 5.89 50.60 -27.30
C3B UD1 N . 6.59 49.51 -25.22
C4B UD1 N . 6.19 48.15 -24.70
O4B UD1 N . 4.97 47.82 -25.33
O3B UD1 N . 7.80 49.34 -25.96
C5B UD1 N . 5.93 48.11 -23.21
O5B UD1 N . 5.12 49.21 -22.85
PA UD1 N . 5.69 50.42 -21.95
O1A UD1 N . 5.01 51.68 -22.45
O2A UD1 N . 7.20 50.39 -21.95
O3A UD1 N . 5.04 50.03 -20.53
PB UD1 N . 5.95 49.69 -19.24
O1B UD1 N . 5.02 49.63 -18.05
O2B UD1 N . 7.15 50.61 -19.23
MG MG O . -11.09 32.29 9.75
MG MG P . 8.93 51.58 -20.57
CL CL Q . 17.24 26.42 -10.08
CL CL R . 2.39 39.59 -11.35
OAN FQ8 S . -1.23 29.11 33.40
PBL FQ8 S . -1.27 28.60 34.93
OAO FQ8 S . -2.41 27.47 34.96
OAA FQ8 S . -1.58 29.71 35.86
OAX FQ8 S . 0.11 27.87 35.23
CAS FQ8 S . 1.20 28.00 34.32
CBE FQ8 S . 2.51 28.08 35.10
OAG FQ8 S . 3.52 28.65 34.28
CBJ FQ8 S . 2.94 26.67 35.54
OAL FQ8 S . 3.74 26.77 36.71
CBF FQ8 S . 3.75 26.01 34.43
OAH FQ8 S . 2.95 25.89 33.25
CAU FQ8 S . 4.17 24.61 34.89
OAZ FQ8 S . 5.35 24.71 35.70
PBN FQ8 S . 6.55 23.65 35.52
OAQ FQ8 S . 6.48 22.75 36.86
OAC FQ8 S . 7.85 24.33 35.38
OBB FQ8 S . 6.16 22.71 34.30
CAW FQ8 S . 6.36 21.30 34.37
CBH FQ8 S . 5.97 20.66 33.05
OAJ FQ8 S . 4.59 20.31 33.08
CBK FQ8 S . 6.81 19.39 32.82
OAM FQ8 S . 8.07 19.77 32.28
CBG FQ8 S . 6.12 18.45 31.85
OAI FQ8 S . 5.58 19.19 30.76
CAV FQ8 S . 5.00 17.69 32.56
OBA FQ8 S . 5.53 16.49 33.13
PBM FQ8 S . 4.58 15.21 33.33
OAP FQ8 S . 3.15 15.63 32.70
OAB FQ8 S . 4.46 14.84 34.76
OAY FQ8 S . 5.17 14.03 32.40
CAT FQ8 S . 4.29 13.15 31.71
CBD FQ8 S . 3.71 13.83 30.46
OAF FQ8 S . 3.57 15.24 30.69
CBI FQ8 S . 4.61 13.59 29.25
OAK FQ8 S . 4.23 12.35 28.62
CBC FQ8 S . 4.44 14.74 28.25
OAE FQ8 S . 5.35 15.78 28.57
CAR FQ8 S . 4.73 14.24 26.84
OAD FQ8 S . 4.59 15.32 25.91
C1' UD1 T . 8.27 9.04 29.24
C2' UD1 T . 7.99 9.36 30.70
C3' UD1 T . 7.54 8.09 31.43
C4' UD1 T . 6.30 7.56 30.73
C5' UD1 T . 6.59 7.28 29.27
C6' UD1 T . 5.34 6.82 28.51
C7' UD1 T . 9.07 10.93 32.20
C8' UD1 T . 10.37 11.43 32.76
N2' UD1 T . 9.16 9.92 31.35
O1' UD1 T . 9.40 8.17 29.10
O3' UD1 T . 7.27 8.37 32.80
O4' UD1 T . 5.82 6.41 31.42
O5' UD1 T . 7.12 8.45 28.63
O6' UD1 T . 4.45 7.94 28.31
O7' UD1 T . 7.99 11.43 32.50
N1 UD1 T . 9.75 0.91 28.10
C2 UD1 T . 9.06 -0.31 27.96
N3 UD1 T . 8.85 -0.84 26.75
C4 UD1 T . 9.28 -0.21 25.66
C5 UD1 T . 9.96 1.00 25.76
C6 UD1 T . 10.20 1.56 27.01
O2 UD1 T . 8.64 -0.90 28.98
O4 UD1 T . 9.07 -0.72 24.54
C1B UD1 T . 9.99 1.44 29.43
C2B UD1 T . 11.45 1.85 29.61
O2' UD1 T . 12.24 0.80 30.15
C3B UD1 T . 11.37 3.05 30.53
C4B UD1 T . 9.95 3.58 30.38
O4B UD1 T . 9.21 2.61 29.63
O3B UD1 T . 11.59 2.66 31.90
C5B UD1 T . 9.87 4.88 29.64
O5B UD1 T . 10.99 5.02 28.75
PA UD1 T . 12.04 6.23 28.91
O1A UD1 T . 13.36 5.76 28.39
O2A UD1 T . 12.00 6.82 30.30
O3A UD1 T . 11.39 7.27 27.87
PB UD1 T . 10.77 8.65 28.39
O1B UD1 T . 10.46 9.50 27.18
O2B UD1 T . 11.69 9.17 29.49
MG MG U . 13.88 8.45 31.11
CL CL V . 0.22 15.26 26.47
OAN FQ8 W . -12.84 59.45 12.76
PBL FQ8 W . -11.31 58.88 12.90
OAO FQ8 W . -10.26 59.84 12.10
OAA FQ8 W . -11.26 57.46 12.48
OAX FQ8 W . -10.85 59.06 14.40
CAS FQ8 W . -11.34 60.10 15.20
CBE FQ8 W . -10.20 60.54 16.12
OAG FQ8 W . -9.61 59.43 16.79
CBJ FQ8 W . -10.73 61.53 17.18
OAL FQ8 W . -9.59 62.25 17.71
CBF FQ8 W . -11.50 60.84 18.34
OAH FQ8 W . -12.38 59.80 17.92
CAU FQ8 W . -12.31 61.89 19.03
OAZ FQ8 W . -12.64 61.35 20.32
PBN FQ8 W . -12.78 62.38 21.57
OAQ FQ8 W . -13.19 63.80 20.87
OAC FQ8 W . -11.55 62.51 22.38
OBB FQ8 W . -14.05 61.80 22.41
CAW FQ8 W . -15.23 61.48 21.68
CBH FQ8 W . -15.89 60.23 22.25
OAJ FQ8 W . -16.84 59.74 21.30
CBK FQ8 W . -16.58 60.59 23.56
OAM FQ8 W . -15.59 60.54 24.59
CBG FQ8 W . -17.72 59.60 23.88
OAI FQ8 W . -17.29 58.28 23.57
CAV FQ8 W . -18.90 59.93 22.99
OBA FQ8 W . -20.02 60.19 23.84
PBM FQ8 W . -21.28 61.00 23.22
OAP FQ8 W . -21.13 60.87 21.59
OAB FQ8 W . -21.30 62.42 23.64
OAY FQ8 W . -22.61 60.18 23.66
CAT FQ8 W . -22.63 59.36 24.82
CBD FQ8 W . -22.83 57.90 24.38
OAF FQ8 W . -21.63 57.14 24.60
CBI FQ8 W . -24.01 57.25 25.14
OAK FQ8 W . -25.24 57.58 24.45
CBC FQ8 W . -23.80 55.70 25.28
OAE FQ8 W . -23.21 55.42 26.56
CAR FQ8 W . -25.08 54.92 25.32
OAD FQ8 W . -25.29 54.20 24.06
C1' UD1 X . -25.62 59.43 30.13
C2' UD1 X . -25.76 60.67 29.22
C3' UD1 X . -27.24 60.96 28.98
C4' UD1 X . -27.88 59.71 28.37
C5' UD1 X . -27.76 58.58 29.41
C6' UD1 X . -28.48 57.30 29.03
C7' UD1 X . -23.86 62.12 29.68
C8' UD1 X . -23.28 62.67 30.93
N2' UD1 X . -25.10 61.73 29.92
O1' UD1 X . -26.16 59.73 31.42
O3' UD1 X . -27.40 62.14 28.19
O4' UD1 X . -29.23 59.97 27.94
O5' UD1 X . -26.36 58.33 29.60
O6' UD1 X . -27.80 56.65 27.94
O7' UD1 X . -23.25 61.94 28.64
N1 UD1 X . -33.13 59.64 34.42
C2 UD1 X . -34.52 59.47 34.29
N3 UD1 X . -35.11 58.32 34.65
C4 UD1 X . -34.38 57.33 35.14
C5 UD1 X . -33.00 57.47 35.28
C6 UD1 X . -32.38 58.66 34.90
O2 UD1 X . -35.23 60.40 33.83
O4 UD1 X . -34.95 56.26 35.47
C1B UD1 X . -32.52 60.91 34.04
C2B UD1 X . -31.58 61.45 35.10
O2' UD1 X . -32.27 62.31 36.01
C3B UD1 X . -30.54 62.20 34.30
C4B UD1 X . -30.59 61.57 32.91
O4B UD1 X . -31.75 60.73 32.86
O3B UD1 X . -30.86 63.59 34.19
C5B UD1 X . -29.38 60.72 32.60
O5B UD1 X . -28.98 60.00 33.77
PA UD1 X . -27.52 60.20 34.44
O1A UD1 X . -27.70 59.91 35.91
O2A UD1 X . -26.93 61.52 34.02
O3A UD1 X . -26.71 58.98 33.76
PB UD1 X . -25.45 59.25 32.78
O1B UD1 X . -24.83 57.92 32.46
O2B UD1 X . -24.69 60.42 33.37
MG MG Y . -24.67 62.61 34.21
CL CL Z . -23.18 53.11 21.65
OAN FQ8 AA . 7.25 -28.60 -32.05
PBL FQ8 AA . 7.24 -28.22 -33.62
OAO FQ8 AA . 8.54 -27.32 -33.75
OAA FQ8 AA . 5.95 -27.59 -33.99
OAX FQ8 AA . 7.64 -29.46 -34.60
CAS FQ8 AA . 6.87 -30.65 -34.61
CBE FQ8 AA . 6.37 -31.01 -36.01
OAG FQ8 AA . 5.64 -32.24 -35.89
CBJ FQ8 AA . 7.51 -31.15 -37.05
OAL FQ8 AA . 6.90 -31.20 -38.34
CBF FQ8 AA . 8.35 -32.45 -36.92
OAH FQ8 AA . 9.16 -32.45 -35.74
CAU FQ8 AA . 9.28 -32.55 -38.09
OAZ FQ8 AA . 8.74 -33.69 -38.74
PBN FQ8 AA . 9.38 -34.39 -40.04
OAQ FQ8 AA . 9.29 -33.34 -41.27
OAC FQ8 AA . 8.68 -35.66 -40.37
OBB FQ8 AA . 10.96 -34.58 -39.65
CAW FQ8 AA . 11.50 -35.89 -39.53
CBH FQ8 AA . 12.85 -35.90 -38.78
OAJ FQ8 AA . 13.32 -34.56 -38.57
CBK FQ8 AA . 13.86 -36.71 -39.63
OAM FQ8 AA . 13.33 -38.04 -39.81
CBG FQ8 AA . 15.25 -36.81 -38.98
OAI FQ8 AA . 15.16 -37.27 -37.64
CAV FQ8 AA . 15.96 -35.47 -39.01
OBA FQ8 AA . 17.33 -35.83 -39.23
PBM FQ8 AA . 18.23 -35.11 -40.35
OAP FQ8 AA . 18.68 -33.74 -39.61
OAB FQ8 AA . 17.51 -34.86 -41.63
OAY FQ8 AA . 19.49 -36.14 -40.47
CAT FQ8 AA . 20.83 -35.73 -40.21
CBD FQ8 AA . 21.12 -35.75 -38.71
OAF FQ8 AA . 19.90 -35.51 -37.97
CBI FQ8 AA . 21.79 -37.08 -38.30
OAK FQ8 AA . 22.85 -36.80 -37.36
CBC FQ8 AA . 20.77 -38.06 -37.68
OAE FQ8 AA . 19.96 -38.64 -38.71
CAR FQ8 AA . 21.53 -39.13 -36.94
OAD FQ8 AA . 20.51 -40.00 -36.44
C1' UD1 BA . 23.61 -41.14 -41.59
C2' UD1 BA . 23.30 -39.94 -42.48
C3' UD1 BA . 24.61 -39.36 -42.98
C4' UD1 BA . 25.37 -38.89 -41.75
C5' UD1 BA . 25.67 -40.12 -40.89
C6' UD1 BA . 26.46 -39.77 -39.64
C7' UD1 BA . 21.14 -40.01 -43.58
C8' UD1 BA . 20.30 -40.79 -44.55
N2' UD1 BA . 22.41 -40.40 -43.53
O1' UD1 BA . 24.28 -42.15 -42.34
O3' UD1 BA . 24.38 -38.30 -43.91
O4' UD1 BA . 26.57 -38.19 -42.08
O5' UD1 BA . 24.43 -40.73 -40.50
O6' UD1 BA . 26.12 -38.45 -39.18
O7' UD1 BA . 20.69 -39.14 -42.87
N1 UD1 BA . 31.45 -43.60 -44.22
C2 UD1 BA . 32.85 -43.42 -44.29
N3 UD1 BA . 33.67 -44.09 -43.46
C4 UD1 BA . 33.17 -44.93 -42.55
C5 UD1 BA . 31.79 -45.13 -42.47
C6 UD1 BA . 30.93 -44.44 -43.32
O2 UD1 BA . 33.35 -42.65 -45.12
O4 UD1 BA . 33.97 -45.53 -41.81
C1B UD1 BA . 30.59 -42.87 -45.13
C2B UD1 BA . 29.78 -43.80 -46.03
O2' UD1 BA . 30.46 -44.03 -47.28
C3B UD1 BA . 28.49 -43.05 -46.22
C4B UD1 BA . 28.42 -42.03 -45.09
O4B UD1 BA . 29.66 -42.09 -44.40
O3B UD1 BA . 28.49 -42.32 -47.46
C5B UD1 BA . 27.30 -42.28 -44.08
O5B UD1 BA . 27.14 -43.68 -43.94
PA UD1 BA . 25.75 -44.40 -44.29
O1A UD1 BA . 26.06 -45.82 -44.69
O2A UD1 BA . 24.93 -43.53 -45.23
O3A UD1 BA . 25.05 -44.47 -42.84
PB UD1 BA . 23.71 -43.67 -42.48
O1B UD1 BA . 23.27 -44.12 -41.11
O2B UD1 BA . 22.74 -43.76 -43.65
MG MG CA . 22.72 -43.82 -46.14
CL CL DA . 21.00 -36.11 -32.51
OAN FQ8 EA . -52.22 53.78 15.61
PBL FQ8 EA . -52.43 55.27 16.16
OAO FQ8 EA . -53.72 55.85 15.30
OAA FQ8 EA . -51.20 56.09 16.02
OAX FQ8 EA . -52.93 55.08 17.65
CAS FQ8 EA . -51.99 54.92 18.72
CBE FQ8 EA . -51.50 56.27 19.23
OAG FQ8 EA . -50.35 56.03 20.02
CBJ FQ8 EA . -52.60 56.97 20.05
OAL FQ8 EA . -52.46 58.39 19.91
CBF FQ8 EA . -52.54 56.56 21.52
OAH FQ8 EA . -53.38 55.41 21.70
CAU FQ8 EA . -53.01 57.69 22.40
OAZ FQ8 EA . -53.10 57.11 23.71
PBN FQ8 EA . -53.24 58.04 25.02
OAQ FQ8 EA . -53.54 59.56 24.47
OAC FQ8 EA . -52.04 58.00 25.88
OBB FQ8 EA . -54.53 57.43 25.77
CAW FQ8 EA . -55.62 56.90 25.02
CBH FQ8 EA . -56.48 55.98 25.88
OAJ FQ8 EA . -57.63 55.58 25.11
CBK FQ8 EA . -56.91 56.73 27.17
OAM FQ8 EA . -55.93 56.51 28.18
CBG FQ8 EA . -58.28 56.26 27.68
OAI FQ8 EA . -58.42 54.86 27.44
CAV FQ8 EA . -59.32 57.05 26.94
OBA FQ8 EA . -60.58 56.79 27.57
PBM FQ8 EA . -61.92 56.97 26.68
OAP FQ8 EA . -61.58 56.17 25.32
OAB FQ8 EA . -62.27 58.39 26.42
OAY FQ8 EA . -63.10 56.21 27.46
CAT FQ8 EA . -63.03 56.09 28.90
CBD FQ8 EA . -62.86 54.61 29.24
OAF FQ8 EA . -62.22 54.50 30.52
CBI FQ8 EA . -64.23 53.91 29.27
OAK FQ8 EA . -65.19 54.69 28.51
CBC FQ8 EA . -64.19 52.47 28.68
OAE FQ8 EA . -63.04 51.74 29.17
CAR FQ8 EA . -65.44 51.70 29.08
OAD FQ8 EA . -66.27 51.57 27.91
N1 UDP FA . -72.93 56.02 38.58
C2 UDP FA . -74.30 56.14 38.90
N3 UDP FA . -75.02 55.07 39.24
C4 UDP FA . -74.46 53.86 39.27
C5 UDP FA . -73.11 53.71 38.94
C6 UDP FA . -72.35 54.82 38.60
O2 UDP FA . -74.85 57.27 38.89
O4 UDP FA . -75.16 52.88 39.58
C1' UDP FA . -72.16 57.21 38.20
C2' UDP FA . -71.68 57.92 39.46
O2' UDP FA . -72.47 59.07 39.72
C3' UDP FA . -70.25 58.30 39.17
C4' UDP FA . -69.84 57.49 37.95
O4' UDP FA . -71.01 56.84 37.44
O3' UDP FA . -70.11 59.71 38.89
C5' UDP FA . -68.75 56.47 38.29
O5' UDP FA . -67.51 56.90 37.72
PA UDP FA . -66.09 56.61 38.41
O1A UDP FA . -66.34 55.63 39.54
O2A UDP FA . -65.38 57.92 38.66
O3A UDP FA . -65.29 55.83 37.25
PB UDP FA . -66.01 54.65 36.43
O1B UDP FA . -67.31 54.29 37.12
O2B UDP FA . -65.01 53.55 36.18
O3B UDP FA . -66.31 55.35 35.01
MG MG GA . -61.67 53.42 33.95
CL CL HA . -64.15 49.66 25.30
OAN FQ8 IA . 29.62 -23.55 -4.01
PBL FQ8 IA . 28.53 -22.60 -3.23
OAO FQ8 IA . 29.43 -21.79 -2.15
OAA FQ8 IA . 27.41 -23.35 -2.57
OAX FQ8 IA . 27.97 -21.52 -4.27
CAS FQ8 IA . 26.73 -21.78 -4.92
CBE FQ8 IA . 26.51 -20.71 -5.99
OAG FQ8 IA . 27.68 -20.66 -6.81
CBJ FQ8 IA . 26.27 -19.31 -5.35
OAL FQ8 IA . 25.61 -19.40 -4.07
CBF FQ8 IA . 25.40 -18.47 -6.28
OAH FQ8 IA . 24.50 -19.33 -7.00
CAU FQ8 IA . 26.26 -17.66 -7.26
OAZ FQ8 IA . 26.21 -16.30 -6.79
PBN FQ8 IA . 25.31 -15.12 -7.48
OAQ FQ8 IA . 24.29 -14.64 -6.30
OAC FQ8 IA . 24.58 -15.54 -8.70
OBB FQ8 IA . 26.32 -13.86 -7.76
CAW FQ8 IA . 27.38 -13.98 -8.70
CBH FQ8 IA . 28.45 -12.90 -8.43
OAJ FQ8 IA . 28.74 -12.89 -7.03
CBK FQ8 IA . 27.92 -11.52 -8.87
OAM FQ8 IA . 27.59 -11.54 -10.27
CBG FQ8 IA . 28.97 -10.41 -8.63
OAI FQ8 IA . 30.30 -10.98 -8.65
CAV FQ8 IA . 28.68 -9.75 -7.29
OBA FQ8 IA . 29.90 -9.12 -6.84
PBM FQ8 IA . 29.87 -8.27 -5.46
OAP FQ8 IA . 30.20 -9.39 -4.33
OAB FQ8 IA . 28.57 -7.59 -5.25
OAY FQ8 IA . 31.11 -7.24 -5.46
CAT FQ8 IA . 31.81 -6.93 -6.67
CBD FQ8 IA . 33.17 -7.67 -6.68
OAF FQ8 IA . 33.12 -8.74 -7.62
CBI FQ8 IA . 34.30 -6.69 -7.03
OAK FQ8 IA . 34.70 -5.96 -5.86
CBC FQ8 IA . 35.50 -7.45 -7.62
OAE FQ8 IA . 35.26 -7.73 -9.00
CAR FQ8 IA . 36.77 -6.61 -7.58
OAD FQ8 IA . 37.80 -7.55 -7.94
C1' UD1 JA . 32.01 -1.15 -9.11
C2' UD1 JA . 31.07 -1.33 -7.92
C3' UD1 JA . 31.33 -0.17 -6.97
C4' UD1 JA . 32.79 -0.28 -6.52
C5' UD1 JA . 33.72 -0.24 -7.74
C6' UD1 JA . 35.20 -0.35 -7.37
C7' UD1 JA . 29.00 -2.49 -8.42
C8' UD1 JA . 27.86 -2.47 -9.39
N2' UD1 JA . 29.74 -1.39 -8.46
O1' UD1 JA . 31.81 0.14 -9.69
O3' UD1 JA . 30.42 -0.24 -5.87
O4' UD1 JA . 33.14 0.76 -5.60
O5' UD1 JA . 33.35 -1.29 -8.64
O6' UD1 JA . 35.44 -1.45 -6.47
O7' UD1 JA . 29.25 -3.46 -7.71
N1 UD1 JA . 34.33 7.61 -8.17
C2 UD1 JA . 34.99 8.55 -7.36
N3 UD1 JA . 36.22 8.99 -7.67
C4 UD1 JA . 36.84 8.55 -8.76
C5 UD1 JA . 36.20 7.63 -9.60
C6 UD1 JA . 34.93 7.15 -9.27
O2 UD1 JA . 34.44 8.99 -6.32
O4 UD1 JA . 37.96 9.00 -9.04
C1B UD1 JA . 33.00 7.16 -7.80
C2B UD1 JA . 32.02 7.36 -8.94
O2' UD1 JA . 31.35 8.60 -8.81
C3B UD1 JA . 31.09 6.17 -8.81
C4B UD1 JA . 31.84 5.13 -7.98
O4B UD1 JA . 33.02 5.77 -7.49
O3B UD1 JA . 29.89 6.54 -8.11
C5B UD1 JA . 32.25 3.90 -8.77
O5B UD1 JA . 32.33 4.21 -10.17
PA UD1 JA . 31.64 3.23 -11.25
O1A UD1 JA . 31.82 3.84 -12.62
O2A UD1 JA . 30.24 2.82 -10.82
O3A UD1 JA . 32.65 1.97 -11.15
PB UD1 JA . 32.14 0.44 -11.23
O1B UD1 JA . 33.32 -0.42 -11.63
O2B UD1 JA . 30.86 0.39 -12.02
MG MG KA . 28.29 2.13 -11.76
CL CL LA . 25.93 -17.97 8.43
OAN FQ8 MA . 48.40 -55.09 -12.00
PBL FQ8 MA . 48.24 -56.70 -12.19
OAO FQ8 MA . 49.55 -57.39 -11.47
OAA FQ8 MA . 48.09 -57.04 -13.63
OAX FQ8 MA . 47.02 -57.18 -11.28
CAS FQ8 MA . 45.71 -56.62 -11.45
CBE FQ8 MA . 44.66 -57.74 -11.57
OAG FQ8 MA . 43.40 -57.14 -11.86
CBJ FQ8 MA . 44.56 -58.55 -10.26
OAL FQ8 MA . 44.07 -59.84 -10.59
CBF FQ8 MA . 43.59 -57.91 -9.25
OAH FQ8 MA . 44.02 -56.60 -8.86
CAU FQ8 MA . 43.55 -58.77 -8.01
OAZ FQ8 MA . 42.45 -59.68 -8.23
PBN FQ8 MA . 41.51 -60.22 -7.01
OAQ FQ8 MA . 41.85 -61.82 -6.92
OAC FQ8 MA . 40.08 -59.94 -7.28
OBB FQ8 MA . 42.05 -59.47 -5.66
CAW FQ8 MA . 41.26 -59.28 -4.49
CBH FQ8 MA . 42.02 -58.38 -3.49
OAJ FQ8 MA . 43.42 -58.68 -3.47
CBK FQ8 MA . 41.48 -58.56 -2.05
OAM FQ8 MA . 40.06 -58.36 -2.04
CBG FQ8 MA . 42.12 -57.53 -1.08
OAI FQ8 MA . 42.01 -56.22 -1.64
CAV FQ8 MA . 43.58 -57.76 -0.79
OBA FQ8 MA . 43.75 -59.17 -0.85
PBM FQ8 MA . 44.83 -59.94 0.09
OAP FQ8 MA . 45.79 -60.77 -0.88
OAB FQ8 MA . 44.14 -60.78 1.10
OAY FQ8 MA . 45.81 -58.87 0.71
CAT FQ8 MA . 46.03 -58.93 2.10
CBD FQ8 MA . 44.88 -58.18 2.80
OAF FQ8 MA . 43.60 -58.46 2.21
CBI FQ8 MA . 44.83 -58.53 4.30
OAK FQ8 MA . 45.91 -59.41 4.70
CBC FQ8 MA . 44.86 -57.21 5.11
OAE FQ8 MA . 43.53 -56.74 5.25
CAR FQ8 MA . 45.48 -57.39 6.49
OAD FQ8 MA . 46.89 -57.15 6.30
C1' UD1 NA . 40.64 -59.39 8.56
C2' UD1 NA . 41.45 -60.50 7.93
C3' UD1 NA . 42.25 -61.18 9.03
C4' UD1 NA . 43.18 -60.13 9.63
C5' UD1 NA . 42.40 -58.89 10.08
C6' UD1 NA . 43.34 -57.75 10.47
C7' UD1 NA . 40.86 -61.85 5.99
C8' UD1 NA . 39.75 -62.58 5.30
N2' UD1 NA . 40.56 -61.38 7.20
O1' UD1 NA . 39.84 -59.90 9.63
O3' UD1 NA . 43.00 -62.29 8.52
O4' UD1 NA . 43.89 -60.68 10.74
O5' UD1 NA . 41.52 -58.40 9.07
O6' UD1 NA . 44.11 -57.32 9.34
O7' UD1 NA . 41.96 -61.68 5.49
N1 UD1 NA . 40.98 -61.08 17.06
C2 UD1 NA . 41.76 -61.27 18.23
N3 UD1 NA . 41.89 -60.28 19.11
C4 UD1 NA . 41.31 -59.10 18.91
C5 UD1 NA . 40.54 -58.89 17.77
C6 UD1 NA . 40.39 -59.90 16.83
O2 UD1 NA . 42.32 -62.36 18.43
O4 UD1 NA . 41.45 -58.20 19.76
C1B UD1 NA . 40.86 -62.17 16.11
C2B UD1 NA . 39.43 -62.49 15.76
O2' UD1 NA . 38.88 -63.45 16.67
C3B UD1 NA . 39.56 -63.03 14.35
C4B UD1 NA . 40.82 -62.40 13.79
O4B UD1 NA . 41.50 -61.80 14.89
O3B UD1 NA . 39.75 -64.45 14.34
C5B UD1 NA . 40.56 -61.31 12.78
O5B UD1 NA . 39.40 -60.57 13.14
PA UD1 NA . 38.03 -60.73 12.30
O1A UD1 NA . 36.88 -60.57 13.27
O2A UD1 NA . 38.09 -62.00 11.48
O3A UD1 NA . 38.08 -59.43 11.36
PB UD1 NA . 38.29 -59.53 9.77
O1B UD1 NA . 38.14 -58.12 9.25
O2B UD1 NA . 37.44 -60.67 9.25
MG MG OA . 36.35 -62.72 9.33
OAN FQ8 PA . 48.99 -25.75 -33.94
PBL FQ8 PA . 48.98 -25.80 -35.55
OAO FQ8 PA . 50.44 -25.26 -36.00
OAA FQ8 PA . 47.90 -24.96 -36.10
OAX FQ8 PA . 48.91 -27.33 -35.99
CAS FQ8 PA . 48.17 -27.68 -37.16
CBE FQ8 PA . 49.05 -28.54 -38.08
OAG FQ8 PA . 49.28 -27.84 -39.30
CBJ FQ8 PA . 48.33 -29.84 -38.39
OAL FQ8 PA . 47.55 -30.26 -37.26
CBF FQ8 PA . 49.36 -30.92 -38.72
OAH FQ8 PA . 50.52 -30.74 -37.90
CAU FQ8 PA . 49.76 -30.81 -40.19
OAZ FQ8 PA . 50.85 -31.70 -40.44
PBN FQ8 PA . 50.75 -32.80 -41.64
OAQ FQ8 PA . 50.45 -31.94 -42.97
OAC FQ8 PA . 49.71 -33.81 -41.38
OBB FQ8 PA . 52.23 -33.42 -41.81
CAW FQ8 PA . 52.56 -34.67 -41.21
CBH FQ8 PA . 53.95 -34.63 -40.57
OAJ FQ8 PA . 54.29 -33.29 -40.17
CBK FQ8 PA . 55.00 -35.14 -41.56
OAM FQ8 PA . 54.59 -36.42 -42.05
CBG FQ8 PA . 56.35 -35.28 -40.86
OAI FQ8 PA . 56.17 -35.56 -39.47
CAV FQ8 PA . 57.14 -33.98 -41.02
OBA FQ8 PA . 58.54 -34.26 -40.93
PBM FQ8 PA . 59.57 -33.58 -41.96
OAP FQ8 PA . 59.19 -32.01 -41.95
OAB FQ8 PA . 59.46 -34.17 -43.31
OAY FQ8 PA . 61.04 -33.71 -41.30
CAT FQ8 PA . 61.71 -34.98 -41.22
CBD FQ8 PA . 61.23 -35.73 -39.96
OAF FQ8 PA . 60.91 -37.07 -40.31
CBI FQ8 PA . 62.29 -35.74 -38.86
OAK FQ8 PA . 63.42 -34.93 -39.22
CBC FQ8 PA . 61.68 -35.22 -37.57
OAE FQ8 PA . 60.37 -35.78 -37.39
CAR FQ8 PA . 62.57 -35.60 -36.37
OAD FQ8 PA . 62.26 -36.92 -35.94
C1' UD1 QA . 64.75 -39.61 -43.28
C2' UD1 QA . 64.60 -38.47 -44.30
C3' UD1 QA . 65.95 -37.86 -44.65
C4' UD1 QA . 66.64 -37.44 -43.35
C5' UD1 QA . 66.70 -38.59 -42.33
C6' UD1 QA . 67.24 -38.10 -40.99
C7' UD1 QA . 62.58 -39.02 -45.50
C8' UD1 QA . 62.01 -40.15 -46.30
N2' UD1 QA . 63.91 -39.03 -45.44
O1' UD1 QA . 65.47 -40.72 -43.80
O3' UD1 QA . 65.76 -36.72 -45.50
O4' UD1 QA . 67.96 -36.95 -43.62
O5' UD1 QA . 65.39 -39.11 -42.11
O6' UD1 QA . 66.31 -37.18 -40.39
O7' UD1 QA . 61.87 -38.24 -44.87
N1 UD1 QA . 72.09 -42.56 -45.97
C2 UD1 QA . 73.46 -42.38 -46.21
N3 UD1 QA . 74.37 -42.87 -45.36
C4 UD1 QA . 73.98 -43.56 -44.28
C5 UD1 QA . 72.63 -43.76 -44.03
C6 UD1 QA . 71.68 -43.25 -44.90
O2 UD1 QA . 73.85 -41.75 -47.22
O4 UD1 QA . 74.85 -44.02 -43.52
C1B UD1 QA . 71.10 -42.01 -46.89
C2B UD1 QA . 70.67 -43.06 -47.91
O2' UD1 QA . 71.44 -43.00 -49.10
C3B UD1 QA . 69.24 -42.71 -48.19
C4B UD1 QA . 68.76 -41.98 -46.95
O4B UD1 QA . 69.92 -41.61 -46.19
O3B UD1 QA . 69.06 -41.86 -49.33
C5B UD1 QA . 67.84 -42.85 -46.11
O5B UD1 QA . 66.63 -43.09 -46.83
PA UD1 QA . 65.21 -43.19 -46.06
O1A UD1 QA . 64.60 -44.52 -46.36
O2A UD1 QA . 64.39 -41.96 -46.37
O3A UD1 QA . 65.71 -43.17 -44.53
PB UD1 QA . 65.03 -42.22 -43.42
O1B UD1 QA . 65.65 -42.56 -42.09
O2B UD1 QA . 63.54 -42.35 -43.67
MG MG RA . 53.85 -30.66 -10.00
OAN FQ8 SA . -31.30 29.64 -0.07
PBL FQ8 SA . -30.06 29.17 -0.97
OAO FQ8 SA . -30.63 27.97 -1.88
OAA FQ8 SA . -28.90 28.74 -0.15
OAX FQ8 SA . -29.72 30.38 -1.97
CAS FQ8 SA . -30.08 31.71 -1.58
CBE FQ8 SA . -28.99 32.68 -2.02
OAG FQ8 SA . -29.09 33.90 -1.25
CBJ FQ8 SA . -29.11 32.96 -3.53
OAL FQ8 SA . -27.92 32.55 -4.19
CBF FQ8 SA . -29.37 34.45 -3.81
OAH FQ8 SA . -30.76 34.71 -3.74
CAU FQ8 SA . -28.86 34.79 -5.21
OAZ FQ8 SA . -29.31 36.10 -5.56
PBN FQ8 SA . -28.63 36.88 -6.78
OAQ FQ8 SA . -27.83 35.74 -7.61
OAC FQ8 SA . -27.72 37.95 -6.30
OBB FQ8 SA . -29.83 37.39 -7.73
CAW FQ8 SA . -31.04 37.91 -7.18
CBH FQ8 SA . -32.20 37.70 -8.16
OAJ FQ8 SA . -32.02 36.47 -8.87
CBK FQ8 SA . -32.27 38.87 -9.14
OAM FQ8 SA . -32.44 40.09 -8.42
CBG FQ8 SA . -33.46 38.67 -10.10
OAI FQ8 SA . -34.58 38.15 -9.38
CAV FQ8 SA . -33.06 37.70 -11.21
OBA FQ8 SA . -34.18 37.44 -12.06
PBM FQ8 SA . -33.98 36.49 -13.34
OAP FQ8 SA . -33.93 34.99 -12.73
OAB FQ8 SA . -32.76 36.82 -14.09
OAY FQ8 SA . -35.31 36.55 -14.23
CAT FQ8 SA . -36.19 37.67 -14.15
CBD FQ8 SA . -37.39 37.31 -13.29
OAF FQ8 SA . -37.13 37.71 -11.94
CBI FQ8 SA . -38.65 38.01 -13.82
OAK FQ8 SA . -39.29 37.19 -14.78
CBC FQ8 SA . -39.60 38.32 -12.66
OAE FQ8 SA . -39.16 39.48 -11.97
CAR FQ8 SA . -41.01 38.54 -13.21
OAD FQ8 SA . -41.85 37.46 -12.79
C1' UD1 TA . -38.29 42.27 -18.64
C2' UD1 TA . -37.01 41.71 -18.01
C3' UD1 TA . -36.16 41.05 -19.08
C4' UD1 TA . -36.96 40.08 -19.94
C5' UD1 TA . -38.24 40.75 -20.44
C6' UD1 TA . -39.12 39.87 -21.33
C7' UD1 TA . -36.29 43.04 -16.09
C8' UD1 TA . -35.66 44.32 -15.66
N2' UD1 TA . -36.27 42.80 -17.40
O1' UD1 TA . -37.97 43.30 -19.58
O3' UD1 TA . -35.07 40.39 -18.43
O4' UD1 TA . -36.21 39.67 -21.08
O5' UD1 TA . -38.98 41.20 -19.30
O6' UD1 TA . -39.07 38.49 -20.97
O7' UD1 TA . -36.84 42.28 -15.29
N1 UD1 TA . -41.55 44.00 -26.48
C2 UD1 TA . -42.29 43.46 -27.54
N3 UD1 TA . -43.60 43.70 -27.67
C4 UD1 TA . -44.24 44.47 -26.79
C5 UD1 TA . -43.54 45.04 -25.72
C6 UD1 TA . -42.16 44.78 -25.58
O2 UD1 TA . -41.73 42.74 -28.39
O4 UD1 TA . -45.45 44.69 -26.95
C1B UD1 TA . -40.13 43.70 -26.37
C2B UD1 TA . -39.29 44.96 -26.16
O2' UD1 TA . -38.79 45.45 -27.40
C3B UD1 TA . -38.18 44.48 -25.25
C4B UD1 TA . -38.68 43.21 -24.59
O4B UD1 TA . -39.90 42.86 -25.24
O3B UD1 TA . -37.00 44.15 -25.99
C5B UD1 TA . -38.92 43.35 -23.11
O5B UD1 TA . -39.38 44.67 -22.87
PA UD1 TA . -38.54 45.68 -21.94
O1A UD1 TA . -39.03 47.07 -22.24
O2A UD1 TA . -37.06 45.36 -22.12
O3A UD1 TA . -39.10 45.27 -20.47
PB UD1 TA . -38.13 44.86 -19.26
O1B UD1 TA . -38.84 44.95 -17.93
O2B UD1 TA . -36.81 45.59 -19.45
MG MG UA . -34.96 46.07 -20.24
MG MG VA . -54.13 28.92 11.69
CL CL WA . -30.32 12.69 -12.78
OAN FQ8 XA . -44.30 23.02 34.41
PBL FQ8 XA . -43.76 22.91 35.92
OAO FQ8 XA . -44.91 22.12 36.72
OAA FQ8 XA . -43.49 24.24 36.51
OAX FQ8 XA . -42.48 21.95 35.88
CAS FQ8 XA . -41.35 22.29 35.09
CBE FQ8 XA . -40.07 22.17 35.94
OAG FQ8 XA . -38.99 22.81 35.26
CBJ FQ8 XA . -39.76 20.68 36.16
OAL FQ8 XA . -39.26 20.50 37.48
CBF FQ8 XA . -38.71 20.19 35.15
OAH FQ8 XA . -39.21 20.31 33.83
CAU FQ8 XA . -38.38 18.73 35.45
OAZ FQ8 XA . -37.54 18.64 36.60
PBN FQ8 XA . -36.19 17.77 36.57
OAQ FQ8 XA . -36.31 16.80 37.85
OAC FQ8 XA . -34.98 18.61 36.63
OBB FQ8 XA . -36.27 16.83 35.27
CAW FQ8 XA . -36.70 15.47 35.39
CBH FQ8 XA . -37.23 14.96 34.05
OAJ FQ8 XA . -38.37 14.14 34.27
CBK FQ8 XA . -36.12 14.17 33.34
OAM FQ8 XA . -35.40 15.04 32.47
CBG FQ8 XA . -36.73 13.03 32.51
OAI FQ8 XA . -37.93 13.47 31.90
CAV FQ8 XA . -37.02 11.84 33.44
OBA FQ8 XA . -37.79 10.85 32.74
PBM FQ8 XA . -38.68 9.81 33.57
OAP FQ8 XA . -40.12 10.52 33.72
OAB FQ8 XA . -38.07 9.49 34.88
OAY FQ8 XA . -38.91 8.52 32.64
CAT FQ8 XA . -38.41 8.49 31.31
CBD FQ8 XA . -39.51 8.03 30.35
OAF FQ8 XA . -40.58 8.98 30.38
CBI FQ8 XA . -38.95 7.92 28.93
OAK FQ8 XA . -39.71 6.94 28.21
CBC FQ8 XA . -39.08 9.27 28.22
OAE FQ8 XA . -38.03 10.14 28.66
CAR FQ8 XA . -38.99 9.07 26.70
OAD FQ8 XA . -38.18 7.93 26.41
C1' UD1 YA . -34.16 3.71 30.05
C2' UD1 YA . -34.85 3.77 31.41
C3' UD1 YA . -35.54 2.44 31.67
C4' UD1 YA . -36.61 2.33 30.60
C5' UD1 YA . -35.92 2.29 29.22
C6' UD1 YA . -36.93 2.18 28.07
C7' UD1 YA . -34.02 5.16 33.21
C8' UD1 YA . -32.80 5.59 33.99
N2' UD1 YA . -33.84 4.14 32.38
O1' UD1 YA . -33.20 2.66 30.02
O3' UD1 YA . -36.09 2.41 32.97
O4' UD1 YA . -37.41 1.17 30.79
O5' UD1 YA . -35.14 3.48 29.04
O6' UD1 YA . -37.96 3.16 28.18
O7' UD1 YA . -35.10 5.72 33.31
N1 UD1 YA . -33.49 -4.79 28.23
C2 UD1 YA . -34.23 -5.99 28.02
N3 UD1 YA . -34.47 -6.46 26.79
C4 UD1 YA . -34.03 -5.79 25.72
C5 UD1 YA . -33.31 -4.59 25.89
C6 UD1 YA . -33.05 -4.10 27.18
O2 UD1 YA . -34.64 -6.64 29.00
O4 UD1 YA . -34.25 -6.23 24.58
C1B UD1 YA . -33.25 -4.33 29.58
C2B UD1 YA . -31.78 -4.03 29.84
O2' UD1 YA . -31.07 -5.18 30.26
C3B UD1 YA . -31.85 -2.96 30.92
C4B UD1 YA . -33.26 -2.40 30.84
O4B UD1 YA . -33.95 -3.12 29.82
O3B UD1 YA . -31.65 -3.55 32.22
C5B UD1 YA . -33.30 -0.92 30.52
O5B UD1 YA . -32.70 -0.70 29.25
PA UD1 YA . -31.28 0.03 29.13
O1A UD1 YA . -30.47 -0.76 28.12
O2A UD1 YA . -30.72 0.27 30.50
O3A UD1 YA . -31.65 1.45 28.47
PB UD1 YA . -31.77 2.82 29.32
O1B UD1 YA . -31.88 3.94 28.32
O2B UD1 YA . -30.71 2.87 30.40
MG MG ZA . -29.11 2.26 31.90
CL CL AB . -43.01 10.05 26.71
OAN FQ8 BB . -13.39 -28.36 -4.14
PBL FQ8 BB . -14.75 -28.11 -3.31
OAO FQ8 BB . -14.28 -27.51 -1.90
OAA FQ8 BB . -15.53 -29.36 -3.15
OAX FQ8 BB . -15.54 -26.96 -4.07
CAS FQ8 BB . -15.33 -26.75 -5.47
CBE FQ8 BB . -16.68 -26.56 -6.16
OAG FQ8 BB . -16.54 -26.82 -7.56
CBJ FQ8 BB . -17.18 -25.14 -5.92
OAL FQ8 BB . -18.57 -25.16 -5.63
CBF FQ8 BB . -16.93 -24.25 -7.15
OAH FQ8 BB . -15.52 -24.15 -7.38
CAU FQ8 BB . -17.51 -22.86 -6.92
OAZ FQ8 BB . -18.11 -22.40 -8.13
PBN FQ8 BB . -18.26 -20.82 -8.44
OAQ FQ8 BB . -19.21 -20.24 -7.27
OAC FQ8 BB . -18.82 -20.59 -9.79
OBB FQ8 BB . -16.81 -20.17 -8.22
CAW FQ8 BB . -16.70 -18.77 -7.93
CBH FQ8 BB . -15.31 -18.27 -8.34
OAJ FQ8 BB . -14.46 -18.29 -7.19
CBK FQ8 BB . -15.42 -16.83 -8.87
OAM FQ8 BB . -15.73 -16.87 -10.26
CBG FQ8 BB . -14.10 -16.08 -8.66
OAI FQ8 BB . -13.00 -16.94 -8.98
CAV FQ8 BB . -13.99 -15.62 -7.21
OBA FQ8 BB . -14.52 -14.30 -7.08
PBM FQ8 BB . -14.37 -13.51 -5.67
OAP FQ8 BB . -13.85 -14.62 -4.63
OAB FQ8 BB . -15.66 -12.91 -5.25
OAY FQ8 BB . -13.18 -12.45 -5.84
CAT FQ8 BB . -12.24 -12.25 -4.78
CBD FQ8 BB . -10.83 -12.70 -5.17
OAF FQ8 BB . -10.84 -13.56 -6.32
CBI FQ8 BB . -9.95 -11.49 -5.47
OAK FQ8 BB . -9.45 -10.94 -4.25
CBC FQ8 BB . -8.78 -11.91 -6.35
OAE FQ8 BB . -9.17 -11.87 -7.72
CAR FQ8 BB . -7.58 -10.99 -6.13
OAD FQ8 BB . -6.38 -11.66 -6.49
C1' UD1 CB . -12.41 -6.47 -8.97
C2' UD1 CB . -13.38 -6.67 -7.80
C3' UD1 CB . -13.18 -5.58 -6.77
C4' UD1 CB . -11.72 -5.59 -6.33
C5' UD1 CB . -10.80 -5.43 -7.55
C6' UD1 CB . -9.32 -5.48 -7.17
C7' UD1 CB . -15.37 -7.80 -8.61
C8' UD1 CB . -16.32 -7.59 -9.72
N2' UD1 CB . -14.69 -6.69 -8.40
O1' UD1 CB . -12.64 -5.22 -9.63
O3' UD1 CB . -14.06 -5.77 -5.66
O4' UD1 CB . -11.47 -4.57 -5.37
O5' UD1 CB . -11.08 -6.49 -8.48
O6' UD1 CB . -8.98 -6.79 -6.68
O7' UD1 CB . -15.20 -8.88 -8.05
N1 UD1 CB . -10.20 2.09 -7.83
C2 UD1 CB . -9.64 3.08 -7.02
N3 UD1 CB . -8.42 3.57 -7.28
C4 UD1 CB . -7.73 3.13 -8.33
C5 UD1 CB . -8.26 2.15 -9.17
C6 UD1 CB . -9.51 1.62 -8.90
O2 UD1 CB . -10.31 3.51 -6.04
O4 UD1 CB . -6.61 3.60 -8.56
C1B UD1 CB . -11.54 1.61 -7.53
C2B UD1 CB . -12.46 1.77 -8.75
O2' UD1 CB . -13.06 3.06 -8.86
C3B UD1 CB . -13.49 0.69 -8.52
C4B UD1 CB . -12.75 -0.37 -7.71
O4B UD1 CB . -11.53 0.22 -7.25
O3B UD1 CB . -14.60 1.19 -7.76
C5B UD1 CB . -12.43 -1.62 -8.50
O5B UD1 CB . -12.00 -1.24 -9.81
PA UD1 CB . -12.49 -2.09 -11.08
O1A UD1 CB . -12.01 -1.35 -12.30
O2A UD1 CB . -13.97 -2.45 -10.93
O3A UD1 CB . -11.57 -3.41 -10.94
PB UD1 CB . -12.13 -4.90 -11.13
O1B UD1 CB . -10.96 -5.80 -11.44
O2B UD1 CB . -13.31 -4.91 -12.07
MG MG DB . -15.65 -3.51 -11.83
MG MG EB . 10.94 -35.04 -7.79
CL CL FB . -18.65 -23.62 8.06
CL CL GB . -6.30 -15.17 -5.23
OAN FQ8 HB . 5.91 -59.27 -12.97
PBL FQ8 HB . 5.33 -60.76 -12.88
OAO FQ8 HB . 5.81 -61.31 -11.44
OAA FQ8 HB . 5.80 -61.63 -13.98
OAX FQ8 HB . 3.76 -60.57 -12.82
CAS FQ8 HB . 3.02 -61.03 -11.69
CBE FQ8 HB . 1.92 -61.96 -12.16
OAG FQ8 HB . 0.70 -61.20 -12.21
CBJ FQ8 HB . 1.78 -63.12 -11.17
OAL FQ8 HB . 1.47 -64.32 -11.88
CBF FQ8 HB . 0.71 -62.80 -10.11
OAH FQ8 HB . 1.27 -61.96 -9.06
CAU FQ8 HB . 0.13 -64.10 -9.60
OAZ FQ8 HB . -0.35 -63.85 -8.28
PBN FQ8 HB . -1.64 -64.67 -7.77
OAQ FQ8 HB . -1.17 -66.23 -7.80
OAC FQ8 HB . -2.82 -64.44 -8.64
OBB FQ8 HB . -1.84 -64.22 -6.22
CAW FQ8 HB . -0.81 -64.43 -5.25
CBH FQ8 HB . -0.83 -63.34 -4.18
OAJ FQ8 HB . 0.49 -62.80 -4.04
CBK FQ8 HB . -1.29 -63.91 -2.82
OAM FQ8 HB . -2.68 -64.26 -2.85
CBG FQ8 HB . -1.08 -62.90 -1.67
OAI FQ8 HB . -1.58 -61.61 -2.05
CAV FQ8 HB . 0.38 -62.81 -1.31
OBA FQ8 HB . 0.53 -63.68 -0.17
PBM FQ8 HB . 1.57 -64.90 -0.17
OAP FQ8 HB . 2.84 -64.39 -1.06
OAB FQ8 HB . 0.90 -66.09 -0.75
OAY FQ8 HB . 2.14 -65.10 1.33
CAT FQ8 HB . 1.45 -64.60 2.46
CBD FQ8 HB . 1.68 -63.10 2.62
OAF FQ8 HB . 1.45 -62.39 1.40
CBI FQ8 HB . 0.72 -62.55 3.68
OAK FQ8 HB . 0.47 -63.55 4.67
CBC FQ8 HB . 1.30 -61.27 4.32
OAE FQ8 HB . 0.22 -60.38 4.61
CAR FQ8 HB . 2.04 -61.57 5.60
OAD FQ8 HB . 3.15 -62.40 5.23
C1' UD1 IB . -2.11 -64.61 7.78
C2' UD1 IB . -1.55 -65.88 7.17
C3' UD1 IB . -0.83 -66.65 8.28
C4' UD1 IB . 0.29 -65.75 8.83
C5' UD1 IB . -0.24 -64.39 9.26
C6' UD1 IB . 0.89 -63.44 9.63
C7' UD1 IB . -2.73 -66.75 5.25
C8' UD1 IB . -3.98 -67.44 4.78
N2' UD1 IB . -2.61 -66.63 6.55
O1' UD1 IB . -2.92 -64.93 8.92
O3' UD1 IB . -0.32 -67.89 7.79
O4' UD1 IB . 0.90 -66.40 9.95
O5' UD1 IB . -1.03 -63.79 8.22
O6' UD1 IB . 1.50 -62.90 8.45
O7' UD1 IB . -1.90 -66.33 4.46
N1 UD1 IB . -2.10 -66.64 16.33
C2 UD1 IB . -1.32 -66.78 17.49
N3 UD1 IB . -1.19 -65.76 18.34
C4 UD1 IB . -1.80 -64.59 18.10
C5 UD1 IB . -2.58 -64.42 16.95
C6 UD1 IB . -2.72 -65.47 16.05
O2 UD1 IB . -0.75 -67.85 17.74
O4 UD1 IB . -1.64 -63.67 18.92
C1B UD1 IB . -2.24 -67.77 15.43
C2B UD1 IB . -3.69 -68.01 15.00
O2' UD1 IB . -4.26 -69.11 15.70
C3B UD1 IB . -3.62 -68.25 13.50
C4B UD1 IB . -2.28 -67.69 13.08
O4B UD1 IB . -1.50 -67.51 14.25
O3B UD1 IB . -3.66 -69.64 13.21
C5B UD1 IB . -2.34 -66.35 12.39
O5B UD1 IB . -3.34 -66.39 11.36
PA UD1 IB . -4.76 -65.70 11.55
O1A UD1 IB . -5.76 -66.61 10.87
O2A UD1 IB . -4.90 -65.32 13.01
O3A UD1 IB . -4.59 -64.34 10.70
PB UD1 IB . -4.42 -64.38 9.11
O1B UD1 IB . -5.40 -65.40 8.56
O2B UD1 IB . -4.43 -62.95 8.62
MG MG JB . -6.94 -67.35 8.74
CL CL KB . 4.49 -58.23 2.64
#